data_7WAE
#
_entry.id   7WAE
#
_cell.length_a   1.00
_cell.length_b   1.00
_cell.length_c   1.00
_cell.angle_alpha   90.00
_cell.angle_beta   90.00
_cell.angle_gamma   90.00
#
_symmetry.space_group_name_H-M   'P 1'
#
loop_
_entity.id
_entity.type
_entity.pdbx_description
1 polymer 'Cyanophycin synthase'
2 polymer 4x(beta-Asp-Arg)
3 non-polymer 'MAGNESIUM ION'
4 non-polymer 'PHOSPHOTHIOPHOSPHORIC ACID-ADENYLATE ESTER'
5 non-polymer 'ASPARTIC ACID'
6 non-polymer ARGININE
#
loop_
_entity_poly.entity_id
_entity_poly.type
_entity_poly.pdbx_seq_one_letter_code
_entity_poly.pdbx_strand_id
1 'polypeptide(L)'
;MKILKLQTLRGPNYWSIHRHKLVVMRLDLEDLYEKYTSDIPGFYKGLTEVLPSLVEHLCSPGVKGGFLTRVEKGTLIGHV
IEHVAIELQELAGMPVGFGRTRETSTTGVFQVVIEYENEQAGRYAARAAVRLCQSIVDTGTYPATELQQDLEDLKELKNQ
ASLGPSTEAIVKEAEARGIPWTQLGARFMIQFGYGVNQKKIQATLSNQTGILGVELACDKEGTKRILKDAGVPVPRGTVA
RYFDELQDAIEYVGGYPIVIKPLDGNHGRGITIDVKNWQEAEEAYDLARKASKTKTVIVERYYTGKDHRVLVVNGKVVAV
AERVPAHVVGNGKSTIAELIEETNRDPQRGDGHDNILTRITVDKSALDILGKQGYSIDSIPLKGKKCFLRATANLSTGGI
AVDRTDEIHPENVWLLSRVAKIIGLDIAGIDVVTEDISQPLREVEGVIVEVNAAPGFRMHVAPSRGLARNVAGAVMDMLF
PGSKNGRIPILSVTGTNGKTTTTRLLAHIIKQTGKVVGYTTTDGTYIGEYLAETGDNTGPQSAHLILSDPTVEVAVLETA
RGGILRSGLGFSSCEVGIVLNVTADHLGIGDIDTIEQLAKLKSVVAESVMPKGYAVLNAEDPLVAAMADRVKGQVAYFSM
DPNNELLLRHTEAGGLAAIYENGYISILKGDWTLRIEKAVNVPITMAGKAPFMIANALAACLAVFTQGVKIEHIRKGLST
FVASVDQTPGRMNMFNMGSYHALVDYAHNPASYEALGGFVRNWPGKRIGVVGGPGDRRDEDFVSLGELAADIFDEIIIKE
DDDTRGRPRGNAAELICQGVKQFLNGIKNSESKATYESILDETAAINTALDRAPIDGLVVILPESVNRAISLIEGRHVIQ
DIELLQDSQREPKDQEVLKSSILEHHHHHH
;
A,B,C,D
2 'polypeptide(L)' DDDD J,K,L,M
#
loop_
_chem_comp.id
_chem_comp.type
_chem_comp.name
_chem_comp.formula
AGS non-polymer 'PHOSPHOTHIOPHOSPHORIC ACID-ADENYLATE ESTER' 'C10 H16 N5 O12 P3 S'
MG non-polymer 'MAGNESIUM ION' 'Mg 2'
#
# COMPACT_ATOMS: atom_id res chain seq x y z
N MET A 1 -63.56 -14.17 13.21
CA MET A 1 -62.14 -13.88 13.07
C MET A 1 -61.82 -13.49 11.64
N LYS A 2 -61.26 -12.30 11.45
CA LYS A 2 -60.84 -11.85 10.12
C LYS A 2 -59.43 -11.32 10.21
N ILE A 3 -58.55 -11.81 9.33
CA ILE A 3 -57.18 -11.34 9.27
C ILE A 3 -57.14 -10.06 8.45
N LEU A 4 -56.69 -8.97 9.07
CA LEU A 4 -56.69 -7.66 8.43
C LEU A 4 -55.35 -7.33 7.77
N LYS A 5 -54.24 -7.72 8.37
CA LYS A 5 -52.93 -7.44 7.81
C LYS A 5 -51.95 -8.50 8.30
N LEU A 6 -51.02 -8.89 7.43
CA LEU A 6 -50.04 -9.92 7.73
C LEU A 6 -48.67 -9.41 7.29
N GLN A 7 -47.84 -9.05 8.26
CA GLN A 7 -46.50 -8.54 8.00
C GLN A 7 -45.45 -9.50 8.53
N THR A 8 -44.33 -9.58 7.84
CA THR A 8 -43.19 -10.41 8.24
C THR A 8 -41.99 -9.51 8.49
N LEU A 9 -41.23 -9.83 9.54
CA LEU A 9 -40.04 -9.09 9.91
C LEU A 9 -38.82 -9.98 9.72
N ARG A 10 -37.75 -9.41 9.16
CA ARG A 10 -36.57 -10.17 8.85
C ARG A 10 -35.31 -9.71 9.60
N GLY A 11 -35.38 -8.59 10.31
CA GLY A 11 -34.26 -8.12 11.08
C GLY A 11 -34.67 -7.66 12.47
N PRO A 12 -33.79 -6.97 13.17
CA PRO A 12 -34.17 -6.38 14.46
C PRO A 12 -35.36 -5.45 14.28
N ASN A 13 -36.31 -5.53 15.21
CA ASN A 13 -37.60 -4.90 15.04
C ASN A 13 -38.12 -4.39 16.38
N TYR A 14 -39.33 -3.84 16.35
CA TYR A 14 -39.95 -3.30 17.56
C TYR A 14 -40.18 -4.38 18.60
N TRP A 15 -40.63 -5.56 18.18
CA TRP A 15 -41.07 -6.58 19.13
C TRP A 15 -39.90 -7.24 19.85
N SER A 16 -38.79 -7.46 19.15
CA SER A 16 -37.66 -8.11 19.79
C SER A 16 -36.37 -7.76 19.06
N ILE A 17 -35.26 -7.99 19.75
CA ILE A 17 -33.93 -7.87 19.20
C ILE A 17 -33.21 -9.19 19.47
N HIS A 18 -32.48 -9.68 18.47
CA HIS A 18 -31.93 -11.02 18.32
C HIS A 18 -32.99 -12.03 17.90
N ARG A 19 -34.26 -11.63 17.81
CA ARG A 19 -35.31 -12.44 17.20
C ARG A 19 -35.71 -11.74 15.91
N HIS A 20 -34.97 -12.02 14.85
CA HIS A 20 -35.15 -11.28 13.60
C HIS A 20 -36.33 -11.81 12.81
N LYS A 21 -36.54 -13.12 12.81
CA LYS A 21 -37.59 -13.75 11.99
C LYS A 21 -38.88 -13.79 12.80
N LEU A 22 -39.77 -12.85 12.54
CA LEU A 22 -41.06 -12.79 13.21
C LEU A 22 -42.13 -12.44 12.19
N VAL A 23 -43.36 -12.86 12.49
CA VAL A 23 -44.54 -12.50 11.69
C VAL A 23 -45.58 -11.92 12.63
N VAL A 24 -46.17 -10.80 12.22
CA VAL A 24 -47.17 -10.09 13.02
C VAL A 24 -48.44 -9.96 12.19
N MET A 25 -49.58 -10.27 12.80
CA MET A 25 -50.86 -10.20 12.13
C MET A 25 -51.83 -9.36 12.95
N ARG A 26 -52.61 -8.53 12.26
CA ARG A 26 -53.68 -7.76 12.88
C ARG A 26 -54.95 -8.62 12.83
N LEU A 27 -55.30 -9.22 13.95
CA LEU A 27 -56.40 -10.17 14.03
C LEU A 27 -57.63 -9.46 14.62
N ASP A 28 -58.75 -9.55 13.91
CA ASP A 28 -59.98 -8.91 14.34
C ASP A 28 -60.86 -9.90 15.09
N LEU A 29 -61.18 -9.57 16.35
CA LEU A 29 -62.04 -10.42 17.18
C LEU A 29 -63.44 -9.81 17.16
N GLU A 30 -64.16 -10.08 16.07
CA GLU A 30 -65.45 -9.43 15.86
C GLU A 30 -66.48 -9.87 16.90
N ASP A 31 -66.47 -11.14 17.29
CA ASP A 31 -67.47 -11.66 18.22
C ASP A 31 -66.87 -12.27 19.48
N LEU A 32 -65.64 -12.78 19.42
CA LEU A 32 -64.98 -13.35 20.59
C LEU A 32 -64.00 -12.38 21.24
N TYR A 33 -64.34 -11.08 21.25
CA TYR A 33 -63.40 -10.06 21.72
C TYR A 33 -63.06 -10.24 23.20
N GLU A 34 -64.04 -10.61 24.01
CA GLU A 34 -63.84 -10.77 25.45
C GLU A 34 -64.41 -12.12 25.89
N LYS A 35 -64.05 -13.18 25.17
CA LYS A 35 -64.68 -14.48 25.32
C LYS A 35 -63.62 -15.49 25.74
N TYR A 36 -63.59 -15.83 27.03
CA TYR A 36 -62.53 -16.65 27.58
C TYR A 36 -62.74 -18.13 27.25
N THR A 37 -61.65 -18.89 27.33
CA THR A 37 -61.70 -20.31 27.01
C THR A 37 -62.59 -21.08 27.98
N SER A 38 -62.53 -20.74 29.27
CA SER A 38 -63.38 -21.41 30.25
C SER A 38 -64.86 -21.20 29.98
N ASP A 39 -65.23 -20.13 29.26
CA ASP A 39 -66.61 -19.84 28.93
C ASP A 39 -67.05 -20.45 27.61
N ILE A 40 -66.13 -21.02 26.84
CA ILE A 40 -66.44 -21.64 25.56
C ILE A 40 -66.80 -23.10 25.81
N PRO A 41 -67.98 -23.57 25.40
CA PRO A 41 -68.36 -24.97 25.66
C PRO A 41 -67.49 -25.93 24.89
N GLY A 42 -66.77 -26.79 25.62
CA GLY A 42 -65.99 -27.83 25.00
C GLY A 42 -64.75 -27.37 24.25
N PHE A 43 -64.28 -26.16 24.51
CA PHE A 43 -63.10 -25.66 23.82
C PHE A 43 -61.85 -26.38 24.29
N TYR A 44 -61.67 -26.51 25.61
CA TYR A 44 -60.44 -27.06 26.15
C TYR A 44 -60.23 -28.51 25.72
N LYS A 45 -61.27 -29.34 25.83
CA LYS A 45 -61.14 -30.74 25.48
C LYS A 45 -60.85 -30.92 23.99
N GLY A 46 -61.58 -30.20 23.14
CA GLY A 46 -61.34 -30.29 21.71
C GLY A 46 -59.94 -29.83 21.34
N LEU A 47 -59.48 -28.73 21.94
CA LEU A 47 -58.15 -28.22 21.65
C LEU A 47 -57.07 -29.20 22.11
N THR A 48 -57.22 -29.78 23.30
CA THR A 48 -56.21 -30.68 23.81
C THR A 48 -56.26 -32.06 23.15
N GLU A 49 -57.38 -32.41 22.52
CA GLU A 49 -57.43 -33.64 21.74
C GLU A 49 -56.92 -33.45 20.32
N VAL A 50 -57.16 -32.27 19.72
CA VAL A 50 -56.63 -31.98 18.40
C VAL A 50 -55.11 -31.92 18.43
N LEU A 51 -54.54 -31.25 19.44
CA LEU A 51 -53.09 -31.10 19.57
C LEU A 51 -52.69 -31.42 21.01
N PRO A 52 -52.44 -32.69 21.32
CA PRO A 52 -51.96 -33.03 22.67
C PRO A 52 -50.58 -32.48 22.97
N SER A 53 -49.83 -32.07 21.95
CA SER A 53 -48.47 -31.60 22.16
C SER A 53 -48.41 -30.26 22.89
N LEU A 54 -49.55 -29.58 23.07
CA LEU A 54 -49.56 -28.30 23.77
C LEU A 54 -49.15 -28.44 25.23
N VAL A 55 -49.14 -29.67 25.76
CA VAL A 55 -48.76 -29.89 27.16
C VAL A 55 -47.29 -29.53 27.40
N GLU A 56 -46.49 -29.45 26.34
CA GLU A 56 -45.08 -29.10 26.43
C GLU A 56 -44.86 -27.58 26.48
N HIS A 57 -45.92 -26.78 26.37
CA HIS A 57 -45.79 -25.33 26.36
C HIS A 57 -45.63 -24.84 27.79
N LEU A 58 -44.41 -24.44 28.17
CA LEU A 58 -44.16 -23.80 29.46
C LEU A 58 -44.49 -22.32 29.33
N CYS A 59 -45.76 -21.99 29.59
CA CYS A 59 -46.23 -20.62 29.49
C CYS A 59 -45.87 -19.81 30.73
N SER A 60 -46.51 -18.66 30.90
CA SER A 60 -46.29 -17.74 32.01
C SER A 60 -46.28 -18.42 33.38
N PRO A 61 -47.03 -19.51 33.61
CA PRO A 61 -46.79 -20.29 34.83
C PRO A 61 -45.37 -20.79 34.97
N GLY A 62 -44.69 -21.08 33.85
CA GLY A 62 -43.32 -21.53 33.89
C GLY A 62 -43.13 -22.99 34.23
N VAL A 63 -44.20 -23.76 34.30
CA VAL A 63 -44.14 -25.18 34.64
C VAL A 63 -44.79 -25.99 33.53
N LYS A 64 -44.37 -27.24 33.39
CA LYS A 64 -44.90 -28.16 32.40
C LYS A 64 -46.43 -28.17 32.42
N GLY A 65 -47.03 -27.90 31.26
CA GLY A 65 -48.47 -27.81 31.15
C GLY A 65 -49.05 -26.51 31.66
N GLY A 66 -48.23 -25.48 31.88
CA GLY A 66 -48.74 -24.23 32.40
C GLY A 66 -49.73 -23.56 31.47
N PHE A 67 -49.49 -23.66 30.16
CA PHE A 67 -50.43 -23.09 29.20
C PHE A 67 -51.79 -23.76 29.29
N LEU A 68 -51.80 -25.06 29.57
CA LEU A 68 -53.07 -25.76 29.76
C LEU A 68 -53.83 -25.21 30.96
N THR A 69 -53.12 -24.93 32.06
CA THR A 69 -53.76 -24.31 33.22
C THR A 69 -54.27 -22.91 32.89
N ARG A 70 -53.51 -22.17 32.08
CA ARG A 70 -53.95 -20.84 31.65
C ARG A 70 -55.25 -20.94 30.85
N VAL A 71 -55.35 -21.94 29.97
CA VAL A 71 -56.60 -22.17 29.25
C VAL A 71 -57.71 -22.58 30.21
N GLU A 72 -57.37 -23.36 31.24
CA GLU A 72 -58.36 -23.76 32.24
C GLU A 72 -58.96 -22.56 32.94
N LYS A 73 -58.12 -21.62 33.37
CA LYS A 73 -58.62 -20.46 34.09
C LYS A 73 -59.37 -19.48 33.21
N GLY A 74 -59.31 -19.64 31.89
CA GLY A 74 -59.98 -18.72 30.98
C GLY A 74 -59.02 -17.69 30.42
N THR A 75 -58.78 -17.74 29.11
CA THR A 75 -57.82 -16.86 28.47
C THR A 75 -58.40 -16.37 27.15
N LEU A 76 -57.96 -15.19 26.73
CA LEU A 76 -58.38 -14.66 25.45
C LEU A 76 -57.84 -15.54 24.32
N ILE A 77 -58.61 -15.60 23.23
CA ILE A 77 -58.30 -16.49 22.13
C ILE A 77 -57.04 -16.12 21.37
N GLY A 78 -56.57 -14.88 21.48
CA GLY A 78 -55.32 -14.53 20.82
C GLY A 78 -54.13 -15.29 21.38
N HIS A 79 -54.10 -15.48 22.69
CA HIS A 79 -53.02 -16.23 23.33
C HIS A 79 -52.99 -17.68 22.84
N VAL A 80 -54.15 -18.34 22.83
CA VAL A 80 -54.18 -19.72 22.36
C VAL A 80 -53.91 -19.77 20.85
N ILE A 81 -54.27 -18.72 20.12
CA ILE A 81 -53.97 -18.69 18.69
C ILE A 81 -52.47 -18.63 18.46
N GLU A 82 -51.76 -17.78 19.20
CA GLU A 82 -50.31 -17.72 19.05
C GLU A 82 -49.68 -19.05 19.47
N HIS A 83 -50.18 -19.66 20.53
CA HIS A 83 -49.61 -20.92 20.99
C HIS A 83 -49.86 -22.04 19.98
N VAL A 84 -51.06 -22.08 19.38
CA VAL A 84 -51.35 -23.13 18.41
C VAL A 84 -50.56 -22.90 17.13
N ALA A 85 -50.28 -21.64 16.76
CA ALA A 85 -49.41 -21.40 15.62
C ALA A 85 -48.00 -21.89 15.89
N ILE A 86 -47.47 -21.59 17.09
CA ILE A 86 -46.14 -22.07 17.46
C ILE A 86 -46.10 -23.59 17.40
N GLU A 87 -47.09 -24.26 17.98
CA GLU A 87 -47.08 -25.72 17.98
C GLU A 87 -47.31 -26.29 16.59
N LEU A 88 -48.13 -25.63 15.77
CA LEU A 88 -48.39 -26.12 14.43
C LEU A 88 -47.14 -26.11 13.58
N GLN A 89 -46.36 -25.03 13.65
CA GLN A 89 -45.10 -25.04 12.89
C GLN A 89 -43.98 -25.76 13.63
N GLU A 90 -44.15 -26.06 14.92
CA GLU A 90 -43.18 -26.89 15.63
C GLU A 90 -43.32 -28.36 15.29
N LEU A 91 -44.56 -28.83 15.07
CA LEU A 91 -44.77 -30.24 14.75
C LEU A 91 -44.12 -30.62 13.42
N ALA A 92 -43.96 -29.66 12.52
CA ALA A 92 -43.34 -29.92 11.23
C ALA A 92 -41.81 -29.98 11.30
N GLY A 93 -41.23 -30.02 12.51
CA GLY A 93 -39.80 -30.07 12.66
C GLY A 93 -39.11 -28.73 12.76
N MET A 94 -39.86 -27.65 12.96
CA MET A 94 -39.31 -26.30 12.92
C MET A 94 -39.38 -25.69 14.32
N PRO A 95 -38.28 -25.65 15.07
CA PRO A 95 -38.32 -25.18 16.46
C PRO A 95 -38.45 -23.66 16.53
N VAL A 96 -39.51 -23.19 17.18
CA VAL A 96 -39.76 -21.77 17.40
C VAL A 96 -40.25 -21.59 18.82
N GLY A 97 -39.77 -20.53 19.48
CA GLY A 97 -40.11 -20.32 20.88
C GLY A 97 -40.39 -18.89 21.30
N PHE A 98 -40.92 -18.06 20.40
CA PHE A 98 -41.25 -16.68 20.72
C PHE A 98 -42.67 -16.38 20.27
N GLY A 99 -43.43 -15.72 21.15
CA GLY A 99 -44.77 -15.31 20.84
C GLY A 99 -45.27 -14.20 21.74
N ARG A 100 -45.97 -13.21 21.16
CA ARG A 100 -46.51 -12.10 21.92
C ARG A 100 -47.89 -11.74 21.39
N THR A 101 -48.70 -11.17 22.27
CA THR A 101 -50.03 -10.70 21.91
C THR A 101 -50.34 -9.43 22.69
N ARG A 102 -50.78 -8.39 22.00
CA ARG A 102 -51.05 -7.10 22.61
C ARG A 102 -52.38 -6.54 22.11
N GLU A 103 -53.02 -5.75 22.96
CA GLU A 103 -54.25 -5.05 22.58
C GLU A 103 -53.91 -3.78 21.83
N THR A 104 -54.55 -3.59 20.68
CA THR A 104 -54.31 -2.41 19.87
C THR A 104 -55.17 -1.25 20.36
N SER A 105 -54.96 -0.07 19.76
CA SER A 105 -55.73 1.11 20.11
C SER A 105 -57.21 0.93 19.76
N THR A 106 -57.48 0.35 18.59
CA THR A 106 -58.86 0.08 18.21
C THR A 106 -59.45 -1.04 19.06
N THR A 107 -60.78 -1.06 19.13
CA THR A 107 -61.47 -1.86 20.14
C THR A 107 -61.35 -3.36 19.88
N GLY A 108 -61.47 -3.78 18.63
CA GLY A 108 -61.62 -5.19 18.36
C GLY A 108 -60.44 -5.93 17.77
N VAL A 109 -59.32 -5.25 17.51
CA VAL A 109 -58.20 -5.85 16.79
C VAL A 109 -57.07 -6.16 17.77
N PHE A 110 -56.52 -7.37 17.66
CA PHE A 110 -55.35 -7.79 18.40
C PHE A 110 -54.14 -7.80 17.47
N GLN A 111 -52.96 -7.82 18.08
CA GLN A 111 -51.70 -7.98 17.36
C GLN A 111 -50.99 -9.20 17.91
N VAL A 112 -50.76 -10.19 17.05
CA VAL A 112 -50.20 -11.47 17.46
C VAL A 112 -48.89 -11.67 16.71
N VAL A 113 -47.83 -11.98 17.47
CA VAL A 113 -46.48 -12.09 16.93
C VAL A 113 -46.02 -13.53 17.07
N ILE A 114 -45.57 -14.12 15.97
CA ILE A 114 -45.16 -15.51 15.94
C ILE A 114 -43.73 -15.58 15.40
N GLU A 115 -42.87 -16.30 16.11
CA GLU A 115 -41.54 -16.57 15.58
C GLU A 115 -41.62 -17.64 14.49
N TYR A 116 -40.81 -17.47 13.44
CA TYR A 116 -40.79 -18.42 12.34
C TYR A 116 -39.35 -18.77 11.99
N GLU A 117 -39.19 -19.91 11.32
CA GLU A 117 -37.93 -20.31 10.71
C GLU A 117 -37.95 -20.19 9.19
N ASN A 118 -39.09 -20.41 8.57
CA ASN A 118 -39.30 -20.19 7.14
C ASN A 118 -40.41 -19.16 7.00
N GLU A 119 -40.19 -18.20 6.10
CA GLU A 119 -41.17 -17.11 5.93
C GLU A 119 -42.51 -17.65 5.45
N GLN A 120 -42.49 -18.44 4.38
CA GLN A 120 -43.73 -19.01 3.86
C GLN A 120 -44.39 -19.94 4.88
N ALA A 121 -43.59 -20.78 5.54
CA ALA A 121 -44.13 -21.68 6.54
C ALA A 121 -44.71 -20.91 7.72
N GLY A 122 -44.03 -19.85 8.15
CA GLY A 122 -44.56 -19.04 9.23
C GLY A 122 -45.87 -18.37 8.89
N ARG A 123 -45.97 -17.79 7.69
CA ARG A 123 -47.22 -17.17 7.28
C ARG A 123 -48.33 -18.20 7.14
N TYR A 124 -48.01 -19.39 6.62
CA TYR A 124 -49.02 -20.45 6.50
C TYR A 124 -49.51 -20.89 7.88
N ALA A 125 -48.59 -21.05 8.84
CA ALA A 125 -48.99 -21.43 10.19
C ALA A 125 -49.86 -20.35 10.83
N ALA A 126 -49.50 -19.08 10.63
CA ALA A 126 -50.31 -18.00 11.17
C ALA A 126 -51.71 -18.01 10.58
N ARG A 127 -51.81 -18.23 9.27
CA ARG A 127 -53.13 -18.28 8.63
C ARG A 127 -53.92 -19.50 9.09
N ALA A 128 -53.26 -20.63 9.32
CA ALA A 128 -53.95 -21.86 9.69
C ALA A 128 -54.39 -21.86 11.15
N ALA A 129 -53.68 -21.13 12.03
CA ALA A 129 -54.04 -21.14 13.44
C ALA A 129 -55.42 -20.56 13.67
N VAL A 130 -55.75 -19.45 13.00
CA VAL A 130 -57.05 -18.83 13.21
C VAL A 130 -58.16 -19.71 12.65
N ARG A 131 -57.91 -20.39 11.52
CA ARG A 131 -58.90 -21.32 10.98
C ARG A 131 -59.14 -22.48 11.94
N LEU A 132 -58.05 -23.02 12.52
CA LEU A 132 -58.20 -24.11 13.47
C LEU A 132 -59.00 -23.68 14.68
N CYS A 133 -58.71 -22.49 15.22
CA CYS A 133 -59.42 -22.03 16.40
C CYS A 133 -60.87 -21.72 16.09
N GLN A 134 -61.15 -21.15 14.91
CA GLN A 134 -62.53 -20.90 14.52
C GLN A 134 -63.30 -22.20 14.37
N SER A 135 -62.68 -23.22 13.77
CA SER A 135 -63.33 -24.52 13.65
C SER A 135 -63.59 -25.12 15.02
N ILE A 136 -62.65 -24.96 15.94
CA ILE A 136 -62.85 -25.52 17.29
C ILE A 136 -64.00 -24.80 18.00
N VAL A 137 -64.06 -23.48 17.91
CA VAL A 137 -65.14 -22.77 18.59
C VAL A 137 -66.49 -23.05 17.92
N ASP A 138 -66.50 -23.33 16.62
CA ASP A 138 -67.76 -23.54 15.94
C ASP A 138 -68.29 -24.96 16.12
N THR A 139 -67.40 -25.97 16.07
CA THR A 139 -67.82 -27.36 16.09
C THR A 139 -67.31 -28.15 17.29
N GLY A 140 -66.39 -27.61 18.07
CA GLY A 140 -65.84 -28.32 19.21
C GLY A 140 -64.61 -29.16 18.92
N THR A 141 -64.24 -29.32 17.65
CA THR A 141 -63.07 -30.10 17.29
C THR A 141 -62.63 -29.73 15.87
N TYR A 142 -61.41 -30.14 15.53
CA TYR A 142 -60.86 -29.94 14.20
C TYR A 142 -60.67 -31.30 13.54
N PRO A 143 -61.07 -31.46 12.28
CA PRO A 143 -60.88 -32.75 11.61
C PRO A 143 -59.42 -33.14 11.55
N ALA A 144 -59.16 -34.44 11.76
CA ALA A 144 -57.80 -34.93 11.72
C ALA A 144 -57.23 -34.91 10.31
N THR A 145 -58.07 -35.10 9.29
CA THR A 145 -57.60 -35.05 7.91
C THR A 145 -57.10 -33.66 7.55
N GLU A 146 -57.81 -32.62 7.99
CA GLU A 146 -57.36 -31.26 7.74
C GLU A 146 -56.07 -30.96 8.47
N LEU A 147 -55.93 -31.47 9.70
CA LEU A 147 -54.70 -31.31 10.46
C LEU A 147 -53.52 -31.95 9.72
N GLN A 148 -53.70 -33.19 9.25
CA GLN A 148 -52.63 -33.86 8.53
C GLN A 148 -52.30 -33.14 7.24
N GLN A 149 -53.31 -32.62 6.54
CA GLN A 149 -53.06 -31.84 5.34
C GLN A 149 -52.24 -30.60 5.65
N ASP A 150 -52.57 -29.91 6.75
CA ASP A 150 -51.84 -28.69 7.12
C ASP A 150 -50.39 -29.00 7.49
N LEU A 151 -50.16 -30.06 8.28
CA LEU A 151 -48.78 -30.41 8.61
C LEU A 151 -48.00 -30.88 7.38
N GLU A 152 -48.65 -31.58 6.46
CA GLU A 152 -47.95 -31.96 5.22
C GLU A 152 -47.61 -30.73 4.40
N ASP A 153 -48.51 -29.75 4.34
CA ASP A 153 -48.21 -28.50 3.63
C ASP A 153 -47.06 -27.76 4.30
N LEU A 154 -47.03 -27.74 5.63
CA LEU A 154 -45.94 -27.09 6.34
C LEU A 154 -44.60 -27.79 6.08
N LYS A 155 -44.60 -29.12 6.08
CA LYS A 155 -43.39 -29.86 5.77
C LYS A 155 -42.92 -29.60 4.34
N GLU A 156 -43.87 -29.53 3.41
CA GLU A 156 -43.52 -29.22 2.02
C GLU A 156 -42.94 -27.82 1.90
N LEU A 157 -43.51 -26.85 2.62
CA LEU A 157 -42.96 -25.50 2.60
C LEU A 157 -41.56 -25.45 3.20
N LYS A 158 -41.33 -26.18 4.30
CA LYS A 158 -40.01 -26.23 4.88
C LYS A 158 -39.00 -26.85 3.93
N ASN A 159 -39.37 -27.94 3.26
CA ASN A 159 -38.46 -28.60 2.32
C ASN A 159 -38.19 -27.72 1.11
N GLN A 160 -39.20 -26.98 0.64
CA GLN A 160 -39.04 -26.19 -0.58
C GLN A 160 -38.03 -25.06 -0.39
N ALA A 161 -38.19 -24.29 0.68
CA ALA A 161 -37.28 -23.17 0.94
C ALA A 161 -36.18 -23.60 1.91
N SER A 162 -35.42 -24.61 1.50
CA SER A 162 -34.32 -25.15 2.30
C SER A 162 -33.08 -25.23 1.43
N LEU A 163 -31.95 -24.82 2.01
CA LEU A 163 -30.67 -24.96 1.34
C LEU A 163 -30.17 -26.40 1.48
N GLY A 164 -29.30 -26.80 0.55
CA GLY A 164 -28.71 -28.12 0.59
C GLY A 164 -27.68 -28.23 1.69
N PRO A 165 -27.30 -29.47 2.03
CA PRO A 165 -26.36 -29.65 3.15
C PRO A 165 -25.04 -28.91 3.01
N SER A 166 -24.49 -28.82 1.81
CA SER A 166 -23.23 -28.08 1.62
C SER A 166 -23.42 -26.60 1.92
N THR A 167 -24.43 -25.99 1.29
CA THR A 167 -24.72 -24.58 1.53
C THR A 167 -25.13 -24.36 2.97
N GLU A 168 -25.89 -25.29 3.56
CA GLU A 168 -26.30 -25.14 4.95
C GLU A 168 -25.10 -25.14 5.88
N ALA A 169 -24.16 -26.06 5.66
CA ALA A 169 -22.97 -26.11 6.51
C ALA A 169 -22.13 -24.84 6.35
N ILE A 170 -21.97 -24.38 5.12
CA ILE A 170 -21.18 -23.16 4.89
C ILE A 170 -21.84 -21.96 5.55
N VAL A 171 -23.17 -21.87 5.46
CA VAL A 171 -23.90 -20.76 6.07
C VAL A 171 -23.80 -20.84 7.59
N LYS A 172 -23.86 -22.05 8.15
CA LYS A 172 -23.72 -22.19 9.61
C LYS A 172 -22.34 -21.74 10.06
N GLU A 173 -21.30 -22.10 9.31
CA GLU A 173 -19.95 -21.63 9.66
C GLU A 173 -19.85 -20.11 9.57
N ALA A 174 -20.43 -19.53 8.52
CA ALA A 174 -20.40 -18.08 8.38
C ALA A 174 -21.13 -17.39 9.52
N GLU A 175 -22.28 -17.94 9.93
CA GLU A 175 -23.00 -17.39 11.07
C GLU A 175 -22.18 -17.52 12.35
N ALA A 176 -21.51 -18.65 12.53
CA ALA A 176 -20.66 -18.83 13.70
C ALA A 176 -19.52 -17.83 13.74
N ARG A 177 -19.02 -17.42 12.58
CA ARG A 177 -17.96 -16.42 12.52
C ARG A 177 -18.48 -14.99 12.47
N GLY A 178 -19.80 -14.79 12.54
CA GLY A 178 -20.34 -13.45 12.53
C GLY A 178 -20.28 -12.76 11.19
N ILE A 179 -20.18 -13.50 10.10
CA ILE A 179 -20.12 -12.94 8.75
C ILE A 179 -21.56 -12.82 8.24
N PRO A 180 -22.03 -11.63 7.87
CA PRO A 180 -23.38 -11.51 7.35
C PRO A 180 -23.57 -12.30 6.07
N TRP A 181 -24.76 -12.86 5.91
CA TRP A 181 -25.07 -13.65 4.72
C TRP A 181 -26.50 -13.36 4.28
N THR A 182 -26.69 -13.29 2.97
CA THR A 182 -28.01 -13.09 2.38
C THR A 182 -28.17 -14.02 1.20
N GLN A 183 -29.42 -14.26 0.83
CA GLN A 183 -29.74 -15.15 -0.28
C GLN A 183 -30.09 -14.31 -1.50
N LEU A 184 -29.29 -14.46 -2.55
CA LEU A 184 -29.59 -13.80 -3.82
C LEU A 184 -30.75 -14.51 -4.52
N GLY A 185 -31.50 -13.75 -5.29
CA GLY A 185 -32.70 -14.26 -5.93
C GLY A 185 -32.54 -14.84 -7.31
N ALA A 186 -31.31 -15.00 -7.80
CA ALA A 186 -31.08 -15.45 -9.17
C ALA A 186 -30.86 -16.95 -9.29
N ARG A 187 -29.80 -17.47 -8.66
CA ARG A 187 -29.36 -18.82 -8.93
C ARG A 187 -28.99 -19.55 -7.65
N PHE A 188 -29.77 -19.32 -6.59
CA PHE A 188 -29.53 -19.92 -5.28
C PHE A 188 -28.12 -19.56 -4.77
N MET A 189 -27.67 -18.36 -5.10
CA MET A 189 -26.37 -17.89 -4.68
C MET A 189 -26.49 -17.18 -3.33
N ILE A 190 -25.51 -17.43 -2.47
CA ILE A 190 -25.44 -16.81 -1.15
C ILE A 190 -24.34 -15.77 -1.16
N GLN A 191 -24.66 -14.56 -0.73
CA GLN A 191 -23.69 -13.47 -0.65
C GLN A 191 -23.24 -13.31 0.80
N PHE A 192 -21.93 -13.42 1.01
CA PHE A 192 -21.34 -13.22 2.32
C PHE A 192 -20.67 -11.85 2.38
N GLY A 193 -20.95 -11.10 3.43
CA GLY A 193 -20.35 -9.80 3.60
C GLY A 193 -21.11 -8.70 2.89
N TYR A 194 -20.54 -7.50 2.94
CA TYR A 194 -21.16 -6.30 2.41
C TYR A 194 -20.18 -5.54 1.53
N GLY A 195 -20.72 -4.86 0.53
CA GLY A 195 -19.94 -3.91 -0.25
C GLY A 195 -18.76 -4.54 -0.96
N VAL A 196 -17.62 -3.86 -0.87
CA VAL A 196 -16.40 -4.33 -1.55
C VAL A 196 -15.81 -5.57 -0.91
N ASN A 197 -16.26 -5.94 0.29
CA ASN A 197 -15.72 -7.09 1.01
C ASN A 197 -16.59 -8.33 0.85
N GLN A 198 -17.49 -8.33 -0.13
CA GLN A 198 -18.45 -9.41 -0.28
C GLN A 198 -17.86 -10.58 -1.06
N LYS A 199 -18.42 -11.77 -0.79
CA LYS A 199 -18.10 -12.98 -1.52
C LYS A 199 -19.40 -13.70 -1.87
N LYS A 200 -19.33 -14.59 -2.86
CA LYS A 200 -20.49 -15.32 -3.32
C LYS A 200 -20.15 -16.80 -3.47
N ILE A 201 -21.10 -17.66 -3.08
CA ILE A 201 -21.01 -19.09 -3.30
C ILE A 201 -22.36 -19.55 -3.85
N GLN A 202 -22.34 -20.64 -4.61
CA GLN A 202 -23.61 -21.23 -5.03
C GLN A 202 -23.96 -22.44 -4.17
N ALA A 203 -23.16 -23.50 -4.29
CA ALA A 203 -23.18 -24.61 -3.34
C ALA A 203 -21.81 -24.85 -2.75
N THR A 204 -20.81 -25.05 -3.60
CA THR A 204 -19.42 -25.17 -3.19
C THR A 204 -18.50 -24.25 -3.98
N LEU A 205 -18.83 -23.93 -5.24
CA LEU A 205 -18.04 -22.99 -6.01
C LEU A 205 -18.20 -21.58 -5.47
N SER A 206 -17.10 -20.85 -5.40
CA SER A 206 -17.11 -19.46 -4.98
C SER A 206 -17.12 -18.55 -6.20
N ASN A 207 -17.18 -17.25 -5.94
CA ASN A 207 -17.10 -16.28 -7.02
C ASN A 207 -15.71 -16.18 -7.62
N GLN A 208 -14.70 -16.79 -7.00
CA GLN A 208 -13.34 -16.78 -7.51
C GLN A 208 -12.98 -18.05 -8.25
N THR A 209 -13.88 -19.01 -8.37
CA THR A 209 -13.61 -20.23 -9.11
C THR A 209 -13.66 -19.95 -10.60
N GLY A 210 -12.66 -20.40 -11.33
CA GLY A 210 -12.54 -20.07 -12.73
C GLY A 210 -13.43 -20.92 -13.62
N ILE A 211 -13.94 -20.29 -14.68
CA ILE A 211 -14.67 -21.01 -15.72
C ILE A 211 -13.77 -22.03 -16.40
N LEU A 212 -12.52 -21.63 -16.68
CA LEU A 212 -11.61 -22.52 -17.39
C LEU A 212 -11.31 -23.78 -16.59
N GLY A 213 -11.07 -23.62 -15.28
CA GLY A 213 -10.79 -24.78 -14.46
C GLY A 213 -11.96 -25.74 -14.36
N VAL A 214 -13.17 -25.20 -14.19
CA VAL A 214 -14.35 -26.05 -14.10
C VAL A 214 -14.59 -26.79 -15.41
N GLU A 215 -14.47 -26.08 -16.53
CA GLU A 215 -14.68 -26.71 -17.82
C GLU A 215 -13.62 -27.77 -18.10
N LEU A 216 -12.37 -27.50 -17.73
CA LEU A 216 -11.31 -28.49 -17.90
C LEU A 216 -11.55 -29.72 -17.04
N ALA A 217 -12.01 -29.51 -15.81
CA ALA A 217 -12.31 -30.64 -14.92
C ALA A 217 -13.45 -31.48 -15.48
N CYS A 218 -14.46 -30.83 -16.07
CA CYS A 218 -15.55 -31.57 -16.67
C CYS A 218 -15.11 -32.42 -17.86
N ASP A 219 -14.01 -32.04 -18.52
CA ASP A 219 -13.49 -32.79 -19.66
C ASP A 219 -12.53 -33.85 -19.14
N LYS A 220 -12.90 -35.12 -19.29
CA LYS A 220 -12.08 -36.20 -18.77
C LYS A 220 -10.78 -36.34 -19.56
N GLU A 221 -10.87 -36.36 -20.89
CA GLU A 221 -9.68 -36.55 -21.71
C GLU A 221 -8.76 -35.34 -21.63
N GLY A 222 -9.33 -34.13 -21.63
CA GLY A 222 -8.50 -32.94 -21.48
C GLY A 222 -7.77 -32.90 -20.15
N THR A 223 -8.48 -33.25 -19.07
CA THR A 223 -7.85 -33.32 -17.76
C THR A 223 -6.73 -34.35 -17.73
N LYS A 224 -6.99 -35.53 -18.32
CA LYS A 224 -5.95 -36.56 -18.35
C LYS A 224 -4.74 -36.08 -19.14
N ARG A 225 -4.95 -35.43 -20.27
CA ARG A 225 -3.84 -34.93 -21.08
C ARG A 225 -3.04 -33.89 -20.32
N ILE A 226 -3.73 -32.96 -19.65
CA ILE A 226 -3.03 -31.91 -18.91
C ILE A 226 -2.23 -32.51 -17.76
N LEU A 227 -2.82 -33.43 -17.02
CA LEU A 227 -2.11 -34.03 -15.89
C LEU A 227 -0.94 -34.87 -16.35
N LYS A 228 -1.09 -35.59 -17.46
CA LYS A 228 0.02 -36.35 -18.00
C LYS A 228 1.15 -35.45 -18.46
N ASP A 229 0.81 -34.31 -19.07
CA ASP A 229 1.84 -33.34 -19.46
C ASP A 229 2.57 -32.77 -18.26
N ALA A 230 1.98 -32.82 -17.07
CA ALA A 230 2.60 -32.33 -15.86
C ALA A 230 3.29 -33.41 -15.04
N GLY A 231 3.35 -34.64 -15.55
CA GLY A 231 3.97 -35.73 -14.84
C GLY A 231 3.10 -36.40 -13.81
N VAL A 232 1.83 -36.03 -13.71
CA VAL A 232 0.93 -36.67 -12.75
C VAL A 232 0.59 -38.07 -13.24
N PRO A 233 0.64 -39.10 -12.37
CA PRO A 233 0.38 -40.47 -12.83
C PRO A 233 -1.09 -40.74 -13.08
N VAL A 234 -1.58 -40.40 -14.28
CA VAL A 234 -2.95 -40.70 -14.67
C VAL A 234 -3.00 -42.11 -15.27
N PRO A 235 -4.16 -42.76 -15.30
CA PRO A 235 -4.25 -44.08 -15.93
C PRO A 235 -3.99 -44.01 -17.42
N ARG A 236 -3.40 -45.08 -17.95
CA ARG A 236 -3.09 -45.20 -19.37
C ARG A 236 -4.35 -45.64 -20.09
N GLY A 237 -4.88 -44.79 -20.96
CA GLY A 237 -6.16 -45.03 -21.59
C GLY A 237 -6.21 -44.52 -23.02
N THR A 238 -7.33 -44.82 -23.67
CA THR A 238 -7.55 -44.46 -25.07
C THR A 238 -9.05 -44.34 -25.30
N VAL A 239 -9.43 -43.50 -26.25
CA VAL A 239 -10.83 -43.34 -26.62
C VAL A 239 -11.12 -44.22 -27.83
N ALA A 240 -12.38 -44.62 -27.96
CA ALA A 240 -12.81 -45.45 -29.07
C ALA A 240 -14.28 -45.17 -29.35
N ARG A 241 -14.65 -45.15 -30.64
CA ARG A 241 -16.02 -44.91 -31.06
C ARG A 241 -16.59 -45.99 -31.96
N TYR A 242 -15.77 -46.82 -32.59
CA TYR A 242 -16.23 -47.89 -33.45
C TYR A 242 -15.77 -49.24 -32.90
N PHE A 243 -16.48 -50.29 -33.29
CA PHE A 243 -16.22 -51.62 -32.76
C PHE A 243 -14.82 -52.11 -33.15
N ASP A 244 -14.39 -51.81 -34.36
CA ASP A 244 -13.11 -52.31 -34.85
C ASP A 244 -11.93 -51.77 -34.06
N GLU A 245 -12.04 -50.56 -33.50
CA GLU A 245 -10.90 -49.94 -32.82
C GLU A 245 -10.65 -50.56 -31.45
N LEU A 246 -11.57 -51.40 -30.96
CA LEU A 246 -11.47 -51.96 -29.62
C LEU A 246 -10.22 -52.81 -29.43
N GLN A 247 -9.94 -53.69 -30.40
CA GLN A 247 -8.79 -54.59 -30.27
C GLN A 247 -7.48 -53.81 -30.27
N ASP A 248 -7.37 -52.81 -31.15
CA ASP A 248 -6.18 -51.98 -31.19
C ASP A 248 -6.01 -51.19 -29.90
N ALA A 249 -7.11 -50.67 -29.36
CA ALA A 249 -7.03 -49.93 -28.09
C ALA A 249 -6.57 -50.85 -26.95
N ILE A 250 -7.11 -52.06 -26.89
CA ILE A 250 -6.72 -53.00 -25.85
C ILE A 250 -5.25 -53.37 -26.00
N GLU A 251 -4.77 -53.50 -27.23
CA GLU A 251 -3.34 -53.70 -27.42
C GLU A 251 -2.54 -52.51 -26.91
N TYR A 252 -3.02 -51.30 -27.15
CA TYR A 252 -2.29 -50.10 -26.71
C TYR A 252 -2.19 -50.04 -25.19
N VAL A 253 -3.31 -50.30 -24.49
CA VAL A 253 -3.31 -50.07 -23.03
C VAL A 253 -2.32 -50.98 -22.31
N GLY A 254 -1.93 -52.10 -22.91
CA GLY A 254 -0.90 -52.93 -22.32
C GLY A 254 -1.35 -54.30 -21.88
N GLY A 255 -2.51 -54.74 -22.35
CA GLY A 255 -3.00 -56.07 -22.02
C GLY A 255 -4.27 -56.07 -21.20
N TYR A 256 -4.32 -56.92 -20.18
CA TYR A 256 -5.50 -57.09 -19.34
C TYR A 256 -5.09 -57.01 -17.88
N PRO A 257 -6.01 -56.61 -16.99
CA PRO A 257 -7.40 -56.21 -17.22
C PRO A 257 -7.54 -54.77 -17.71
N ILE A 258 -8.74 -54.40 -18.16
CA ILE A 258 -9.02 -53.07 -18.70
C ILE A 258 -10.32 -52.55 -18.10
N VAL A 259 -10.61 -51.29 -18.39
CA VAL A 259 -11.83 -50.63 -17.94
C VAL A 259 -12.50 -49.99 -19.15
N ILE A 260 -13.82 -50.13 -19.24
CA ILE A 260 -14.62 -49.54 -20.30
C ILE A 260 -15.64 -48.60 -19.66
N LYS A 261 -15.60 -47.33 -20.04
CA LYS A 261 -16.48 -46.31 -19.49
C LYS A 261 -16.88 -45.35 -20.59
N PRO A 262 -18.02 -44.67 -20.44
CA PRO A 262 -18.40 -43.62 -21.39
C PRO A 262 -17.72 -42.30 -21.08
N LEU A 263 -17.64 -41.45 -22.11
CA LEU A 263 -17.03 -40.14 -21.95
C LEU A 263 -17.82 -39.28 -20.98
N ASP A 264 -19.13 -39.18 -21.18
CA ASP A 264 -20.00 -38.39 -20.33
C ASP A 264 -20.95 -39.34 -19.59
N GLY A 265 -20.97 -39.24 -18.27
CA GLY A 265 -21.78 -40.15 -17.48
C GLY A 265 -22.23 -39.51 -16.20
N ASN A 266 -23.33 -40.03 -15.67
CA ASN A 266 -23.93 -39.58 -14.42
C ASN A 266 -24.30 -40.81 -13.60
N HIS A 267 -23.92 -40.79 -12.32
CA HIS A 267 -24.10 -41.93 -11.42
C HIS A 267 -23.45 -43.20 -11.97
N GLY A 268 -22.44 -43.02 -12.83
CA GLY A 268 -21.74 -44.14 -13.41
C GLY A 268 -22.58 -45.04 -14.29
N ARG A 269 -23.36 -44.46 -15.19
CA ARG A 269 -24.17 -45.28 -16.10
C ARG A 269 -23.26 -46.00 -17.09
N GLY A 270 -23.47 -47.30 -17.24
CA GLY A 270 -22.74 -48.08 -18.23
C GLY A 270 -21.23 -48.10 -18.07
N ILE A 271 -20.74 -48.23 -16.85
CA ILE A 271 -19.31 -48.30 -16.59
C ILE A 271 -19.01 -49.69 -16.01
N THR A 272 -18.19 -50.45 -16.72
CA THR A 272 -17.66 -51.69 -16.15
C THR A 272 -16.36 -51.39 -15.42
N ILE A 273 -16.05 -52.24 -14.45
CA ILE A 273 -14.87 -52.05 -13.61
C ILE A 273 -13.74 -52.98 -14.02
N ASP A 274 -14.00 -54.29 -14.07
CA ASP A 274 -12.95 -55.27 -14.32
C ASP A 274 -13.44 -56.30 -15.31
N VAL A 275 -12.82 -56.34 -16.49
CA VAL A 275 -13.06 -57.37 -17.49
C VAL A 275 -11.71 -57.94 -17.91
N LYS A 276 -11.68 -59.24 -18.16
CA LYS A 276 -10.42 -59.94 -18.41
C LYS A 276 -10.39 -60.75 -19.69
N ASN A 277 -11.41 -60.68 -20.54
CA ASN A 277 -11.41 -61.43 -21.79
C ASN A 277 -12.14 -60.62 -22.85
N TRP A 278 -12.51 -61.29 -23.94
CA TRP A 278 -13.02 -60.59 -25.12
C TRP A 278 -14.51 -60.29 -25.00
N GLN A 279 -15.33 -61.33 -24.79
CA GLN A 279 -16.77 -61.17 -24.92
C GLN A 279 -17.33 -60.17 -23.92
N GLU A 280 -16.88 -60.26 -22.66
CA GLU A 280 -17.35 -59.32 -21.65
C GLU A 280 -16.96 -57.89 -22.01
N ALA A 281 -15.77 -57.73 -22.60
CA ALA A 281 -15.37 -56.42 -23.10
C ALA A 281 -16.32 -55.94 -24.19
N GLU A 282 -16.75 -56.84 -25.06
CA GLU A 282 -17.68 -56.46 -26.12
C GLU A 282 -19.01 -55.98 -25.55
N GLU A 283 -19.59 -56.75 -24.63
CA GLU A 283 -20.87 -56.30 -24.07
C GLU A 283 -20.72 -55.04 -23.22
N ALA A 284 -19.60 -54.90 -22.50
CA ALA A 284 -19.37 -53.67 -21.75
C ALA A 284 -19.24 -52.48 -22.67
N TYR A 285 -18.56 -52.65 -23.82
CA TYR A 285 -18.46 -51.58 -24.80
C TYR A 285 -19.83 -51.21 -25.34
N ASP A 286 -20.66 -52.22 -25.64
CA ASP A 286 -22.00 -51.93 -26.13
C ASP A 286 -22.81 -51.15 -25.09
N LEU A 287 -22.75 -51.58 -23.82
CA LEU A 287 -23.50 -50.91 -22.76
C LEU A 287 -23.02 -49.48 -22.57
N ALA A 288 -21.70 -49.27 -22.57
CA ALA A 288 -21.17 -47.92 -22.41
C ALA A 288 -21.53 -47.04 -23.59
N ARG A 289 -21.47 -47.59 -24.81
CA ARG A 289 -21.81 -46.82 -26.00
C ARG A 289 -23.27 -46.41 -25.98
N LYS A 290 -24.17 -47.30 -25.56
CA LYS A 290 -25.57 -46.95 -25.43
C LYS A 290 -25.85 -46.10 -24.21
N ALA A 291 -24.92 -46.01 -23.26
CA ALA A 291 -25.09 -45.17 -22.10
C ALA A 291 -24.56 -43.75 -22.32
N SER A 292 -23.53 -43.60 -23.15
CA SER A 292 -22.98 -42.28 -23.42
C SER A 292 -23.92 -41.48 -24.32
N LYS A 293 -23.94 -40.16 -24.10
CA LYS A 293 -24.76 -39.27 -24.90
C LYS A 293 -24.13 -38.94 -26.24
N THR A 294 -22.87 -39.35 -26.47
CA THR A 294 -22.17 -39.05 -27.72
C THR A 294 -21.54 -40.30 -28.34
N LYS A 295 -21.93 -41.49 -27.88
CA LYS A 295 -21.63 -42.76 -28.52
C LYS A 295 -20.16 -43.17 -28.33
N THR A 296 -19.35 -42.27 -27.77
CA THR A 296 -17.93 -42.50 -27.61
C THR A 296 -17.61 -43.06 -26.23
N VAL A 297 -16.58 -43.91 -26.17
CA VAL A 297 -16.29 -44.73 -24.99
C VAL A 297 -14.81 -44.67 -24.69
N ILE A 298 -14.46 -44.51 -23.42
CA ILE A 298 -13.08 -44.59 -22.96
C ILE A 298 -12.75 -46.04 -22.64
N VAL A 299 -11.54 -46.47 -23.04
CA VAL A 299 -10.99 -47.76 -22.62
C VAL A 299 -9.61 -47.50 -22.04
N GLU A 300 -9.36 -48.01 -20.83
CA GLU A 300 -8.13 -47.74 -20.13
C GLU A 300 -7.71 -48.97 -19.33
N ARG A 301 -6.44 -49.00 -18.95
CA ARG A 301 -5.92 -50.06 -18.10
C ARG A 301 -6.60 -50.03 -16.74
N TYR A 302 -6.85 -51.22 -16.19
CA TYR A 302 -7.45 -51.33 -14.86
C TYR A 302 -6.35 -51.29 -13.80
N TYR A 303 -6.55 -50.45 -12.79
CA TYR A 303 -5.60 -50.29 -11.70
C TYR A 303 -6.23 -50.82 -10.42
N THR A 304 -5.57 -51.78 -9.79
CA THR A 304 -6.07 -52.34 -8.54
C THR A 304 -5.81 -51.39 -7.39
N GLY A 305 -6.67 -51.45 -6.39
CA GLY A 305 -6.53 -50.61 -5.22
C GLY A 305 -7.82 -50.00 -4.75
N LYS A 306 -7.80 -49.38 -3.57
CA LYS A 306 -9.01 -48.77 -3.02
C LYS A 306 -9.21 -47.38 -3.60
N ASP A 307 -10.48 -46.97 -3.64
CA ASP A 307 -10.87 -45.69 -4.23
C ASP A 307 -10.93 -44.64 -3.13
N HIS A 308 -10.12 -43.60 -3.26
CA HIS A 308 -10.06 -42.53 -2.28
C HIS A 308 -10.58 -41.24 -2.89
N ARG A 309 -11.26 -40.44 -2.08
CA ARG A 309 -11.70 -39.10 -2.46
C ARG A 309 -10.94 -38.09 -1.62
N VAL A 310 -10.20 -37.20 -2.28
CA VAL A 310 -9.39 -36.20 -1.61
C VAL A 310 -10.00 -34.83 -1.89
N LEU A 311 -10.22 -34.06 -0.83
CA LEU A 311 -10.77 -32.72 -0.94
C LEU A 311 -9.66 -31.70 -0.74
N VAL A 312 -9.48 -30.83 -1.73
CA VAL A 312 -8.45 -29.80 -1.70
C VAL A 312 -9.13 -28.45 -1.71
N VAL A 313 -8.89 -27.64 -0.68
CA VAL A 313 -9.45 -26.30 -0.57
C VAL A 313 -8.29 -25.32 -0.48
N ASN A 314 -8.29 -24.34 -1.39
CA ASN A 314 -7.26 -23.30 -1.43
C ASN A 314 -5.87 -23.90 -1.57
N GLY A 315 -5.76 -24.98 -2.34
CA GLY A 315 -4.48 -25.61 -2.57
C GLY A 315 -3.94 -26.42 -1.42
N LYS A 316 -4.78 -26.75 -0.44
CA LYS A 316 -4.37 -27.56 0.70
C LYS A 316 -5.30 -28.75 0.85
N VAL A 317 -4.73 -29.91 1.16
CA VAL A 317 -5.53 -31.10 1.36
C VAL A 317 -6.27 -30.99 2.69
N VAL A 318 -7.60 -30.98 2.63
CA VAL A 318 -8.41 -30.79 3.81
C VAL A 318 -8.91 -32.12 4.37
N ALA A 319 -9.41 -33.00 3.52
CA ALA A 319 -9.95 -34.27 3.99
C ALA A 319 -9.67 -35.35 2.96
N VAL A 320 -9.32 -36.53 3.44
CA VAL A 320 -9.13 -37.72 2.61
C VAL A 320 -10.03 -38.81 3.15
N ALA A 321 -10.85 -39.40 2.26
CA ALA A 321 -11.79 -40.43 2.65
C ALA A 321 -11.66 -41.60 1.67
N GLU A 322 -11.60 -42.81 2.21
CA GLU A 322 -11.57 -44.01 1.41
C GLU A 322 -12.98 -44.53 1.23
N ARG A 323 -13.38 -44.70 -0.04
CA ARG A 323 -14.75 -45.17 -0.37
C ARG A 323 -14.82 -46.70 -0.43
N VAL A 324 -15.24 -47.32 0.67
CA VAL A 324 -15.40 -48.77 0.73
C VAL A 324 -16.79 -49.10 0.20
N PRO A 325 -16.92 -49.98 -0.80
CA PRO A 325 -18.24 -50.27 -1.36
C PRO A 325 -19.10 -51.02 -0.35
N ALA A 326 -20.39 -51.13 -0.70
CA ALA A 326 -21.34 -51.81 0.18
C ALA A 326 -20.87 -53.23 0.46
N HIS A 327 -20.83 -53.59 1.75
CA HIS A 327 -20.29 -54.88 2.14
C HIS A 327 -20.89 -55.29 3.48
N VAL A 328 -20.76 -56.59 3.78
CA VAL A 328 -21.16 -57.15 5.07
C VAL A 328 -20.07 -58.11 5.51
N VAL A 329 -19.81 -58.14 6.81
CA VAL A 329 -18.77 -59.00 7.40
C VAL A 329 -19.45 -60.04 8.28
N GLY A 330 -19.14 -61.31 8.05
CA GLY A 330 -19.74 -62.39 8.80
C GLY A 330 -18.92 -62.80 10.01
N ASN A 331 -18.51 -61.83 10.82
CA ASN A 331 -17.73 -62.14 12.02
C ASN A 331 -18.57 -62.77 13.11
N GLY A 332 -19.90 -62.65 13.04
CA GLY A 332 -20.78 -63.23 14.02
C GLY A 332 -21.39 -64.55 13.58
N LYS A 333 -20.73 -65.22 12.63
CA LYS A 333 -21.19 -66.49 12.07
C LYS A 333 -22.58 -66.37 11.47
N SER A 334 -22.83 -65.25 10.79
CA SER A 334 -24.09 -64.99 10.10
C SER A 334 -23.82 -64.65 8.64
N THR A 335 -24.75 -65.00 7.77
CA THR A 335 -24.56 -64.89 6.34
C THR A 335 -25.22 -63.62 5.80
N ILE A 336 -25.18 -63.45 4.48
CA ILE A 336 -25.63 -62.21 3.84
C ILE A 336 -27.12 -61.99 4.08
N ALA A 337 -27.91 -63.07 4.07
CA ALA A 337 -29.37 -62.95 4.11
C ALA A 337 -29.84 -62.22 5.35
N GLU A 338 -29.15 -62.38 6.47
CA GLU A 338 -29.55 -61.67 7.68
C GLU A 338 -28.98 -60.26 7.73
N LEU A 339 -27.69 -60.11 7.38
CA LEU A 339 -27.05 -58.80 7.54
C LEU A 339 -27.59 -57.76 6.57
N ILE A 340 -28.12 -58.17 5.40
CA ILE A 340 -28.62 -57.18 4.44
C ILE A 340 -29.70 -56.33 5.08
N GLU A 341 -30.58 -56.94 5.89
CA GLU A 341 -31.61 -56.20 6.60
C GLU A 341 -31.19 -55.84 8.03
N GLU A 342 -30.19 -56.51 8.59
CA GLU A 342 -29.66 -56.11 9.90
C GLU A 342 -29.02 -54.72 9.81
N THR A 343 -28.27 -54.46 8.75
CA THR A 343 -27.71 -53.13 8.55
C THR A 343 -28.80 -52.11 8.23
N ASN A 344 -29.83 -52.53 7.50
CA ASN A 344 -30.92 -51.62 7.14
C ASN A 344 -31.73 -51.18 8.34
N ARG A 345 -31.67 -51.92 9.46
CA ARG A 345 -32.39 -51.57 10.67
C ARG A 345 -31.58 -50.69 11.60
N ASP A 346 -30.48 -50.11 11.11
CA ASP A 346 -29.64 -49.23 11.91
C ASP A 346 -30.09 -47.79 11.74
N PRO A 347 -30.21 -47.03 12.82
CA PRO A 347 -30.69 -45.63 12.69
C PRO A 347 -29.78 -44.74 11.86
N GLN A 348 -28.49 -45.10 11.71
CA GLN A 348 -27.58 -44.26 10.93
C GLN A 348 -28.02 -44.20 9.46
N ARG A 349 -28.52 -45.31 8.93
CA ARG A 349 -28.90 -45.33 7.53
C ARG A 349 -30.18 -44.54 7.28
N GLY A 350 -30.19 -43.79 6.18
CA GLY A 350 -31.34 -42.99 5.82
C GLY A 350 -31.29 -42.57 4.36
N ASP A 351 -32.46 -42.22 3.84
CA ASP A 351 -32.60 -41.83 2.45
C ASP A 351 -32.67 -40.30 2.33
N GLY A 352 -32.94 -39.82 1.12
CA GLY A 352 -33.01 -38.39 0.88
C GLY A 352 -31.66 -37.78 0.58
N HIS A 353 -31.51 -36.49 0.85
CA HIS A 353 -30.25 -35.78 0.62
C HIS A 353 -29.65 -35.23 1.91
N ASP A 354 -30.04 -35.80 3.06
CA ASP A 354 -29.51 -35.38 4.35
C ASP A 354 -28.62 -36.44 4.98
N ASN A 355 -29.09 -37.69 5.04
CA ASN A 355 -28.30 -38.78 5.62
C ASN A 355 -27.45 -39.40 4.53
N ILE A 356 -26.14 -39.45 4.75
CA ILE A 356 -25.24 -40.04 3.74
C ILE A 356 -25.43 -41.54 3.68
N LEU A 357 -25.57 -42.21 4.81
CA LEU A 357 -25.67 -43.66 4.85
C LEU A 357 -27.02 -44.08 4.31
N THR A 358 -27.02 -44.69 3.12
CA THR A 358 -28.24 -45.12 2.48
C THR A 358 -28.47 -46.61 2.73
N ARG A 359 -29.74 -46.99 2.73
CA ARG A 359 -30.09 -48.40 2.90
C ARG A 359 -29.52 -49.22 1.75
N ILE A 360 -29.13 -50.45 2.05
CA ILE A 360 -28.51 -51.31 1.05
C ILE A 360 -29.58 -51.76 0.07
N THR A 361 -29.62 -51.10 -1.08
CA THR A 361 -30.64 -51.38 -2.09
C THR A 361 -30.27 -52.66 -2.82
N VAL A 362 -31.06 -53.71 -2.61
CA VAL A 362 -30.81 -55.01 -3.25
C VAL A 362 -31.54 -54.98 -4.59
N ASP A 363 -30.87 -54.38 -5.57
CA ASP A 363 -31.42 -54.28 -6.91
C ASP A 363 -31.09 -55.54 -7.72
N LYS A 364 -31.76 -55.68 -8.86
CA LYS A 364 -31.45 -56.78 -9.77
C LYS A 364 -30.02 -56.69 -10.28
N SER A 365 -29.56 -55.47 -10.57
CA SER A 365 -28.16 -55.27 -10.92
C SER A 365 -27.26 -55.65 -9.75
N ALA A 366 -27.67 -55.30 -8.52
CA ALA A 366 -26.92 -55.72 -7.35
C ALA A 366 -26.92 -57.23 -7.21
N LEU A 367 -28.05 -57.87 -7.53
CA LEU A 367 -28.10 -59.32 -7.52
C LEU A 367 -27.12 -59.91 -8.51
N ASP A 368 -27.02 -59.32 -9.72
CA ASP A 368 -26.05 -59.79 -10.69
C ASP A 368 -24.62 -59.59 -10.18
N ILE A 369 -24.35 -58.45 -9.54
CA ILE A 369 -23.00 -58.17 -9.05
C ILE A 369 -22.61 -59.18 -7.99
N LEU A 370 -23.52 -59.46 -7.04
CA LEU A 370 -23.22 -60.49 -6.05
C LEU A 370 -23.20 -61.89 -6.67
N GLY A 371 -23.81 -62.05 -7.84
CA GLY A 371 -23.60 -63.28 -8.61
C GLY A 371 -22.18 -63.41 -9.10
N LYS A 372 -21.61 -62.31 -9.61
CA LYS A 372 -20.21 -62.32 -10.01
C LYS A 372 -19.26 -62.44 -8.82
N GLN A 373 -19.77 -62.27 -7.59
CA GLN A 373 -18.94 -62.42 -6.40
C GLN A 373 -18.35 -63.82 -6.29
N GLY A 374 -19.09 -64.83 -6.73
CA GLY A 374 -18.69 -66.21 -6.53
C GLY A 374 -19.32 -66.89 -5.35
N TYR A 375 -20.29 -66.25 -4.70
CA TYR A 375 -21.00 -66.83 -3.56
C TYR A 375 -22.48 -66.55 -3.76
N SER A 376 -23.28 -66.90 -2.75
CA SER A 376 -24.74 -66.83 -2.86
C SER A 376 -25.29 -66.11 -1.64
N ILE A 377 -26.62 -66.13 -1.51
CA ILE A 377 -27.29 -65.39 -0.45
C ILE A 377 -26.94 -65.97 0.92
N ASP A 378 -27.05 -67.28 1.06
CA ASP A 378 -26.85 -67.96 2.33
C ASP A 378 -25.43 -68.45 2.53
N SER A 379 -24.53 -68.18 1.58
CA SER A 379 -23.14 -68.58 1.72
C SER A 379 -22.48 -67.77 2.83
N ILE A 380 -22.19 -68.43 3.95
CA ILE A 380 -21.61 -67.74 5.11
C ILE A 380 -20.21 -67.25 4.76
N PRO A 381 -19.85 -66.02 5.08
CA PRO A 381 -18.47 -65.55 4.84
C PRO A 381 -17.46 -66.38 5.61
N LEU A 382 -16.29 -66.57 5.01
CA LEU A 382 -15.24 -67.36 5.62
C LEU A 382 -14.45 -66.53 6.61
N LYS A 383 -14.33 -67.03 7.83
CA LYS A 383 -13.49 -66.44 8.89
C LYS A 383 -14.04 -65.10 9.35
N GLY A 384 -15.11 -64.63 8.71
CA GLY A 384 -15.63 -63.30 9.00
C GLY A 384 -14.86 -62.23 8.26
N LYS A 385 -14.85 -62.32 6.93
CA LYS A 385 -14.14 -61.38 6.08
C LYS A 385 -15.14 -60.61 5.24
N LYS A 386 -14.73 -59.42 4.82
CA LYS A 386 -15.60 -58.54 4.05
C LYS A 386 -16.03 -59.21 2.74
N CYS A 387 -17.33 -59.15 2.46
CA CYS A 387 -17.88 -59.60 1.19
C CYS A 387 -18.78 -58.50 0.65
N PHE A 388 -18.52 -58.07 -0.59
CA PHE A 388 -19.11 -56.86 -1.11
C PHE A 388 -20.38 -57.16 -1.91
N LEU A 389 -21.21 -56.13 -2.04
CA LEU A 389 -22.44 -56.19 -2.82
C LEU A 389 -22.34 -55.44 -4.14
N ARG A 390 -21.50 -54.42 -4.22
CA ARG A 390 -21.28 -53.68 -5.45
C ARG A 390 -19.81 -53.31 -5.53
N ALA A 391 -19.42 -52.66 -6.64
CA ALA A 391 -18.04 -52.24 -6.84
C ALA A 391 -17.90 -50.77 -7.18
N THR A 392 -18.99 -50.01 -7.20
CA THR A 392 -18.91 -48.59 -7.53
C THR A 392 -18.34 -47.75 -6.38
N ALA A 393 -18.38 -48.26 -5.15
CA ALA A 393 -17.86 -47.57 -3.97
C ALA A 393 -18.43 -46.16 -3.85
N ASN A 394 -19.76 -46.10 -3.69
CA ASN A 394 -20.47 -44.84 -3.59
C ASN A 394 -21.42 -44.88 -2.40
N LEU A 395 -21.65 -43.71 -1.80
CA LEU A 395 -22.54 -43.61 -0.66
C LEU A 395 -24.00 -43.80 -1.04
N SER A 396 -24.36 -43.41 -2.27
CA SER A 396 -25.75 -43.59 -2.71
C SER A 396 -26.13 -45.06 -2.74
N THR A 397 -25.20 -45.94 -3.12
CA THR A 397 -25.48 -47.37 -3.11
C THR A 397 -25.67 -47.89 -1.69
N GLY A 398 -24.89 -47.37 -0.74
CA GLY A 398 -24.94 -47.85 0.62
C GLY A 398 -23.57 -48.20 1.18
N GLY A 399 -22.52 -47.66 0.56
CA GLY A 399 -21.18 -47.87 1.03
C GLY A 399 -20.85 -46.99 2.22
N ILE A 400 -19.60 -47.07 2.66
CA ILE A 400 -19.12 -46.32 3.81
C ILE A 400 -17.85 -45.60 3.44
N ALA A 401 -17.55 -44.55 4.20
CA ALA A 401 -16.33 -43.76 4.04
C ALA A 401 -15.46 -43.93 5.28
N VAL A 402 -14.15 -43.98 5.08
CA VAL A 402 -13.19 -44.09 6.16
C VAL A 402 -12.24 -42.91 6.09
N ASP A 403 -12.10 -42.20 7.20
CA ASP A 403 -11.23 -41.04 7.23
C ASP A 403 -9.77 -41.47 7.14
N ARG A 404 -9.03 -40.86 6.22
CA ARG A 404 -7.62 -41.15 6.02
C ARG A 404 -6.78 -39.87 5.98
N THR A 405 -7.30 -38.78 6.55
CA THR A 405 -6.59 -37.50 6.47
C THR A 405 -5.27 -37.55 7.21
N ASP A 406 -5.20 -38.27 8.33
CA ASP A 406 -4.00 -38.33 9.13
C ASP A 406 -2.97 -39.33 8.63
N GLU A 407 -3.31 -40.12 7.61
CA GLU A 407 -2.43 -41.17 7.14
C GLU A 407 -1.88 -40.91 5.74
N ILE A 408 -2.25 -39.81 5.09
CA ILE A 408 -1.80 -39.56 3.74
C ILE A 408 -0.34 -39.14 3.75
N HIS A 409 0.44 -39.70 2.82
CA HIS A 409 1.85 -39.37 2.72
C HIS A 409 2.03 -37.91 2.31
N PRO A 410 3.03 -37.21 2.86
CA PRO A 410 3.24 -35.80 2.48
C PRO A 410 3.50 -35.60 1.00
N GLU A 411 4.19 -36.56 0.36
CA GLU A 411 4.39 -36.46 -1.08
C GLU A 411 3.06 -36.51 -1.82
N ASN A 412 2.13 -37.34 -1.36
CA ASN A 412 0.81 -37.38 -1.95
C ASN A 412 0.08 -36.06 -1.76
N VAL A 413 0.23 -35.44 -0.59
CA VAL A 413 -0.40 -34.14 -0.35
C VAL A 413 0.14 -33.10 -1.30
N TRP A 414 1.46 -33.08 -1.49
CA TRP A 414 2.08 -32.16 -2.43
C TRP A 414 1.58 -32.40 -3.86
N LEU A 415 1.51 -33.66 -4.26
CA LEU A 415 1.06 -33.99 -5.61
C LEU A 415 -0.39 -33.56 -5.83
N LEU A 416 -1.25 -33.80 -4.83
CA LEU A 416 -2.65 -33.45 -5.00
C LEU A 416 -2.87 -31.94 -5.00
N SER A 417 -2.10 -31.22 -4.18
CA SER A 417 -2.15 -29.76 -4.24
C SER A 417 -1.70 -29.25 -5.60
N ARG A 418 -0.66 -29.85 -6.16
CA ARG A 418 -0.23 -29.48 -7.50
C ARG A 418 -1.32 -29.80 -8.53
N VAL A 419 -2.01 -30.93 -8.39
CA VAL A 419 -3.06 -31.28 -9.33
C VAL A 419 -4.18 -30.24 -9.27
N ALA A 420 -4.58 -29.86 -8.06
CA ALA A 420 -5.63 -28.85 -7.91
C ALA A 420 -5.22 -27.52 -8.50
N LYS A 421 -3.96 -27.11 -8.30
CA LYS A 421 -3.50 -25.85 -8.86
C LYS A 421 -3.38 -25.92 -10.38
N ILE A 422 -2.96 -27.07 -10.91
CA ILE A 422 -2.80 -27.24 -12.35
C ILE A 422 -4.14 -27.16 -13.06
N ILE A 423 -5.14 -27.86 -12.52
CA ILE A 423 -6.48 -27.77 -13.12
C ILE A 423 -7.01 -26.35 -13.01
N GLY A 424 -6.83 -25.71 -11.86
CA GLY A 424 -7.25 -24.33 -11.68
C GLY A 424 -8.53 -24.20 -10.87
N LEU A 425 -8.65 -25.02 -9.81
CA LEU A 425 -9.83 -25.03 -8.96
C LEU A 425 -9.44 -24.68 -7.54
N ASP A 426 -10.15 -23.71 -6.96
CA ASP A 426 -9.93 -23.38 -5.55
C ASP A 426 -10.44 -24.48 -4.63
N ILE A 427 -11.57 -25.08 -4.97
CA ILE A 427 -12.09 -26.25 -4.27
C ILE A 427 -12.23 -27.36 -5.29
N ALA A 428 -11.63 -28.51 -5.00
CA ALA A 428 -11.65 -29.64 -5.93
C ALA A 428 -11.80 -30.94 -5.16
N GLY A 429 -12.49 -31.89 -5.79
CA GLY A 429 -12.58 -33.23 -5.27
C GLY A 429 -11.88 -34.21 -6.18
N ILE A 430 -10.77 -34.78 -5.73
CA ILE A 430 -9.91 -35.61 -6.55
C ILE A 430 -10.12 -37.07 -6.17
N ASP A 431 -10.35 -37.91 -7.17
CA ASP A 431 -10.55 -39.34 -6.98
C ASP A 431 -9.25 -40.07 -7.26
N VAL A 432 -8.76 -40.81 -6.28
CA VAL A 432 -7.49 -41.52 -6.38
C VAL A 432 -7.73 -43.00 -6.14
N VAL A 433 -7.16 -43.84 -6.99
CA VAL A 433 -7.18 -45.28 -6.83
C VAL A 433 -5.77 -45.72 -6.49
N THR A 434 -5.57 -46.22 -5.28
CA THR A 434 -4.25 -46.63 -4.84
C THR A 434 -4.39 -47.73 -3.80
N GLU A 435 -3.35 -48.56 -3.70
CA GLU A 435 -3.36 -49.65 -2.73
C GLU A 435 -3.12 -49.15 -1.31
N ASP A 436 -2.41 -48.03 -1.15
CA ASP A 436 -2.10 -47.50 0.17
C ASP A 436 -1.87 -46.01 0.03
N ILE A 437 -2.73 -45.21 0.67
CA ILE A 437 -2.58 -43.76 0.63
C ILE A 437 -1.42 -43.26 1.48
N SER A 438 -0.88 -44.11 2.35
CA SER A 438 0.25 -43.72 3.19
C SER A 438 1.59 -43.84 2.48
N GLN A 439 1.62 -44.34 1.26
CA GLN A 439 2.83 -44.45 0.47
C GLN A 439 2.73 -43.57 -0.77
N PRO A 440 3.86 -43.14 -1.33
CA PRO A 440 3.81 -42.30 -2.53
C PRO A 440 3.16 -43.04 -3.69
N LEU A 441 2.52 -42.26 -4.56
CA LEU A 441 1.78 -42.81 -5.70
C LEU A 441 2.72 -43.39 -6.74
N ARG A 442 4.02 -43.20 -6.58
CA ARG A 442 4.99 -43.79 -7.49
C ARG A 442 5.41 -45.19 -7.07
N GLU A 443 5.57 -45.43 -5.76
CA GLU A 443 5.94 -46.76 -5.29
C GLU A 443 4.85 -47.78 -5.65
N VAL A 444 3.65 -47.58 -5.12
CA VAL A 444 2.49 -48.33 -5.58
C VAL A 444 2.05 -47.73 -6.91
N GLU A 445 1.19 -48.43 -7.64
CA GLU A 445 0.72 -47.94 -8.93
C GLU A 445 -0.58 -47.15 -8.77
N GLY A 446 -0.50 -46.11 -7.94
CA GLY A 446 -1.64 -45.23 -7.75
C GLY A 446 -1.83 -44.30 -8.91
N VAL A 447 -3.11 -43.98 -9.19
CA VAL A 447 -3.47 -43.12 -10.31
C VAL A 447 -4.50 -42.10 -9.86
N ILE A 448 -4.57 -41.00 -10.61
CA ILE A 448 -5.58 -39.96 -10.42
C ILE A 448 -6.67 -40.23 -11.44
N VAL A 449 -7.84 -40.66 -10.97
CA VAL A 449 -8.89 -41.06 -11.89
C VAL A 449 -9.58 -39.85 -12.50
N GLU A 450 -9.98 -38.88 -11.68
CA GLU A 450 -10.69 -37.72 -12.17
C GLU A 450 -10.59 -36.58 -11.17
N VAL A 451 -10.90 -35.38 -11.65
CA VAL A 451 -10.95 -34.18 -10.84
C VAL A 451 -12.35 -33.60 -10.93
N ASN A 452 -12.95 -33.30 -9.78
CA ASN A 452 -14.34 -32.85 -9.72
C ASN A 452 -14.41 -31.42 -9.23
N ALA A 453 -15.16 -30.60 -9.95
CA ALA A 453 -15.48 -29.25 -9.51
C ALA A 453 -16.77 -29.26 -8.73
N ALA A 454 -16.90 -28.30 -7.82
CA ALA A 454 -18.05 -28.21 -6.92
C ALA A 454 -18.32 -29.55 -6.22
N PRO A 455 -17.34 -30.10 -5.52
CA PRO A 455 -17.52 -31.42 -4.91
C PRO A 455 -18.38 -31.35 -3.66
N GLY A 456 -19.01 -32.48 -3.35
CA GLY A 456 -19.75 -32.60 -2.11
C GLY A 456 -18.86 -33.12 -1.00
N PHE A 457 -18.80 -32.35 0.08
CA PHE A 457 -17.98 -32.68 1.24
C PHE A 457 -18.79 -33.33 2.35
N ARG A 458 -20.06 -33.63 2.04
CA ARG A 458 -21.00 -34.24 3.02
C ARG A 458 -20.36 -35.51 3.60
N MET A 459 -19.62 -36.25 2.77
CA MET A 459 -18.98 -37.48 3.21
C MET A 459 -17.78 -37.23 4.11
N HIS A 460 -17.23 -36.02 4.12
CA HIS A 460 -16.07 -35.72 4.95
C HIS A 460 -16.44 -35.18 6.32
N VAL A 461 -17.60 -34.54 6.45
CA VAL A 461 -18.04 -34.01 7.73
C VAL A 461 -18.74 -35.07 8.59
N ALA A 462 -18.91 -36.28 8.07
CA ALA A 462 -19.50 -37.38 8.83
C ALA A 462 -18.98 -38.70 8.27
N PRO A 463 -17.68 -38.99 8.46
CA PRO A 463 -17.11 -40.17 7.81
C PRO A 463 -17.75 -41.48 8.22
N SER A 464 -18.18 -41.59 9.47
CA SER A 464 -18.77 -42.77 10.11
C SER A 464 -17.72 -43.83 10.44
N ARG A 465 -16.48 -43.68 10.00
CA ARG A 465 -15.40 -44.58 10.41
C ARG A 465 -14.12 -43.80 10.66
N GLY A 466 -14.24 -42.66 11.33
CA GLY A 466 -13.07 -41.84 11.61
C GLY A 466 -13.48 -40.48 12.15
N LEU A 467 -12.55 -39.54 12.06
CA LEU A 467 -12.76 -38.20 12.58
C LEU A 467 -13.37 -37.31 11.52
N ALA A 468 -14.39 -36.55 11.90
CA ALA A 468 -14.98 -35.57 10.99
C ALA A 468 -14.02 -34.42 10.76
N ARG A 469 -14.14 -33.81 9.58
CA ARG A 469 -13.29 -32.69 9.19
C ARG A 469 -14.15 -31.45 8.98
N ASN A 470 -13.64 -30.31 9.45
CA ASN A 470 -14.35 -29.04 9.34
C ASN A 470 -14.08 -28.44 7.94
N VAL A 471 -14.82 -28.95 6.97
CA VAL A 471 -14.68 -28.46 5.59
C VAL A 471 -15.24 -27.05 5.47
N ALA A 472 -16.37 -26.77 6.12
CA ALA A 472 -16.94 -25.43 6.07
C ALA A 472 -15.98 -24.41 6.68
N GLY A 473 -15.27 -24.79 7.74
CA GLY A 473 -14.26 -23.92 8.28
C GLY A 473 -13.16 -23.60 7.28
N ALA A 474 -12.72 -24.60 6.52
CA ALA A 474 -11.71 -24.37 5.50
C ALA A 474 -12.23 -23.46 4.40
N VAL A 475 -13.49 -23.63 4.00
CA VAL A 475 -14.07 -22.79 2.97
C VAL A 475 -14.16 -21.35 3.44
N MET A 476 -14.60 -21.13 4.68
CA MET A 476 -14.64 -19.78 5.23
C MET A 476 -13.25 -19.19 5.38
N ASP A 477 -12.26 -20.00 5.74
CA ASP A 477 -10.89 -19.51 5.79
C ASP A 477 -10.42 -19.06 4.42
N MET A 478 -10.77 -19.81 3.38
CA MET A 478 -10.42 -19.39 2.02
C MET A 478 -11.12 -18.09 1.65
N LEU A 479 -12.42 -17.98 1.96
CA LEU A 479 -13.17 -16.81 1.53
C LEU A 479 -12.76 -15.58 2.32
N PHE A 480 -12.55 -15.72 3.62
CA PHE A 480 -12.14 -14.61 4.49
C PHE A 480 -10.89 -15.04 5.24
N PRO A 481 -9.70 -14.73 4.69
CA PRO A 481 -8.45 -15.34 5.18
C PRO A 481 -8.17 -15.11 6.66
N GLY A 482 -8.06 -13.85 7.07
CA GLY A 482 -7.74 -13.53 8.44
C GLY A 482 -8.95 -13.59 9.34
N SER A 483 -8.86 -12.92 10.48
CA SER A 483 -10.01 -12.76 11.36
C SER A 483 -10.87 -11.60 10.91
N LYS A 484 -11.25 -11.62 9.64
CA LYS A 484 -11.98 -10.53 9.00
C LYS A 484 -13.35 -11.01 8.58
N ASN A 485 -14.37 -10.24 8.95
CA ASN A 485 -15.70 -10.44 8.41
C ASN A 485 -15.82 -9.70 7.08
N GLY A 486 -17.00 -9.78 6.47
CA GLY A 486 -17.20 -9.10 5.20
C GLY A 486 -17.90 -7.77 5.38
N ARG A 487 -17.88 -7.25 6.60
CA ARG A 487 -18.64 -6.05 6.92
C ARG A 487 -17.93 -4.80 6.42
N ILE A 488 -18.74 -3.81 6.05
CA ILE A 488 -18.27 -2.46 5.77
C ILE A 488 -18.86 -1.56 6.85
N PRO A 489 -18.30 -0.39 7.12
CA PRO A 489 -18.91 0.50 8.12
C PRO A 489 -20.33 0.88 7.72
N ILE A 490 -21.25 0.71 8.65
CA ILE A 490 -22.66 1.04 8.46
C ILE A 490 -23.03 2.12 9.47
N LEU A 491 -23.58 3.22 8.97
CA LEU A 491 -24.02 4.34 9.80
C LEU A 491 -25.52 4.50 9.62
N SER A 492 -26.29 4.14 10.63
CA SER A 492 -27.73 4.20 10.58
C SER A 492 -28.21 5.47 11.27
N VAL A 493 -28.90 6.33 10.54
CA VAL A 493 -29.40 7.59 11.05
C VAL A 493 -30.91 7.46 11.26
N THR A 494 -31.34 7.62 12.51
CA THR A 494 -32.75 7.58 12.84
C THR A 494 -33.10 8.82 13.66
N GLY A 495 -34.38 9.14 13.65
CA GLY A 495 -34.86 10.35 14.32
C GLY A 495 -36.17 10.78 13.72
N THR A 496 -36.69 11.87 14.25
CA THR A 496 -37.99 12.36 13.82
C THR A 496 -37.91 13.42 12.74
N ASN A 497 -36.90 14.30 12.78
CA ASN A 497 -36.95 15.51 11.99
C ASN A 497 -35.68 15.85 11.21
N GLY A 498 -34.61 15.10 11.35
CA GLY A 498 -33.40 15.48 10.66
C GLY A 498 -32.61 14.37 10.00
N LYS A 499 -33.30 13.30 9.58
CA LYS A 499 -32.60 12.13 9.06
C LYS A 499 -31.93 12.42 7.73
N THR A 500 -32.63 13.09 6.82
CA THR A 500 -32.11 13.26 5.45
C THR A 500 -30.91 14.20 5.44
N THR A 501 -31.02 15.34 6.12
CA THR A 501 -29.91 16.30 6.12
C THR A 501 -28.67 15.70 6.76
N THR A 502 -28.85 15.01 7.88
CA THR A 502 -27.72 14.38 8.55
C THR A 502 -27.10 13.30 7.68
N THR A 503 -27.94 12.51 7.00
CA THR A 503 -27.41 11.46 6.13
C THR A 503 -26.59 12.06 4.99
N ARG A 504 -27.09 13.12 4.37
CA ARG A 504 -26.35 13.74 3.27
C ARG A 504 -25.07 14.37 3.75
N LEU A 505 -25.09 15.02 4.92
CA LEU A 505 -23.88 15.61 5.47
C LEU A 505 -22.84 14.55 5.80
N LEU A 506 -23.27 13.43 6.38
CA LEU A 506 -22.35 12.34 6.66
C LEU A 506 -21.76 11.80 5.37
N ALA A 507 -22.58 11.62 4.34
CA ALA A 507 -22.09 11.13 3.06
C ALA A 507 -21.06 12.08 2.48
N HIS A 508 -21.31 13.39 2.54
CA HIS A 508 -20.34 14.36 2.03
C HIS A 508 -19.03 14.30 2.81
N ILE A 509 -19.11 14.24 4.14
CA ILE A 509 -17.90 14.22 4.95
C ILE A 509 -17.07 12.98 4.65
N ILE A 510 -17.72 11.82 4.54
CA ILE A 510 -16.97 10.61 4.22
C ILE A 510 -16.46 10.66 2.78
N LYS A 511 -17.19 11.32 1.87
CA LYS A 511 -16.71 11.50 0.51
C LYS A 511 -15.44 12.33 0.47
N GLN A 512 -15.25 13.23 1.44
CA GLN A 512 -13.98 13.95 1.52
C GLN A 512 -12.82 12.99 1.67
N THR A 513 -12.99 11.96 2.49
CA THR A 513 -12.05 10.84 2.48
C THR A 513 -12.19 10.08 1.17
N GLY A 514 -11.09 9.51 0.70
CA GLY A 514 -11.12 8.83 -0.59
C GLY A 514 -11.84 7.50 -0.53
N LYS A 515 -13.15 7.54 -0.31
CA LYS A 515 -13.97 6.35 -0.18
C LYS A 515 -15.26 6.50 -0.99
N VAL A 516 -15.74 5.39 -1.51
CA VAL A 516 -17.02 5.36 -2.22
C VAL A 516 -18.12 5.16 -1.20
N VAL A 517 -19.04 6.12 -1.11
CA VAL A 517 -20.09 6.12 -0.11
C VAL A 517 -21.42 5.82 -0.80
N GLY A 518 -22.10 4.78 -0.35
CA GLY A 518 -23.43 4.48 -0.81
C GLY A 518 -24.43 4.80 0.30
N TYR A 519 -25.32 5.74 0.02
CA TYR A 519 -26.26 6.21 1.02
C TYR A 519 -27.65 6.33 0.42
N THR A 520 -28.66 6.01 1.23
CA THR A 520 -30.05 6.12 0.84
C THR A 520 -30.75 7.13 1.72
N THR A 521 -31.47 8.05 1.10
CA THR A 521 -32.23 9.06 1.82
C THR A 521 -33.68 9.05 1.36
N THR A 522 -34.48 9.99 1.85
CA THR A 522 -35.86 10.09 1.39
C THR A 522 -35.92 10.45 -0.10
N ASP A 523 -35.02 11.30 -0.56
CA ASP A 523 -35.01 11.70 -1.96
C ASP A 523 -34.68 10.53 -2.87
N GLY A 524 -33.69 9.73 -2.51
CA GLY A 524 -33.31 8.59 -3.32
C GLY A 524 -32.06 7.92 -2.79
N THR A 525 -31.64 6.89 -3.51
CA THR A 525 -30.47 6.11 -3.16
C THR A 525 -29.31 6.52 -4.07
N TYR A 526 -28.18 6.87 -3.48
CA TYR A 526 -27.01 7.33 -4.20
C TYR A 526 -25.82 6.42 -3.92
N ILE A 527 -25.01 6.19 -4.95
CA ILE A 527 -23.74 5.50 -4.82
C ILE A 527 -22.66 6.41 -5.39
N GLY A 528 -21.74 6.86 -4.54
CA GLY A 528 -20.77 7.83 -4.98
C GLY A 528 -21.46 9.15 -5.32
N GLU A 529 -21.20 9.64 -6.52
CA GLU A 529 -21.77 10.91 -6.98
C GLU A 529 -23.02 10.73 -7.85
N TYR A 530 -23.44 9.49 -8.11
CA TYR A 530 -24.50 9.22 -9.06
C TYR A 530 -25.70 8.59 -8.37
N LEU A 531 -26.89 8.93 -8.85
CA LEU A 531 -28.12 8.39 -8.28
C LEU A 531 -28.36 6.98 -8.80
N ALA A 532 -28.54 6.03 -7.88
CA ALA A 532 -28.75 4.64 -8.25
C ALA A 532 -30.23 4.28 -8.36
N GLU A 533 -31.10 4.92 -7.60
CA GLU A 533 -32.51 4.60 -7.63
C GLU A 533 -33.31 5.79 -7.11
N THR A 534 -34.49 6.00 -7.67
CA THR A 534 -35.39 7.07 -7.26
C THR A 534 -36.48 6.54 -6.34
N GLY A 535 -37.19 7.46 -5.72
CA GLY A 535 -38.31 7.14 -4.86
C GLY A 535 -38.02 7.48 -3.41
N ASP A 536 -38.80 6.85 -2.52
CA ASP A 536 -38.65 7.09 -1.09
C ASP A 536 -37.34 6.51 -0.57
N ASN A 537 -37.20 5.18 -0.67
CA ASN A 537 -35.96 4.47 -0.36
C ASN A 537 -35.45 4.79 1.05
N THR A 538 -36.26 4.43 2.05
CA THR A 538 -35.88 4.58 3.45
C THR A 538 -36.08 3.29 4.23
N GLY A 539 -36.23 2.16 3.54
CA GLY A 539 -36.43 0.89 4.21
C GLY A 539 -35.35 -0.11 3.86
N PRO A 540 -35.47 -1.33 4.41
CA PRO A 540 -34.48 -2.37 4.13
C PRO A 540 -34.40 -2.76 2.66
N GLN A 541 -35.50 -2.63 1.91
CA GLN A 541 -35.47 -2.96 0.49
C GLN A 541 -34.51 -2.07 -0.28
N SER A 542 -34.25 -0.85 0.21
CA SER A 542 -33.24 0.01 -0.37
C SER A 542 -31.87 -0.14 0.29
N ALA A 543 -31.82 -0.57 1.54
CA ALA A 543 -30.54 -0.83 2.19
C ALA A 543 -29.85 -2.04 1.58
N HIS A 544 -30.62 -3.02 1.12
CA HIS A 544 -30.01 -4.17 0.45
C HIS A 544 -29.30 -3.76 -0.83
N LEU A 545 -29.84 -2.78 -1.54
CA LEU A 545 -29.18 -2.29 -2.75
C LEU A 545 -27.79 -1.74 -2.43
N ILE A 546 -27.67 -0.98 -1.35
CA ILE A 546 -26.38 -0.42 -0.96
C ILE A 546 -25.45 -1.51 -0.46
N LEU A 547 -25.96 -2.40 0.39
CA LEU A 547 -25.11 -3.39 1.03
C LEU A 547 -24.63 -4.48 0.07
N SER A 548 -25.31 -4.66 -1.05
CA SER A 548 -24.93 -5.65 -2.04
C SER A 548 -24.16 -5.08 -3.21
N ASP A 549 -23.93 -3.77 -3.24
CA ASP A 549 -23.21 -3.17 -4.35
C ASP A 549 -21.71 -3.48 -4.22
N PRO A 550 -21.05 -3.94 -5.28
CA PRO A 550 -19.66 -4.35 -5.16
C PRO A 550 -18.66 -3.21 -5.04
N THR A 551 -19.10 -1.94 -5.16
CA THR A 551 -18.20 -0.82 -5.11
C THR A 551 -18.36 0.05 -3.87
N VAL A 552 -19.33 -0.24 -3.02
CA VAL A 552 -19.60 0.60 -1.85
C VAL A 552 -18.65 0.22 -0.73
N GLU A 553 -17.97 1.23 -0.16
CA GLU A 553 -17.06 1.01 0.96
C GLU A 553 -17.64 1.44 2.30
N VAL A 554 -18.51 2.44 2.31
CA VAL A 554 -19.16 2.91 3.53
C VAL A 554 -20.64 3.09 3.22
N ALA A 555 -21.50 2.61 4.11
CA ALA A 555 -22.95 2.70 3.94
C ALA A 555 -23.55 3.61 5.00
N VAL A 556 -24.28 4.62 4.56
CA VAL A 556 -25.02 5.51 5.43
C VAL A 556 -26.50 5.37 5.09
N LEU A 557 -27.27 4.82 6.01
CA LEU A 557 -28.67 4.49 5.75
C LEU A 557 -29.57 5.35 6.63
N GLU A 558 -30.49 6.07 6.00
CA GLU A 558 -31.54 6.78 6.73
C GLU A 558 -32.62 5.77 7.10
N THR A 559 -32.77 5.51 8.39
CA THR A 559 -33.66 4.46 8.88
C THR A 559 -34.93 5.11 9.42
N ALA A 560 -35.94 5.23 8.56
CA ALA A 560 -37.22 5.76 8.98
C ALA A 560 -37.98 4.74 9.81
N ARG A 561 -38.90 5.23 10.65
CA ARG A 561 -39.67 4.35 11.51
C ARG A 561 -40.60 3.45 10.70
N GLY A 562 -41.00 3.89 9.51
CA GLY A 562 -41.90 3.08 8.70
C GLY A 562 -41.28 1.75 8.30
N GLY A 563 -40.01 1.77 7.88
CA GLY A 563 -39.35 0.53 7.53
C GLY A 563 -39.16 -0.40 8.73
N ILE A 564 -38.83 0.17 9.88
CA ILE A 564 -38.66 -0.63 11.09
C ILE A 564 -39.97 -1.30 11.47
N LEU A 565 -41.07 -0.55 11.40
CA LEU A 565 -42.38 -1.11 11.70
C LEU A 565 -42.76 -2.19 10.69
N ARG A 566 -42.53 -1.92 9.40
CA ARG A 566 -43.00 -2.83 8.37
C ARG A 566 -42.22 -4.14 8.37
N SER A 567 -40.89 -4.07 8.32
CA SER A 567 -40.10 -5.29 8.23
C SER A 567 -38.82 -5.25 9.06
N GLY A 568 -38.70 -4.33 10.01
CA GLY A 568 -37.52 -4.27 10.84
C GLY A 568 -36.33 -3.65 10.13
N LEU A 569 -35.15 -3.93 10.67
CA LEU A 569 -33.91 -3.41 10.13
C LEU A 569 -33.38 -4.31 9.02
N GLY A 570 -32.72 -3.68 8.04
CA GLY A 570 -32.11 -4.41 6.95
C GLY A 570 -30.74 -4.96 7.23
N PHE A 571 -30.26 -4.82 8.46
CA PHE A 571 -28.93 -5.29 8.84
C PHE A 571 -28.99 -5.79 10.27
N SER A 572 -28.09 -6.72 10.60
CA SER A 572 -28.05 -7.25 11.95
C SER A 572 -27.44 -6.24 12.93
N SER A 573 -26.40 -5.54 12.51
CA SER A 573 -25.71 -4.58 13.37
C SER A 573 -25.23 -3.40 12.53
N CYS A 574 -24.97 -2.29 13.21
CA CYS A 574 -24.44 -1.09 12.58
C CYS A 574 -23.22 -0.63 13.35
N GLU A 575 -22.27 -0.02 12.64
CA GLU A 575 -21.07 0.50 13.29
C GLU A 575 -21.39 1.76 14.09
N VAL A 576 -22.27 2.60 13.58
CA VAL A 576 -22.69 3.83 14.25
C VAL A 576 -24.21 3.92 14.17
N GLY A 577 -24.85 4.14 15.31
CA GLY A 577 -26.28 4.35 15.34
C GLY A 577 -26.62 5.71 15.89
N ILE A 578 -27.25 6.55 15.08
CA ILE A 578 -27.53 7.94 15.43
C ILE A 578 -29.02 8.11 15.68
N VAL A 579 -29.37 8.61 16.86
CA VAL A 579 -30.74 8.98 17.19
C VAL A 579 -30.76 10.48 17.45
N LEU A 580 -31.43 11.22 16.57
CA LEU A 580 -31.41 12.67 16.64
C LEU A 580 -32.43 13.22 17.62
N ASN A 581 -33.69 12.84 17.49
CA ASN A 581 -34.74 13.32 18.38
C ASN A 581 -35.97 12.43 18.23
N VAL A 582 -36.81 12.45 19.26
CA VAL A 582 -38.07 11.72 19.27
C VAL A 582 -39.15 12.68 19.72
N THR A 583 -39.97 13.14 18.77
CA THR A 583 -41.07 14.04 19.07
C THR A 583 -42.38 13.39 18.65
N ALA A 584 -43.37 13.44 19.53
CA ALA A 584 -44.68 12.84 19.27
C ALA A 584 -45.46 13.73 18.33
N ASP A 585 -45.29 13.51 17.03
CA ASP A 585 -46.00 14.27 16.02
C ASP A 585 -46.95 13.40 15.21
N HIS A 586 -46.46 12.35 14.57
CA HIS A 586 -47.30 11.49 13.74
C HIS A 586 -47.65 10.21 14.50
N LEU A 587 -48.46 10.37 15.54
CA LEU A 587 -48.91 9.23 16.33
C LEU A 587 -50.17 8.64 15.71
N GLY A 588 -50.44 7.38 16.09
CA GLY A 588 -51.60 6.66 15.62
C GLY A 588 -51.33 5.73 14.45
N ILE A 589 -50.23 5.94 13.72
CA ILE A 589 -49.89 5.07 12.60
C ILE A 589 -49.39 3.74 13.13
N GLY A 590 -49.94 2.64 12.61
CA GLY A 590 -49.59 1.33 13.13
C GLY A 590 -50.09 1.18 14.56
N ASP A 591 -49.31 0.47 15.37
CA ASP A 591 -49.60 0.31 16.78
C ASP A 591 -48.98 1.39 17.65
N ILE A 592 -48.31 2.37 17.05
CA ILE A 592 -47.62 3.41 17.79
C ILE A 592 -48.64 4.50 18.13
N ASP A 593 -48.94 4.66 19.42
CA ASP A 593 -49.90 5.65 19.87
C ASP A 593 -49.36 6.58 20.95
N THR A 594 -48.29 6.21 21.63
CA THR A 594 -47.69 7.04 22.66
C THR A 594 -46.24 7.34 22.32
N ILE A 595 -45.74 8.48 22.82
CA ILE A 595 -44.35 8.84 22.57
C ILE A 595 -43.39 7.84 23.18
N GLU A 596 -43.79 7.13 24.23
CA GLU A 596 -42.97 6.05 24.76
C GLU A 596 -42.84 4.93 23.75
N GLN A 597 -43.93 4.59 23.06
CA GLN A 597 -43.88 3.58 22.01
C GLN A 597 -42.98 4.03 20.86
N LEU A 598 -43.09 5.31 20.48
CA LEU A 598 -42.24 5.83 19.41
C LEU A 598 -40.77 5.79 19.81
N ALA A 599 -40.46 6.13 21.06
CA ALA A 599 -39.09 6.06 21.54
C ALA A 599 -38.59 4.62 21.54
N LYS A 600 -39.43 3.68 21.96
CA LYS A 600 -39.04 2.27 21.92
C LYS A 600 -38.77 1.82 20.49
N LEU A 601 -39.59 2.28 19.54
CA LEU A 601 -39.38 1.91 18.15
C LEU A 601 -38.08 2.49 17.61
N LYS A 602 -37.82 3.77 17.88
CA LYS A 602 -36.59 4.39 17.40
C LYS A 602 -35.35 3.88 18.13
N SER A 603 -35.52 3.27 19.30
CA SER A 603 -34.39 2.72 20.04
C SER A 603 -33.84 1.45 19.41
N VAL A 604 -34.50 0.91 18.38
CA VAL A 604 -33.99 -0.29 17.71
C VAL A 604 -32.63 -0.01 17.08
N VAL A 605 -32.49 1.17 16.46
CA VAL A 605 -31.21 1.55 15.87
C VAL A 605 -30.12 1.64 16.93
N ALA A 606 -30.44 2.28 18.06
CA ALA A 606 -29.45 2.43 19.13
C ALA A 606 -29.06 1.09 19.72
N GLU A 607 -30.03 0.18 19.88
CA GLU A 607 -29.74 -1.12 20.47
C GLU A 607 -29.10 -2.10 19.48
N SER A 608 -29.13 -1.79 18.19
CA SER A 608 -28.50 -2.63 17.18
C SER A 608 -27.02 -2.35 17.01
N VAL A 609 -26.47 -1.38 17.74
CA VAL A 609 -25.07 -1.03 17.62
C VAL A 609 -24.22 -2.17 18.15
N MET A 610 -23.20 -2.55 17.39
CA MET A 610 -22.32 -3.63 17.78
C MET A 610 -21.49 -3.21 19.00
N PRO A 611 -20.97 -4.20 19.75
CA PRO A 611 -20.21 -3.85 20.96
C PRO A 611 -19.00 -2.96 20.72
N LYS A 612 -18.39 -3.03 19.53
CA LYS A 612 -17.28 -2.15 19.19
C LYS A 612 -17.74 -0.87 18.51
N GLY A 613 -19.05 -0.68 18.34
CA GLY A 613 -19.57 0.48 17.66
C GLY A 613 -19.87 1.63 18.60
N TYR A 614 -20.56 2.63 18.07
CA TYR A 614 -20.92 3.83 18.81
C TYR A 614 -22.37 4.16 18.59
N ALA A 615 -23.01 4.69 19.63
CA ALA A 615 -24.38 5.19 19.57
C ALA A 615 -24.34 6.68 19.82
N VAL A 616 -24.68 7.47 18.81
CA VAL A 616 -24.69 8.93 18.92
C VAL A 616 -26.09 9.34 19.32
N LEU A 617 -26.25 9.85 20.54
CA LEU A 617 -27.54 10.20 21.10
C LEU A 617 -27.58 11.68 21.43
N ASN A 618 -28.78 12.25 21.36
CA ASN A 618 -28.99 13.64 21.74
C ASN A 618 -29.16 13.72 23.25
N ALA A 619 -28.17 14.31 23.94
CA ALA A 619 -28.26 14.45 25.38
C ALA A 619 -29.35 15.46 25.78
N GLU A 620 -29.67 16.40 24.89
CA GLU A 620 -30.68 17.40 25.18
C GLU A 620 -32.10 16.85 25.10
N ASP A 621 -32.30 15.69 24.48
CA ASP A 621 -33.61 15.06 24.40
C ASP A 621 -33.72 14.01 25.49
N PRO A 622 -34.64 14.18 26.46
CA PRO A 622 -34.71 13.21 27.57
C PRO A 622 -35.01 11.79 27.12
N LEU A 623 -35.89 11.62 26.13
CA LEU A 623 -36.23 10.28 25.67
C LEU A 623 -35.06 9.63 24.95
N VAL A 624 -34.38 10.38 24.08
CA VAL A 624 -33.21 9.84 23.40
C VAL A 624 -32.09 9.54 24.38
N ALA A 625 -31.87 10.45 25.34
CA ALA A 625 -30.85 10.21 26.35
C ALA A 625 -31.20 9.03 27.24
N ALA A 626 -32.50 8.71 27.37
CA ALA A 626 -32.91 7.56 28.15
C ALA A 626 -32.46 6.25 27.53
N MET A 627 -32.17 6.23 26.23
CA MET A 627 -31.65 5.04 25.57
C MET A 627 -30.18 4.80 25.88
N ALA A 628 -29.59 5.52 26.84
CA ALA A 628 -28.19 5.33 27.16
C ALA A 628 -27.92 3.90 27.63
N ASP A 629 -28.79 3.38 28.48
CA ASP A 629 -28.68 1.99 28.90
C ASP A 629 -29.18 1.07 27.79
N ARG A 630 -29.17 -0.24 28.08
CA ARG A 630 -29.62 -1.28 27.16
C ARG A 630 -29.02 -1.13 25.75
N VAL A 631 -27.85 -0.50 25.68
CA VAL A 631 -27.13 -0.32 24.43
C VAL A 631 -25.74 -0.93 24.59
N LYS A 632 -25.42 -1.89 23.73
CA LYS A 632 -24.08 -2.46 23.71
C LYS A 632 -23.16 -1.57 22.89
N GLY A 633 -21.95 -1.38 23.39
CA GLY A 633 -21.01 -0.46 22.77
C GLY A 633 -21.04 0.91 23.41
N GLN A 634 -20.08 1.74 22.99
CA GLN A 634 -19.90 3.05 23.59
C GLN A 634 -21.03 3.99 23.20
N VAL A 635 -21.20 5.03 24.00
CA VAL A 635 -22.24 6.04 23.80
C VAL A 635 -21.57 7.40 23.62
N ALA A 636 -22.04 8.16 22.64
CA ALA A 636 -21.55 9.50 22.38
C ALA A 636 -22.73 10.46 22.41
N TYR A 637 -22.57 11.58 23.10
CA TYR A 637 -23.63 12.56 23.26
C TYR A 637 -23.32 13.82 22.46
N PHE A 638 -24.34 14.39 21.83
CA PHE A 638 -24.24 15.70 21.22
C PHE A 638 -25.36 16.57 21.77
N SER A 639 -25.03 17.83 22.05
CA SER A 639 -25.98 18.76 22.63
C SER A 639 -25.72 20.16 22.13
N MET A 640 -26.79 20.88 21.80
CA MET A 640 -26.66 22.28 21.42
C MET A 640 -26.39 23.17 22.63
N ASP A 641 -26.65 22.67 23.83
CA ASP A 641 -26.37 23.42 25.05
C ASP A 641 -25.08 22.92 25.65
N PRO A 642 -24.02 23.73 25.72
CA PRO A 642 -22.73 23.23 26.22
C PRO A 642 -22.72 22.93 27.70
N ASN A 643 -23.75 23.32 28.45
CA ASN A 643 -23.81 23.14 29.89
C ASN A 643 -24.67 21.95 30.30
N ASN A 644 -24.92 21.03 29.37
CA ASN A 644 -25.71 19.84 29.70
C ASN A 644 -25.01 19.01 30.75
N GLU A 645 -25.68 18.80 31.88
CA GLU A 645 -25.05 18.10 33.00
C GLU A 645 -24.71 16.66 32.64
N LEU A 646 -25.61 15.97 31.94
CA LEU A 646 -25.34 14.60 31.55
C LEU A 646 -24.14 14.52 30.62
N LEU A 647 -24.06 15.42 29.64
CA LEU A 647 -22.93 15.42 28.71
C LEU A 647 -21.62 15.70 29.43
N LEU A 648 -21.62 16.67 30.34
CA LEU A 648 -20.39 16.99 31.08
C LEU A 648 -19.96 15.82 31.96
N ARG A 649 -20.92 15.18 32.63
CA ARG A 649 -20.59 14.01 33.44
C ARG A 649 -20.04 12.88 32.58
N HIS A 650 -20.60 12.70 31.38
CA HIS A 650 -20.10 11.68 30.47
C HIS A 650 -18.68 11.99 30.00
N THR A 651 -18.39 13.26 29.72
CA THR A 651 -17.05 13.63 29.27
C THR A 651 -16.03 13.52 30.39
N GLU A 652 -16.43 13.81 31.63
CA GLU A 652 -15.49 13.71 32.74
C GLU A 652 -14.97 12.30 32.91
N ALA A 653 -15.85 11.30 32.77
CA ALA A 653 -15.47 9.90 32.85
C ALA A 653 -15.56 9.32 31.44
N GLY A 654 -14.46 9.43 30.70
CA GLY A 654 -14.44 8.99 29.31
C GLY A 654 -14.34 10.13 28.33
N GLY A 655 -15.38 10.37 27.56
CA GLY A 655 -15.40 11.50 26.65
C GLY A 655 -16.28 11.18 25.44
N LEU A 656 -15.81 11.63 24.28
CA LEU A 656 -16.50 11.44 23.00
C LEU A 656 -17.89 12.08 23.02
N ALA A 657 -17.88 13.41 23.11
CA ALA A 657 -19.09 14.21 22.99
C ALA A 657 -18.85 15.37 22.05
N ALA A 658 -19.93 16.03 21.65
CA ALA A 658 -19.86 17.19 20.77
C ALA A 658 -20.82 18.26 21.25
N ILE A 659 -20.37 19.51 21.26
CA ILE A 659 -21.15 20.64 21.75
C ILE A 659 -20.97 21.83 20.82
N TYR A 660 -21.80 22.84 21.04
CA TYR A 660 -21.74 24.13 20.35
C TYR A 660 -21.49 25.16 21.43
N GLU A 661 -20.22 25.45 21.71
CA GLU A 661 -19.86 26.12 22.96
C GLU A 661 -19.89 27.64 22.86
N ASN A 662 -19.01 28.23 22.06
CA ASN A 662 -19.02 29.67 21.82
C ASN A 662 -18.89 29.89 20.32
N GLY A 663 -20.00 29.76 19.60
CA GLY A 663 -19.93 29.85 18.14
C GLY A 663 -18.91 28.90 17.54
N TYR A 664 -18.77 27.71 18.11
CA TYR A 664 -17.89 26.69 17.54
C TYR A 664 -18.59 25.35 17.57
N ILE A 665 -18.39 24.57 16.52
CA ILE A 665 -18.71 23.14 16.53
C ILE A 665 -17.49 22.42 17.07
N SER A 666 -17.61 21.85 18.26
CA SER A 666 -16.47 21.31 18.98
C SER A 666 -16.71 19.87 19.36
N ILE A 667 -15.63 19.11 19.43
CA ILE A 667 -15.64 17.72 19.86
C ILE A 667 -14.94 17.63 21.21
N LEU A 668 -15.61 17.02 22.18
CA LEU A 668 -15.04 16.82 23.50
C LEU A 668 -14.54 15.38 23.61
N LYS A 669 -13.23 15.22 23.78
CA LYS A 669 -12.61 13.91 23.92
C LYS A 669 -12.21 13.65 25.37
N GLY A 670 -13.03 14.10 26.31
CA GLY A 670 -12.68 14.04 27.72
C GLY A 670 -12.42 15.42 28.26
N ASP A 671 -11.16 15.72 28.58
CA ASP A 671 -10.76 17.05 28.99
C ASP A 671 -10.21 17.88 27.84
N TRP A 672 -10.22 17.36 26.63
CA TRP A 672 -9.69 18.05 25.46
C TRP A 672 -10.84 18.54 24.58
N THR A 673 -10.71 19.78 24.10
CA THR A 673 -11.70 20.38 23.22
C THR A 673 -11.08 20.56 21.84
N LEU A 674 -11.76 20.02 20.82
CA LEU A 674 -11.29 20.09 19.44
C LEU A 674 -12.32 20.87 18.63
N ARG A 675 -11.97 22.09 18.23
CA ARG A 675 -12.89 22.94 17.49
C ARG A 675 -12.80 22.63 16.00
N ILE A 676 -13.96 22.58 15.35
CA ILE A 676 -14.03 22.27 13.92
C ILE A 676 -14.21 23.55 13.12
N GLU A 677 -15.33 24.25 13.34
CA GLU A 677 -15.67 25.44 12.60
C GLU A 677 -16.40 26.44 13.49
N LYS A 678 -16.45 27.68 13.01
CA LYS A 678 -17.10 28.80 13.68
C LYS A 678 -18.62 28.73 13.59
N ALA A 679 -19.16 27.77 12.83
CA ALA A 679 -20.61 27.58 12.67
C ALA A 679 -21.24 28.73 11.89
N VAL A 680 -20.44 29.74 11.55
CA VAL A 680 -20.85 30.76 10.59
C VAL A 680 -20.15 30.56 9.25
N ASN A 681 -19.09 29.77 9.20
CA ASN A 681 -18.48 29.36 7.96
C ASN A 681 -19.06 28.07 7.42
N VAL A 682 -20.06 27.51 8.10
CA VAL A 682 -20.77 26.32 7.64
C VAL A 682 -22.00 26.79 6.86
N PRO A 683 -22.07 26.55 5.55
CA PRO A 683 -23.18 27.13 4.78
C PRO A 683 -24.56 26.69 5.22
N ILE A 684 -24.70 25.44 5.67
CA ILE A 684 -26.04 24.94 6.01
C ILE A 684 -26.59 25.61 7.26
N THR A 685 -25.71 26.03 8.18
CA THR A 685 -26.18 26.76 9.34
C THR A 685 -26.64 28.18 8.99
N MET A 686 -26.21 28.71 7.84
CA MET A 686 -26.56 30.05 7.40
C MET A 686 -26.16 31.10 8.45
N ALA A 687 -24.84 31.16 8.69
CA ALA A 687 -24.27 32.05 9.68
C ALA A 687 -24.84 31.78 11.07
N GLY A 688 -25.09 30.51 11.37
CA GLY A 688 -25.56 30.12 12.68
C GLY A 688 -26.99 30.47 12.99
N LYS A 689 -27.77 30.88 12.00
CA LYS A 689 -29.15 31.28 12.25
C LYS A 689 -30.06 30.08 12.52
N ALA A 690 -29.78 28.94 11.90
CA ALA A 690 -30.62 27.75 12.09
C ALA A 690 -29.98 26.85 13.14
N PRO A 691 -30.57 26.71 14.32
CA PRO A 691 -29.93 25.89 15.36
C PRO A 691 -30.07 24.39 15.13
N PHE A 692 -31.18 23.98 14.53
CA PHE A 692 -31.40 22.57 14.24
C PHE A 692 -30.39 22.03 13.25
N MET A 693 -30.03 22.83 12.24
CA MET A 693 -28.97 22.42 11.33
C MET A 693 -27.63 22.34 12.05
N ILE A 694 -27.41 23.20 13.05
CA ILE A 694 -26.20 23.09 13.85
C ILE A 694 -26.20 21.79 14.64
N ALA A 695 -27.36 21.38 15.15
CA ALA A 695 -27.46 20.11 15.85
C ALA A 695 -27.18 18.93 14.91
N ASN A 696 -27.72 19.01 13.69
CA ASN A 696 -27.44 17.97 12.70
C ASN A 696 -25.96 17.89 12.37
N ALA A 697 -25.31 19.06 12.22
CA ALA A 697 -23.87 19.09 11.97
C ALA A 697 -23.10 18.50 13.14
N LEU A 698 -23.53 18.80 14.37
CA LEU A 698 -22.90 18.23 15.54
C LEU A 698 -22.98 16.71 15.52
N ALA A 699 -24.17 16.19 15.23
CA ALA A 699 -24.35 14.73 15.20
C ALA A 699 -23.48 14.10 14.12
N ALA A 700 -23.46 14.69 12.92
CA ALA A 700 -22.67 14.12 11.83
C ALA A 700 -21.18 14.16 12.15
N CYS A 701 -20.70 15.29 12.69
CA CYS A 701 -19.28 15.41 13.03
C CYS A 701 -18.89 14.42 14.11
N LEU A 702 -19.74 14.26 15.13
CA LEU A 702 -19.44 13.28 16.17
C LEU A 702 -19.42 11.87 15.60
N ALA A 703 -20.36 11.56 14.71
CA ALA A 703 -20.42 10.22 14.13
C ALA A 703 -19.17 9.91 13.32
N VAL A 704 -18.72 10.87 12.50
CA VAL A 704 -17.52 10.58 11.70
C VAL A 704 -16.28 10.56 12.59
N PHE A 705 -16.24 11.41 13.63
CA PHE A 705 -15.07 11.42 14.51
C PHE A 705 -14.94 10.11 15.28
N THR A 706 -16.05 9.53 15.69
CA THR A 706 -15.99 8.26 16.41
C THR A 706 -15.37 7.14 15.58
N GLN A 707 -15.36 7.27 14.25
CA GLN A 707 -14.82 6.26 13.37
C GLN A 707 -13.38 6.53 12.98
N GLY A 708 -12.77 7.59 13.49
CA GLY A 708 -11.39 7.89 13.20
C GLY A 708 -11.14 8.82 12.04
N VAL A 709 -12.18 9.46 11.51
CA VAL A 709 -11.99 10.42 10.42
C VAL A 709 -11.22 11.61 10.92
N LYS A 710 -10.24 12.05 10.12
CA LYS A 710 -9.38 13.16 10.53
C LYS A 710 -10.17 14.45 10.66
N ILE A 711 -9.66 15.35 11.51
CA ILE A 711 -10.35 16.61 11.76
C ILE A 711 -10.38 17.47 10.49
N GLU A 712 -9.30 17.41 9.71
CA GLU A 712 -9.25 18.22 8.48
C GLU A 712 -10.31 17.76 7.47
N HIS A 713 -10.54 16.45 7.37
CA HIS A 713 -11.56 15.96 6.46
C HIS A 713 -12.95 16.41 6.91
N ILE A 714 -13.21 16.34 8.21
CA ILE A 714 -14.49 16.82 8.75
C ILE A 714 -14.66 18.30 8.45
N ARG A 715 -13.58 19.06 8.64
CA ARG A 715 -13.61 20.50 8.39
C ARG A 715 -13.93 20.80 6.93
N LYS A 716 -13.25 20.11 6.01
CA LYS A 716 -13.49 20.35 4.59
C LYS A 716 -14.91 19.95 4.19
N GLY A 717 -15.39 18.81 4.69
CA GLY A 717 -16.74 18.38 4.37
C GLY A 717 -17.80 19.34 4.91
N LEU A 718 -17.58 19.85 6.12
CA LEU A 718 -18.53 20.79 6.70
C LEU A 718 -18.52 22.12 5.97
N SER A 719 -17.34 22.56 5.50
CA SER A 719 -17.26 23.83 4.80
C SER A 719 -17.83 23.75 3.39
N THR A 720 -17.65 22.62 2.72
CA THR A 720 -18.03 22.49 1.32
C THR A 720 -19.45 21.97 1.10
N PHE A 721 -20.18 21.66 2.17
CA PHE A 721 -21.54 21.16 2.05
C PHE A 721 -22.49 22.33 1.97
N VAL A 722 -23.29 22.38 0.90
CA VAL A 722 -24.16 23.51 0.61
C VAL A 722 -25.61 23.11 0.80
N ALA A 723 -26.43 24.08 1.18
CA ALA A 723 -27.85 23.89 1.43
C ALA A 723 -28.69 24.48 0.31
N SER A 724 -28.22 24.38 -0.93
CA SER A 724 -28.93 24.87 -2.09
C SER A 724 -29.39 23.70 -2.96
N VAL A 725 -30.06 24.04 -4.06
CA VAL A 725 -30.68 23.03 -4.92
C VAL A 725 -29.64 22.11 -5.56
N ASP A 726 -28.39 22.56 -5.68
CA ASP A 726 -27.36 21.74 -6.29
C ASP A 726 -27.14 20.45 -5.49
N GLN A 727 -27.20 20.53 -4.17
CA GLN A 727 -27.04 19.36 -3.32
C GLN A 727 -28.33 19.02 -2.57
N THR A 728 -28.86 19.96 -1.79
CA THR A 728 -30.08 19.71 -1.04
C THR A 728 -31.30 19.97 -1.92
N PRO A 729 -32.16 18.98 -2.16
CA PRO A 729 -33.35 19.22 -2.99
C PRO A 729 -34.27 20.28 -2.42
N GLY A 730 -34.69 20.12 -1.17
CA GLY A 730 -35.59 21.07 -0.55
C GLY A 730 -35.33 21.32 0.92
N ARG A 731 -34.13 20.99 1.39
CA ARG A 731 -33.76 21.14 2.79
C ARG A 731 -33.10 22.51 2.98
N MET A 732 -33.88 23.47 3.49
CA MET A 732 -33.42 24.84 3.69
C MET A 732 -32.84 25.42 2.40
N ASN A 733 -33.56 25.20 1.30
CA ASN A 733 -33.18 25.72 -0.01
C ASN A 733 -33.67 27.15 -0.14
N MET A 734 -32.74 28.10 -0.14
CA MET A 734 -33.05 29.51 -0.28
C MET A 734 -32.73 29.95 -1.70
N PHE A 735 -33.70 30.60 -2.35
CA PHE A 735 -33.57 31.05 -3.73
C PHE A 735 -33.76 32.56 -3.79
N ASN A 736 -32.84 33.23 -4.46
CA ASN A 736 -32.85 34.68 -4.57
C ASN A 736 -33.17 35.08 -6.00
N MET A 737 -34.13 36.01 -6.15
CA MET A 737 -34.47 36.57 -7.45
C MET A 737 -34.55 38.09 -7.39
N GLY A 738 -33.87 38.72 -6.43
CA GLY A 738 -33.79 40.16 -6.37
C GLY A 738 -34.85 40.83 -5.51
N SER A 739 -36.11 40.80 -5.96
CA SER A 739 -37.17 41.49 -5.23
C SER A 739 -37.41 40.87 -3.86
N TYR A 740 -37.39 39.55 -3.76
CA TYR A 740 -37.64 38.87 -2.49
C TYR A 740 -36.85 37.56 -2.49
N HIS A 741 -37.20 36.65 -1.58
CA HIS A 741 -36.55 35.36 -1.48
C HIS A 741 -37.60 34.29 -1.20
N ALA A 742 -37.32 33.07 -1.65
CA ALA A 742 -38.20 31.93 -1.48
C ALA A 742 -37.46 30.86 -0.68
N LEU A 743 -38.12 30.31 0.34
CA LEU A 743 -37.54 29.29 1.21
C LEU A 743 -38.43 28.06 1.15
N VAL A 744 -38.11 27.15 0.24
CA VAL A 744 -38.84 25.88 0.11
C VAL A 744 -38.28 24.90 1.13
N ASP A 745 -39.16 24.17 1.81
CA ASP A 745 -38.76 23.34 2.93
C ASP A 745 -39.57 22.05 2.93
N TYR A 746 -39.23 21.17 3.87
CA TYR A 746 -39.85 19.87 4.01
C TYR A 746 -40.50 19.72 5.39
N ALA A 747 -41.05 20.82 5.91
CA ALA A 747 -41.65 20.84 7.24
C ALA A 747 -43.09 20.34 7.16
N HIS A 748 -43.41 19.32 7.95
CA HIS A 748 -44.76 18.76 7.96
C HIS A 748 -45.27 18.37 9.34
N ASN A 749 -44.53 18.67 10.41
CA ASN A 749 -44.94 18.34 11.76
C ASN A 749 -44.62 19.50 12.69
N PRO A 750 -45.24 19.57 13.86
CA PRO A 750 -45.04 20.72 14.74
C PRO A 750 -43.59 20.96 15.15
N ALA A 751 -42.79 19.90 15.32
CA ALA A 751 -41.40 20.08 15.73
C ALA A 751 -40.59 20.78 14.63
N SER A 752 -40.68 20.28 13.40
CA SER A 752 -40.01 20.96 12.30
C SER A 752 -40.63 22.32 12.01
N TYR A 753 -41.92 22.49 12.30
CA TYR A 753 -42.53 23.81 12.16
C TYR A 753 -41.91 24.81 13.13
N GLU A 754 -41.70 24.39 14.38
CA GLU A 754 -41.04 25.24 15.36
C GLU A 754 -39.60 25.54 14.96
N ALA A 755 -38.89 24.51 14.48
CA ALA A 755 -37.51 24.73 14.02
C ALA A 755 -37.46 25.71 12.86
N LEU A 756 -38.38 25.57 11.90
CA LEU A 756 -38.45 26.49 10.78
C LEU A 756 -38.77 27.91 11.24
N GLY A 757 -39.71 28.05 12.19
CA GLY A 757 -40.02 29.36 12.71
C GLY A 757 -38.85 30.01 13.42
N GLY A 758 -38.06 29.20 14.14
CA GLY A 758 -36.91 29.74 14.85
C GLY A 758 -35.88 30.40 13.96
N PHE A 759 -35.91 30.11 12.66
CA PHE A 759 -35.07 30.79 11.68
C PHE A 759 -35.83 31.82 10.85
N VAL A 760 -37.11 31.56 10.55
CA VAL A 760 -37.88 32.49 9.73
C VAL A 760 -38.16 33.78 10.48
N ARG A 761 -38.42 33.69 11.80
CA ARG A 761 -38.77 34.86 12.59
C ARG A 761 -37.67 35.91 12.57
N ASN A 762 -36.42 35.52 12.29
CA ASN A 762 -35.32 36.46 12.24
C ASN A 762 -35.27 37.25 10.92
N TRP A 763 -36.04 36.84 9.92
CA TRP A 763 -36.04 37.56 8.65
C TRP A 763 -36.71 38.91 8.81
N PRO A 764 -36.10 39.98 8.29
CA PRO A 764 -36.68 41.33 8.45
C PRO A 764 -37.78 41.67 7.45
N GLY A 765 -38.11 40.78 6.52
CA GLY A 765 -39.08 41.06 5.50
C GLY A 765 -40.44 40.42 5.79
N LYS A 766 -41.32 40.50 4.80
CA LYS A 766 -42.65 39.94 4.91
C LYS A 766 -42.59 38.42 4.90
N ARG A 767 -43.49 37.80 5.67
CA ARG A 767 -43.53 36.35 5.84
C ARG A 767 -44.79 35.81 5.17
N ILE A 768 -44.60 35.07 4.09
CA ILE A 768 -45.68 34.39 3.39
C ILE A 768 -45.41 32.89 3.44
N GLY A 769 -46.42 32.12 3.83
CA GLY A 769 -46.22 30.70 3.99
C GLY A 769 -47.32 29.82 3.42
N VAL A 770 -46.94 28.82 2.63
CA VAL A 770 -47.85 27.80 2.14
C VAL A 770 -47.56 26.54 2.93
N VAL A 771 -48.48 26.17 3.83
CA VAL A 771 -48.26 25.07 4.76
C VAL A 771 -49.25 23.95 4.44
N GLY A 772 -48.92 22.77 4.95
CA GLY A 772 -49.76 21.60 4.72
C GLY A 772 -49.22 20.42 5.50
N GLY A 773 -49.93 19.30 5.36
CA GLY A 773 -49.55 18.09 6.04
C GLY A 773 -50.14 16.85 5.40
N PRO A 774 -49.50 15.70 5.60
CA PRO A 774 -50.04 14.45 5.06
C PRO A 774 -51.39 14.13 5.69
N GLY A 775 -52.24 13.48 4.91
CA GLY A 775 -53.61 13.21 5.35
C GLY A 775 -53.78 12.07 6.32
N ASP A 776 -52.71 11.33 6.61
CA ASP A 776 -52.78 10.19 7.51
C ASP A 776 -52.41 10.55 8.95
N ARG A 777 -52.49 11.83 9.32
CA ARG A 777 -52.09 12.29 10.64
C ARG A 777 -53.32 12.67 11.45
N ARG A 778 -53.13 12.78 12.77
CA ARG A 778 -54.22 13.09 13.67
C ARG A 778 -54.64 14.55 13.54
N ASP A 779 -55.85 14.83 14.02
CA ASP A 779 -56.41 16.18 13.90
C ASP A 779 -55.67 17.17 14.79
N GLU A 780 -55.26 16.73 15.98
CA GLU A 780 -54.53 17.61 16.90
C GLU A 780 -53.23 18.09 16.28
N ASP A 781 -52.58 17.23 15.48
CA ASP A 781 -51.37 17.65 14.77
C ASP A 781 -51.68 18.78 13.79
N PHE A 782 -52.80 18.68 13.08
CA PHE A 782 -53.19 19.74 12.15
C PHE A 782 -53.48 21.05 12.90
N VAL A 783 -54.15 20.94 14.05
CA VAL A 783 -54.42 22.14 14.84
C VAL A 783 -53.12 22.79 15.30
N SER A 784 -52.17 21.97 15.76
CA SER A 784 -50.88 22.49 16.19
C SER A 784 -50.14 23.15 15.02
N LEU A 785 -50.19 22.53 13.83
CA LEU A 785 -49.56 23.14 12.66
C LEU A 785 -50.19 24.48 12.34
N GLY A 786 -51.53 24.56 12.40
CA GLY A 786 -52.19 25.82 12.14
C GLY A 786 -51.81 26.91 13.12
N GLU A 787 -51.80 26.58 14.41
CA GLU A 787 -51.46 27.58 15.42
C GLU A 787 -50.01 28.01 15.31
N LEU A 788 -49.11 27.08 15.00
CA LEU A 788 -47.70 27.45 14.83
C LEU A 788 -47.50 28.33 13.60
N ALA A 789 -48.19 28.01 12.50
CA ALA A 789 -48.11 28.85 11.30
C ALA A 789 -48.66 30.24 11.57
N ALA A 790 -49.74 30.32 12.36
CA ALA A 790 -50.24 31.63 12.78
C ALA A 790 -49.20 32.38 13.60
N ASP A 791 -48.52 31.69 14.51
CA ASP A 791 -47.53 32.34 15.36
C ASP A 791 -46.36 32.87 14.56
N ILE A 792 -45.86 32.09 13.60
CA ILE A 792 -44.59 32.43 12.95
C ILE A 792 -44.77 33.28 11.69
N PHE A 793 -45.87 33.12 10.97
CA PHE A 793 -46.03 33.74 9.66
C PHE A 793 -46.96 34.95 9.72
N ASP A 794 -46.99 35.68 8.61
CA ASP A 794 -47.86 36.85 8.45
C ASP A 794 -48.92 36.67 7.38
N GLU A 795 -48.69 35.79 6.41
CA GLU A 795 -49.69 35.44 5.40
C GLU A 795 -49.76 33.92 5.31
N ILE A 796 -50.98 33.39 5.37
CA ILE A 796 -51.20 31.95 5.47
C ILE A 796 -51.98 31.49 4.25
N ILE A 797 -51.46 30.46 3.58
CA ILE A 797 -52.16 29.80 2.48
C ILE A 797 -52.14 28.30 2.78
N ILE A 798 -53.29 27.74 3.16
CA ILE A 798 -53.38 26.35 3.58
C ILE A 798 -53.66 25.49 2.36
N LYS A 799 -52.88 24.43 2.20
CA LYS A 799 -53.07 23.47 1.12
C LYS A 799 -53.00 22.06 1.68
N GLU A 800 -53.84 21.18 1.12
CA GLU A 800 -53.89 19.78 1.52
C GLU A 800 -53.27 18.91 0.43
N ASP A 801 -52.40 17.98 0.86
CA ASP A 801 -51.67 17.15 -0.09
C ASP A 801 -52.62 16.39 -1.00
N ASP A 802 -52.26 16.31 -2.29
CA ASP A 802 -53.11 15.63 -3.26
C ASP A 802 -53.28 14.15 -2.89
N ASP A 803 -52.19 13.50 -2.50
CA ASP A 803 -52.25 12.13 -1.98
C ASP A 803 -52.65 12.23 -0.50
N THR A 804 -53.95 12.15 -0.24
CA THR A 804 -54.50 12.42 1.08
C THR A 804 -54.47 11.19 1.99
N ARG A 805 -53.98 10.06 1.50
CA ARG A 805 -53.79 8.84 2.29
C ARG A 805 -55.08 8.31 2.88
N GLY A 806 -56.21 8.54 2.22
CA GLY A 806 -57.50 8.04 2.65
C GLY A 806 -58.36 9.05 3.38
N ARG A 807 -57.78 10.14 3.86
CA ARG A 807 -58.57 11.17 4.53
C ARG A 807 -59.49 11.85 3.51
N PRO A 808 -60.71 12.20 3.92
CA PRO A 808 -61.60 12.94 3.01
C PRO A 808 -60.97 14.25 2.57
N ARG A 809 -61.23 14.61 1.32
CA ARG A 809 -60.61 15.80 0.74
C ARG A 809 -61.04 17.05 1.49
N GLY A 810 -60.09 17.91 1.79
CA GLY A 810 -60.35 19.17 2.47
C GLY A 810 -60.21 19.18 3.97
N ASN A 811 -60.70 18.13 4.64
CA ASN A 811 -60.83 18.11 6.10
C ASN A 811 -59.62 18.69 6.82
N ALA A 812 -58.42 18.29 6.41
CA ALA A 812 -57.20 18.80 7.04
C ALA A 812 -57.07 20.31 6.85
N ALA A 813 -57.49 20.82 5.68
CA ALA A 813 -57.39 22.24 5.42
C ALA A 813 -58.28 23.04 6.37
N GLU A 814 -59.56 22.66 6.50
CA GLU A 814 -60.42 23.38 7.43
C GLU A 814 -60.01 23.16 8.88
N LEU A 815 -59.37 22.04 9.21
CA LEU A 815 -58.92 21.89 10.59
C LEU A 815 -57.68 22.73 10.89
N ILE A 816 -56.77 22.88 9.93
CA ILE A 816 -55.68 23.84 10.08
C ILE A 816 -56.25 25.25 10.17
N CYS A 817 -57.32 25.53 9.41
CA CYS A 817 -58.00 26.80 9.52
C CYS A 817 -58.60 26.98 10.92
N GLN A 818 -59.14 25.91 11.51
CA GLN A 818 -59.64 25.98 12.87
C GLN A 818 -58.51 26.30 13.85
N GLY A 819 -57.34 25.68 13.64
CA GLY A 819 -56.20 25.98 14.50
C GLY A 819 -55.75 27.43 14.41
N VAL A 820 -55.64 27.95 13.18
CA VAL A 820 -55.21 29.34 13.02
C VAL A 820 -56.28 30.28 13.56
N LYS A 821 -57.56 29.93 13.42
CA LYS A 821 -58.62 30.73 14.01
C LYS A 821 -58.53 30.76 15.53
N GLN A 822 -58.24 29.60 16.14
CA GLN A 822 -58.07 29.55 17.59
C GLN A 822 -56.91 30.42 18.03
N PHE A 823 -55.77 30.34 17.33
CA PHE A 823 -54.63 31.17 17.68
C PHE A 823 -54.94 32.65 17.53
N LEU A 824 -55.67 33.00 16.45
CA LEU A 824 -56.05 34.40 16.25
C LEU A 824 -56.97 34.89 17.37
N ASN A 825 -57.94 34.05 17.76
CA ASN A 825 -58.84 34.42 18.86
C ASN A 825 -58.14 34.46 20.20
N GLY A 826 -56.98 33.81 20.32
CA GLY A 826 -56.23 33.86 21.55
C GLY A 826 -55.43 35.13 21.77
N ILE A 827 -55.51 36.09 20.86
CA ILE A 827 -54.76 37.33 20.94
C ILE A 827 -55.73 38.47 21.20
N LYS A 828 -55.40 39.31 22.18
CA LYS A 828 -56.30 40.40 22.56
C LYS A 828 -56.23 41.55 21.56
N ASN A 829 -55.05 42.16 21.41
CA ASN A 829 -54.86 43.31 20.55
C ASN A 829 -54.17 42.88 19.26
N SER A 830 -53.83 43.88 18.43
CA SER A 830 -53.24 43.62 17.11
C SER A 830 -51.73 43.34 17.23
N GLU A 831 -51.41 42.34 18.05
CA GLU A 831 -50.03 41.89 18.16
C GLU A 831 -49.59 41.10 16.93
N SER A 832 -50.46 40.20 16.45
CA SER A 832 -50.16 39.41 15.26
C SER A 832 -51.49 39.02 14.62
N LYS A 833 -51.81 39.67 13.51
CA LYS A 833 -53.12 39.51 12.88
C LYS A 833 -52.97 38.93 11.47
N ALA A 834 -52.18 37.86 11.36
CA ALA A 834 -51.88 37.28 10.06
C ALA A 834 -53.14 36.87 9.32
N THR A 835 -53.20 37.21 8.03
CA THR A 835 -54.32 36.86 7.18
C THR A 835 -54.24 35.38 6.78
N TYR A 836 -55.40 34.76 6.62
CA TYR A 836 -55.48 33.34 6.30
C TYR A 836 -56.46 33.11 5.15
N GLU A 837 -56.12 32.14 4.30
CA GLU A 837 -57.01 31.67 3.24
C GLU A 837 -56.54 30.29 2.81
N SER A 838 -57.47 29.50 2.28
CA SER A 838 -57.21 28.10 1.97
C SER A 838 -57.56 27.81 0.52
N ILE A 839 -56.60 27.27 -0.23
CA ILE A 839 -56.83 26.70 -1.55
C ILE A 839 -56.13 25.36 -1.63
N LEU A 840 -56.80 24.36 -2.21
CA LEU A 840 -56.41 22.97 -2.06
C LEU A 840 -55.49 22.47 -3.17
N ASP A 841 -55.07 23.33 -4.09
CA ASP A 841 -54.22 22.94 -5.20
C ASP A 841 -52.80 23.45 -4.98
N GLU A 842 -51.81 22.58 -5.26
CA GLU A 842 -50.41 22.95 -5.06
C GLU A 842 -49.99 24.06 -6.01
N THR A 843 -50.32 23.91 -7.30
CA THR A 843 -49.93 24.92 -8.28
C THR A 843 -50.56 26.26 -7.95
N ALA A 844 -51.85 26.26 -7.62
CA ALA A 844 -52.53 27.51 -7.27
C ALA A 844 -51.93 28.12 -6.00
N ALA A 845 -51.62 27.28 -5.01
CA ALA A 845 -51.07 27.80 -3.76
C ALA A 845 -49.72 28.47 -3.97
N ILE A 846 -48.82 27.79 -4.69
CA ILE A 846 -47.49 28.36 -4.91
C ILE A 846 -47.57 29.57 -5.82
N ASN A 847 -48.47 29.54 -6.82
CA ASN A 847 -48.62 30.69 -7.69
C ASN A 847 -49.12 31.91 -6.93
N THR A 848 -50.10 31.71 -6.04
CA THR A 848 -50.59 32.82 -5.22
C THR A 848 -49.51 33.32 -4.26
N ALA A 849 -48.72 32.41 -3.69
CA ALA A 849 -47.64 32.82 -2.80
C ALA A 849 -46.60 33.66 -3.52
N LEU A 850 -46.22 33.24 -4.73
CA LEU A 850 -45.21 33.97 -5.49
C LEU A 850 -45.74 35.23 -6.15
N ASP A 851 -47.06 35.33 -6.35
CA ASP A 851 -47.62 36.49 -7.05
C ASP A 851 -47.58 37.73 -6.16
N ARG A 852 -47.96 37.60 -4.89
CA ARG A 852 -48.13 38.74 -3.99
C ARG A 852 -46.98 38.87 -3.01
N ALA A 853 -45.76 38.55 -3.43
CA ALA A 853 -44.60 38.72 -2.57
C ALA A 853 -44.09 40.16 -2.68
N PRO A 854 -44.07 40.92 -1.58
CA PRO A 854 -43.60 42.31 -1.68
C PRO A 854 -42.08 42.42 -1.70
N ILE A 855 -41.57 43.65 -1.66
CA ILE A 855 -40.13 43.88 -1.71
C ILE A 855 -39.48 43.32 -0.45
N ASP A 856 -38.38 42.58 -0.64
CA ASP A 856 -37.58 42.00 0.43
C ASP A 856 -38.36 41.03 1.30
N GLY A 857 -39.46 40.48 0.77
CA GLY A 857 -40.25 39.53 1.51
C GLY A 857 -39.65 38.14 1.50
N LEU A 858 -40.23 37.26 2.31
CA LEU A 858 -39.82 35.86 2.39
C LEU A 858 -41.06 34.99 2.20
N VAL A 859 -40.98 34.07 1.24
CA VAL A 859 -42.07 33.15 0.95
C VAL A 859 -41.59 31.74 1.27
N VAL A 860 -42.29 31.07 2.17
CA VAL A 860 -41.94 29.73 2.62
C VAL A 860 -42.92 28.73 2.02
N ILE A 861 -42.40 27.69 1.38
CA ILE A 861 -43.19 26.70 0.68
C ILE A 861 -42.94 25.34 1.32
N LEU A 862 -44.02 24.62 1.62
CA LEU A 862 -43.95 23.26 2.17
C LEU A 862 -44.78 22.34 1.30
N PRO A 863 -44.31 22.02 0.10
CA PRO A 863 -45.11 21.27 -0.85
C PRO A 863 -45.06 19.77 -0.58
N GLU A 864 -45.99 19.05 -1.22
CA GLU A 864 -46.01 17.59 -1.14
C GLU A 864 -44.76 17.00 -1.78
N SER A 865 -44.36 17.53 -2.94
CA SER A 865 -43.17 17.08 -3.65
C SER A 865 -42.23 18.25 -3.85
N VAL A 866 -40.94 18.02 -3.59
CA VAL A 866 -39.95 19.08 -3.73
C VAL A 866 -39.77 19.46 -5.20
N ASN A 867 -39.87 18.49 -6.11
CA ASN A 867 -39.64 18.75 -7.53
C ASN A 867 -40.66 19.74 -8.08
N ARG A 868 -41.90 19.71 -7.59
CA ARG A 868 -42.91 20.68 -8.03
C ARG A 868 -42.45 22.10 -7.75
N ALA A 869 -42.06 22.38 -6.51
CA ALA A 869 -41.61 23.72 -6.15
C ALA A 869 -40.33 24.09 -6.89
N ILE A 870 -39.41 23.14 -7.04
CA ILE A 870 -38.15 23.41 -7.74
C ILE A 870 -38.43 23.83 -9.18
N SER A 871 -39.27 23.06 -9.87
CA SER A 871 -39.59 23.38 -11.26
C SER A 871 -40.34 24.71 -11.36
N LEU A 872 -41.27 24.97 -10.44
CA LEU A 872 -42.04 26.20 -10.51
C LEU A 872 -41.16 27.42 -10.29
N ILE A 873 -40.21 27.35 -9.36
CA ILE A 873 -39.32 28.48 -9.15
C ILE A 873 -38.22 28.55 -10.20
N GLU A 874 -37.90 27.45 -10.88
CA GLU A 874 -36.93 27.49 -11.96
C GLU A 874 -37.54 28.12 -13.20
N GLY A 875 -38.82 27.86 -13.47
CA GLY A 875 -39.46 28.45 -14.63
C GLY A 875 -39.56 29.96 -14.55
N ARG A 876 -39.82 30.48 -13.35
CA ARG A 876 -39.98 31.92 -13.13
C ARG A 876 -38.67 32.62 -12.82
N HIS A 877 -37.54 31.95 -13.06
CA HIS A 877 -36.21 32.53 -12.83
C HIS A 877 -36.03 33.01 -11.39
N MET B 1 46.00 42.61 -22.14
CA MET B 1 45.01 41.62 -21.73
C MET B 1 44.13 42.18 -20.63
N LYS B 2 42.82 41.94 -20.72
CA LYS B 2 41.89 42.36 -19.69
C LYS B 2 40.77 41.33 -19.60
N ILE B 3 40.56 40.78 -18.41
CA ILE B 3 39.49 39.82 -18.19
C ILE B 3 38.19 40.59 -18.02
N LEU B 4 37.23 40.35 -18.92
CA LEU B 4 35.97 41.07 -18.94
C LEU B 4 34.88 40.39 -18.12
N LYS B 5 34.80 39.07 -18.19
CA LYS B 5 33.80 38.32 -17.45
C LYS B 5 34.34 36.93 -17.16
N LEU B 6 33.97 36.39 -16.00
CA LEU B 6 34.43 35.08 -15.55
C LEU B 6 33.24 34.29 -15.05
N GLN B 7 32.80 33.30 -15.82
CA GLN B 7 31.66 32.48 -15.46
C GLN B 7 32.11 31.04 -15.24
N THR B 8 31.43 30.37 -14.32
CA THR B 8 31.69 28.97 -14.00
C THR B 8 30.43 28.16 -14.27
N LEU B 9 30.61 26.98 -14.86
CA LEU B 9 29.52 26.09 -15.21
C LEU B 9 29.59 24.84 -14.33
N ARG B 10 28.44 24.39 -13.84
CA ARG B 10 28.39 23.25 -12.93
C ARG B 10 27.57 22.09 -13.46
N GLY B 11 26.88 22.25 -14.59
CA GLY B 11 26.13 21.17 -15.17
C GLY B 11 26.33 21.10 -16.67
N PRO B 12 25.50 20.31 -17.35
CA PRO B 12 25.55 20.29 -18.82
C PRO B 12 25.33 21.69 -19.37
N ASN B 13 26.11 22.04 -20.38
CA ASN B 13 26.18 23.43 -20.82
C ASN B 13 26.32 23.48 -22.33
N TYR B 14 26.43 24.71 -22.85
CA TYR B 14 26.55 24.92 -24.29
C TYR B 14 27.85 24.34 -24.83
N TRP B 15 28.93 24.45 -24.06
CA TRP B 15 30.24 24.04 -24.54
C TRP B 15 30.41 22.53 -24.60
N SER B 16 29.90 21.82 -23.60
CA SER B 16 30.08 20.38 -23.59
C SER B 16 28.96 19.73 -22.76
N ILE B 17 28.78 18.43 -22.99
CA ILE B 17 27.90 17.59 -22.20
C ILE B 17 28.72 16.43 -21.69
N HIS B 18 28.53 16.10 -20.41
CA HIS B 18 29.32 15.20 -19.57
C HIS B 18 30.59 15.88 -19.09
N ARG B 19 30.88 17.11 -19.53
CA ARG B 19 31.92 17.94 -18.93
C ARG B 19 31.20 19.06 -18.20
N HIS B 20 30.79 18.78 -16.96
CA HIS B 20 29.93 19.71 -16.23
C HIS B 20 30.73 20.84 -15.61
N LYS B 21 31.93 20.56 -15.12
CA LYS B 21 32.74 21.56 -14.42
C LYS B 21 33.61 22.28 -15.44
N LEU B 22 33.19 23.46 -15.85
CA LEU B 22 33.93 24.29 -16.78
C LEU B 22 33.92 25.73 -16.30
N VAL B 23 34.96 26.47 -16.67
CA VAL B 23 35.03 27.91 -16.43
C VAL B 23 35.31 28.59 -17.76
N VAL B 24 34.55 29.64 -18.06
CA VAL B 24 34.65 30.36 -19.31
C VAL B 24 34.90 31.84 -19.00
N MET B 25 35.86 32.44 -19.70
CA MET B 25 36.24 33.82 -19.48
C MET B 25 36.25 34.58 -20.79
N ARG B 26 35.76 35.82 -20.74
CA ARG B 26 35.80 36.72 -21.89
C ARG B 26 37.10 37.53 -21.80
N LEU B 27 38.06 37.19 -22.65
CA LEU B 27 39.40 37.75 -22.59
C LEU B 27 39.57 38.78 -23.70
N ASP B 28 40.00 39.98 -23.33
CA ASP B 28 40.18 41.08 -24.28
C ASP B 28 41.62 41.10 -24.76
N LEU B 29 41.81 40.96 -26.07
CA LEU B 29 43.14 41.02 -26.69
C LEU B 29 43.32 42.42 -27.28
N GLU B 30 43.61 43.38 -26.41
CA GLU B 30 43.66 44.77 -26.83
C GLU B 30 44.82 45.03 -27.79
N ASP B 31 45.98 44.42 -27.54
CA ASP B 31 47.16 44.68 -28.35
C ASP B 31 47.75 43.44 -29.00
N LEU B 32 47.57 42.26 -28.42
CA LEU B 32 48.06 41.02 -29.01
C LEU B 32 46.98 40.30 -29.80
N TYR B 33 46.09 41.05 -30.45
CA TYR B 33 44.95 40.44 -31.13
C TYR B 33 45.39 39.47 -32.21
N GLU B 34 46.28 39.89 -33.10
CA GLU B 34 46.70 39.07 -34.23
C GLU B 34 48.21 38.90 -34.23
N LYS B 35 48.78 38.64 -33.07
CA LYS B 35 50.21 38.39 -32.92
C LYS B 35 50.41 36.92 -32.56
N TYR B 36 51.04 36.19 -33.46
CA TYR B 36 51.30 34.77 -33.25
C TYR B 36 52.54 34.58 -32.38
N THR B 37 52.69 33.35 -31.87
CA THR B 37 53.83 33.06 -31.01
C THR B 37 55.14 33.20 -31.77
N SER B 38 55.17 32.85 -33.05
CA SER B 38 56.37 32.98 -33.86
C SER B 38 56.74 34.45 -34.09
N ASP B 39 55.79 35.36 -33.95
CA ASP B 39 56.03 36.78 -34.14
C ASP B 39 56.30 37.53 -32.84
N ILE B 40 56.33 36.82 -31.71
CA ILE B 40 56.65 37.41 -30.41
C ILE B 40 58.09 37.01 -30.07
N PRO B 41 58.99 37.97 -29.85
CA PRO B 41 60.41 37.63 -29.64
C PRO B 41 60.61 36.89 -28.33
N GLY B 42 61.20 35.69 -28.43
CA GLY B 42 61.53 34.93 -27.24
C GLY B 42 60.37 34.37 -26.47
N PHE B 43 59.19 34.30 -27.09
CA PHE B 43 58.02 33.76 -26.38
C PHE B 43 58.15 32.26 -26.15
N TYR B 44 58.53 31.52 -27.19
CA TYR B 44 58.54 30.07 -27.10
C TYR B 44 59.53 29.58 -26.05
N LYS B 45 60.76 30.12 -26.08
CA LYS B 45 61.78 29.67 -25.15
C LYS B 45 61.41 30.00 -23.71
N GLY B 46 60.92 31.21 -23.47
CA GLY B 46 60.49 31.57 -22.13
C GLY B 46 59.34 30.72 -21.63
N LEU B 47 58.36 30.45 -22.50
CA LEU B 47 57.24 29.63 -22.11
C LEU B 47 57.68 28.19 -21.80
N THR B 48 58.57 27.64 -22.62
CA THR B 48 58.99 26.25 -22.42
C THR B 48 59.98 26.10 -21.28
N GLU B 49 60.66 27.17 -20.86
CA GLU B 49 61.48 27.07 -19.66
C GLU B 49 60.68 27.36 -18.39
N VAL B 50 59.64 28.18 -18.48
CA VAL B 50 58.76 28.39 -17.33
C VAL B 50 57.96 27.13 -17.03
N LEU B 51 57.39 26.51 -18.07
CA LEU B 51 56.57 25.31 -17.90
C LEU B 51 57.04 24.23 -18.85
N PRO B 52 58.09 23.49 -18.49
CA PRO B 52 58.53 22.38 -19.35
C PRO B 52 57.51 21.26 -19.47
N SER B 53 56.54 21.20 -18.56
CA SER B 53 55.56 20.13 -18.58
C SER B 53 54.61 20.22 -19.78
N LEU B 54 54.64 21.33 -20.52
CA LEU B 54 53.77 21.48 -21.68
C LEU B 54 54.08 20.46 -22.77
N VAL B 55 55.24 19.82 -22.71
CA VAL B 55 55.61 18.83 -23.73
C VAL B 55 54.67 17.63 -23.71
N GLU B 56 53.93 17.44 -22.62
CA GLU B 56 52.99 16.34 -22.49
C GLU B 56 51.64 16.66 -23.15
N HIS B 57 51.43 17.89 -23.61
CA HIS B 57 50.14 18.30 -24.18
C HIS B 57 50.00 17.73 -25.58
N LEU B 58 49.16 16.70 -25.73
CA LEU B 58 48.82 16.16 -27.04
C LEU B 58 47.72 17.02 -27.65
N CYS B 59 48.15 18.06 -28.35
CA CYS B 59 47.22 19.00 -28.97
C CYS B 59 46.69 18.46 -30.30
N SER B 60 46.08 19.32 -31.10
CA SER B 60 45.49 18.98 -32.40
C SER B 60 46.41 18.14 -33.29
N PRO B 61 47.74 18.29 -33.23
CA PRO B 61 48.59 17.29 -33.91
C PRO B 61 48.34 15.87 -33.42
N GLY B 62 47.99 15.69 -32.15
CA GLY B 62 47.70 14.36 -31.63
C GLY B 62 48.93 13.55 -31.24
N VAL B 63 50.11 14.15 -31.25
CA VAL B 63 51.35 13.46 -30.95
C VAL B 63 52.04 14.19 -29.81
N LYS B 64 52.87 13.47 -29.06
CA LYS B 64 53.65 14.01 -27.96
C LYS B 64 54.38 15.28 -28.38
N GLY B 65 54.13 16.37 -27.65
CA GLY B 65 54.71 17.65 -27.98
C GLY B 65 54.04 18.39 -29.10
N GLY B 66 52.83 17.98 -29.50
CA GLY B 66 52.16 18.63 -30.62
C GLY B 66 51.85 20.09 -30.35
N PHE B 67 51.50 20.41 -29.10
CA PHE B 67 51.23 21.81 -28.75
C PHE B 67 52.49 22.66 -28.91
N LEU B 68 53.65 22.08 -28.61
CA LEU B 68 54.90 22.81 -28.80
C LEU B 68 55.13 23.12 -30.28
N THR B 69 54.85 22.16 -31.16
CA THR B 69 54.94 22.43 -32.59
C THR B 69 53.94 23.50 -33.02
N ARG B 70 52.74 23.46 -32.44
CA ARG B 70 51.74 24.48 -32.75
C ARG B 70 52.24 25.88 -32.35
N VAL B 71 52.89 25.97 -31.20
CA VAL B 71 53.51 27.24 -30.79
C VAL B 71 54.62 27.62 -31.75
N GLU B 72 55.38 26.63 -32.22
CA GLU B 72 56.46 26.89 -33.17
C GLU B 72 55.93 27.54 -34.45
N LYS B 73 54.87 26.96 -35.02
CA LYS B 73 54.32 27.48 -36.27
C LYS B 73 53.64 28.83 -36.11
N GLY B 74 53.42 29.29 -34.88
CA GLY B 74 52.72 30.54 -34.66
C GLY B 74 51.25 30.32 -34.35
N THR B 75 50.84 30.67 -33.13
CA THR B 75 49.48 30.40 -32.67
C THR B 75 48.97 31.62 -31.92
N LEU B 76 47.65 31.78 -31.92
CA LEU B 76 47.03 32.86 -31.15
C LEU B 76 47.25 32.63 -29.65
N ILE B 77 47.33 33.73 -28.91
CA ILE B 77 47.64 33.66 -27.49
C ILE B 77 46.54 33.03 -26.65
N GLY B 78 45.30 33.03 -27.13
CA GLY B 78 44.24 32.37 -26.38
C GLY B 78 44.47 30.88 -26.23
N HIS B 79 44.96 30.25 -27.29
CA HIS B 79 45.24 28.82 -27.25
C HIS B 79 46.31 28.49 -26.21
N VAL B 80 47.41 29.24 -26.22
CA VAL B 80 48.47 28.99 -25.24
C VAL B 80 48.00 29.36 -23.84
N ILE B 81 47.11 30.35 -23.72
CA ILE B 81 46.58 30.70 -22.41
C ILE B 81 45.75 29.55 -21.84
N GLU B 82 44.88 28.96 -22.66
CA GLU B 82 44.09 27.83 -22.18
C GLU B 82 45.00 26.67 -21.83
N HIS B 83 46.04 26.42 -22.63
CA HIS B 83 46.93 25.30 -22.35
C HIS B 83 47.71 25.52 -21.07
N VAL B 84 48.19 26.74 -20.83
CA VAL B 84 48.95 27.00 -19.61
C VAL B 84 48.03 26.97 -18.40
N ALA B 85 46.76 27.36 -18.56
CA ALA B 85 45.82 27.20 -17.44
C ALA B 85 45.60 25.73 -17.11
N ILE B 86 45.40 24.90 -18.13
CA ILE B 86 45.26 23.46 -17.90
C ILE B 86 46.48 22.91 -17.19
N GLU B 87 47.67 23.25 -17.68
CA GLU B 87 48.89 22.71 -17.07
C GLU B 87 49.12 23.28 -15.68
N LEU B 88 48.75 24.54 -15.45
CA LEU B 88 48.94 25.16 -14.15
C LEU B 88 48.09 24.49 -13.09
N GLN B 89 46.82 24.19 -13.41
CA GLN B 89 46.03 23.48 -12.43
C GLN B 89 46.28 21.97 -12.45
N GLU B 90 46.96 21.46 -13.48
CA GLU B 90 47.38 20.06 -13.47
C GLU B 90 48.60 19.84 -12.58
N LEU B 91 49.52 20.79 -12.54
CA LEU B 91 50.72 20.63 -11.72
C LEU B 91 50.38 20.57 -10.23
N ALA B 92 49.26 21.17 -9.83
CA ALA B 92 48.81 21.13 -8.45
C ALA B 92 48.10 19.84 -8.10
N GLY B 93 48.12 18.85 -8.98
CA GLY B 93 47.50 17.56 -8.71
C GLY B 93 46.07 17.41 -9.14
N MET B 94 45.55 18.33 -9.95
CA MET B 94 44.16 18.25 -10.41
C MET B 94 44.14 17.93 -11.90
N PRO B 95 43.84 16.69 -12.29
CA PRO B 95 43.86 16.31 -13.71
C PRO B 95 42.65 16.87 -14.45
N VAL B 96 42.92 17.71 -15.45
CA VAL B 96 41.89 18.28 -16.30
C VAL B 96 42.35 18.15 -17.75
N GLY B 97 41.42 17.85 -18.64
CA GLY B 97 41.78 17.62 -20.03
C GLY B 97 40.83 18.19 -21.07
N PHE B 98 40.15 19.29 -20.76
CA PHE B 98 39.23 19.92 -21.69
C PHE B 98 39.58 21.40 -21.82
N GLY B 99 39.56 21.90 -23.05
CA GLY B 99 39.85 23.30 -23.31
C GLY B 99 39.41 23.74 -24.69
N ARG B 100 38.79 24.91 -24.78
CA ARG B 100 38.31 25.44 -26.05
C ARG B 100 38.56 26.94 -26.11
N THR B 101 38.72 27.45 -27.33
CA THR B 101 38.90 28.87 -27.58
C THR B 101 38.13 29.24 -28.84
N ARG B 102 37.30 30.28 -28.74
CA ARG B 102 36.47 30.71 -29.86
C ARG B 102 36.53 32.22 -29.99
N GLU B 103 36.38 32.70 -31.22
CA GLU B 103 36.33 34.12 -31.50
C GLU B 103 34.90 34.62 -31.37
N THR B 104 34.72 35.67 -30.57
CA THR B 104 33.39 36.22 -30.35
C THR B 104 32.98 37.14 -31.50
N SER B 105 31.72 37.57 -31.47
CA SER B 105 31.21 38.46 -32.51
C SER B 105 31.93 39.81 -32.47
N THR B 106 32.15 40.36 -31.29
CA THR B 106 32.92 41.59 -31.18
C THR B 106 34.37 41.35 -31.57
N THR B 107 35.06 42.44 -31.88
CA THR B 107 36.36 42.31 -32.54
C THR B 107 37.41 41.70 -31.62
N GLY B 108 37.77 42.38 -30.53
CA GLY B 108 38.95 42.04 -29.77
C GLY B 108 38.79 41.07 -28.63
N VAL B 109 37.63 40.44 -28.46
CA VAL B 109 37.37 39.60 -27.31
C VAL B 109 37.33 38.14 -27.74
N PHE B 110 38.05 37.29 -26.99
CA PHE B 110 38.02 35.85 -27.16
C PHE B 110 37.26 35.20 -26.01
N GLN B 111 36.86 33.96 -26.22
CA GLN B 111 36.22 33.15 -25.18
C GLN B 111 37.08 31.93 -24.93
N VAL B 112 37.52 31.76 -23.69
CA VAL B 112 38.41 30.67 -23.31
C VAL B 112 37.68 29.78 -22.31
N VAL B 113 37.59 28.49 -22.63
CA VAL B 113 36.88 27.52 -21.81
C VAL B 113 37.91 26.57 -21.21
N ILE B 114 37.91 26.45 -19.89
CA ILE B 114 38.88 25.66 -19.16
C ILE B 114 38.15 24.70 -18.24
N GLU B 115 38.50 23.43 -18.31
CA GLU B 115 37.96 22.45 -17.37
C GLU B 115 38.60 22.63 -16.00
N TYR B 116 37.82 22.44 -14.95
CA TYR B 116 38.31 22.56 -13.58
C TYR B 116 37.84 21.38 -12.76
N GLU B 117 38.59 21.11 -11.70
CA GLU B 117 38.18 20.16 -10.66
C GLU B 117 37.65 20.85 -9.42
N ASN B 118 38.21 22.00 -9.06
CA ASN B 118 37.73 22.83 -7.97
C ASN B 118 37.37 24.20 -8.53
N GLU B 119 36.24 24.73 -8.09
CA GLU B 119 35.74 25.99 -8.65
C GLU B 119 36.72 27.14 -8.38
N GLN B 120 37.11 27.32 -7.12
CA GLN B 120 38.05 28.38 -6.79
C GLN B 120 39.40 28.15 -7.45
N ALA B 121 39.86 26.90 -7.44
CA ALA B 121 41.13 26.57 -8.09
C ALA B 121 41.07 26.84 -9.58
N GLY B 122 39.96 26.48 -10.23
CA GLY B 122 39.84 26.74 -11.65
C GLY B 122 39.82 28.22 -11.98
N ARG B 123 39.07 29.00 -11.20
CA ARG B 123 39.05 30.45 -11.40
C ARG B 123 40.42 31.06 -11.18
N TYR B 124 41.14 30.60 -10.15
CA TYR B 124 42.48 31.11 -9.88
C TYR B 124 43.44 30.76 -11.02
N ALA B 125 43.34 29.53 -11.54
CA ALA B 125 44.20 29.15 -12.66
C ALA B 125 43.90 29.99 -13.89
N ALA B 126 42.62 30.25 -14.17
CA ALA B 126 42.26 31.09 -15.29
C ALA B 126 42.81 32.50 -15.12
N ARG B 127 42.70 33.06 -13.91
CA ARG B 127 43.22 34.40 -13.66
C ARG B 127 44.74 34.43 -13.76
N ALA B 128 45.43 33.38 -13.31
CA ALA B 128 46.89 33.38 -13.30
C ALA B 128 47.47 33.12 -14.69
N ALA B 129 46.75 32.41 -15.56
CA ALA B 129 47.29 32.11 -16.88
C ALA B 129 47.53 33.38 -17.69
N VAL B 130 46.58 34.32 -17.65
CA VAL B 130 46.75 35.56 -18.42
C VAL B 130 47.89 36.40 -17.84
N ARG B 131 48.03 36.42 -16.52
CA ARG B 131 49.14 37.14 -15.92
C ARG B 131 50.48 36.53 -16.32
N LEU B 132 50.57 35.20 -16.31
CA LEU B 132 51.79 34.53 -16.72
C LEU B 132 52.13 34.85 -18.17
N CYS B 133 51.12 34.79 -19.06
CA CYS B 133 51.39 35.06 -20.46
C CYS B 133 51.77 36.52 -20.69
N GLN B 134 51.13 37.44 -19.97
CA GLN B 134 51.49 38.85 -20.10
C GLN B 134 52.91 39.10 -19.62
N SER B 135 53.30 38.47 -18.50
CA SER B 135 54.67 38.60 -18.03
C SER B 135 55.65 38.03 -19.04
N ILE B 136 55.30 36.91 -19.67
CA ILE B 136 56.19 36.33 -20.67
C ILE B 136 56.34 37.26 -21.87
N VAL B 137 55.24 37.83 -22.36
CA VAL B 137 55.35 38.69 -23.53
C VAL B 137 56.06 40.00 -23.17
N ASP B 138 55.97 40.44 -21.91
CA ASP B 138 56.59 41.71 -21.55
C ASP B 138 58.07 41.57 -21.24
N THR B 139 58.46 40.49 -20.57
CA THR B 139 59.83 40.33 -20.10
C THR B 139 60.54 39.12 -20.67
N GLY B 140 59.85 38.22 -21.36
CA GLY B 140 60.46 37.03 -21.90
C GLY B 140 60.49 35.84 -20.96
N THR B 141 60.11 36.03 -19.69
CA THR B 141 60.13 34.95 -18.73
C THR B 141 59.22 35.30 -17.56
N TYR B 142 58.86 34.28 -16.78
CA TYR B 142 58.10 34.43 -15.56
C TYR B 142 58.95 34.03 -14.37
N PRO B 143 58.99 34.83 -13.31
CA PRO B 143 59.81 34.47 -12.15
C PRO B 143 59.39 33.13 -11.55
N ALA B 144 60.39 32.35 -11.12
CA ALA B 144 60.09 31.07 -10.51
C ALA B 144 59.42 31.23 -9.16
N THR B 145 59.72 32.31 -8.44
CA THR B 145 59.07 32.55 -7.15
C THR B 145 57.57 32.77 -7.33
N GLU B 146 57.18 33.51 -8.36
CA GLU B 146 55.75 33.70 -8.61
C GLU B 146 55.09 32.40 -9.04
N LEU B 147 55.79 31.58 -9.84
CA LEU B 147 55.25 30.30 -10.25
C LEU B 147 55.00 29.40 -9.05
N GLN B 148 55.99 29.31 -8.15
CA GLN B 148 55.82 28.45 -6.98
C GLN B 148 54.77 29.00 -6.03
N GLN B 149 54.67 30.33 -5.93
CA GLN B 149 53.61 30.93 -5.11
C GLN B 149 52.24 30.57 -5.66
N ASP B 150 52.06 30.67 -6.99
CA ASP B 150 50.79 30.32 -7.58
C ASP B 150 50.49 28.82 -7.43
N LEU B 151 51.50 27.98 -7.57
CA LEU B 151 51.30 26.54 -7.39
C LEU B 151 50.90 26.22 -5.95
N GLU B 152 51.54 26.86 -4.98
CA GLU B 152 51.17 26.65 -3.59
C GLU B 152 49.76 27.14 -3.30
N ASP B 153 49.38 28.28 -3.89
CA ASP B 153 48.02 28.78 -3.73
C ASP B 153 47.01 27.81 -4.31
N LEU B 154 47.31 27.24 -5.49
CA LEU B 154 46.41 26.26 -6.09
C LEU B 154 46.30 25.01 -5.23
N LYS B 155 47.43 24.54 -4.68
CA LYS B 155 47.39 23.37 -3.80
C LYS B 155 46.58 23.66 -2.55
N GLU B 156 46.72 24.86 -1.99
CA GLU B 156 45.94 25.23 -0.82
C GLU B 156 44.46 25.29 -1.14
N LEU B 157 44.10 25.82 -2.32
CA LEU B 157 42.71 25.85 -2.73
C LEU B 157 42.16 24.44 -2.92
N LYS B 158 42.96 23.54 -3.49
CA LYS B 158 42.52 22.16 -3.65
C LYS B 158 42.30 21.49 -2.30
N ASN B 159 43.21 21.71 -1.36
CA ASN B 159 43.06 21.13 -0.03
C ASN B 159 41.86 21.70 0.70
N GLN B 160 41.62 23.01 0.55
CA GLN B 160 40.54 23.65 1.29
C GLN B 160 39.18 23.14 0.86
N ALA B 161 38.94 23.05 -0.44
CA ALA B 161 37.68 22.56 -0.97
C ALA B 161 37.76 21.08 -1.29
N SER B 162 38.03 20.30 -0.25
CA SER B 162 38.15 18.85 -0.37
C SER B 162 37.37 18.17 0.75
N LEU B 163 36.61 17.15 0.39
CA LEU B 163 35.93 16.33 1.39
C LEU B 163 36.92 15.38 2.04
N GLY B 164 36.49 14.78 3.14
CA GLY B 164 37.29 13.78 3.81
C GLY B 164 37.25 12.45 3.10
N PRO B 165 38.20 11.57 3.39
CA PRO B 165 38.22 10.25 2.74
C PRO B 165 36.95 9.45 2.92
N SER B 166 36.29 9.54 4.08
CA SER B 166 35.02 8.85 4.27
C SER B 166 33.95 9.43 3.35
N THR B 167 33.79 10.76 3.38
CA THR B 167 32.84 11.40 2.49
C THR B 167 33.23 11.21 1.03
N GLU B 168 34.53 11.26 0.73
CA GLU B 168 34.97 11.03 -0.63
C GLU B 168 34.59 9.63 -1.12
N ALA B 169 34.81 8.62 -0.29
CA ALA B 169 34.48 7.25 -0.68
C ALA B 169 32.99 7.08 -0.88
N ILE B 170 32.19 7.64 0.04
CA ILE B 170 30.73 7.52 -0.11
C ILE B 170 30.26 8.23 -1.36
N VAL B 171 30.82 9.40 -1.66
CA VAL B 171 30.43 10.14 -2.85
C VAL B 171 30.85 9.38 -4.11
N LYS B 172 32.03 8.77 -4.10
CA LYS B 172 32.46 7.97 -5.24
C LYS B 172 31.52 6.78 -5.48
N GLU B 173 31.11 6.11 -4.40
CA GLU B 173 30.16 5.02 -4.56
C GLU B 173 28.82 5.51 -5.11
N ALA B 174 28.35 6.65 -4.61
CA ALA B 174 27.10 7.22 -5.12
C ALA B 174 27.21 7.55 -6.60
N GLU B 175 28.33 8.14 -7.02
CA GLU B 175 28.54 8.43 -8.43
C GLU B 175 28.59 7.17 -9.26
N ALA B 176 29.22 6.12 -8.74
CA ALA B 176 29.27 4.84 -9.43
C ALA B 176 27.87 4.26 -9.61
N ARG B 177 26.99 4.44 -8.63
CA ARG B 177 25.62 3.95 -8.73
C ARG B 177 24.70 4.92 -9.43
N GLY B 178 25.19 6.06 -9.89
CA GLY B 178 24.35 7.01 -10.60
C GLY B 178 23.37 7.77 -9.73
N ILE B 179 23.64 7.86 -8.43
CA ILE B 179 22.78 8.57 -7.49
C ILE B 179 23.25 10.02 -7.43
N PRO B 180 22.41 11.00 -7.71
CA PRO B 180 22.86 12.40 -7.66
C PRO B 180 23.25 12.80 -6.25
N TRP B 181 24.25 13.67 -6.16
CA TRP B 181 24.72 14.17 -4.88
C TRP B 181 25.05 15.64 -5.00
N THR B 182 24.72 16.40 -3.95
CA THR B 182 25.02 17.82 -3.89
C THR B 182 25.55 18.15 -2.51
N GLN B 183 26.29 19.25 -2.42
CA GLN B 183 26.90 19.69 -1.17
C GLN B 183 26.03 20.78 -0.55
N LEU B 184 25.53 20.52 0.65
CA LEU B 184 24.78 21.52 1.39
C LEU B 184 25.75 22.55 1.98
N GLY B 185 25.23 23.76 2.20
CA GLY B 185 26.06 24.85 2.63
C GLY B 185 26.12 25.12 4.12
N ALA B 186 25.58 24.24 4.96
CA ALA B 186 25.52 24.49 6.40
C ALA B 186 26.68 23.87 7.17
N ARG B 187 26.79 22.55 7.16
CA ARG B 187 27.71 21.85 8.04
C ARG B 187 28.41 20.72 7.32
N PHE B 188 28.86 20.97 6.09
CA PHE B 188 29.55 19.98 5.28
C PHE B 188 28.70 18.72 5.09
N MET B 189 27.39 18.93 4.95
CA MET B 189 26.45 17.83 4.73
C MET B 189 26.29 17.59 3.24
N ILE B 190 26.23 16.30 2.87
CA ILE B 190 26.04 15.88 1.48
C ILE B 190 24.64 15.32 1.34
N GLN B 191 23.90 15.81 0.36
CA GLN B 191 22.56 15.34 0.09
C GLN B 191 22.57 14.42 -1.13
N PHE B 192 22.04 13.22 -0.96
CA PHE B 192 21.94 12.24 -2.03
C PHE B 192 20.50 12.16 -2.51
N GLY B 193 20.31 12.19 -3.82
CA GLY B 193 18.99 12.08 -4.39
C GLY B 193 18.25 13.40 -4.42
N TYR B 194 16.98 13.30 -4.80
CA TYR B 194 16.12 14.46 -4.99
C TYR B 194 14.79 14.27 -4.26
N GLY B 195 14.23 15.39 -3.80
CA GLY B 195 12.86 15.39 -3.33
C GLY B 195 12.62 14.47 -2.15
N VAL B 196 11.50 13.75 -2.20
CA VAL B 196 11.12 12.85 -1.12
C VAL B 196 12.02 11.64 -0.99
N ASN B 197 12.85 11.37 -1.99
CA ASN B 197 13.74 10.21 -1.99
C ASN B 197 15.16 10.57 -1.56
N GLN B 198 15.35 11.71 -0.92
CA GLN B 198 16.69 12.19 -0.60
C GLN B 198 17.17 11.63 0.73
N LYS B 199 18.49 11.54 0.86
CA LYS B 199 19.17 11.17 2.10
C LYS B 199 20.31 12.14 2.34
N LYS B 200 20.73 12.23 3.60
CA LYS B 200 21.81 13.13 3.98
C LYS B 200 22.85 12.39 4.81
N ILE B 201 24.12 12.72 4.58
CA ILE B 201 25.22 12.23 5.40
C ILE B 201 26.12 13.42 5.71
N GLN B 202 26.82 13.34 6.84
CA GLN B 202 27.80 14.38 7.14
C GLN B 202 29.21 13.91 6.83
N ALA B 203 29.69 12.92 7.60
CA ALA B 203 30.86 12.14 7.22
C ALA B 203 30.54 10.66 7.19
N THR B 204 30.01 10.13 8.28
CA THR B 204 29.51 8.76 8.36
C THR B 204 28.11 8.69 8.96
N LEU B 205 27.73 9.64 9.80
CA LEU B 205 26.35 9.72 10.27
C LEU B 205 25.42 10.02 9.11
N SER B 206 24.30 9.32 9.07
CA SER B 206 23.25 9.58 8.11
C SER B 206 22.14 10.38 8.76
N ASN B 207 21.18 10.82 7.94
CA ASN B 207 20.03 11.54 8.47
C ASN B 207 19.13 10.67 9.33
N GLN B 208 19.31 9.36 9.29
CA GLN B 208 18.55 8.43 10.12
C GLN B 208 19.29 7.97 11.36
N THR B 209 20.49 8.49 11.60
CA THR B 209 21.22 8.15 12.82
C THR B 209 20.62 8.90 13.99
N GLY B 210 20.32 8.17 15.06
CA GLY B 210 19.60 8.75 16.18
C GLY B 210 20.48 9.58 17.10
N ILE B 211 19.89 10.65 17.61
CA ILE B 211 20.57 11.46 18.63
C ILE B 211 20.79 10.65 19.90
N LEU B 212 19.79 9.87 20.31
CA LEU B 212 19.90 9.11 21.54
C LEU B 212 21.01 8.06 21.45
N GLY B 213 21.10 7.37 20.32
CA GLY B 213 22.15 6.37 20.16
C GLY B 213 23.54 6.97 20.18
N VAL B 214 23.72 8.09 19.48
CA VAL B 214 25.04 8.75 19.46
C VAL B 214 25.42 9.22 20.85
N GLU B 215 24.48 9.86 21.55
CA GLU B 215 24.77 10.37 22.88
C GLU B 215 25.05 9.23 23.86
N LEU B 216 24.33 8.12 23.74
CA LEU B 216 24.61 6.96 24.59
C LEU B 216 25.98 6.37 24.28
N ALA B 217 26.35 6.31 23.00
CA ALA B 217 27.66 5.79 22.64
C ALA B 217 28.77 6.67 23.19
N CYS B 218 28.58 7.99 23.16
CA CYS B 218 29.58 8.89 23.72
C CYS B 218 29.75 8.73 25.22
N ASP B 219 28.74 8.22 25.93
CA ASP B 219 28.81 8.02 27.36
C ASP B 219 29.36 6.62 27.63
N LYS B 220 30.58 6.56 28.16
CA LYS B 220 31.28 5.27 28.43
C LYS B 220 30.56 4.46 29.51
N GLU B 221 30.18 5.10 30.62
CA GLU B 221 29.54 4.38 31.72
C GLU B 221 28.11 4.00 31.39
N GLY B 222 27.38 4.89 30.72
CA GLY B 222 26.02 4.55 30.31
C GLY B 222 25.99 3.41 29.32
N THR B 223 26.91 3.41 28.35
CA THR B 223 26.99 2.31 27.41
C THR B 223 27.33 1.00 28.11
N LYS B 224 28.27 1.04 29.05
CA LYS B 224 28.63 -0.16 29.79
C LYS B 224 27.44 -0.69 30.59
N ARG B 225 26.70 0.20 31.23
CA ARG B 225 25.53 -0.22 32.01
C ARG B 225 24.47 -0.83 31.11
N ILE B 226 24.20 -0.19 29.97
CA ILE B 226 23.18 -0.71 29.06
C ILE B 226 23.58 -2.07 28.52
N LEU B 227 24.84 -2.23 28.13
CA LEU B 227 25.28 -3.51 27.58
C LEU B 227 25.30 -4.60 28.64
N LYS B 228 25.68 -4.25 29.87
CA LYS B 228 25.64 -5.22 30.96
C LYS B 228 24.22 -5.66 31.26
N ASP B 229 23.26 -4.72 31.22
CA ASP B 229 21.87 -5.08 31.42
C ASP B 229 21.35 -6.01 30.33
N ALA B 230 21.97 -6.00 29.16
CA ALA B 230 21.57 -6.86 28.05
C ALA B 230 22.38 -8.16 27.98
N GLY B 231 23.26 -8.41 28.95
CA GLY B 231 24.06 -9.61 28.95
C GLY B 231 25.32 -9.55 28.11
N VAL B 232 25.64 -8.39 27.54
CA VAL B 232 26.86 -8.26 26.75
C VAL B 232 28.07 -8.28 27.68
N PRO B 233 29.13 -9.03 27.37
CA PRO B 233 30.28 -9.09 28.28
C PRO B 233 31.15 -7.84 28.25
N VAL B 234 30.77 -6.83 29.03
CA VAL B 234 31.56 -5.60 29.14
C VAL B 234 32.59 -5.79 30.25
N PRO B 235 33.69 -5.03 30.24
CA PRO B 235 34.68 -5.18 31.31
C PRO B 235 34.14 -4.77 32.66
N ARG B 236 34.62 -5.45 33.69
CA ARG B 236 34.21 -5.18 35.07
C ARG B 236 35.02 -4.00 35.58
N GLY B 237 34.35 -2.89 35.89
CA GLY B 237 35.03 -1.66 36.25
C GLY B 237 34.20 -0.80 37.19
N THR B 238 34.82 0.30 37.60
CA THR B 238 34.21 1.25 38.54
C THR B 238 34.78 2.63 38.24
N VAL B 239 34.06 3.65 38.68
CA VAL B 239 34.49 5.03 38.54
C VAL B 239 35.07 5.49 39.88
N ALA B 240 35.97 6.47 39.80
CA ALA B 240 36.60 7.02 40.99
C ALA B 240 36.99 8.47 40.73
N ARG B 241 36.84 9.31 41.75
CA ARG B 241 37.21 10.72 41.64
C ARG B 241 38.17 11.19 42.74
N TYR B 242 38.33 10.45 43.83
CA TYR B 242 39.23 10.82 44.91
C TYR B 242 40.27 9.74 45.12
N PHE B 243 41.37 10.13 45.77
CA PHE B 243 42.50 9.21 45.94
C PHE B 243 42.13 8.02 46.80
N ASP B 244 41.35 8.24 47.86
CA ASP B 244 41.04 7.17 48.81
C ASP B 244 40.15 6.09 48.20
N GLU B 245 39.47 6.39 47.09
CA GLU B 245 38.58 5.39 46.49
C GLU B 245 39.35 4.41 45.61
N LEU B 246 40.63 4.68 45.34
CA LEU B 246 41.41 3.81 44.47
C LEU B 246 41.50 2.40 45.03
N GLN B 247 41.76 2.30 46.34
CA GLN B 247 42.01 0.99 46.94
C GLN B 247 40.76 0.12 46.91
N ASP B 248 39.62 0.67 47.30
CA ASP B 248 38.41 -0.15 47.33
C ASP B 248 37.87 -0.40 45.92
N ALA B 249 38.15 0.51 44.98
CA ALA B 249 37.83 0.21 43.59
C ALA B 249 38.65 -0.98 43.08
N ILE B 250 39.95 -0.98 43.37
CA ILE B 250 40.80 -2.09 42.96
C ILE B 250 40.35 -3.39 43.62
N GLU B 251 39.90 -3.32 44.87
CA GLU B 251 39.33 -4.50 45.49
C GLU B 251 38.06 -4.95 44.75
N TYR B 252 37.22 -4.01 44.33
CA TYR B 252 35.98 -4.37 43.66
C TYR B 252 36.23 -5.04 42.32
N VAL B 253 37.18 -4.53 41.53
CA VAL B 253 37.39 -5.07 40.19
C VAL B 253 37.84 -6.53 40.21
N GLY B 254 38.44 -6.98 41.32
CA GLY B 254 38.80 -8.38 41.44
C GLY B 254 40.28 -8.66 41.51
N GLY B 255 41.08 -7.65 41.84
CA GLY B 255 42.50 -7.85 42.00
C GLY B 255 43.36 -7.12 40.98
N TYR B 256 44.32 -7.82 40.40
CA TYR B 256 45.25 -7.27 39.44
C TYR B 256 45.36 -8.20 38.24
N PRO B 257 45.71 -7.66 37.06
CA PRO B 257 45.99 -6.25 36.73
C PRO B 257 44.73 -5.44 36.46
N ILE B 258 44.86 -4.11 36.42
CA ILE B 258 43.74 -3.20 36.22
C ILE B 258 44.13 -2.18 35.16
N VAL B 259 43.13 -1.40 34.73
CA VAL B 259 43.30 -0.34 33.75
C VAL B 259 42.79 0.96 34.34
N ILE B 260 43.55 2.03 34.17
CA ILE B 260 43.17 3.38 34.63
C ILE B 260 43.06 4.27 33.40
N LYS B 261 41.87 4.85 33.21
CA LYS B 261 41.59 5.70 32.07
C LYS B 261 40.69 6.84 32.50
N PRO B 262 40.74 7.97 31.80
CA PRO B 262 39.83 9.07 32.10
C PRO B 262 38.47 8.91 31.44
N LEU B 263 37.48 9.61 31.99
CA LEU B 263 36.13 9.55 31.43
C LEU B 263 36.08 10.20 30.06
N ASP B 264 36.62 11.41 29.93
CA ASP B 264 36.58 12.17 28.70
C ASP B 264 37.99 12.56 28.28
N GLY B 265 38.36 12.22 27.05
CA GLY B 265 39.67 12.55 26.53
C GLY B 265 39.73 12.22 25.05
N ASN B 266 40.84 12.62 24.43
CA ASN B 266 41.05 12.41 23.01
C ASN B 266 42.41 11.80 22.76
N HIS B 267 42.48 10.91 21.78
CA HIS B 267 43.72 10.25 21.37
C HIS B 267 44.38 9.50 22.52
N GLY B 268 43.58 8.97 23.43
CA GLY B 268 44.10 8.20 24.56
C GLY B 268 44.96 9.00 25.50
N ARG B 269 44.50 10.19 25.88
CA ARG B 269 45.26 11.03 26.80
C ARG B 269 45.22 10.44 28.20
N GLY B 270 46.39 10.11 28.74
CA GLY B 270 46.50 9.62 30.10
C GLY B 270 45.82 8.29 30.35
N ILE B 271 45.93 7.35 29.43
CA ILE B 271 45.37 6.01 29.59
C ILE B 271 46.54 5.04 29.74
N THR B 272 46.61 4.38 30.90
CA THR B 272 47.58 3.32 31.09
C THR B 272 46.93 1.96 30.89
N ILE B 273 47.64 1.09 30.18
CA ILE B 273 47.08 -0.19 29.75
C ILE B 273 47.22 -1.26 30.82
N ASP B 274 48.42 -1.46 31.35
CA ASP B 274 48.67 -2.56 32.27
C ASP B 274 49.47 -2.05 33.46
N VAL B 275 48.89 -2.18 34.65
CA VAL B 275 49.58 -1.91 35.90
C VAL B 275 49.32 -3.09 36.84
N LYS B 276 50.33 -3.43 37.65
CA LYS B 276 50.25 -4.62 38.49
C LYS B 276 50.59 -4.37 39.96
N ASN B 277 50.84 -3.13 40.37
CA ASN B 277 51.16 -2.86 41.76
C ASN B 277 50.62 -1.48 42.12
N TRP B 278 51.08 -0.95 43.25
CA TRP B 278 50.44 0.21 43.85
C TRP B 278 50.93 1.53 43.25
N GLN B 279 52.25 1.77 43.30
CA GLN B 279 52.78 3.08 42.95
C GLN B 279 52.49 3.45 41.50
N GLU B 280 52.61 2.48 40.59
CA GLU B 280 52.27 2.74 39.20
C GLU B 280 50.79 3.06 39.05
N ALA B 281 49.94 2.40 39.85
CA ALA B 281 48.52 2.72 39.84
C ALA B 281 48.28 4.14 40.31
N GLU B 282 48.99 4.58 41.35
CA GLU B 282 48.83 5.94 41.85
C GLU B 282 49.25 6.95 40.80
N GLU B 283 50.39 6.71 40.14
CA GLU B 283 50.86 7.64 39.12
C GLU B 283 49.93 7.66 37.92
N ALA B 284 49.40 6.51 37.51
CA ALA B 284 48.43 6.46 36.43
C ALA B 284 47.16 7.20 36.79
N TYR B 285 46.70 7.04 38.04
CA TYR B 285 45.51 7.76 38.48
C TYR B 285 45.74 9.26 38.44
N ASP B 286 46.91 9.72 38.89
CA ASP B 286 47.21 11.14 38.82
C ASP B 286 47.25 11.63 37.38
N LEU B 287 47.87 10.86 36.48
CA LEU B 287 47.97 11.27 35.08
C LEU B 287 46.60 11.35 34.43
N ALA B 288 45.75 10.34 34.67
CA ALA B 288 44.41 10.37 34.08
C ALA B 288 43.55 11.45 34.69
N ARG B 289 43.71 11.71 36.00
CA ARG B 289 42.95 12.76 36.66
C ARG B 289 43.32 14.13 36.11
N LYS B 290 44.60 14.36 35.85
CA LYS B 290 45.02 15.61 35.22
C LYS B 290 44.78 15.62 33.71
N ALA B 291 44.48 14.47 33.11
CA ALA B 291 44.14 14.41 31.70
C ALA B 291 42.64 14.49 31.45
N SER B 292 41.83 14.07 32.41
CA SER B 292 40.39 14.14 32.27
C SER B 292 39.90 15.58 32.40
N LYS B 293 38.88 15.91 31.60
CA LYS B 293 38.27 17.23 31.66
C LYS B 293 37.29 17.39 32.82
N THR B 294 36.99 16.31 33.53
CA THR B 294 36.03 16.36 34.63
C THR B 294 36.59 15.76 35.92
N LYS B 295 37.92 15.58 36.00
CA LYS B 295 38.60 15.20 37.23
C LYS B 295 38.25 13.77 37.66
N THR B 296 37.48 13.07 36.84
CA THR B 296 37.02 11.72 37.16
C THR B 296 37.68 10.68 36.26
N VAL B 297 37.88 9.49 36.81
CA VAL B 297 38.72 8.47 36.20
C VAL B 297 38.04 7.11 36.31
N ILE B 298 38.08 6.32 35.23
CA ILE B 298 37.58 4.95 35.27
C ILE B 298 38.71 4.02 35.69
N VAL B 299 38.37 3.02 36.49
CA VAL B 299 39.27 1.92 36.82
C VAL B 299 38.54 0.61 36.56
N GLU B 300 39.17 -0.28 35.81
CA GLU B 300 38.53 -1.55 35.43
C GLU B 300 39.57 -2.65 35.36
N ARG B 301 39.09 -3.88 35.39
CA ARG B 301 39.96 -5.03 35.26
C ARG B 301 40.62 -5.07 33.89
N TYR B 302 41.90 -5.43 33.86
CA TYR B 302 42.62 -5.53 32.60
C TYR B 302 42.31 -6.87 31.94
N TYR B 303 41.96 -6.81 30.66
CA TYR B 303 41.63 -7.99 29.87
C TYR B 303 42.71 -8.20 28.82
N THR B 304 43.30 -9.38 28.80
CA THR B 304 44.33 -9.70 27.83
C THR B 304 43.70 -10.11 26.51
N GLY B 305 44.41 -9.82 25.43
CA GLY B 305 43.94 -10.18 24.11
C GLY B 305 44.17 -9.10 23.08
N LYS B 306 44.01 -9.44 21.81
CA LYS B 306 44.21 -8.48 20.74
C LYS B 306 43.02 -7.54 20.62
N ASP B 307 43.29 -6.32 20.16
CA ASP B 307 42.28 -5.28 20.04
C ASP B 307 41.73 -5.29 18.63
N HIS B 308 40.43 -5.52 18.51
CA HIS B 308 39.75 -5.58 17.22
C HIS B 308 38.77 -4.43 17.09
N ARG B 309 38.66 -3.90 15.88
CA ARG B 309 37.65 -2.90 15.55
C ARG B 309 36.67 -3.53 14.57
N VAL B 310 35.40 -3.57 14.95
CA VAL B 310 34.34 -4.17 14.14
C VAL B 310 33.42 -3.07 13.65
N LEU B 311 33.16 -3.06 12.36
CA LEU B 311 32.28 -2.08 11.74
C LEU B 311 30.95 -2.72 11.42
N VAL B 312 29.87 -2.17 11.96
CA VAL B 312 28.53 -2.68 11.77
C VAL B 312 27.72 -1.63 11.04
N VAL B 313 27.19 -1.99 9.87
CA VAL B 313 26.36 -1.10 9.06
C VAL B 313 25.00 -1.77 8.89
N ASN B 314 23.94 -1.04 9.27
CA ASN B 314 22.57 -1.51 9.14
C ASN B 314 22.37 -2.83 9.88
N GLY B 315 23.02 -2.97 11.03
CA GLY B 315 22.87 -4.17 11.83
C GLY B 315 23.59 -5.40 11.31
N LYS B 316 24.52 -5.22 10.38
CA LYS B 316 25.30 -6.33 9.83
C LYS B 316 26.77 -6.02 9.96
N VAL B 317 27.56 -7.03 10.33
CA VAL B 317 29.00 -6.86 10.47
C VAL B 317 29.61 -6.78 9.08
N VAL B 318 30.18 -5.63 8.75
CA VAL B 318 30.73 -5.40 7.42
C VAL B 318 32.22 -5.72 7.36
N ALA B 319 33.00 -5.22 8.32
CA ALA B 319 34.43 -5.44 8.30
C ALA B 319 34.93 -5.58 9.73
N VAL B 320 35.91 -6.45 9.92
CA VAL B 320 36.58 -6.65 11.19
C VAL B 320 38.07 -6.47 10.97
N ALA B 321 38.69 -5.59 11.77
CA ALA B 321 40.11 -5.31 11.65
C ALA B 321 40.77 -5.47 13.00
N GLU B 322 41.86 -6.23 13.05
CA GLU B 322 42.65 -6.37 14.27
C GLU B 322 43.73 -5.31 14.27
N ARG B 323 43.75 -4.49 15.33
CA ARG B 323 44.72 -3.37 15.45
C ARG B 323 46.02 -3.85 16.12
N VAL B 324 47.04 -4.13 15.32
CA VAL B 324 48.35 -4.53 15.82
C VAL B 324 49.17 -3.27 16.06
N PRO B 325 49.67 -3.03 17.27
CA PRO B 325 50.43 -1.80 17.54
C PRO B 325 51.74 -1.79 16.78
N ALA B 326 52.39 -0.63 16.79
CA ALA B 326 53.66 -0.46 16.08
C ALA B 326 54.68 -1.49 16.56
N HIS B 327 55.31 -2.18 15.62
CA HIS B 327 56.23 -3.26 15.96
C HIS B 327 57.21 -3.46 14.81
N VAL B 328 58.30 -4.15 15.13
CA VAL B 328 59.30 -4.56 14.16
C VAL B 328 59.71 -5.99 14.46
N VAL B 329 59.99 -6.75 13.41
CA VAL B 329 60.35 -8.16 13.53
C VAL B 329 61.78 -8.34 13.02
N GLY B 330 62.62 -8.96 13.85
CA GLY B 330 64.01 -9.16 13.49
C GLY B 330 64.29 -10.50 12.85
N ASN B 331 63.49 -10.86 11.86
CA ASN B 331 63.70 -12.13 11.15
C ASN B 331 64.90 -12.07 10.21
N GLY B 332 65.39 -10.88 9.89
CA GLY B 332 66.55 -10.73 9.04
C GLY B 332 67.82 -10.50 9.82
N LYS B 333 67.81 -10.86 11.11
CA LYS B 333 68.97 -10.70 11.99
C LYS B 333 69.38 -9.23 12.10
N SER B 334 68.39 -8.34 12.15
CA SER B 334 68.62 -6.92 12.33
C SER B 334 67.79 -6.41 13.50
N THR B 335 68.31 -5.41 14.21
CA THR B 335 67.71 -4.93 15.44
C THR B 335 66.89 -3.67 15.19
N ILE B 336 66.37 -3.10 16.28
CA ILE B 336 65.39 -2.01 16.20
C ILE B 336 65.99 -0.80 15.48
N ALA B 337 67.28 -0.52 15.73
CA ALA B 337 67.88 0.72 15.26
C ALA B 337 67.81 0.85 13.74
N GLU B 338 67.95 -0.26 13.01
CA GLU B 338 67.86 -0.18 11.56
C GLU B 338 66.40 -0.21 11.08
N LEU B 339 65.56 -1.06 11.69
CA LEU B 339 64.21 -1.22 11.19
C LEU B 339 63.33 0.00 11.43
N ILE B 340 63.61 0.79 12.47
CA ILE B 340 62.77 1.96 12.74
C ILE B 340 62.76 2.90 11.54
N GLU B 341 63.91 3.06 10.88
CA GLU B 341 64.01 3.87 9.67
C GLU B 341 63.86 3.06 8.39
N GLU B 342 64.06 1.74 8.45
CA GLU B 342 63.78 0.90 7.29
C GLU B 342 62.30 0.90 6.95
N THR B 343 61.44 0.82 7.97
CA THR B 343 60.01 0.91 7.74
C THR B 343 59.60 2.32 7.31
N ASN B 344 60.28 3.35 7.84
CA ASN B 344 59.97 4.72 7.48
C ASN B 344 60.32 5.03 6.03
N ARG B 345 61.17 4.22 5.40
CA ARG B 345 61.54 4.42 4.00
C ARG B 345 60.63 3.66 3.03
N ASP B 346 59.51 3.14 3.53
CA ASP B 346 58.54 2.41 2.70
C ASP B 346 57.51 3.37 2.15
N PRO B 347 57.20 3.31 0.85
CA PRO B 347 56.25 4.27 0.27
C PRO B 347 54.85 4.18 0.85
N GLN B 348 54.47 3.06 1.46
CA GLN B 348 53.13 2.91 2.01
C GLN B 348 52.89 3.93 3.13
N ARG B 349 53.87 4.13 3.99
CA ARG B 349 53.71 5.04 5.12
C ARG B 349 53.63 6.48 4.63
N GLY B 350 52.75 7.26 5.25
CA GLY B 350 52.59 8.65 4.91
C GLY B 350 51.85 9.40 5.99
N ASP B 351 52.04 10.71 6.01
CA ASP B 351 51.44 11.58 7.00
C ASP B 351 50.20 12.24 6.43
N GLY B 352 49.64 13.20 7.19
CA GLY B 352 48.45 13.90 6.76
C GLY B 352 47.19 13.11 7.05
N HIS B 353 46.13 13.35 6.27
CA HIS B 353 44.87 12.65 6.45
C HIS B 353 44.45 11.95 5.16
N ASP B 354 45.42 11.56 4.32
CA ASP B 354 45.19 10.81 3.10
C ASP B 354 45.75 9.39 3.16
N ASN B 355 46.99 9.22 3.62
CA ASN B 355 47.59 7.91 3.81
C ASN B 355 47.32 7.41 5.23
N ILE B 356 46.68 6.24 5.34
CA ILE B 356 46.31 5.74 6.66
C ILE B 356 47.53 5.25 7.42
N LEU B 357 48.52 4.71 6.72
CA LEU B 357 49.71 4.17 7.36
C LEU B 357 50.67 5.32 7.65
N THR B 358 50.96 5.54 8.93
CA THR B 358 51.77 6.66 9.36
C THR B 358 53.19 6.21 9.69
N ARG B 359 54.11 7.16 9.61
CA ARG B 359 55.50 6.88 9.96
C ARG B 359 55.62 6.57 11.45
N ILE B 360 56.57 5.72 11.79
CA ILE B 360 56.80 5.32 13.18
C ILE B 360 57.44 6.49 13.92
N THR B 361 56.64 7.23 14.68
CA THR B 361 57.12 8.40 15.40
C THR B 361 57.84 7.94 16.66
N VAL B 362 59.14 8.23 16.73
CA VAL B 362 59.96 7.84 17.90
C VAL B 362 59.90 9.02 18.86
N ASP B 363 58.86 9.04 19.69
CA ASP B 363 58.68 10.08 20.69
C ASP B 363 59.40 9.71 21.98
N LYS B 364 59.55 10.71 22.86
CA LYS B 364 60.11 10.44 24.19
C LYS B 364 59.22 9.49 24.98
N SER B 365 57.89 9.66 24.86
CA SER B 365 56.97 8.70 25.45
C SER B 365 57.15 7.33 24.82
N ALA B 366 57.36 7.27 23.50
CA ALA B 366 57.66 6.00 22.84
C ALA B 366 58.96 5.42 23.36
N LEU B 367 59.96 6.27 23.63
CA LEU B 367 61.20 5.80 24.21
C LEU B 367 60.95 5.18 25.59
N ASP B 368 60.10 5.82 26.40
CA ASP B 368 59.75 5.26 27.70
C ASP B 368 59.03 3.92 27.53
N ILE B 369 58.12 3.82 26.57
CA ILE B 369 57.37 2.58 26.37
C ILE B 369 58.31 1.45 25.97
N LEU B 370 59.22 1.71 25.04
CA LEU B 370 60.21 0.69 24.70
C LEU B 370 61.21 0.46 25.82
N GLY B 371 61.32 1.40 26.76
CA GLY B 371 62.04 1.11 27.99
C GLY B 371 61.34 0.08 28.84
N LYS B 372 60.01 0.21 28.99
CA LYS B 372 59.23 -0.81 29.68
C LYS B 372 59.19 -2.13 28.92
N GLN B 373 59.60 -2.13 27.66
CA GLN B 373 59.61 -3.36 26.87
C GLN B 373 60.53 -4.42 27.47
N GLY B 374 61.64 -4.00 28.08
CA GLY B 374 62.62 -4.92 28.60
C GLY B 374 63.84 -5.11 27.72
N TYR B 375 63.94 -4.37 26.62
CA TYR B 375 65.08 -4.44 25.72
C TYR B 375 65.50 -3.02 25.38
N SER B 376 66.44 -2.88 24.44
CA SER B 376 67.03 -1.59 24.13
C SER B 376 67.06 -1.41 22.62
N ILE B 377 67.76 -0.36 22.17
CA ILE B 377 67.75 0.02 20.75
C ILE B 377 68.42 -1.05 19.91
N ASP B 378 69.61 -1.49 20.32
CA ASP B 378 70.40 -2.44 19.55
C ASP B 378 70.17 -3.88 19.95
N SER B 379 69.26 -4.13 20.90
CA SER B 379 68.93 -5.49 21.31
C SER B 379 68.25 -6.21 20.15
N ILE B 380 68.95 -7.16 19.53
CA ILE B 380 68.38 -7.88 18.39
C ILE B 380 67.21 -8.73 18.84
N PRO B 381 66.09 -8.74 18.12
CA PRO B 381 64.97 -9.61 18.50
C PRO B 381 65.36 -11.08 18.48
N LEU B 382 64.79 -11.83 19.40
CA LEU B 382 65.11 -13.25 19.53
C LEU B 382 64.27 -14.06 18.55
N LYS B 383 64.94 -14.88 17.74
CA LYS B 383 64.35 -15.83 16.80
C LYS B 383 63.66 -15.12 15.63
N GLY B 384 63.57 -13.80 15.64
CA GLY B 384 62.79 -13.09 14.65
C GLY B 384 61.34 -12.99 15.07
N LYS B 385 61.10 -12.43 16.25
CA LYS B 385 59.77 -12.32 16.81
C LYS B 385 59.38 -10.85 16.94
N LYS B 386 58.08 -10.60 16.93
CA LYS B 386 57.57 -9.23 17.00
C LYS B 386 57.98 -8.57 18.31
N CYS B 387 58.46 -7.35 18.20
CA CYS B 387 58.78 -6.52 19.35
C CYS B 387 58.18 -5.14 19.16
N PHE B 388 57.34 -4.71 20.10
CA PHE B 388 56.47 -3.57 19.91
C PHE B 388 57.12 -2.28 20.38
N LEU B 389 56.60 -1.16 19.88
CA LEU B 389 57.04 0.18 20.26
C LEU B 389 56.03 0.91 21.12
N ARG B 390 54.74 0.60 20.99
CA ARG B 390 53.69 1.20 21.78
C ARG B 390 52.63 0.14 22.08
N ALA B 391 51.63 0.52 22.86
CA ALA B 391 50.55 -0.40 23.22
C ALA B 391 49.16 0.15 22.92
N THR B 392 49.05 1.34 22.33
CA THR B 392 47.74 1.91 22.03
C THR B 392 47.06 1.23 20.84
N ALA B 393 47.82 0.58 19.97
CA ALA B 393 47.29 -0.09 18.78
C ALA B 393 46.44 0.87 17.95
N ASN B 394 47.09 1.91 17.45
CA ASN B 394 46.42 2.93 16.65
C ASN B 394 47.21 3.18 15.37
N LEU B 395 46.47 3.51 14.30
CA LEU B 395 47.11 3.78 13.02
C LEU B 395 47.92 5.07 13.05
N SER B 396 47.48 6.05 13.84
CA SER B 396 48.21 7.31 13.93
C SER B 396 49.62 7.12 14.48
N THR B 397 49.78 6.23 15.46
CA THR B 397 51.10 5.94 15.98
C THR B 397 52.00 5.32 14.92
N GLY B 398 51.45 4.46 14.09
CA GLY B 398 52.23 3.76 13.09
C GLY B 398 52.00 2.26 13.10
N GLY B 399 50.90 1.83 13.71
CA GLY B 399 50.54 0.43 13.73
C GLY B 399 49.91 -0.01 12.43
N ILE B 400 49.48 -1.26 12.40
CA ILE B 400 48.88 -1.87 11.22
C ILE B 400 47.55 -2.51 11.59
N ALA B 401 46.71 -2.69 10.58
CA ALA B 401 45.43 -3.36 10.73
C ALA B 401 45.46 -4.65 9.91
N VAL B 402 44.83 -5.69 10.45
CA VAL B 402 44.75 -6.98 9.78
C VAL B 402 43.28 -7.34 9.60
N ASP B 403 42.90 -7.68 8.37
CA ASP B 403 41.52 -8.04 8.10
C ASP B 403 41.18 -9.37 8.73
N ARG B 404 40.07 -9.40 9.49
CA ARG B 404 39.60 -10.62 10.13
C ARG B 404 38.12 -10.86 9.84
N THR B 405 37.59 -10.30 8.75
CA THR B 405 36.16 -10.41 8.47
C THR B 405 35.76 -11.85 8.19
N ASP B 406 36.63 -12.61 7.53
CA ASP B 406 36.30 -13.98 7.16
C ASP B 406 36.55 -14.97 8.28
N GLU B 407 37.10 -14.54 9.41
CA GLU B 407 37.44 -15.43 10.51
C GLU B 407 36.61 -15.23 11.75
N ILE B 408 35.65 -14.29 11.73
CA ILE B 408 34.88 -14.02 12.93
C ILE B 408 33.81 -15.09 13.12
N HIS B 409 33.68 -15.55 14.36
CA HIS B 409 32.69 -16.57 14.68
C HIS B 409 31.27 -16.03 14.46
N PRO B 410 30.34 -16.84 13.95
CA PRO B 410 28.97 -16.37 13.75
C PRO B 410 28.30 -15.88 15.02
N GLU B 411 28.59 -16.52 16.16
CA GLU B 411 28.06 -16.04 17.43
C GLU B 411 28.55 -14.64 17.74
N ASN B 412 29.82 -14.36 17.44
CA ASN B 412 30.35 -13.01 17.63
C ASN B 412 29.64 -12.02 16.71
N VAL B 413 29.35 -12.42 15.48
CA VAL B 413 28.64 -11.54 14.55
C VAL B 413 27.26 -11.22 15.10
N TRP B 414 26.56 -12.23 15.61
CA TRP B 414 25.24 -12.01 16.19
C TRP B 414 25.32 -11.09 17.39
N LEU B 415 26.31 -11.30 18.26
CA LEU B 415 26.46 -10.46 19.44
C LEU B 415 26.75 -9.01 19.07
N LEU B 416 27.61 -8.79 18.07
CA LEU B 416 27.95 -7.43 17.69
C LEU B 416 26.79 -6.73 17.00
N SER B 417 26.02 -7.47 16.19
CA SER B 417 24.81 -6.89 15.62
C SER B 417 23.82 -6.50 16.72
N ARG B 418 23.67 -7.35 17.74
CA ARG B 418 22.82 -6.99 18.87
C ARG B 418 23.33 -5.76 19.59
N VAL B 419 24.64 -5.65 19.77
CA VAL B 419 25.21 -4.48 20.43
C VAL B 419 24.88 -3.21 19.65
N ALA B 420 25.06 -3.26 18.33
CA ALA B 420 24.77 -2.10 17.50
C ALA B 420 23.28 -1.74 17.57
N LYS B 421 22.40 -2.74 17.55
CA LYS B 421 20.98 -2.45 17.63
C LYS B 421 20.59 -1.91 19.02
N ILE B 422 21.21 -2.43 20.07
CA ILE B 422 20.89 -2.01 21.43
C ILE B 422 21.31 -0.56 21.66
N ILE B 423 22.52 -0.20 21.22
CA ILE B 423 22.95 1.18 21.38
C ILE B 423 22.09 2.10 20.52
N GLY B 424 21.70 1.65 19.34
CA GLY B 424 20.83 2.42 18.48
C GLY B 424 21.57 3.19 17.40
N LEU B 425 22.57 2.56 16.79
CA LEU B 425 23.38 3.18 15.76
C LEU B 425 23.25 2.37 14.47
N ASP B 426 22.94 3.05 13.37
CA ASP B 426 22.90 2.37 12.08
C ASP B 426 24.30 2.05 11.57
N ILE B 427 25.28 2.92 11.85
CA ILE B 427 26.68 2.66 11.56
C ILE B 427 27.45 2.82 12.85
N ALA B 428 28.12 1.76 13.27
CA ALA B 428 28.81 1.76 14.56
C ALA B 428 30.19 1.13 14.40
N GLY B 429 31.13 1.63 15.19
CA GLY B 429 32.44 1.03 15.29
C GLY B 429 32.68 0.48 16.68
N ILE B 430 32.73 -0.83 16.81
CA ILE B 430 32.81 -1.49 18.10
C ILE B 430 34.24 -1.96 18.33
N ASP B 431 34.79 -1.64 19.50
CA ASP B 431 36.14 -2.04 19.88
C ASP B 431 36.03 -3.27 20.77
N VAL B 432 36.69 -4.35 20.36
CA VAL B 432 36.63 -5.63 21.05
C VAL B 432 38.05 -6.04 21.42
N VAL B 433 38.22 -6.52 22.66
CA VAL B 433 39.48 -7.07 23.13
C VAL B 433 39.24 -8.56 23.38
N THR B 434 39.91 -9.41 22.61
CA THR B 434 39.74 -10.84 22.73
C THR B 434 41.01 -11.54 22.26
N GLU B 435 41.21 -12.76 22.75
CA GLU B 435 42.39 -13.51 22.35
C GLU B 435 42.22 -14.15 20.98
N ASP B 436 40.98 -14.40 20.56
CA ASP B 436 40.73 -15.02 19.27
C ASP B 436 39.33 -14.64 18.82
N ILE B 437 39.24 -13.90 17.71
CA ILE B 437 37.94 -13.51 17.17
C ILE B 437 37.19 -14.68 16.55
N SER B 438 37.87 -15.79 16.29
CA SER B 438 37.21 -16.97 15.71
C SER B 438 36.51 -17.83 16.74
N GLN B 439 36.60 -17.48 18.02
CA GLN B 439 35.91 -18.18 19.08
C GLN B 439 34.90 -17.26 19.75
N PRO B 440 33.83 -17.81 20.31
CA PRO B 440 32.84 -16.95 20.99
C PRO B 440 33.46 -16.21 22.16
N LEU B 441 32.95 -15.00 22.39
CA LEU B 441 33.44 -14.15 23.47
C LEU B 441 33.17 -14.71 24.86
N ARG B 442 32.48 -15.85 24.97
CA ARG B 442 32.25 -16.47 26.26
C ARG B 442 33.32 -17.51 26.60
N GLU B 443 33.78 -18.27 25.61
CA GLU B 443 34.86 -19.23 25.84
C GLU B 443 36.12 -18.52 26.30
N VAL B 444 36.64 -17.63 25.46
CA VAL B 444 37.71 -16.72 25.86
C VAL B 444 37.08 -15.60 26.66
N GLU B 445 37.89 -14.82 27.38
CA GLU B 445 37.38 -13.72 28.17
C GLU B 445 37.36 -12.43 27.37
N GLY B 446 36.70 -12.49 26.21
CA GLY B 446 36.57 -11.31 25.38
C GLY B 446 35.55 -10.34 25.93
N VAL B 447 35.81 -9.05 25.69
CA VAL B 447 34.95 -7.98 26.19
C VAL B 447 34.72 -6.95 25.09
N ILE B 448 33.65 -6.18 25.27
CA ILE B 448 33.34 -5.05 24.40
C ILE B 448 33.82 -3.80 25.12
N VAL B 449 34.82 -3.12 24.56
CA VAL B 449 35.44 -2.00 25.25
C VAL B 449 34.60 -0.74 25.11
N GLU B 450 34.25 -0.38 23.88
CA GLU B 450 33.48 0.84 23.65
C GLU B 450 32.75 0.73 22.31
N VAL B 451 31.78 1.61 22.13
CA VAL B 451 31.01 1.72 20.90
C VAL B 451 31.17 3.15 20.39
N ASN B 452 31.51 3.28 19.12
CA ASN B 452 31.83 4.58 18.52
C ASN B 452 30.78 4.94 17.47
N ALA B 453 30.25 6.14 17.57
CA ALA B 453 29.39 6.69 16.53
C ALA B 453 30.24 7.48 15.53
N ALA B 454 29.76 7.55 14.30
CA ALA B 454 30.50 8.15 13.20
C ALA B 454 31.93 7.59 13.09
N PRO B 455 32.07 6.28 12.94
CA PRO B 455 33.41 5.69 12.89
C PRO B 455 34.07 5.91 11.54
N GLY B 456 35.40 5.88 11.54
CA GLY B 456 36.16 5.91 10.31
C GLY B 456 36.40 4.49 9.81
N PHE B 457 36.16 4.29 8.52
CA PHE B 457 36.35 2.99 7.89
C PHE B 457 37.57 2.97 7.01
N ARG B 458 38.52 3.86 7.29
CA ARG B 458 39.74 3.95 6.53
C ARG B 458 40.57 2.67 6.61
N MET B 459 40.68 2.09 7.80
CA MET B 459 41.46 0.87 7.98
C MET B 459 40.77 -0.35 7.41
N HIS B 460 39.50 -0.24 7.04
CA HIS B 460 38.77 -1.35 6.45
C HIS B 460 38.87 -1.38 4.93
N VAL B 461 39.03 -0.21 4.29
CA VAL B 461 39.16 -0.15 2.85
C VAL B 461 40.60 -0.26 2.39
N ALA B 462 41.56 -0.22 3.32
CA ALA B 462 42.97 -0.42 2.98
C ALA B 462 43.66 -1.12 4.15
N PRO B 463 43.32 -2.38 4.41
CA PRO B 463 43.83 -3.05 5.61
C PRO B 463 45.34 -3.14 5.67
N SER B 464 46.00 -3.32 4.53
CA SER B 464 47.43 -3.51 4.34
C SER B 464 47.90 -4.90 4.79
N ARG B 465 47.05 -5.70 5.41
CA ARG B 465 47.38 -7.10 5.72
C ARG B 465 46.18 -8.00 5.49
N GLY B 466 45.46 -7.77 4.40
CA GLY B 466 44.30 -8.59 4.10
C GLY B 466 43.48 -8.00 2.98
N LEU B 467 42.24 -8.48 2.87
CA LEU B 467 41.35 -8.06 1.80
C LEU B 467 40.61 -6.78 2.20
N ALA B 468 40.58 -5.82 1.29
CA ALA B 468 39.82 -4.60 1.51
C ALA B 468 38.33 -4.89 1.43
N ARG B 469 37.54 -4.13 2.19
CA ARG B 469 36.10 -4.30 2.25
C ARG B 469 35.42 -3.06 1.69
N ASN B 470 34.34 -3.27 0.95
CA ASN B 470 33.58 -2.19 0.33
C ASN B 470 32.61 -1.62 1.37
N VAL B 471 33.16 -0.77 2.25
CA VAL B 471 32.32 -0.15 3.27
C VAL B 471 31.37 0.87 2.66
N ALA B 472 31.85 1.65 1.70
CA ALA B 472 30.99 2.63 1.04
C ALA B 472 29.81 1.95 0.34
N GLY B 473 30.05 0.78 -0.24
CA GLY B 473 28.96 0.03 -0.83
C GLY B 473 27.91 -0.37 0.21
N ALA B 474 28.35 -0.80 1.38
CA ALA B 474 27.41 -1.15 2.45
C ALA B 474 26.64 0.08 2.91
N VAL B 475 27.32 1.22 3.03
CA VAL B 475 26.63 2.45 3.45
C VAL B 475 25.58 2.85 2.42
N MET B 476 25.91 2.76 1.13
CA MET B 476 24.93 3.14 0.11
C MET B 476 23.80 2.12 0.02
N ASP B 477 24.08 0.85 0.30
CA ASP B 477 23.02 -0.14 0.39
C ASP B 477 22.07 0.19 1.53
N MET B 478 22.61 0.63 2.67
CA MET B 478 21.76 1.07 3.77
C MET B 478 20.93 2.29 3.38
N LEU B 479 21.55 3.24 2.67
CA LEU B 479 20.85 4.46 2.30
C LEU B 479 19.81 4.20 1.21
N PHE B 480 20.17 3.41 0.20
CA PHE B 480 19.29 3.09 -0.92
C PHE B 480 19.22 1.58 -1.05
N PRO B 481 18.22 0.93 -0.42
CA PRO B 481 18.24 -0.52 -0.27
C PRO B 481 18.32 -1.31 -1.57
N GLY B 482 17.35 -1.13 -2.45
CA GLY B 482 17.30 -1.88 -3.68
C GLY B 482 18.18 -1.27 -4.76
N SER B 483 17.85 -1.56 -6.00
CA SER B 483 18.49 -0.90 -7.13
C SER B 483 17.81 0.44 -7.43
N LYS B 484 17.66 1.25 -6.39
CA LYS B 484 16.93 2.50 -6.46
C LYS B 484 17.87 3.67 -6.27
N ASN B 485 17.81 4.62 -7.19
CA ASN B 485 18.47 5.90 -7.05
C ASN B 485 17.59 6.84 -6.24
N GLY B 486 18.09 8.04 -5.97
CA GLY B 486 17.32 8.99 -5.19
C GLY B 486 16.59 9.98 -6.06
N ARG B 487 16.45 9.65 -7.34
CA ARG B 487 15.87 10.58 -8.30
C ARG B 487 14.36 10.63 -8.19
N ILE B 488 13.80 11.79 -8.53
CA ILE B 488 12.38 11.98 -8.72
C ILE B 488 12.20 12.37 -10.18
N PRO B 489 11.02 12.19 -10.78
CA PRO B 489 10.84 12.57 -12.18
C PRO B 489 11.08 14.05 -12.39
N ILE B 490 11.98 14.38 -13.31
CA ILE B 490 12.30 15.76 -13.66
C ILE B 490 11.83 16.01 -15.08
N LEU B 491 11.01 17.04 -15.25
CA LEU B 491 10.53 17.44 -16.57
C LEU B 491 11.06 18.84 -16.84
N SER B 492 11.97 18.94 -17.80
CA SER B 492 12.61 20.20 -18.15
C SER B 492 11.93 20.77 -19.40
N VAL B 493 11.41 21.97 -19.29
CA VAL B 493 10.72 22.64 -20.40
C VAL B 493 11.62 23.76 -20.89
N THR B 494 11.99 23.70 -22.17
CA THR B 494 12.78 24.75 -22.79
C THR B 494 12.14 25.12 -24.11
N GLY B 495 12.55 26.27 -24.63
CA GLY B 495 11.98 26.81 -25.85
C GLY B 495 12.09 28.32 -25.84
N THR B 496 11.58 28.91 -26.91
CA THR B 496 11.67 30.36 -27.06
C THR B 496 10.44 31.10 -26.55
N ASN B 497 9.25 30.52 -26.70
CA ASN B 497 8.04 31.31 -26.55
C ASN B 497 6.94 30.69 -25.70
N GLY B 498 7.10 29.47 -25.20
CA GLY B 498 6.00 28.88 -24.45
C GLY B 498 6.38 28.14 -23.19
N LYS B 499 7.50 28.51 -22.57
CA LYS B 499 8.01 27.74 -21.43
C LYS B 499 7.08 27.83 -20.22
N THR B 500 6.65 29.05 -19.87
CA THR B 500 5.90 29.24 -18.64
C THR B 500 4.53 28.57 -18.70
N THR B 501 3.81 28.77 -19.80
CA THR B 501 2.48 28.19 -19.93
C THR B 501 2.54 26.67 -19.92
N THR B 502 3.50 26.10 -20.65
CA THR B 502 3.64 24.65 -20.67
C THR B 502 4.00 24.12 -19.29
N THR B 503 4.89 24.81 -18.58
CA THR B 503 5.27 24.38 -17.24
C THR B 503 4.08 24.38 -16.30
N ARG B 504 3.27 25.45 -16.34
CA ARG B 504 2.11 25.52 -15.47
C ARG B 504 1.08 24.47 -15.82
N LEU B 505 0.86 24.23 -17.12
CA LEU B 505 -0.10 23.19 -17.52
C LEU B 505 0.36 21.82 -17.09
N LEU B 506 1.66 21.53 -17.25
CA LEU B 506 2.21 20.25 -16.79
C LEU B 506 2.03 20.11 -15.29
N ALA B 507 2.31 21.17 -14.54
CA ALA B 507 2.14 21.13 -13.09
C ALA B 507 0.69 20.84 -12.71
N HIS B 508 -0.25 21.48 -13.38
CA HIS B 508 -1.67 21.22 -13.11
C HIS B 508 -2.04 19.78 -13.42
N ILE B 509 -1.60 19.27 -14.57
CA ILE B 509 -1.95 17.90 -14.96
C ILE B 509 -1.39 16.90 -13.95
N ILE B 510 -0.15 17.10 -13.51
CA ILE B 510 0.41 16.18 -12.53
C ILE B 510 -0.25 16.38 -11.17
N LYS B 511 -0.69 17.60 -10.85
CA LYS B 511 -1.42 17.84 -9.62
C LYS B 511 -2.74 17.09 -9.59
N GLN B 512 -3.33 16.84 -10.76
CA GLN B 512 -4.54 16.01 -10.79
C GLN B 512 -4.26 14.63 -10.22
N THR B 513 -3.11 14.06 -10.55
CA THR B 513 -2.64 12.89 -9.82
C THR B 513 -2.25 13.29 -8.41
N GLY B 514 -2.45 12.38 -7.46
CA GLY B 514 -2.17 12.70 -6.07
C GLY B 514 -0.69 12.79 -5.76
N LYS B 515 -0.03 13.79 -6.32
CA LYS B 515 1.41 13.98 -6.14
C LYS B 515 1.70 15.44 -5.83
N VAL B 516 2.75 15.66 -5.05
CA VAL B 516 3.20 17.02 -4.74
C VAL B 516 4.17 17.45 -5.83
N VAL B 517 3.81 18.51 -6.55
CA VAL B 517 4.58 18.99 -7.71
C VAL B 517 5.27 20.28 -7.32
N GLY B 518 6.58 20.31 -7.45
CA GLY B 518 7.36 21.52 -7.28
C GLY B 518 7.84 21.99 -8.63
N TYR B 519 7.39 23.18 -9.03
CA TYR B 519 7.71 23.72 -10.33
C TYR B 519 8.15 25.16 -10.21
N THR B 520 9.13 25.55 -11.02
CA THR B 520 9.62 26.91 -11.07
C THR B 520 9.38 27.49 -12.46
N THR B 521 8.79 28.68 -12.49
CA THR B 521 8.51 29.36 -13.75
C THR B 521 9.09 30.76 -13.71
N THR B 522 8.83 31.55 -14.76
CA THR B 522 9.29 32.94 -14.76
C THR B 522 8.62 33.75 -13.67
N ASP B 523 7.37 33.41 -13.33
CA ASP B 523 6.66 34.14 -12.29
C ASP B 523 7.24 33.87 -10.91
N GLY B 524 7.55 32.62 -10.61
CA GLY B 524 8.12 32.27 -9.33
C GLY B 524 8.23 30.79 -9.17
N THR B 525 8.67 30.39 -7.98
CA THR B 525 8.86 28.98 -7.63
C THR B 525 7.70 28.54 -6.75
N TYR B 526 7.04 27.45 -7.15
CA TYR B 526 5.88 26.94 -6.45
C TYR B 526 6.13 25.52 -5.99
N ILE B 527 5.70 25.21 -4.77
CA ILE B 527 5.71 23.86 -4.23
C ILE B 527 4.28 23.55 -3.81
N GLY B 528 3.68 22.54 -4.43
CA GLY B 528 2.27 22.28 -4.20
C GLY B 528 1.40 23.40 -4.68
N GLU B 529 0.52 23.90 -3.80
CA GLU B 529 -0.38 24.99 -4.14
C GLU B 529 0.10 26.35 -3.65
N TYR B 530 1.27 26.41 -3.01
CA TYR B 530 1.72 27.63 -2.36
C TYR B 530 3.02 28.11 -3.01
N LEU B 531 3.20 29.43 -3.03
CA LEU B 531 4.37 30.04 -3.62
C LEU B 531 5.55 29.91 -2.66
N ALA B 532 6.64 29.31 -3.15
CA ALA B 532 7.83 29.11 -2.32
C ALA B 532 8.84 30.24 -2.45
N GLU B 533 8.88 30.91 -3.60
CA GLU B 533 9.84 32.00 -3.81
C GLU B 533 9.37 32.86 -4.95
N THR B 534 9.65 34.16 -4.85
CA THR B 534 9.30 35.12 -5.90
C THR B 534 10.53 35.43 -6.75
N GLY B 535 10.30 36.15 -7.83
CA GLY B 535 11.36 36.57 -8.73
C GLY B 535 11.28 35.87 -10.07
N ASP B 536 12.36 35.99 -10.83
CA ASP B 536 12.43 35.36 -12.14
C ASP B 536 12.45 33.85 -12.01
N ASN B 537 13.48 33.31 -11.37
CA ASN B 537 13.55 31.90 -10.98
C ASN B 537 13.42 30.97 -12.19
N THR B 538 14.38 31.07 -13.11
CA THR B 538 14.44 30.19 -14.27
C THR B 538 15.82 29.58 -14.46
N GLY B 539 16.65 29.59 -13.42
CA GLY B 539 17.99 29.04 -13.50
C GLY B 539 18.21 27.91 -12.52
N PRO B 540 19.41 27.34 -12.54
CA PRO B 540 19.72 26.25 -11.60
C PRO B 540 19.63 26.66 -10.13
N GLN B 541 19.89 27.93 -9.81
CA GLN B 541 19.79 28.38 -8.43
C GLN B 541 18.38 28.23 -7.88
N SER B 542 17.36 28.23 -8.75
CA SER B 542 16.00 27.94 -8.34
C SER B 542 15.62 26.48 -8.53
N ALA B 543 16.31 25.77 -9.42
CA ALA B 543 16.09 24.34 -9.56
C ALA B 543 16.55 23.59 -8.32
N HIS B 544 17.61 24.06 -7.68
CA HIS B 544 18.09 23.43 -6.45
C HIS B 544 17.06 23.53 -5.33
N LEU B 545 16.31 24.62 -5.30
CA LEU B 545 15.26 24.78 -4.28
C LEU B 545 14.21 23.68 -4.43
N ILE B 546 13.79 23.39 -5.66
CA ILE B 546 12.80 22.35 -5.89
C ILE B 546 13.41 20.97 -5.63
N LEU B 547 14.61 20.74 -6.13
CA LEU B 547 15.20 19.40 -6.07
C LEU B 547 15.64 19.01 -4.66
N SER B 548 15.80 19.97 -3.76
CA SER B 548 16.21 19.69 -2.40
C SER B 548 15.06 19.73 -1.40
N ASP B 549 13.85 20.05 -1.84
CA ASP B 549 12.72 20.10 -0.93
C ASP B 549 12.30 18.69 -0.53
N PRO B 550 12.12 18.42 0.77
CA PRO B 550 11.80 17.05 1.21
C PRO B 550 10.39 16.61 0.87
N THR B 551 9.54 17.47 0.32
CA THR B 551 8.16 17.13 0.04
C THR B 551 7.84 17.03 -1.45
N VAL B 552 8.77 17.38 -2.33
CA VAL B 552 8.50 17.39 -3.76
C VAL B 552 8.66 15.99 -4.32
N GLU B 553 7.64 15.53 -5.05
CA GLU B 553 7.69 14.23 -5.70
C GLU B 553 7.93 14.31 -7.20
N VAL B 554 7.55 15.40 -7.84
CA VAL B 554 7.79 15.61 -9.27
C VAL B 554 8.27 17.03 -9.46
N ALA B 555 9.32 17.20 -10.26
CA ALA B 555 9.90 18.51 -10.53
C ALA B 555 9.70 18.88 -11.99
N VAL B 556 9.08 20.04 -12.22
CA VAL B 556 8.90 20.59 -13.56
C VAL B 556 9.62 21.94 -13.59
N LEU B 557 10.70 22.01 -14.37
CA LEU B 557 11.58 23.17 -14.36
C LEU B 557 11.54 23.87 -15.71
N GLU B 558 11.24 25.16 -15.69
CA GLU B 558 11.34 26.00 -16.89
C GLU B 558 12.80 26.39 -17.07
N THR B 559 13.41 25.90 -18.13
CA THR B 559 14.85 26.07 -18.36
C THR B 559 15.05 27.13 -19.44
N ALA B 560 15.26 28.37 -19.01
CA ALA B 560 15.53 29.45 -19.94
C ALA B 560 16.96 29.36 -20.44
N ARG B 561 17.19 29.95 -21.61
CA ARG B 561 18.53 29.93 -22.20
C ARG B 561 19.53 30.73 -21.37
N GLY B 562 19.05 31.72 -20.62
CA GLY B 562 19.95 32.51 -19.80
C GLY B 562 20.66 31.70 -18.73
N GLY B 563 19.90 30.83 -18.05
CA GLY B 563 20.51 29.97 -17.04
C GLY B 563 21.51 29.00 -17.64
N ILE B 564 21.19 28.42 -18.80
CA ILE B 564 22.11 27.49 -19.46
C ILE B 564 23.40 28.21 -19.84
N LEU B 565 23.28 29.42 -20.39
CA LEU B 565 24.46 30.19 -20.76
C LEU B 565 25.28 30.56 -19.53
N ARG B 566 24.61 30.95 -18.45
CA ARG B 566 25.31 31.45 -17.28
C ARG B 566 26.03 30.33 -16.53
N SER B 567 25.30 29.29 -16.14
CA SER B 567 25.91 28.24 -15.34
C SER B 567 25.46 26.83 -15.73
N GLY B 568 24.91 26.64 -16.92
CA GLY B 568 24.51 25.32 -17.34
C GLY B 568 23.24 24.84 -16.66
N LEU B 569 23.05 23.53 -16.71
CA LEU B 569 21.86 22.90 -16.16
C LEU B 569 22.04 22.61 -14.67
N GLY B 570 20.93 22.69 -13.94
CA GLY B 570 20.93 22.39 -12.53
C GLY B 570 20.82 20.93 -12.17
N PHE B 571 20.79 20.06 -13.16
CA PHE B 571 20.68 18.63 -12.95
C PHE B 571 21.50 17.91 -14.00
N SER B 572 21.93 16.69 -13.68
CA SER B 572 22.70 15.90 -14.63
C SER B 572 21.82 15.35 -15.75
N SER B 573 20.65 14.84 -15.40
CA SER B 573 19.76 14.22 -16.37
C SER B 573 18.31 14.55 -16.00
N CYS B 574 17.44 14.51 -17.01
CA CYS B 574 16.02 14.75 -16.83
C CYS B 574 15.24 13.57 -17.39
N GLU B 575 14.11 13.27 -16.77
CA GLU B 575 13.25 12.20 -17.27
C GLU B 575 12.58 12.58 -18.58
N VAL B 576 12.11 13.82 -18.69
CA VAL B 576 11.48 14.32 -19.90
C VAL B 576 12.12 15.65 -20.25
N GLY B 577 12.57 15.78 -21.49
CA GLY B 577 13.10 17.04 -21.99
C GLY B 577 12.25 17.59 -23.10
N ILE B 578 11.66 18.76 -22.89
CA ILE B 578 10.71 19.34 -23.84
C ILE B 578 11.34 20.54 -24.51
N VAL B 579 11.41 20.51 -25.83
CA VAL B 579 11.83 21.65 -26.64
C VAL B 579 10.64 22.07 -27.47
N LEU B 580 10.18 23.30 -27.27
CA LEU B 580 8.95 23.76 -27.90
C LEU B 580 9.21 24.38 -29.27
N ASN B 581 10.13 25.34 -29.34
CA ASN B 581 10.45 26.00 -30.59
C ASN B 581 11.74 26.78 -30.42
N VAL B 582 12.39 27.08 -31.54
CA VAL B 582 13.60 27.89 -31.57
C VAL B 582 13.42 28.94 -32.65
N THR B 583 13.20 30.19 -32.25
CA THR B 583 13.07 31.30 -33.19
C THR B 583 14.15 32.31 -32.90
N ALA B 584 14.85 32.75 -33.94
CA ALA B 584 15.92 33.74 -33.81
C ALA B 584 15.29 35.11 -33.59
N ASP B 585 15.01 35.41 -32.32
CA ASP B 585 14.45 36.70 -31.95
C ASP B 585 15.44 37.53 -31.14
N HIS B 586 15.91 36.99 -30.02
CA HIS B 586 16.75 37.77 -29.10
C HIS B 586 18.21 37.37 -29.28
N LEU B 587 18.75 37.72 -30.44
CA LEU B 587 20.13 37.37 -30.75
C LEU B 587 21.09 38.45 -30.28
N GLY B 588 22.37 38.09 -30.19
CA GLY B 588 23.41 38.99 -29.78
C GLY B 588 23.77 38.91 -28.31
N ILE B 589 22.90 38.34 -27.48
CA ILE B 589 23.19 38.22 -26.06
C ILE B 589 24.20 37.11 -25.85
N GLY B 590 25.25 37.40 -25.08
CA GLY B 590 26.32 36.42 -24.91
C GLY B 590 27.04 36.18 -26.22
N ASP B 591 27.47 34.94 -26.42
CA ASP B 591 28.10 34.54 -27.66
C ASP B 591 27.12 34.03 -28.70
N ILE B 592 25.82 34.06 -28.40
CA ILE B 592 24.80 33.56 -29.31
C ILE B 592 24.49 34.66 -30.32
N ASP B 593 24.84 34.44 -31.58
CA ASP B 593 24.60 35.40 -32.65
C ASP B 593 23.82 34.83 -33.82
N THR B 594 23.82 33.52 -34.02
CA THR B 594 23.10 32.87 -35.11
C THR B 594 22.06 31.92 -34.54
N ILE B 595 21.02 31.66 -35.32
CA ILE B 595 19.97 30.75 -34.87
C ILE B 595 20.50 29.32 -34.71
N GLU B 596 21.57 28.96 -35.43
CA GLU B 596 22.18 27.66 -35.21
C GLU B 596 22.79 27.57 -33.82
N GLN B 597 23.44 28.64 -33.35
CA GLN B 597 23.97 28.66 -32.01
C GLN B 597 22.86 28.59 -30.97
N LEU B 598 21.74 29.28 -31.21
CA LEU B 598 20.61 29.19 -30.29
C LEU B 598 20.03 27.79 -30.25
N ALA B 599 19.94 27.13 -31.42
CA ALA B 599 19.46 25.75 -31.45
C ALA B 599 20.40 24.82 -30.70
N LYS B 600 21.71 25.02 -30.87
CA LYS B 600 22.68 24.20 -30.14
C LYS B 600 22.57 24.43 -28.64
N LEU B 601 22.34 25.68 -28.22
CA LEU B 601 22.18 25.98 -26.81
C LEU B 601 20.92 25.33 -26.24
N LYS B 602 19.81 25.42 -26.97
CA LYS B 602 18.56 24.82 -26.48
C LYS B 602 18.58 23.29 -26.58
N SER B 603 19.48 22.73 -27.39
CA SER B 603 19.59 21.29 -27.51
C SER B 603 20.22 20.64 -26.28
N VAL B 604 20.73 21.44 -25.35
CA VAL B 604 21.31 20.87 -24.13
C VAL B 604 20.24 20.11 -23.35
N VAL B 605 19.02 20.65 -23.28
CA VAL B 605 17.94 19.97 -22.59
C VAL B 605 17.61 18.64 -23.27
N ALA B 606 17.53 18.65 -24.60
CA ALA B 606 17.21 17.43 -25.32
C ALA B 606 18.31 16.38 -25.15
N GLU B 607 19.56 16.80 -25.18
CA GLU B 607 20.68 15.87 -25.05
C GLU B 607 20.92 15.44 -23.62
N SER B 608 20.29 16.07 -22.64
CA SER B 608 20.41 15.69 -21.25
C SER B 608 19.39 14.66 -20.82
N VAL B 609 18.53 14.22 -21.73
CA VAL B 609 17.53 13.21 -21.40
C VAL B 609 18.22 11.88 -21.17
N MET B 610 17.85 11.19 -20.09
CA MET B 610 18.44 9.90 -19.77
C MET B 610 18.02 8.85 -20.79
N PRO B 611 18.79 7.77 -20.93
CA PRO B 611 18.43 6.74 -21.92
C PRO B 611 17.05 6.14 -21.72
N LYS B 612 16.54 6.10 -20.51
CA LYS B 612 15.19 5.64 -20.25
C LYS B 612 14.17 6.77 -20.32
N GLY B 613 14.60 7.99 -20.61
CA GLY B 613 13.71 9.14 -20.65
C GLY B 613 13.12 9.37 -22.02
N TYR B 614 12.49 10.54 -22.16
CA TYR B 614 11.83 10.94 -23.39
C TYR B 614 12.20 12.38 -23.73
N ALA B 615 12.32 12.65 -25.03
CA ALA B 615 12.55 14.00 -25.53
C ALA B 615 11.36 14.40 -26.37
N VAL B 616 10.59 15.39 -25.91
CA VAL B 616 9.41 15.87 -26.60
C VAL B 616 9.84 17.02 -27.50
N LEU B 617 9.79 16.79 -28.80
CA LEU B 617 10.27 17.75 -29.78
C LEU B 617 9.14 18.17 -30.72
N ASN B 618 9.26 19.38 -31.25
CA ASN B 618 8.29 19.92 -32.19
C ASN B 618 8.66 19.47 -33.59
N ALA B 619 7.87 18.55 -34.15
CA ALA B 619 8.15 18.06 -35.50
C ALA B 619 7.96 19.15 -36.54
N GLU B 620 7.12 20.15 -36.25
CA GLU B 620 6.86 21.23 -37.18
C GLU B 620 8.01 22.23 -37.26
N ASP B 621 8.88 22.28 -36.26
CA ASP B 621 10.02 23.18 -36.27
C ASP B 621 11.23 22.45 -36.82
N PRO B 622 11.79 22.87 -37.96
CA PRO B 622 12.92 22.12 -38.54
C PRO B 622 14.15 22.05 -37.63
N LEU B 623 14.45 23.14 -36.92
CA LEU B 623 15.62 23.15 -36.06
C LEU B 623 15.41 22.24 -34.85
N VAL B 624 14.21 22.26 -34.27
CA VAL B 624 13.92 21.38 -33.13
C VAL B 624 13.87 19.93 -33.58
N ALA B 625 13.26 19.67 -34.74
CA ALA B 625 13.22 18.31 -35.26
C ALA B 625 14.62 17.81 -35.62
N ALA B 626 15.54 18.72 -35.95
CA ALA B 626 16.91 18.31 -36.24
C ALA B 626 17.62 17.78 -35.00
N MET B 627 17.08 18.04 -33.81
CA MET B 627 17.63 17.49 -32.58
C MET B 627 17.24 16.03 -32.37
N ALA B 628 16.62 15.39 -33.36
CA ALA B 628 16.19 14.00 -33.19
C ALA B 628 17.38 13.09 -32.94
N ASP B 629 18.45 13.28 -33.68
CA ASP B 629 19.67 12.52 -33.43
C ASP B 629 20.40 13.11 -32.23
N ARG B 630 21.56 12.52 -31.91
CA ARG B 630 22.39 12.91 -30.76
C ARG B 630 21.57 13.07 -29.48
N VAL B 631 20.47 12.33 -29.38
CA VAL B 631 19.62 12.32 -28.20
C VAL B 631 19.52 10.88 -27.70
N LYS B 632 19.94 10.66 -26.46
CA LYS B 632 19.78 9.36 -25.82
C LYS B 632 18.37 9.24 -25.28
N GLY B 633 17.79 8.05 -25.42
CA GLY B 633 16.42 7.84 -25.03
C GLY B 633 15.44 8.06 -26.17
N GLN B 634 14.18 7.74 -25.91
CA GLN B 634 13.17 7.81 -26.94
C GLN B 634 12.84 9.25 -27.30
N VAL B 635 12.27 9.43 -28.48
CA VAL B 635 11.88 10.73 -29.01
C VAL B 635 10.38 10.71 -29.26
N ALA B 636 9.71 11.79 -28.84
CA ALA B 636 8.28 11.96 -29.06
C ALA B 636 8.05 13.28 -29.77
N TYR B 637 7.24 13.25 -30.83
CA TYR B 637 6.97 14.42 -31.64
C TYR B 637 5.57 14.93 -31.39
N PHE B 638 5.42 16.25 -31.36
CA PHE B 638 4.12 16.88 -31.37
C PHE B 638 4.06 17.88 -32.53
N SER B 639 2.93 17.91 -33.23
CA SER B 639 2.78 18.78 -34.38
C SER B 639 1.34 19.28 -34.46
N MET B 640 1.20 20.58 -34.74
CA MET B 640 -0.12 21.13 -34.97
C MET B 640 -0.70 20.72 -36.32
N ASP B 641 0.14 20.24 -37.23
CA ASP B 641 -0.31 19.76 -38.52
C ASP B 641 -0.35 18.24 -38.49
N PRO B 642 -1.53 17.61 -38.58
CA PRO B 642 -1.59 16.14 -38.48
C PRO B 642 -0.94 15.41 -39.64
N ASN B 643 -0.64 16.09 -40.74
CA ASN B 643 -0.07 15.46 -41.92
C ASN B 643 1.45 15.59 -41.99
N ASN B 644 2.09 15.86 -40.86
CA ASN B 644 3.55 15.97 -40.82
C ASN B 644 4.18 14.64 -41.19
N GLU B 645 4.98 14.64 -42.25
CA GLU B 645 5.54 13.39 -42.76
C GLU B 645 6.52 12.76 -41.76
N LEU B 646 7.32 13.59 -41.09
CA LEU B 646 8.26 13.06 -40.09
C LEU B 646 7.51 12.42 -38.93
N LEU B 647 6.46 13.07 -38.45
CA LEU B 647 5.67 12.52 -37.35
C LEU B 647 4.99 11.21 -37.76
N LEU B 648 4.42 11.17 -38.96
CA LEU B 648 3.76 9.96 -39.43
C LEU B 648 4.75 8.82 -39.59
N ARG B 649 5.93 9.11 -40.14
CA ARG B 649 6.96 8.08 -40.28
C ARG B 649 7.42 7.59 -38.91
N HIS B 650 7.53 8.50 -37.94
CA HIS B 650 7.90 8.10 -36.59
C HIS B 650 6.83 7.21 -35.96
N THR B 651 5.56 7.53 -36.18
CA THR B 651 4.49 6.74 -35.59
C THR B 651 4.35 5.38 -36.26
N GLU B 652 4.65 5.29 -37.56
CA GLU B 652 4.53 4.01 -38.24
C GLU B 652 5.49 2.98 -37.66
N ALA B 653 6.71 3.37 -37.34
CA ALA B 653 7.69 2.51 -36.71
C ALA B 653 7.89 3.00 -35.28
N GLY B 654 7.05 2.50 -34.37
CA GLY B 654 7.08 2.94 -32.99
C GLY B 654 5.81 3.64 -32.57
N GLY B 655 5.91 4.94 -32.31
CA GLY B 655 4.73 5.72 -31.98
C GLY B 655 5.09 6.85 -31.02
N LEU B 656 4.19 7.11 -30.08
CA LEU B 656 4.34 8.16 -29.07
C LEU B 656 4.51 9.53 -29.72
N ALA B 657 3.43 9.96 -30.37
CA ALA B 657 3.33 11.32 -30.90
C ALA B 657 2.01 11.93 -30.48
N ALA B 658 1.87 13.23 -30.71
CA ALA B 658 0.65 13.95 -30.40
C ALA B 658 0.35 14.93 -31.52
N ILE B 659 -0.91 14.99 -31.93
CA ILE B 659 -1.34 15.83 -33.04
C ILE B 659 -2.66 16.51 -32.69
N TYR B 660 -3.06 17.45 -33.54
CA TYR B 660 -4.33 18.16 -33.47
C TYR B 660 -5.04 17.87 -34.78
N GLU B 661 -5.82 16.78 -34.81
CA GLU B 661 -6.22 16.18 -36.08
C GLU B 661 -7.51 16.79 -36.66
N ASN B 662 -8.64 16.60 -35.98
CA ASN B 662 -9.90 17.21 -36.39
C ASN B 662 -10.54 17.82 -35.15
N GLY B 663 -10.08 19.01 -34.77
CA GLY B 663 -10.57 19.60 -33.53
C GLY B 663 -10.45 18.67 -32.34
N TYR B 664 -9.37 17.89 -32.28
CA TYR B 664 -9.09 17.04 -31.13
C TYR B 664 -7.62 17.15 -30.77
N ILE B 665 -7.34 17.12 -29.47
CA ILE B 665 -6.00 16.89 -28.97
C ILE B 665 -5.86 15.38 -28.83
N SER B 666 -4.98 14.78 -29.63
CA SER B 666 -4.91 13.33 -29.74
C SER B 666 -3.48 12.86 -29.51
N ILE B 667 -3.37 11.64 -29.00
CA ILE B 667 -2.08 10.98 -28.79
C ILE B 667 -2.02 9.78 -29.73
N LEU B 668 -0.94 9.69 -30.50
CA LEU B 668 -0.70 8.56 -31.38
C LEU B 668 0.28 7.61 -30.73
N LYS B 669 -0.17 6.39 -30.44
CA LYS B 669 0.67 5.35 -29.85
C LYS B 669 1.08 4.32 -30.88
N GLY B 670 1.36 4.77 -32.10
CA GLY B 670 1.63 3.86 -33.20
C GLY B 670 0.51 3.91 -34.21
N ASP B 671 -0.24 2.81 -34.33
CA ASP B 671 -1.43 2.78 -35.16
C ASP B 671 -2.70 3.11 -34.39
N TRP B 672 -2.59 3.42 -33.11
CA TRP B 672 -3.74 3.73 -32.27
C TRP B 672 -3.80 5.23 -32.02
N THR B 673 -5.01 5.79 -32.09
CA THR B 673 -5.25 7.18 -31.82
C THR B 673 -6.05 7.32 -30.52
N LEU B 674 -5.55 8.12 -29.59
CA LEU B 674 -6.19 8.34 -28.30
C LEU B 674 -6.57 9.81 -28.21
N ARG B 675 -7.86 10.10 -28.35
CA ARG B 675 -8.33 11.48 -28.30
C ARG B 675 -8.48 11.92 -26.86
N ILE B 676 -7.94 13.10 -26.55
CA ILE B 676 -8.00 13.64 -25.19
C ILE B 676 -9.23 14.53 -25.05
N GLU B 677 -9.31 15.59 -25.85
CA GLU B 677 -10.40 16.53 -25.69
C GLU B 677 -10.64 17.26 -27.00
N LYS B 678 -11.84 17.84 -27.12
CA LYS B 678 -12.29 18.54 -28.32
C LYS B 678 -11.52 19.84 -28.58
N ALA B 679 -10.72 20.30 -27.61
CA ALA B 679 -9.86 21.47 -27.77
C ALA B 679 -10.65 22.77 -27.85
N VAL B 680 -11.98 22.68 -27.84
CA VAL B 680 -12.81 23.86 -27.61
C VAL B 680 -13.33 23.91 -26.19
N ASN B 681 -13.30 22.79 -25.47
CA ASN B 681 -13.61 22.76 -24.05
C ASN B 681 -12.37 22.96 -23.19
N VAL B 682 -11.21 23.15 -23.79
CA VAL B 682 -9.98 23.48 -23.08
C VAL B 682 -9.92 25.00 -22.92
N PRO B 683 -10.01 25.53 -21.71
CA PRO B 683 -10.12 27.00 -21.57
C PRO B 683 -8.94 27.77 -22.14
N ILE B 684 -7.72 27.24 -22.04
CA ILE B 684 -6.56 28.01 -22.48
C ILE B 684 -6.57 28.20 -23.99
N THR B 685 -7.05 27.20 -24.74
CA THR B 685 -7.16 27.36 -26.18
C THR B 685 -8.20 28.41 -26.58
N MET B 686 -9.12 28.74 -25.66
CA MET B 686 -10.17 29.73 -25.92
C MET B 686 -11.00 29.32 -27.14
N ALA B 687 -11.67 28.17 -26.99
CA ALA B 687 -12.48 27.58 -28.06
C ALA B 687 -11.65 27.35 -29.32
N GLY B 688 -10.38 26.97 -29.13
CA GLY B 688 -9.52 26.64 -30.25
C GLY B 688 -9.05 27.81 -31.07
N LYS B 689 -9.24 29.05 -30.59
CA LYS B 689 -8.86 30.21 -31.36
C LYS B 689 -7.35 30.45 -31.35
N ALA B 690 -6.67 30.06 -30.27
CA ALA B 690 -5.23 30.29 -30.16
C ALA B 690 -4.49 29.01 -30.51
N PRO B 691 -3.77 28.96 -31.63
CA PRO B 691 -3.10 27.72 -32.02
C PRO B 691 -1.84 27.45 -31.20
N PHE B 692 -1.17 28.51 -30.74
CA PHE B 692 0.04 28.32 -29.95
C PHE B 692 -0.27 27.66 -28.61
N MET B 693 -1.41 28.02 -28.01
CA MET B 693 -1.81 27.34 -26.77
C MET B 693 -2.21 25.89 -27.04
N ILE B 694 -2.75 25.62 -28.22
CA ILE B 694 -3.01 24.22 -28.59
C ILE B 694 -1.70 23.46 -28.71
N ALA B 695 -0.66 24.09 -29.27
CA ALA B 695 0.64 23.43 -29.35
C ALA B 695 1.23 23.18 -27.97
N ASN B 696 1.10 24.16 -27.07
CA ASN B 696 1.57 23.97 -25.69
C ASN B 696 0.82 22.84 -25.01
N ALA B 697 -0.50 22.76 -25.22
CA ALA B 697 -1.28 21.68 -24.65
C ALA B 697 -0.85 20.34 -25.22
N LEU B 698 -0.55 20.28 -26.52
CA LEU B 698 -0.06 19.06 -27.13
C LEU B 698 1.25 18.62 -26.47
N ALA B 699 2.17 19.57 -26.28
CA ALA B 699 3.45 19.24 -25.67
C ALA B 699 3.26 18.71 -24.25
N ALA B 700 2.43 19.40 -23.46
CA ALA B 700 2.21 18.98 -22.08
C ALA B 700 1.55 17.61 -22.01
N CYS B 701 0.52 17.38 -22.83
CA CYS B 701 -0.17 16.11 -22.83
C CYS B 701 0.76 14.97 -23.25
N LEU B 702 1.58 15.20 -24.28
CA LEU B 702 2.53 14.18 -24.69
C LEU B 702 3.53 13.90 -23.58
N ALA B 703 4.01 14.95 -22.90
CA ALA B 703 4.99 14.76 -21.84
C ALA B 703 4.43 13.93 -20.70
N VAL B 704 3.20 14.22 -20.28
CA VAL B 704 2.63 13.44 -19.18
C VAL B 704 2.29 12.02 -19.64
N PHE B 705 1.85 11.86 -20.90
CA PHE B 705 1.52 10.53 -21.39
C PHE B 705 2.75 9.64 -21.45
N THR B 706 3.90 10.21 -21.82
CA THR B 706 5.12 9.42 -21.87
C THR B 706 5.51 8.84 -20.53
N GLN B 707 5.07 9.45 -19.42
CA GLN B 707 5.42 9.01 -18.09
C GLN B 707 4.39 8.08 -17.47
N GLY B 708 3.35 7.72 -18.22
CA GLY B 708 2.36 6.77 -17.72
C GLY B 708 1.16 7.38 -17.05
N VAL B 709 0.97 8.70 -17.14
CA VAL B 709 -0.21 9.33 -16.57
C VAL B 709 -1.45 8.89 -17.33
N LYS B 710 -2.50 8.54 -16.59
CA LYS B 710 -3.72 8.04 -17.20
C LYS B 710 -4.41 9.12 -18.03
N ILE B 711 -5.14 8.68 -19.04
CA ILE B 711 -5.81 9.62 -19.95
C ILE B 711 -6.84 10.45 -19.21
N GLU B 712 -7.52 9.84 -18.23
CA GLU B 712 -8.53 10.57 -17.47
C GLU B 712 -7.93 11.73 -16.69
N HIS B 713 -6.77 11.51 -16.07
CA HIS B 713 -6.10 12.59 -15.35
C HIS B 713 -5.68 13.71 -16.29
N ILE B 714 -5.17 13.35 -17.47
CA ILE B 714 -4.79 14.36 -18.45
C ILE B 714 -6.01 15.18 -18.87
N ARG B 715 -7.13 14.50 -19.14
CA ARG B 715 -8.34 15.19 -19.55
C ARG B 715 -8.84 16.13 -18.46
N LYS B 716 -8.84 15.67 -17.21
CA LYS B 716 -9.30 16.50 -16.11
C LYS B 716 -8.40 17.72 -15.93
N GLY B 717 -7.08 17.52 -16.01
CA GLY B 717 -6.17 18.64 -15.88
C GLY B 717 -6.30 19.64 -17.01
N LEU B 718 -6.48 19.15 -18.24
CA LEU B 718 -6.63 20.04 -19.37
C LEU B 718 -7.95 20.81 -19.30
N SER B 719 -9.01 20.18 -18.79
CA SER B 719 -10.29 20.86 -18.71
C SER B 719 -10.33 21.87 -17.57
N THR B 720 -9.70 21.56 -16.44
CA THR B 720 -9.79 22.41 -15.26
C THR B 720 -8.72 23.50 -15.21
N PHE B 721 -7.82 23.55 -16.18
CA PHE B 721 -6.78 24.57 -16.21
C PHE B 721 -7.31 25.80 -16.91
N VAL B 722 -7.29 26.94 -16.22
CA VAL B 722 -7.88 28.18 -16.73
C VAL B 722 -6.77 29.16 -17.08
N ALA B 723 -7.06 30.01 -18.04
CA ALA B 723 -6.12 31.02 -18.53
C ALA B 723 -6.45 32.41 -18.03
N SER B 724 -6.95 32.52 -16.81
CA SER B 724 -7.30 33.80 -16.21
C SER B 724 -6.31 34.15 -15.09
N VAL B 725 -6.54 35.30 -14.45
CA VAL B 725 -5.62 35.80 -13.44
C VAL B 725 -5.57 34.89 -12.22
N ASP B 726 -6.58 34.05 -12.02
CA ASP B 726 -6.59 33.15 -10.87
C ASP B 726 -5.43 32.18 -10.93
N GLN B 727 -5.10 31.68 -12.12
CA GLN B 727 -3.97 30.78 -12.30
C GLN B 727 -2.85 31.41 -13.13
N THR B 728 -3.15 31.85 -14.35
CA THR B 728 -2.12 32.43 -15.21
C THR B 728 -1.91 33.89 -14.85
N PRO B 729 -0.71 34.30 -14.43
CA PRO B 729 -0.47 35.71 -14.10
C PRO B 729 -0.63 36.62 -15.29
N GLY B 730 0.06 36.34 -16.39
CA GLY B 730 0.02 37.21 -17.54
C GLY B 730 -0.08 36.52 -18.89
N ARG B 731 -0.65 35.32 -18.91
CA ARG B 731 -0.68 34.48 -20.10
C ARG B 731 -2.13 34.33 -20.58
N MET B 732 -2.45 34.98 -21.70
CA MET B 732 -3.78 34.92 -22.32
C MET B 732 -4.88 35.29 -21.32
N ASN B 733 -4.62 36.27 -20.47
CA ASN B 733 -5.61 36.69 -19.48
C ASN B 733 -6.68 37.52 -20.16
N MET B 734 -7.93 37.12 -20.00
CA MET B 734 -9.07 37.80 -20.58
C MET B 734 -9.86 38.48 -19.47
N PHE B 735 -10.01 39.79 -19.56
CA PHE B 735 -10.74 40.57 -18.58
C PHE B 735 -11.91 41.27 -19.25
N ASN B 736 -13.09 41.12 -18.67
CA ASN B 736 -14.32 41.69 -19.19
C ASN B 736 -14.86 42.72 -18.21
N MET B 737 -15.14 43.93 -18.72
CA MET B 737 -15.76 44.97 -17.92
C MET B 737 -17.02 45.53 -18.58
N GLY B 738 -17.64 44.76 -19.48
CA GLY B 738 -18.91 45.14 -20.06
C GLY B 738 -18.81 45.91 -21.36
N SER B 739 -18.34 47.16 -21.29
CA SER B 739 -18.27 48.00 -22.49
C SER B 739 -17.28 47.47 -23.52
N TYR B 740 -16.15 46.95 -23.06
CA TYR B 740 -15.10 46.46 -23.94
C TYR B 740 -14.41 45.28 -23.26
N HIS B 741 -13.22 44.92 -23.74
CA HIS B 741 -12.45 43.83 -23.17
C HIS B 741 -10.97 44.18 -23.20
N ALA B 742 -10.22 43.56 -22.29
CA ALA B 742 -8.78 43.79 -22.16
C ALA B 742 -8.06 42.45 -22.23
N LEU B 743 -6.93 42.43 -22.93
CA LEU B 743 -6.11 41.24 -23.12
C LEU B 743 -4.67 41.58 -22.78
N VAL B 744 -4.28 41.37 -21.53
CA VAL B 744 -2.90 41.56 -21.10
C VAL B 744 -2.11 40.30 -21.43
N ASP B 745 -0.92 40.48 -21.99
CA ASP B 745 -0.13 39.36 -22.49
C ASP B 745 1.34 39.59 -22.17
N TYR B 746 2.16 38.62 -22.55
CA TYR B 746 3.60 38.61 -22.28
C TYR B 746 4.39 38.52 -23.59
N ALA B 747 3.90 39.18 -24.64
CA ALA B 747 4.53 39.12 -25.95
C ALA B 747 5.62 40.19 -26.04
N HIS B 748 6.85 39.77 -26.36
CA HIS B 748 7.95 40.71 -26.50
C HIS B 748 8.90 40.38 -27.65
N ASN B 749 8.58 39.40 -28.49
CA ASN B 749 9.42 39.02 -29.61
C ASN B 749 8.55 38.76 -30.83
N PRO B 750 9.13 38.81 -32.04
CA PRO B 750 8.30 38.66 -33.25
C PRO B 750 7.50 37.38 -33.31
N ALA B 751 8.03 36.26 -32.83
CA ALA B 751 7.29 35.01 -32.89
C ALA B 751 6.04 35.05 -32.02
N SER B 752 6.19 35.50 -30.77
CA SER B 752 5.01 35.66 -29.92
C SER B 752 4.10 36.77 -30.43
N TYR B 753 4.66 37.79 -31.08
CA TYR B 753 3.81 38.81 -31.69
C TYR B 753 2.92 38.21 -32.78
N GLU B 754 3.51 37.36 -33.63
CA GLU B 754 2.73 36.68 -34.66
C GLU B 754 1.68 35.75 -34.06
N ALA B 755 2.07 35.00 -33.01
CA ALA B 755 1.12 34.13 -32.34
C ALA B 755 -0.04 34.94 -31.74
N LEU B 756 0.27 36.07 -31.10
CA LEU B 756 -0.76 36.93 -30.54
C LEU B 756 -1.67 37.48 -31.62
N GLY B 757 -1.09 37.90 -32.75
CA GLY B 757 -1.90 38.42 -33.84
C GLY B 757 -2.82 37.37 -34.42
N GLY B 758 -2.35 36.13 -34.50
CA GLY B 758 -3.16 35.05 -35.03
C GLY B 758 -4.46 34.82 -34.28
N PHE B 759 -4.53 35.28 -33.03
CA PHE B 759 -5.76 35.24 -32.24
C PHE B 759 -6.46 36.60 -32.16
N VAL B 760 -5.69 37.69 -32.11
CA VAL B 760 -6.30 39.02 -31.99
C VAL B 760 -7.04 39.40 -33.26
N ARG B 761 -6.51 39.02 -34.43
CA ARG B 761 -7.14 39.39 -35.69
C ARG B 761 -8.55 38.84 -35.83
N ASN B 762 -8.89 37.79 -35.09
CA ASN B 762 -10.23 37.22 -35.13
C ASN B 762 -11.24 37.98 -34.30
N TRP B 763 -10.80 38.94 -33.48
CA TRP B 763 -11.73 39.72 -32.69
C TRP B 763 -12.51 40.68 -33.59
N PRO B 764 -13.84 40.77 -33.42
CA PRO B 764 -14.64 41.62 -34.29
C PRO B 764 -14.68 43.09 -33.89
N GLY B 765 -14.03 43.47 -32.79
CA GLY B 765 -14.07 44.82 -32.29
C GLY B 765 -12.82 45.62 -32.63
N LYS B 766 -12.73 46.81 -32.03
CA LYS B 766 -11.58 47.67 -32.22
C LYS B 766 -10.35 47.08 -31.55
N ARG B 767 -9.19 47.30 -32.17
CA ARG B 767 -7.92 46.75 -31.70
C ARG B 767 -7.03 47.90 -31.23
N ILE B 768 -6.80 47.97 -29.92
CA ILE B 768 -5.87 48.93 -29.33
C ILE B 768 -4.77 48.15 -28.64
N GLY B 769 -3.52 48.52 -28.91
CA GLY B 769 -2.41 47.77 -28.37
C GLY B 769 -1.29 48.61 -27.80
N VAL B 770 -0.82 48.26 -26.61
CA VAL B 770 0.36 48.85 -26.00
C VAL B 770 1.48 47.83 -26.09
N VAL B 771 2.51 48.15 -26.88
CA VAL B 771 3.57 47.20 -27.19
C VAL B 771 4.90 47.74 -26.67
N GLY B 772 5.88 46.85 -26.57
CA GLY B 772 7.19 47.22 -26.09
C GLY B 772 8.11 46.03 -26.13
N GLY B 773 9.36 46.27 -25.74
CA GLY B 773 10.36 45.25 -25.71
C GLY B 773 11.52 45.59 -24.80
N PRO B 774 12.24 44.57 -24.32
CA PRO B 774 13.41 44.83 -23.48
C PRO B 774 14.48 45.59 -24.25
N GLY B 775 15.25 46.41 -23.53
CA GLY B 775 16.23 47.27 -24.16
C GLY B 775 17.52 46.61 -24.58
N ASP B 776 17.74 45.34 -24.20
CA ASP B 776 18.97 44.64 -24.52
C ASP B 776 18.89 43.90 -25.86
N ARG B 777 17.93 44.25 -26.71
CA ARG B 777 17.67 43.53 -27.95
C ARG B 777 18.15 44.33 -29.14
N ARG B 778 18.29 43.64 -30.28
CA ARG B 778 18.79 44.28 -31.48
C ARG B 778 17.73 45.17 -32.11
N ASP B 779 18.21 46.09 -32.97
CA ASP B 779 17.33 47.06 -33.60
C ASP B 779 16.36 46.40 -34.59
N GLU B 780 16.85 45.41 -35.33
CA GLU B 780 16.00 44.73 -36.31
C GLU B 780 14.82 44.05 -35.63
N ASP B 781 15.02 43.54 -34.42
CA ASP B 781 13.91 42.97 -33.65
C ASP B 781 12.85 44.03 -33.35
N PHE B 782 13.28 45.23 -32.98
CA PHE B 782 12.32 46.31 -32.72
C PHE B 782 11.57 46.70 -33.99
N VAL B 783 12.28 46.75 -35.12
CA VAL B 783 11.61 47.06 -36.38
C VAL B 783 10.58 46.00 -36.72
N SER B 784 10.92 44.73 -36.52
CA SER B 784 9.97 43.64 -36.76
C SER B 784 8.77 43.73 -35.84
N LEU B 785 9.00 44.06 -34.57
CA LEU B 785 7.89 44.22 -33.64
C LEU B 785 6.98 45.35 -34.08
N GLY B 786 7.55 46.47 -34.50
CA GLY B 786 6.74 47.58 -34.97
C GLY B 786 5.92 47.24 -36.19
N GLU B 787 6.53 46.58 -37.17
CA GLU B 787 5.81 46.24 -38.39
C GLU B 787 4.72 45.21 -38.11
N LEU B 788 4.97 44.26 -37.23
CA LEU B 788 3.94 43.28 -36.87
C LEU B 788 2.79 43.95 -36.14
N ALA B 789 3.09 44.88 -35.22
CA ALA B 789 2.05 45.61 -34.52
C ALA B 789 1.22 46.44 -35.49
N ALA B 790 1.87 47.04 -36.49
CA ALA B 790 1.14 47.75 -37.53
C ALA B 790 0.22 46.80 -38.29
N ASP B 791 0.72 45.60 -38.61
CA ASP B 791 -0.09 44.65 -39.36
C ASP B 791 -1.32 44.21 -38.58
N ILE B 792 -1.16 43.94 -37.28
CA ILE B 792 -2.23 43.29 -36.53
C ILE B 792 -3.19 44.29 -35.87
N PHE B 793 -2.70 45.45 -35.45
CA PHE B 793 -3.48 46.35 -34.61
C PHE B 793 -4.03 47.53 -35.41
N ASP B 794 -4.90 48.29 -34.76
CA ASP B 794 -5.49 49.49 -35.32
C ASP B 794 -5.09 50.76 -34.59
N GLU B 795 -4.74 50.66 -33.30
CA GLU B 795 -4.22 51.79 -32.53
C GLU B 795 -2.94 51.34 -31.84
N ILE B 796 -1.88 52.13 -32.00
CA ILE B 796 -0.55 51.75 -31.52
C ILE B 796 -0.12 52.75 -30.44
N ILE B 797 0.30 52.22 -29.29
CA ILE B 797 0.89 53.01 -28.22
C ILE B 797 2.20 52.32 -27.85
N ILE B 798 3.32 52.92 -28.24
CA ILE B 798 4.63 52.31 -28.05
C ILE B 798 5.22 52.80 -26.74
N LYS B 799 5.67 51.85 -25.91
CA LYS B 799 6.29 52.16 -24.63
C LYS B 799 7.59 51.36 -24.50
N GLU B 800 8.58 51.99 -23.89
CA GLU B 800 9.87 51.37 -23.66
C GLU B 800 10.03 51.02 -22.19
N ASP B 801 10.50 49.80 -21.93
CA ASP B 801 10.60 49.30 -20.56
C ASP B 801 11.47 50.21 -19.71
N ASP B 802 11.04 50.43 -18.47
CA ASP B 802 11.79 51.28 -17.55
C ASP B 802 13.19 50.74 -17.31
N ASP B 803 13.29 49.43 -17.09
CA ASP B 803 14.58 48.76 -17.01
C ASP B 803 15.07 48.54 -18.43
N THR B 804 15.83 49.51 -18.95
CA THR B 804 16.21 49.54 -20.35
C THR B 804 17.45 48.69 -20.63
N ARG B 805 18.03 48.06 -19.60
CA ARG B 805 19.15 47.13 -19.74
C ARG B 805 20.38 47.79 -20.36
N GLY B 806 20.57 49.09 -20.14
CA GLY B 806 21.73 49.80 -20.63
C GLY B 806 21.50 50.58 -21.91
N ARG B 807 20.44 50.28 -22.65
CA ARG B 807 20.13 51.02 -23.86
C ARG B 807 19.74 52.45 -23.50
N PRO B 808 20.12 53.43 -24.32
CA PRO B 808 19.68 54.81 -24.09
C PRO B 808 18.16 54.90 -24.08
N ARG B 809 17.64 55.75 -23.21
CA ARG B 809 16.20 55.87 -23.06
C ARG B 809 15.55 56.37 -24.35
N GLY B 810 14.47 55.72 -24.74
CA GLY B 810 13.73 56.11 -25.92
C GLY B 810 14.05 55.38 -27.21
N ASN B 811 15.33 55.11 -27.47
CA ASN B 811 15.80 54.64 -28.77
C ASN B 811 14.93 53.52 -29.34
N ALA B 812 14.59 52.54 -28.50
CA ALA B 812 13.74 51.44 -28.96
C ALA B 812 12.36 51.94 -29.36
N ALA B 813 11.85 52.96 -28.67
CA ALA B 813 10.53 53.49 -29.01
C ALA B 813 10.52 54.12 -30.40
N GLU B 814 11.48 55.00 -30.69
CA GLU B 814 11.51 55.60 -32.02
C GLU B 814 11.89 54.58 -33.09
N LEU B 815 12.59 53.50 -32.74
CA LEU B 815 12.86 52.50 -33.76
C LEU B 815 11.64 51.63 -34.05
N ILE B 816 10.83 51.32 -33.03
CA ILE B 816 9.54 50.70 -33.28
C ILE B 816 8.65 51.62 -34.11
N CYS B 817 8.74 52.93 -33.84
CA CYS B 817 8.03 53.91 -34.66
C CYS B 817 8.53 53.89 -36.10
N GLN B 818 9.84 53.72 -36.29
CA GLN B 818 10.38 53.60 -37.64
C GLN B 818 9.83 52.36 -38.33
N GLY B 819 9.74 51.24 -37.60
CA GLY B 819 9.15 50.04 -38.18
C GLY B 819 7.69 50.22 -38.56
N VAL B 820 6.91 50.85 -37.69
CA VAL B 820 5.50 51.06 -38.00
C VAL B 820 5.34 52.03 -39.17
N LYS B 821 6.23 53.02 -39.26
CA LYS B 821 6.21 53.93 -40.41
C LYS B 821 6.57 53.20 -41.70
N GLN B 822 7.54 52.29 -41.64
CA GLN B 822 7.88 51.51 -42.82
C GLN B 822 6.71 50.65 -43.27
N PHE B 823 6.03 49.99 -42.33
CA PHE B 823 4.87 49.19 -42.69
C PHE B 823 3.76 50.05 -43.27
N LEU B 824 3.54 51.24 -42.68
CA LEU B 824 2.52 52.15 -43.20
C LEU B 824 2.85 52.60 -44.62
N ASN B 825 4.11 52.94 -44.87
CA ASN B 825 4.55 53.33 -46.21
C ASN B 825 4.51 52.16 -47.19
N GLY B 826 4.52 50.93 -46.70
CA GLY B 826 4.41 49.78 -47.57
C GLY B 826 3.03 49.47 -48.09
N ILE B 827 2.04 50.31 -47.78
CA ILE B 827 0.65 50.09 -48.18
C ILE B 827 0.25 51.20 -49.14
N LYS B 828 -0.36 50.83 -50.26
CA LYS B 828 -0.74 51.81 -51.27
C LYS B 828 -2.00 52.57 -50.87
N ASN B 829 -3.12 51.85 -50.69
CA ASN B 829 -4.41 52.44 -50.38
C ASN B 829 -4.70 52.30 -48.89
N SER B 830 -5.92 52.66 -48.49
CA SER B 830 -6.33 52.63 -47.09
C SER B 830 -6.78 51.22 -46.67
N GLU B 831 -5.87 50.26 -46.89
CA GLU B 831 -6.13 48.90 -46.45
C GLU B 831 -5.99 48.76 -44.94
N SER B 832 -4.97 49.40 -44.36
CA SER B 832 -4.78 49.39 -42.91
C SER B 832 -3.97 50.63 -42.54
N LYS B 833 -4.63 51.60 -41.92
CA LYS B 833 -4.03 52.91 -41.64
C LYS B 833 -3.97 53.16 -40.14
N ALA B 834 -3.48 52.18 -39.39
CA ALA B 834 -3.47 52.25 -37.93
C ALA B 834 -2.74 53.49 -37.44
N THR B 835 -3.35 54.17 -36.47
CA THR B 835 -2.76 55.36 -35.86
C THR B 835 -1.68 54.95 -34.87
N TYR B 836 -0.64 55.78 -34.77
CA TYR B 836 0.52 55.50 -33.95
C TYR B 836 0.88 56.70 -33.08
N GLU B 837 1.31 56.41 -31.86
CA GLU B 837 1.85 57.42 -30.96
C GLU B 837 2.67 56.71 -29.89
N SER B 838 3.66 57.42 -29.35
CA SER B 838 4.61 56.81 -28.42
C SER B 838 4.67 57.65 -27.14
N ILE B 839 4.45 56.99 -26.00
CA ILE B 839 4.68 57.57 -24.68
C ILE B 839 5.45 56.54 -23.85
N LEU B 840 6.44 57.01 -23.11
CA LEU B 840 7.47 56.14 -22.53
C LEU B 840 7.14 55.68 -21.11
N ASP B 841 5.97 56.00 -20.58
CA ASP B 841 5.59 55.62 -19.23
C ASP B 841 4.55 54.51 -19.26
N GLU B 842 4.75 53.50 -18.41
CA GLU B 842 3.83 52.37 -18.39
C GLU B 842 2.45 52.78 -17.90
N THR B 843 2.39 53.54 -16.80
CA THR B 843 1.11 53.97 -16.27
C THR B 843 0.37 54.85 -17.29
N ALA B 844 1.10 55.79 -17.90
CA ALA B 844 0.48 56.65 -18.90
C ALA B 844 0.01 55.84 -20.10
N ALA B 845 0.81 54.88 -20.54
CA ALA B 845 0.43 54.08 -21.71
C ALA B 845 -0.84 53.28 -21.45
N ILE B 846 -0.89 52.58 -20.32
CA ILE B 846 -2.07 51.76 -20.02
C ILE B 846 -3.28 52.65 -19.76
N ASN B 847 -3.09 53.80 -19.10
CA ASN B 847 -4.20 54.71 -18.86
C ASN B 847 -4.76 55.25 -20.17
N THR B 848 -3.89 55.62 -21.11
CA THR B 848 -4.36 56.08 -22.41
C THR B 848 -5.07 54.97 -23.17
N ALA B 849 -4.54 53.75 -23.09
CA ALA B 849 -5.18 52.63 -23.78
C ALA B 849 -6.57 52.36 -23.22
N LEU B 850 -6.72 52.40 -21.89
CA LEU B 850 -8.01 52.12 -21.27
C LEU B 850 -8.98 53.29 -21.35
N ASP B 851 -8.48 54.51 -21.56
CA ASP B 851 -9.34 55.68 -21.58
C ASP B 851 -10.19 55.72 -22.85
N ARG B 852 -9.56 55.45 -24.00
CA ARG B 852 -10.22 55.58 -25.31
C ARG B 852 -10.63 54.23 -25.88
N ALA B 853 -11.07 53.30 -25.03
CA ALA B 853 -11.55 52.02 -25.51
C ALA B 853 -13.01 52.14 -25.93
N PRO B 854 -13.34 51.91 -27.20
CA PRO B 854 -14.74 52.06 -27.63
C PRO B 854 -15.59 50.83 -27.28
N ILE B 855 -16.84 50.84 -27.74
CA ILE B 855 -17.76 49.75 -27.44
C ILE B 855 -17.29 48.47 -28.12
N ASP B 856 -17.28 47.37 -27.36
CA ASP B 856 -16.90 46.05 -27.85
C ASP B 856 -15.47 45.99 -28.37
N GLY B 857 -14.62 46.92 -27.96
CA GLY B 857 -13.25 46.93 -28.40
C GLY B 857 -12.37 45.97 -27.62
N LEU B 858 -11.16 45.77 -28.12
CA LEU B 858 -10.17 44.90 -27.49
C LEU B 858 -8.91 45.72 -27.26
N VAL B 859 -8.41 45.72 -26.03
CA VAL B 859 -7.21 46.44 -25.64
C VAL B 859 -6.17 45.41 -25.23
N VAL B 860 -5.02 45.42 -25.91
CA VAL B 860 -3.95 44.48 -25.64
C VAL B 860 -2.81 45.21 -24.94
N ILE B 861 -2.34 44.63 -23.83
CA ILE B 861 -1.30 45.22 -23.01
C ILE B 861 -0.11 44.26 -22.96
N LEU B 862 1.08 44.78 -23.20
CA LEU B 862 2.32 44.01 -23.12
C LEU B 862 3.28 44.74 -22.20
N PRO B 863 3.02 44.72 -20.89
CA PRO B 863 3.80 45.55 -19.96
C PRO B 863 5.10 44.87 -19.56
N GLU B 864 5.98 45.69 -18.98
CA GLU B 864 7.23 45.17 -18.44
C GLU B 864 6.97 44.20 -17.29
N SER B 865 6.05 44.55 -16.39
CA SER B 865 5.68 43.70 -15.28
C SER B 865 4.17 43.42 -15.33
N VAL B 866 3.82 42.16 -15.11
CA VAL B 866 2.42 41.75 -15.17
C VAL B 866 1.61 42.36 -14.03
N ASN B 867 2.24 42.46 -12.85
CA ASN B 867 1.51 42.95 -11.68
C ASN B 867 1.04 44.38 -11.85
N ARG B 868 1.78 45.19 -12.61
CA ARG B 868 1.34 46.56 -12.88
C ARG B 868 0.00 46.57 -13.60
N ALA B 869 -0.09 45.82 -14.71
CA ALA B 869 -1.34 45.75 -15.46
C ALA B 869 -2.45 45.13 -14.63
N ILE B 870 -2.13 44.08 -13.87
CA ILE B 870 -3.15 43.40 -13.05
C ILE B 870 -3.73 44.37 -12.04
N SER B 871 -2.87 45.11 -11.32
CA SER B 871 -3.35 46.05 -10.33
C SER B 871 -4.14 47.19 -10.98
N LEU B 872 -3.66 47.70 -12.13
CA LEU B 872 -4.33 48.81 -12.77
C LEU B 872 -5.73 48.41 -13.25
N ILE B 873 -5.88 47.21 -13.80
CA ILE B 873 -7.20 46.78 -14.25
C ILE B 873 -8.06 46.30 -13.08
N GLU B 874 -7.46 45.92 -11.96
CA GLU B 874 -8.25 45.59 -10.77
C GLU B 874 -8.81 46.84 -10.12
N GLY B 875 -8.04 47.93 -10.11
CA GLY B 875 -8.53 49.16 -9.53
C GLY B 875 -9.72 49.75 -10.26
N ARG B 876 -9.71 49.66 -11.59
CA ARG B 876 -10.78 50.20 -12.42
C ARG B 876 -11.93 49.22 -12.64
N HIS B 877 -11.98 48.16 -11.84
CA HIS B 877 -13.06 47.16 -11.93
C HIS B 877 -13.16 46.56 -13.33
N MET C 1 15.90 -39.83 -54.49
CA MET C 1 15.20 -38.99 -53.51
C MET C 1 14.62 -39.83 -52.37
N LYS C 2 15.25 -39.76 -51.22
CA LYS C 2 14.77 -40.44 -50.02
C LYS C 2 15.05 -39.56 -48.82
N ILE C 3 13.99 -39.22 -48.07
CA ILE C 3 14.13 -38.38 -46.89
C ILE C 3 14.43 -39.28 -45.70
N LEU C 4 15.60 -39.09 -45.10
CA LEU C 4 16.03 -39.95 -44.00
C LEU C 4 15.36 -39.54 -42.69
N LYS C 5 15.57 -38.28 -42.28
CA LYS C 5 15.04 -37.77 -41.03
C LYS C 5 14.39 -36.42 -41.28
N LEU C 6 13.30 -36.16 -40.55
CA LEU C 6 12.56 -34.91 -40.64
C LEU C 6 12.38 -34.35 -39.22
N GLN C 7 13.19 -33.37 -38.87
CA GLN C 7 13.14 -32.74 -37.55
C GLN C 7 12.54 -31.35 -37.66
N THR C 8 11.83 -30.95 -36.61
CA THR C 8 11.25 -29.62 -36.51
C THR C 8 11.82 -28.92 -35.27
N LEU C 9 12.15 -27.64 -35.43
CA LEU C 9 12.74 -26.85 -34.36
C LEU C 9 11.74 -25.78 -33.93
N ARG C 10 11.63 -25.58 -32.62
CA ARG C 10 10.64 -24.66 -32.08
C ARG C 10 11.23 -23.49 -31.31
N GLY C 11 12.51 -23.53 -30.95
CA GLY C 11 13.15 -22.43 -30.27
C GLY C 11 14.44 -22.04 -30.93
N PRO C 12 15.27 -21.26 -30.24
CA PRO C 12 16.61 -20.97 -30.76
C PRO C 12 17.39 -22.26 -30.95
N ASN C 13 18.13 -22.34 -32.05
CA ASN C 13 18.69 -23.60 -32.49
C ASN C 13 20.08 -23.37 -33.08
N TYR C 14 20.70 -24.48 -33.49
CA TYR C 14 22.02 -24.42 -34.09
C TYR C 14 22.02 -23.63 -35.39
N TRP C 15 20.96 -23.77 -36.18
CA TRP C 15 20.93 -23.15 -37.51
C TRP C 15 20.72 -21.64 -37.41
N SER C 16 19.87 -21.19 -36.50
CA SER C 16 19.60 -19.77 -36.41
C SER C 16 19.10 -19.43 -35.01
N ILE C 17 19.23 -18.15 -34.68
CA ILE C 17 18.68 -17.59 -33.44
C ILE C 17 17.80 -16.42 -33.85
N HIS C 18 16.64 -16.31 -33.21
CA HIS C 18 15.51 -15.43 -33.54
C HIS C 18 14.69 -16.01 -34.69
N ARG C 19 15.11 -17.13 -35.28
CA ARG C 19 14.29 -17.90 -36.20
C ARG C 19 14.00 -19.23 -35.51
N HIS C 20 12.96 -19.23 -34.68
CA HIS C 20 12.68 -20.39 -33.85
C HIS C 20 12.04 -21.52 -34.64
N LYS C 21 11.15 -21.19 -35.56
CA LYS C 21 10.38 -22.18 -36.30
C LYS C 21 11.14 -22.58 -37.56
N LEU C 22 11.80 -23.73 -37.51
CA LEU C 22 12.53 -24.25 -38.65
C LEU C 22 12.28 -25.75 -38.75
N VAL C 23 12.40 -26.27 -39.97
CA VAL C 23 12.31 -27.71 -40.23
C VAL C 23 13.57 -28.14 -40.95
N VAL C 24 14.17 -29.24 -40.49
CA VAL C 24 15.42 -29.75 -41.03
C VAL C 24 15.18 -31.17 -41.51
N MET C 25 15.53 -31.44 -42.76
CA MET C 25 15.40 -32.77 -43.34
C MET C 25 16.74 -33.26 -43.84
N ARG C 26 17.04 -34.53 -43.59
CA ARG C 26 18.21 -35.19 -44.15
C ARG C 26 17.80 -35.84 -45.46
N LEU C 27 18.21 -35.24 -46.57
CA LEU C 27 17.76 -35.64 -47.89
C LEU C 27 18.86 -36.38 -48.62
N ASP C 28 18.52 -37.55 -49.17
CA ASP C 28 19.47 -38.36 -49.92
C ASP C 28 19.35 -38.05 -51.41
N LEU C 29 20.51 -37.90 -52.06
CA LEU C 29 20.56 -37.59 -53.48
C LEU C 29 21.30 -38.68 -54.24
N GLU C 30 20.92 -39.95 -53.99
CA GLU C 30 21.66 -41.11 -54.46
C GLU C 30 22.17 -40.97 -55.89
N ASP C 31 21.27 -40.74 -56.85
CA ASP C 31 21.66 -40.63 -58.24
C ASP C 31 21.68 -39.20 -58.76
N LEU C 32 21.12 -38.25 -58.02
CA LEU C 32 21.18 -36.83 -58.38
C LEU C 32 22.15 -36.07 -57.48
N TYR C 33 23.27 -36.70 -57.11
CA TYR C 33 24.15 -36.09 -56.12
C TYR C 33 24.95 -34.93 -56.71
N GLU C 34 25.65 -35.16 -57.82
CA GLU C 34 26.61 -34.18 -58.32
C GLU C 34 26.32 -33.85 -59.78
N LYS C 35 25.06 -33.54 -60.08
CA LYS C 35 24.70 -32.95 -61.36
C LYS C 35 23.96 -31.64 -61.11
N TYR C 36 24.33 -30.61 -61.87
CA TYR C 36 23.75 -29.29 -61.72
C TYR C 36 22.43 -29.21 -62.49
N THR C 37 21.74 -28.08 -62.34
CA THR C 37 20.49 -27.88 -63.07
C THR C 37 20.73 -27.80 -64.57
N SER C 38 21.84 -27.17 -64.98
CA SER C 38 22.18 -27.11 -66.39
C SER C 38 22.47 -28.49 -66.97
N ASP C 39 22.84 -29.45 -66.14
CA ASP C 39 23.11 -30.81 -66.58
C ASP C 39 21.84 -31.66 -66.69
N ILE C 40 20.70 -31.13 -66.27
CA ILE C 40 19.42 -31.82 -66.34
C ILE C 40 18.63 -31.24 -67.52
N PRO C 41 18.28 -32.04 -68.52
CA PRO C 41 17.61 -31.49 -69.71
C PRO C 41 16.21 -31.00 -69.39
N GLY C 42 15.93 -29.75 -69.73
CA GLY C 42 14.61 -29.19 -69.57
C GLY C 42 14.18 -28.95 -68.15
N PHE C 43 15.10 -29.02 -67.19
CA PHE C 43 14.72 -28.81 -65.79
C PHE C 43 14.32 -27.37 -65.54
N TYR C 44 15.08 -26.41 -66.08
CA TYR C 44 14.82 -25.00 -65.81
C TYR C 44 13.45 -24.60 -66.33
N LYS C 45 13.12 -25.01 -67.56
CA LYS C 45 11.85 -24.63 -68.16
C LYS C 45 10.67 -25.20 -67.39
N GLY C 46 10.75 -26.49 -67.03
CA GLY C 46 9.68 -27.09 -66.25
C GLY C 46 9.54 -26.44 -64.89
N LEU C 47 10.66 -26.17 -64.23
CA LEU C 47 10.60 -25.53 -62.91
C LEU C 47 9.99 -24.13 -63.00
N THR C 48 10.36 -23.36 -64.02
CA THR C 48 9.87 -22.00 -64.14
C THR C 48 8.45 -21.92 -64.68
N GLU C 49 7.95 -22.99 -65.30
CA GLU C 49 6.54 -23.00 -65.71
C GLU C 49 5.64 -23.55 -64.61
N VAL C 50 6.13 -24.49 -63.80
CA VAL C 50 5.34 -24.98 -62.69
C VAL C 50 5.20 -23.92 -61.61
N LEU C 51 6.29 -23.22 -61.30
CA LEU C 51 6.31 -22.21 -60.24
C LEU C 51 6.89 -20.91 -60.80
N PRO C 52 6.09 -20.15 -61.55
CA PRO C 52 6.59 -18.86 -62.07
C PRO C 52 6.91 -17.86 -60.98
N SER C 53 6.37 -18.05 -59.77
CA SER C 53 6.58 -17.10 -58.68
C SER C 53 8.00 -17.12 -58.16
N LEU C 54 8.81 -18.09 -58.59
CA LEU C 54 10.20 -18.18 -58.12
C LEU C 54 11.03 -16.96 -58.55
N VAL C 55 10.53 -16.18 -59.52
CA VAL C 55 11.26 -15.01 -59.98
C VAL C 55 11.46 -13.99 -58.87
N GLU C 56 10.61 -14.01 -57.84
CA GLU C 56 10.73 -13.06 -56.75
C GLU C 56 11.88 -13.39 -55.79
N HIS C 57 12.41 -14.61 -55.84
CA HIS C 57 13.44 -15.05 -54.90
C HIS C 57 14.74 -14.27 -55.09
N LEU C 58 15.12 -13.49 -54.08
CA LEU C 58 16.38 -12.74 -54.09
C LEU C 58 17.43 -13.59 -53.39
N CYS C 59 18.22 -14.31 -54.19
CA CYS C 59 19.26 -15.18 -53.65
C CYS C 59 20.49 -14.34 -53.29
N SER C 60 21.62 -15.00 -53.06
CA SER C 60 22.85 -14.28 -52.77
C SER C 60 23.22 -13.22 -53.83
N PRO C 61 22.88 -13.38 -55.11
CA PRO C 61 23.02 -12.23 -56.02
C PRO C 61 22.27 -10.99 -55.54
N GLY C 62 21.12 -11.16 -54.90
CA GLY C 62 20.39 -10.04 -54.34
C GLY C 62 19.59 -9.22 -55.32
N VAL C 63 19.46 -9.67 -56.57
CA VAL C 63 18.72 -8.95 -57.59
C VAL C 63 17.52 -9.79 -58.01
N LYS C 64 16.50 -9.12 -58.53
CA LYS C 64 15.30 -9.79 -59.01
C LYS C 64 15.65 -10.90 -59.98
N GLY C 65 15.14 -12.11 -59.68
CA GLY C 65 15.46 -13.27 -60.50
C GLY C 65 16.82 -13.88 -60.26
N GLY C 66 17.47 -13.54 -59.14
CA GLY C 66 18.81 -14.06 -58.89
C GLY C 66 18.83 -15.57 -58.78
N PHE C 67 17.81 -16.15 -58.12
CA PHE C 67 17.73 -17.60 -58.01
C PHE C 67 17.56 -18.23 -59.38
N LEU C 68 16.78 -17.60 -60.26
CA LEU C 68 16.64 -18.11 -61.62
C LEU C 68 17.97 -18.06 -62.37
N THR C 69 18.74 -16.99 -62.18
CA THR C 69 20.06 -16.92 -62.78
C THR C 69 20.97 -18.03 -62.26
N ARG C 70 20.90 -18.31 -60.95
CA ARG C 70 21.69 -19.39 -60.39
C ARG C 70 21.28 -20.74 -60.98
N VAL C 71 19.97 -20.96 -61.16
CA VAL C 71 19.50 -22.19 -61.80
C VAL C 71 20.02 -22.27 -63.24
N GLU C 72 20.04 -21.13 -63.93
CA GLU C 72 20.60 -21.09 -65.28
C GLU C 72 22.06 -21.51 -65.29
N LYS C 73 22.85 -20.98 -64.34
CA LYS C 73 24.25 -21.36 -64.27
C LYS C 73 24.44 -22.82 -63.88
N GLY C 74 23.53 -23.35 -63.07
CA GLY C 74 23.62 -24.75 -62.67
C GLY C 74 24.19 -24.96 -61.29
N THR C 75 23.34 -25.40 -60.35
CA THR C 75 23.76 -25.68 -58.98
C THR C 75 23.14 -26.99 -58.53
N LEU C 76 23.45 -27.36 -57.28
CA LEU C 76 22.92 -28.60 -56.72
C LEU C 76 21.42 -28.52 -56.54
N ILE C 77 20.77 -29.68 -56.54
CA ILE C 77 19.31 -29.71 -56.48
C ILE C 77 18.80 -29.43 -55.06
N GLY C 78 19.67 -29.52 -54.05
CA GLY C 78 19.25 -29.18 -52.70
C GLY C 78 18.81 -27.74 -52.58
N HIS C 79 19.56 -26.83 -53.20
CA HIS C 79 19.21 -25.41 -53.13
C HIS C 79 17.86 -25.13 -53.78
N VAL C 80 17.62 -25.72 -54.96
CA VAL C 80 16.35 -25.48 -55.62
C VAL C 80 15.21 -26.16 -54.86
N ILE C 81 15.47 -27.30 -54.23
CA ILE C 81 14.44 -27.94 -53.41
C ILE C 81 14.07 -27.04 -52.24
N GLU C 82 15.07 -26.48 -51.57
CA GLU C 82 14.82 -25.50 -50.52
C GLU C 82 13.96 -24.34 -51.03
N HIS C 83 14.35 -23.77 -52.17
CA HIS C 83 13.63 -22.61 -52.69
C HIS C 83 12.19 -22.96 -53.07
N VAL C 84 11.98 -24.12 -53.69
CA VAL C 84 10.63 -24.47 -54.10
C VAL C 84 9.77 -24.80 -52.89
N ALA C 85 10.34 -25.38 -51.84
CA ALA C 85 9.56 -25.58 -50.62
C ALA C 85 9.17 -24.25 -49.99
N ILE C 86 10.10 -23.30 -49.95
CA ILE C 86 9.80 -21.99 -49.40
C ILE C 86 8.68 -21.33 -50.19
N GLU C 87 8.78 -21.36 -51.53
CA GLU C 87 7.75 -20.75 -52.36
C GLU C 87 6.43 -21.50 -52.29
N LEU C 88 6.48 -22.83 -52.16
CA LEU C 88 5.26 -23.62 -52.08
C LEU C 88 4.47 -23.29 -50.82
N GLN C 89 5.16 -23.17 -49.68
CA GLN C 89 4.44 -22.81 -48.47
C GLN C 89 4.17 -21.31 -48.39
N GLU C 90 4.86 -20.49 -49.18
CA GLU C 90 4.54 -19.07 -49.24
C GLU C 90 3.30 -18.80 -50.09
N LEU C 91 3.09 -19.57 -51.15
CA LEU C 91 1.94 -19.38 -52.02
C LEU C 91 0.62 -19.68 -51.30
N ALA C 92 0.66 -20.47 -50.24
CA ALA C 92 -0.52 -20.77 -49.45
C ALA C 92 -0.85 -19.69 -48.44
N GLY C 93 -0.20 -18.53 -48.53
CA GLY C 93 -0.48 -17.42 -47.63
C GLY C 93 0.39 -17.34 -46.40
N MET C 94 1.48 -18.08 -46.35
CA MET C 94 2.37 -18.07 -45.18
C MET C 94 3.73 -17.50 -45.57
N PRO C 95 3.99 -16.22 -45.29
CA PRO C 95 5.28 -15.63 -45.69
C PRO C 95 6.42 -16.18 -44.86
N VAL C 96 7.38 -16.81 -45.53
CA VAL C 96 8.58 -17.34 -44.90
C VAL C 96 9.79 -16.88 -45.71
N GLY C 97 10.86 -16.50 -45.02
CA GLY C 97 12.00 -15.94 -45.71
C GLY C 97 13.36 -16.40 -45.21
N PHE C 98 13.46 -17.62 -44.73
CA PHE C 98 14.74 -18.17 -44.28
C PHE C 98 14.90 -19.58 -44.83
N GLY C 99 16.12 -19.89 -45.26
CA GLY C 99 16.42 -21.21 -45.76
C GLY C 99 17.91 -21.43 -45.86
N ARG C 100 18.32 -22.67 -45.66
CA ARG C 100 19.72 -23.04 -45.71
C ARG C 100 19.86 -24.44 -46.28
N THR C 101 21.03 -24.72 -46.84
CA THR C 101 21.37 -26.06 -47.31
C THR C 101 22.85 -26.31 -47.06
N ARG C 102 23.17 -27.49 -46.56
CA ARG C 102 24.54 -27.84 -46.19
C ARG C 102 24.80 -29.30 -46.52
N GLU C 103 26.00 -29.58 -47.04
CA GLU C 103 26.41 -30.95 -47.27
C GLU C 103 26.90 -31.56 -45.97
N THR C 104 26.56 -32.83 -45.74
CA THR C 104 26.90 -33.51 -44.50
C THR C 104 28.20 -34.28 -44.67
N SER C 105 28.69 -34.84 -43.56
CA SER C 105 29.93 -35.60 -43.59
C SER C 105 29.78 -36.86 -44.44
N THR C 106 28.61 -37.51 -44.37
CA THR C 106 28.38 -38.70 -45.16
C THR C 106 28.34 -38.37 -46.65
N THR C 107 28.49 -39.41 -47.47
CA THR C 107 28.79 -39.22 -48.89
C THR C 107 27.66 -38.54 -49.64
N GLY C 108 26.41 -38.89 -49.34
CA GLY C 108 25.31 -38.45 -50.18
C GLY C 108 24.27 -37.55 -49.55
N VAL C 109 24.04 -37.71 -48.26
CA VAL C 109 22.94 -37.02 -47.60
C VAL C 109 23.26 -35.54 -47.44
N PHE C 110 22.28 -34.69 -47.73
CA PHE C 110 22.33 -33.26 -47.49
C PHE C 110 21.42 -32.89 -46.33
N GLN C 111 21.51 -31.64 -45.90
CA GLN C 111 20.64 -31.09 -44.87
C GLN C 111 20.01 -29.81 -45.40
N VAL C 112 18.68 -29.75 -45.37
CA VAL C 112 17.93 -28.61 -45.86
C VAL C 112 17.14 -28.02 -44.69
N VAL C 113 17.30 -26.71 -44.47
CA VAL C 113 16.64 -26.01 -43.38
C VAL C 113 15.65 -25.03 -43.99
N ILE C 114 14.40 -25.11 -43.55
CA ILE C 114 13.30 -24.36 -44.16
C ILE C 114 12.51 -23.68 -43.05
N GLU C 115 12.32 -22.38 -43.18
CA GLU C 115 11.48 -21.65 -42.23
C GLU C 115 10.02 -21.97 -42.47
N TYR C 116 9.25 -22.09 -41.40
CA TYR C 116 7.83 -22.40 -41.49
C TYR C 116 7.04 -21.49 -40.57
N GLU C 117 5.76 -21.32 -40.92
CA GLU C 117 4.81 -20.63 -40.07
C GLU C 117 3.91 -21.61 -39.30
N ASN C 118 3.58 -22.74 -39.92
CA ASN C 118 2.83 -23.81 -39.27
C ASN C 118 3.65 -25.08 -39.35
N GLU C 119 3.68 -25.83 -38.24
CA GLU C 119 4.54 -27.01 -38.17
C GLU C 119 4.11 -28.08 -39.17
N GLN C 120 2.83 -28.45 -39.15
CA GLN C 120 2.35 -29.47 -40.08
C GLN C 120 2.44 -28.98 -41.51
N ALA C 121 2.11 -27.71 -41.76
CA ALA C 121 2.22 -27.17 -43.11
C ALA C 121 3.67 -27.12 -43.56
N GLY C 122 4.59 -26.78 -42.66
CA GLY C 122 6.01 -26.77 -43.03
C GLY C 122 6.51 -28.15 -43.38
N ARG C 123 6.14 -29.16 -42.58
CA ARG C 123 6.54 -30.53 -42.88
C ARG C 123 5.94 -31.00 -44.20
N TYR C 124 4.66 -30.65 -44.45
CA TYR C 124 4.03 -31.04 -45.71
C TYR C 124 4.71 -30.39 -46.90
N ALA C 125 5.07 -29.10 -46.78
CA ALA C 125 5.77 -28.44 -47.87
C ALA C 125 7.14 -29.06 -48.11
N ALA C 126 7.85 -29.42 -47.04
CA ALA C 126 9.14 -30.08 -47.18
C ALA C 126 8.99 -31.42 -47.89
N ARG C 127 7.97 -32.20 -47.54
CA ARG C 127 7.74 -33.48 -48.20
C ARG C 127 7.32 -33.30 -49.65
N ALA C 128 6.54 -32.25 -49.96
CA ALA C 128 6.04 -32.06 -51.31
C ALA C 128 7.11 -31.51 -52.24
N ALA C 129 8.07 -30.74 -51.72
CA ALA C 129 9.10 -30.16 -52.58
C ALA C 129 9.95 -31.23 -53.26
N VAL C 130 10.32 -32.27 -52.50
CA VAL C 130 11.16 -33.31 -53.09
C VAL C 130 10.39 -34.08 -54.16
N ARG C 131 9.09 -34.35 -53.92
CA ARG C 131 8.28 -35.00 -54.95
C ARG C 131 8.16 -34.14 -56.19
N LEU C 132 7.93 -32.84 -56.01
CA LEU C 132 7.82 -31.93 -57.15
C LEU C 132 9.11 -31.91 -57.96
N CYS C 133 10.26 -31.79 -57.29
CA CYS C 133 11.52 -31.73 -58.01
C CYS C 133 11.85 -33.07 -58.67
N GLN C 134 11.53 -34.18 -58.01
CA GLN C 134 11.75 -35.49 -58.62
C GLN C 134 10.88 -35.65 -59.86
N SER C 135 9.64 -35.20 -59.80
CA SER C 135 8.77 -35.27 -60.98
C SER C 135 9.31 -34.41 -62.11
N ILE C 136 9.83 -33.21 -61.79
CA ILE C 136 10.39 -32.37 -62.84
C ILE C 136 11.62 -33.03 -63.47
N VAL C 137 12.52 -33.56 -62.64
CA VAL C 137 13.72 -34.17 -63.20
C VAL C 137 13.42 -35.48 -63.91
N ASP C 138 12.27 -36.11 -63.64
CA ASP C 138 11.94 -37.37 -64.29
C ASP C 138 11.17 -37.17 -65.59
N THR C 139 10.13 -36.32 -65.57
CA THR C 139 9.26 -36.15 -66.72
C THR C 139 9.36 -34.77 -67.37
N GLY C 140 10.09 -33.84 -66.77
CA GLY C 140 10.23 -32.51 -67.32
C GLY C 140 9.20 -31.51 -66.86
N THR C 141 8.15 -31.95 -66.15
CA THR C 141 7.12 -31.04 -65.68
C THR C 141 6.35 -31.70 -64.54
N TYR C 142 5.62 -30.88 -63.79
CA TYR C 142 4.75 -31.33 -62.72
C TYR C 142 3.29 -31.04 -63.07
N PRO C 143 2.40 -32.02 -62.89
CA PRO C 143 0.99 -31.80 -63.23
C PRO C 143 0.40 -30.63 -62.45
N ALA C 144 -0.44 -29.84 -63.13
CA ALA C 144 -1.09 -28.72 -62.48
C ALA C 144 -2.11 -29.18 -61.46
N THR C 145 -2.76 -30.33 -61.69
CA THR C 145 -3.74 -30.84 -60.74
C THR C 145 -3.08 -31.19 -59.41
N GLU C 146 -1.89 -31.80 -59.45
CA GLU C 146 -1.18 -32.11 -58.21
C GLU C 146 -0.72 -30.84 -57.50
N LEU C 147 -0.28 -29.84 -58.27
CA LEU C 147 0.09 -28.57 -57.66
C LEU C 147 -1.08 -27.92 -56.96
N GLN C 148 -2.25 -27.90 -57.61
CA GLN C 148 -3.44 -27.34 -56.97
C GLN C 148 -3.83 -28.15 -55.74
N GLN C 149 -3.74 -29.48 -55.83
CA GLN C 149 -4.08 -30.33 -54.69
C GLN C 149 -3.18 -30.03 -53.49
N ASP C 150 -1.88 -29.90 -53.73
CA ASP C 150 -0.97 -29.66 -52.60
C ASP C 150 -1.08 -28.25 -52.07
N LEU C 151 -1.34 -27.26 -52.93
CA LEU C 151 -1.60 -25.90 -52.44
C LEU C 151 -2.85 -25.87 -51.57
N GLU C 152 -3.91 -26.56 -51.99
CA GLU C 152 -5.12 -26.58 -51.18
C GLU C 152 -4.91 -27.35 -49.88
N ASP C 153 -4.09 -28.40 -49.92
CA ASP C 153 -3.76 -29.12 -48.69
C ASP C 153 -2.99 -28.21 -47.73
N LEU C 154 -2.05 -27.42 -48.26
CA LEU C 154 -1.31 -26.48 -47.42
C LEU C 154 -2.25 -25.44 -46.83
N LYS C 155 -3.18 -24.93 -47.63
CA LYS C 155 -4.13 -23.94 -47.11
C LYS C 155 -5.03 -24.54 -46.04
N GLU C 156 -5.47 -25.78 -46.22
CA GLU C 156 -6.27 -26.45 -45.21
C GLU C 156 -5.48 -26.66 -43.93
N LEU C 157 -4.20 -27.03 -44.06
CA LEU C 157 -3.36 -27.17 -42.87
C LEU C 157 -3.19 -25.85 -42.15
N LYS C 158 -3.01 -24.76 -42.90
CA LYS C 158 -2.89 -23.45 -42.28
C LYS C 158 -4.17 -23.07 -41.55
N ASN C 159 -5.32 -23.30 -42.17
CA ASN C 159 -6.60 -22.96 -41.55
C ASN C 159 -6.83 -23.80 -40.30
N GLN C 160 -6.51 -25.09 -40.36
CA GLN C 160 -6.77 -25.97 -39.23
C GLN C 160 -5.96 -25.57 -38.01
N ALA C 161 -4.68 -25.26 -38.22
CA ALA C 161 -3.80 -24.83 -37.13
C ALA C 161 -3.75 -23.31 -37.05
N SER C 162 -4.90 -22.72 -36.76
CA SER C 162 -5.02 -21.27 -36.66
C SER C 162 -5.93 -20.93 -35.49
N LEU C 163 -5.53 -19.91 -34.73
CA LEU C 163 -6.31 -19.43 -33.61
C LEU C 163 -7.34 -18.40 -34.10
N GLY C 164 -8.33 -18.14 -33.26
CA GLY C 164 -9.36 -17.19 -33.61
C GLY C 164 -8.86 -15.76 -33.55
N PRO C 165 -9.63 -14.86 -34.15
CA PRO C 165 -9.18 -13.46 -34.24
C PRO C 165 -8.91 -12.83 -32.88
N SER C 166 -9.74 -13.12 -31.88
CA SER C 166 -9.49 -12.59 -30.54
C SER C 166 -8.21 -13.17 -29.96
N THR C 167 -8.02 -14.47 -30.07
CA THR C 167 -6.81 -15.11 -29.59
C THR C 167 -5.59 -14.62 -30.37
N GLU C 168 -5.73 -14.44 -31.68
CA GLU C 168 -4.64 -13.89 -32.48
C GLU C 168 -4.25 -12.51 -31.98
N ALA C 169 -5.23 -11.64 -31.75
CA ALA C 169 -4.93 -10.29 -31.30
C ALA C 169 -4.26 -10.29 -29.94
N ILE C 170 -4.77 -11.10 -29.01
CA ILE C 170 -4.20 -11.13 -27.67
C ILE C 170 -2.77 -11.67 -27.71
N VAL C 171 -2.55 -12.73 -28.50
CA VAL C 171 -1.21 -13.30 -28.62
C VAL C 171 -0.24 -12.30 -29.25
N LYS C 172 -0.70 -11.57 -30.27
CA LYS C 172 0.16 -10.57 -30.89
C LYS C 172 0.52 -9.46 -29.91
N GLU C 173 -0.45 -9.03 -29.10
CA GLU C 173 -0.15 -8.02 -28.08
C GLU C 173 0.86 -8.55 -27.06
N ALA C 174 0.68 -9.79 -26.62
CA ALA C 174 1.62 -10.38 -25.66
C ALA C 174 3.02 -10.48 -26.25
N GLU C 175 3.12 -10.85 -27.53
CA GLU C 175 4.42 -10.88 -28.19
C GLU C 175 5.03 -9.48 -28.26
N ALA C 176 4.20 -8.48 -28.56
CA ALA C 176 4.69 -7.10 -28.60
C ALA C 176 5.19 -6.64 -27.24
N ARG C 177 4.62 -7.16 -26.16
CA ARG C 177 5.08 -6.82 -24.81
C ARG C 177 6.16 -7.75 -24.30
N GLY C 178 6.61 -8.70 -25.12
CA GLY C 178 7.68 -9.59 -24.69
C GLY C 178 7.27 -10.62 -23.66
N ILE C 179 6.00 -10.95 -23.58
CA ILE C 179 5.48 -11.90 -22.60
C ILE C 179 5.42 -13.28 -23.27
N PRO C 180 6.08 -14.29 -22.73
CA PRO C 180 6.06 -15.62 -23.38
C PRO C 180 4.66 -16.19 -23.42
N TRP C 181 4.37 -16.93 -24.49
CA TRP C 181 3.07 -17.56 -24.66
C TRP C 181 3.26 -18.94 -25.25
N THR C 182 2.48 -19.91 -24.76
CA THR C 182 2.50 -21.26 -25.28
C THR C 182 1.06 -21.75 -25.38
N GLN C 183 0.87 -22.76 -26.23
CA GLN C 183 -0.44 -23.32 -26.50
C GLN C 183 -0.61 -24.61 -25.71
N LEU C 184 -1.60 -24.64 -24.82
CA LEU C 184 -1.93 -25.85 -24.09
C LEU C 184 -2.66 -26.83 -25.01
N GLY C 185 -2.62 -28.10 -24.64
CA GLY C 185 -3.19 -29.16 -25.44
C GLY C 185 -4.55 -29.67 -25.05
N ALA C 186 -5.26 -28.98 -24.16
CA ALA C 186 -6.55 -29.48 -23.67
C ALA C 186 -7.74 -28.89 -24.42
N ARG C 187 -7.94 -27.58 -24.34
CA ARG C 187 -9.16 -26.94 -24.83
C ARG C 187 -8.83 -25.65 -25.57
N PHE C 188 -7.78 -25.67 -26.39
CA PHE C 188 -7.33 -24.49 -27.12
C PHE C 188 -7.02 -23.34 -26.18
N MET C 189 -6.44 -23.66 -25.03
CA MET C 189 -6.06 -22.65 -24.05
C MET C 189 -4.64 -22.18 -24.30
N ILE C 190 -4.41 -20.89 -24.03
CA ILE C 190 -3.11 -20.26 -24.21
C ILE C 190 -2.59 -19.88 -22.83
N GLN C 191 -1.34 -20.25 -22.55
CA GLN C 191 -0.69 -19.90 -21.31
C GLN C 191 0.30 -18.76 -21.55
N PHE C 192 0.14 -17.68 -20.79
CA PHE C 192 1.05 -16.54 -20.85
C PHE C 192 1.95 -16.54 -19.62
N GLY C 193 3.23 -16.37 -19.83
CA GLY C 193 4.17 -16.33 -18.74
C GLY C 193 4.61 -17.71 -18.27
N TYR C 194 5.37 -17.70 -17.18
CA TYR C 194 6.01 -18.91 -16.66
C TYR C 194 5.73 -19.06 -15.17
N GLY C 195 5.62 -20.31 -14.74
CA GLY C 195 5.63 -20.61 -13.31
C GLY C 195 4.48 -19.97 -12.56
N VAL C 196 4.81 -19.36 -11.41
CA VAL C 196 3.80 -18.73 -10.57
C VAL C 196 3.21 -17.48 -11.17
N ASN C 197 3.84 -16.93 -12.21
CA ASN C 197 3.39 -15.70 -12.84
C ASN C 197 2.55 -15.95 -14.08
N GLN C 198 2.12 -17.19 -14.31
CA GLN C 198 1.44 -17.54 -15.54
C GLN C 198 -0.03 -17.13 -15.48
N LYS C 199 -0.60 -16.92 -16.67
CA LYS C 199 -2.02 -16.66 -16.85
C LYS C 199 -2.52 -17.51 -18.01
N LYS C 200 -3.82 -17.76 -18.03
CA LYS C 200 -4.44 -18.59 -19.06
C LYS C 200 -5.65 -17.87 -19.64
N ILE C 201 -5.79 -17.95 -20.96
CA ILE C 201 -6.97 -17.47 -21.65
C ILE C 201 -7.43 -18.55 -22.63
N GLN C 202 -8.73 -18.64 -22.86
CA GLN C 202 -9.22 -19.57 -23.86
C GLN C 202 -9.57 -18.87 -25.17
N ALA C 203 -10.58 -18.00 -25.13
CA ALA C 203 -10.88 -17.11 -26.24
C ALA C 203 -10.85 -15.65 -25.80
N THR C 204 -11.68 -15.32 -24.81
CA THR C 204 -11.63 -14.05 -24.10
C THR C 204 -11.76 -14.25 -22.60
N LEU C 205 -12.28 -15.39 -22.16
CA LEU C 205 -12.28 -15.75 -20.75
C LEU C 205 -10.85 -15.97 -20.28
N SER C 206 -10.49 -15.35 -19.15
CA SER C 206 -9.21 -15.59 -18.54
C SER C 206 -9.35 -16.65 -17.45
N ASN C 207 -8.22 -17.03 -16.86
CA ASN C 207 -8.26 -18.00 -15.77
C ASN C 207 -8.88 -17.41 -14.51
N GLN C 208 -9.09 -16.10 -14.45
CA GLN C 208 -9.72 -15.44 -13.33
C GLN C 208 -11.19 -15.12 -13.56
N THR C 209 -11.74 -15.47 -14.71
CA THR C 209 -13.16 -15.26 -14.96
C THR C 209 -13.97 -16.29 -14.17
N GLY C 210 -14.98 -15.81 -13.46
CA GLY C 210 -15.70 -16.67 -12.53
C GLY C 210 -16.72 -17.56 -13.22
N ILE C 211 -16.89 -18.76 -12.67
CA ILE C 211 -17.95 -19.66 -13.12
C ILE C 211 -19.31 -19.06 -12.84
N LEU C 212 -19.50 -18.47 -11.66
CA LEU C 212 -20.80 -17.93 -11.27
C LEU C 212 -21.19 -16.77 -12.17
N GLY C 213 -20.25 -15.87 -12.46
CA GLY C 213 -20.56 -14.74 -13.32
C GLY C 213 -20.92 -15.16 -14.73
N VAL C 214 -20.17 -16.12 -15.28
CA VAL C 214 -20.45 -16.61 -16.62
C VAL C 214 -21.82 -17.28 -16.67
N GLU C 215 -22.13 -18.11 -15.68
CA GLU C 215 -23.40 -18.82 -15.68
C GLU C 215 -24.56 -17.87 -15.42
N LEU C 216 -24.34 -16.79 -14.67
CA LEU C 216 -25.39 -15.80 -14.47
C LEU C 216 -25.61 -14.97 -15.72
N ALA C 217 -24.55 -14.68 -16.46
CA ALA C 217 -24.69 -13.93 -17.70
C ALA C 217 -25.50 -14.72 -18.72
N CYS C 218 -25.28 -16.03 -18.79
CA CYS C 218 -26.03 -16.87 -19.72
C CYS C 218 -27.50 -17.03 -19.37
N ASP C 219 -27.88 -16.68 -18.13
CA ASP C 219 -29.27 -16.76 -17.69
C ASP C 219 -29.89 -15.37 -17.85
N LYS C 220 -30.78 -15.23 -18.83
CA LYS C 220 -31.38 -13.93 -19.12
C LYS C 220 -32.24 -13.46 -17.97
N GLU C 221 -33.14 -14.32 -17.48
CA GLU C 221 -34.04 -13.92 -16.41
C GLU C 221 -33.28 -13.63 -15.12
N GLY C 222 -32.30 -14.48 -14.78
CA GLY C 222 -31.51 -14.22 -13.59
C GLY C 222 -30.73 -12.93 -13.67
N THR C 223 -30.14 -12.66 -14.84
CA THR C 223 -29.41 -11.41 -15.02
C THR C 223 -30.34 -10.21 -14.89
N LYS C 224 -31.52 -10.29 -15.50
CA LYS C 224 -32.47 -9.19 -15.38
C LYS C 224 -32.91 -8.98 -13.94
N ARG C 225 -33.16 -10.06 -13.21
CA ARG C 225 -33.56 -9.95 -11.81
C ARG C 225 -32.47 -9.31 -10.97
N ILE C 226 -31.22 -9.76 -11.15
CA ILE C 226 -30.12 -9.21 -10.38
C ILE C 226 -29.92 -7.74 -10.70
N LEU C 227 -29.97 -7.38 -11.98
CA LEU C 227 -29.76 -5.98 -12.35
C LEU C 227 -30.90 -5.10 -11.86
N LYS C 228 -32.13 -5.60 -11.90
CA LYS C 228 -33.26 -4.84 -11.37
C LYS C 228 -33.13 -4.64 -9.87
N ASP C 229 -32.66 -5.66 -9.15
CA ASP C 229 -32.44 -5.52 -7.71
C ASP C 229 -31.36 -4.48 -7.40
N ALA C 230 -30.50 -4.16 -8.36
CA ALA C 230 -29.44 -3.19 -8.16
C ALA C 230 -29.79 -1.81 -8.73
N GLY C 231 -31.04 -1.62 -9.17
CA GLY C 231 -31.45 -0.35 -9.71
C GLY C 231 -31.11 -0.11 -11.16
N VAL C 232 -30.55 -1.10 -11.84
CA VAL C 232 -30.19 -0.97 -13.25
C VAL C 232 -31.45 -0.96 -14.10
N PRO C 233 -31.58 -0.06 -15.07
CA PRO C 233 -32.79 -0.01 -15.90
C PRO C 233 -32.87 -1.14 -16.92
N VAL C 234 -33.37 -2.30 -16.51
CA VAL C 234 -33.57 -3.43 -17.41
C VAL C 234 -34.95 -3.33 -18.05
N PRO C 235 -35.19 -3.95 -19.20
CA PRO C 235 -36.52 -3.90 -19.81
C PRO C 235 -37.55 -4.61 -18.95
N ARG C 236 -38.78 -4.12 -19.02
CA ARG C 236 -39.89 -4.69 -18.27
C ARG C 236 -40.51 -5.83 -19.08
N GLY C 237 -40.62 -7.00 -18.48
CA GLY C 237 -41.15 -8.14 -19.20
C GLY C 237 -41.32 -9.34 -18.30
N THR C 238 -41.77 -10.44 -18.90
CA THR C 238 -42.05 -11.67 -18.17
C THR C 238 -41.91 -12.84 -19.12
N VAL C 239 -41.86 -14.04 -18.54
CA VAL C 239 -41.71 -15.27 -19.31
C VAL C 239 -43.09 -15.86 -19.58
N ALA C 240 -43.20 -16.59 -20.69
CA ALA C 240 -44.47 -17.22 -21.08
C ALA C 240 -44.14 -18.57 -21.72
N ARG C 241 -44.48 -19.65 -21.03
CA ARG C 241 -44.16 -20.98 -21.54
C ARG C 241 -45.20 -21.50 -22.52
N TYR C 242 -46.48 -21.22 -22.28
CA TYR C 242 -47.57 -21.80 -23.05
C TYR C 242 -48.30 -20.74 -23.86
N PHE C 243 -49.18 -21.21 -24.74
CA PHE C 243 -49.95 -20.33 -25.61
C PHE C 243 -50.95 -19.49 -24.81
N ASP C 244 -51.57 -20.08 -23.79
CA ASP C 244 -52.67 -19.41 -23.10
C ASP C 244 -52.23 -18.19 -22.31
N GLU C 245 -50.94 -18.05 -22.04
CA GLU C 245 -50.43 -16.97 -21.21
C GLU C 245 -50.06 -15.72 -22.01
N LEU C 246 -50.35 -15.70 -23.31
CA LEU C 246 -49.92 -14.57 -24.14
C LEU C 246 -50.60 -13.27 -23.73
N GLN C 247 -51.93 -13.28 -23.61
CA GLN C 247 -52.64 -12.10 -23.10
C GLN C 247 -52.03 -11.63 -21.79
N ASP C 248 -52.13 -12.47 -20.75
CA ASP C 248 -51.76 -12.05 -19.39
C ASP C 248 -50.33 -11.52 -19.34
N ALA C 249 -49.45 -12.07 -20.19
CA ALA C 249 -48.11 -11.52 -20.31
C ALA C 249 -48.13 -10.14 -20.97
N ILE C 250 -48.96 -9.95 -21.99
CA ILE C 250 -48.97 -8.66 -22.70
C ILE C 250 -49.48 -7.54 -21.80
N GLU C 251 -50.55 -7.79 -21.03
CA GLU C 251 -50.95 -6.73 -20.10
C GLU C 251 -49.90 -6.41 -19.05
N TYR C 252 -49.00 -7.34 -18.75
CA TYR C 252 -48.02 -7.09 -17.69
C TYR C 252 -47.03 -6.02 -18.12
N VAL C 253 -46.55 -6.06 -19.37
CA VAL C 253 -45.50 -5.15 -19.81
C VAL C 253 -46.01 -3.73 -20.01
N GLY C 254 -47.33 -3.53 -20.07
CA GLY C 254 -47.87 -2.19 -20.11
C GLY C 254 -48.36 -1.72 -21.46
N GLY C 255 -48.84 -2.63 -22.30
CA GLY C 255 -49.46 -2.28 -23.57
C GLY C 255 -48.60 -2.73 -24.74
N TYR C 256 -48.48 -1.87 -25.74
CA TYR C 256 -47.80 -2.14 -26.99
C TYR C 256 -46.84 -1.00 -27.29
N PRO C 257 -45.78 -1.27 -28.08
CA PRO C 257 -45.38 -2.54 -28.66
C PRO C 257 -44.57 -3.42 -27.69
N ILE C 258 -44.43 -4.70 -28.02
CA ILE C 258 -43.72 -5.65 -27.18
C ILE C 258 -42.71 -6.40 -28.03
N VAL C 259 -41.88 -7.20 -27.37
CA VAL C 259 -40.83 -7.99 -28.00
C VAL C 259 -41.01 -9.44 -27.60
N ILE C 260 -40.87 -10.34 -28.57
CA ILE C 260 -40.95 -11.79 -28.35
C ILE C 260 -39.60 -12.40 -28.71
N LYS C 261 -38.99 -13.12 -27.76
CA LYS C 261 -37.70 -13.73 -28.00
C LYS C 261 -37.49 -14.91 -27.06
N PRO C 262 -36.91 -16.01 -27.53
CA PRO C 262 -36.64 -17.15 -26.64
C PRO C 262 -35.48 -16.86 -25.69
N LEU C 263 -35.51 -17.53 -24.54
CA LEU C 263 -34.41 -17.41 -23.58
C LEU C 263 -33.22 -18.29 -23.93
N ASP C 264 -33.45 -19.41 -24.62
CA ASP C 264 -32.37 -20.28 -25.06
C ASP C 264 -31.86 -19.88 -26.44
N GLY C 265 -32.05 -18.64 -26.85
CA GLY C 265 -31.62 -18.15 -28.13
C GLY C 265 -30.40 -17.26 -28.04
N ASN C 266 -29.63 -17.25 -29.13
CA ASN C 266 -28.43 -16.43 -29.21
C ASN C 266 -28.21 -16.07 -30.67
N HIS C 267 -27.46 -14.97 -30.88
CA HIS C 267 -27.18 -14.45 -32.21
C HIS C 267 -28.46 -14.15 -32.99
N GLY C 268 -29.49 -13.69 -32.29
CA GLY C 268 -30.76 -13.39 -32.91
C GLY C 268 -31.47 -14.60 -33.47
N ARG C 269 -31.46 -15.73 -32.75
CA ARG C 269 -32.12 -16.94 -33.23
C ARG C 269 -33.60 -16.86 -32.91
N GLY C 270 -34.39 -16.56 -33.94
CA GLY C 270 -35.84 -16.52 -33.80
C GLY C 270 -36.38 -15.42 -32.90
N ILE C 271 -35.87 -14.20 -33.03
CA ILE C 271 -36.31 -13.07 -32.22
C ILE C 271 -37.13 -12.14 -33.09
N THR C 272 -38.30 -11.72 -32.58
CA THR C 272 -39.14 -10.75 -33.26
C THR C 272 -39.12 -9.45 -32.44
N ILE C 273 -38.75 -8.35 -33.09
CA ILE C 273 -38.49 -7.12 -32.38
C ILE C 273 -39.77 -6.33 -32.15
N ASP C 274 -40.43 -5.91 -33.22
CA ASP C 274 -41.57 -5.00 -33.14
C ASP C 274 -42.83 -5.73 -33.58
N VAL C 275 -43.83 -5.75 -32.69
CA VAL C 275 -45.16 -6.28 -33.00
C VAL C 275 -46.20 -5.32 -32.42
N LYS C 276 -47.27 -5.08 -33.18
CA LYS C 276 -48.28 -4.11 -32.79
C LYS C 276 -49.70 -4.67 -32.83
N ASN C 277 -49.88 -5.99 -32.94
CA ASN C 277 -51.21 -6.57 -33.02
C ASN C 277 -51.12 -8.04 -32.61
N TRP C 278 -52.29 -8.65 -32.41
CA TRP C 278 -52.34 -10.05 -32.02
C TRP C 278 -51.80 -10.99 -33.08
N GLN C 279 -52.10 -10.75 -34.36
CA GLN C 279 -51.62 -11.67 -35.38
C GLN C 279 -50.09 -11.71 -35.39
N GLU C 280 -49.46 -10.53 -35.32
CA GLU C 280 -48.01 -10.47 -35.22
C GLU C 280 -47.52 -11.14 -33.94
N ALA C 281 -48.24 -10.94 -32.83
CA ALA C 281 -47.81 -11.51 -31.56
C ALA C 281 -47.82 -13.04 -31.61
N GLU C 282 -48.88 -13.62 -32.16
CA GLU C 282 -48.96 -15.08 -32.21
C GLU C 282 -47.99 -15.66 -33.23
N GLU C 283 -47.79 -14.97 -34.36
CA GLU C 283 -46.77 -15.43 -35.30
C GLU C 283 -45.38 -15.39 -34.69
N ALA C 284 -45.08 -14.32 -33.95
CA ALA C 284 -43.80 -14.23 -33.27
C ALA C 284 -43.65 -15.32 -32.21
N TYR C 285 -44.72 -15.60 -31.46
CA TYR C 285 -44.68 -16.66 -30.47
C TYR C 285 -44.37 -18.00 -31.14
N ASP C 286 -45.05 -18.30 -32.24
CA ASP C 286 -44.82 -19.57 -32.93
C ASP C 286 -43.38 -19.65 -33.44
N LEU C 287 -42.90 -18.58 -34.06
CA LEU C 287 -41.55 -18.60 -34.63
C LEU C 287 -40.50 -18.74 -33.54
N ALA C 288 -40.66 -18.02 -32.42
CA ALA C 288 -39.68 -18.11 -31.33
C ALA C 288 -39.75 -19.48 -30.66
N ARG C 289 -40.94 -20.04 -30.50
CA ARG C 289 -41.06 -21.37 -29.91
C ARG C 289 -40.40 -22.41 -30.80
N LYS C 290 -40.53 -22.27 -32.12
CA LYS C 290 -39.80 -23.14 -33.04
C LYS C 290 -38.30 -22.96 -32.87
N ALA C 291 -37.84 -21.71 -32.73
CA ALA C 291 -36.43 -21.45 -32.51
C ALA C 291 -35.98 -21.78 -31.09
N SER C 292 -36.93 -21.89 -30.15
CA SER C 292 -36.59 -22.20 -28.77
C SER C 292 -36.23 -23.68 -28.63
N LYS C 293 -35.12 -23.95 -27.93
CA LYS C 293 -34.71 -25.33 -27.70
C LYS C 293 -35.47 -25.98 -26.55
N THR C 294 -36.17 -25.19 -25.72
CA THR C 294 -36.94 -25.72 -24.60
C THR C 294 -38.39 -25.25 -24.64
N LYS C 295 -38.85 -24.74 -25.78
CA LYS C 295 -40.22 -24.28 -25.97
C LYS C 295 -40.61 -23.17 -25.00
N THR C 296 -39.65 -22.35 -24.58
CA THR C 296 -39.90 -21.27 -23.63
C THR C 296 -39.43 -19.96 -24.25
N VAL C 297 -40.23 -18.91 -24.08
CA VAL C 297 -40.00 -17.63 -24.74
C VAL C 297 -40.18 -16.52 -23.71
N ILE C 298 -39.57 -15.37 -23.99
CA ILE C 298 -39.67 -14.19 -23.13
C ILE C 298 -40.42 -13.10 -23.89
N VAL C 299 -41.37 -12.47 -23.20
CA VAL C 299 -42.05 -11.28 -23.71
C VAL C 299 -41.64 -10.09 -22.87
N GLU C 300 -41.51 -8.94 -23.50
CA GLU C 300 -41.11 -7.73 -22.78
C GLU C 300 -41.50 -6.50 -23.59
N ARG C 301 -41.54 -5.36 -22.92
CA ARG C 301 -41.83 -4.10 -23.56
C ARG C 301 -40.74 -3.76 -24.59
N TYR C 302 -41.15 -3.14 -25.69
CA TYR C 302 -40.23 -2.71 -26.72
C TYR C 302 -39.73 -1.31 -26.42
N TYR C 303 -38.42 -1.13 -26.46
CA TYR C 303 -37.79 0.16 -26.20
C TYR C 303 -37.18 0.69 -27.49
N THR C 304 -37.56 1.90 -27.87
CA THR C 304 -36.99 2.53 -29.05
C THR C 304 -35.60 3.07 -28.75
N GLY C 305 -34.74 3.03 -29.75
CA GLY C 305 -33.38 3.52 -29.62
C GLY C 305 -32.41 2.64 -30.39
N LYS C 306 -31.21 3.17 -30.60
CA LYS C 306 -30.18 2.44 -31.31
C LYS C 306 -29.58 1.36 -30.43
N ASP C 307 -29.01 0.35 -31.08
CA ASP C 307 -28.39 -0.78 -30.40
C ASP C 307 -26.91 -0.49 -30.21
N HIS C 308 -26.45 -0.56 -28.98
CA HIS C 308 -25.05 -0.33 -28.65
C HIS C 308 -24.45 -1.57 -28.00
N ARG C 309 -23.17 -1.80 -28.28
CA ARG C 309 -22.40 -2.84 -27.61
C ARG C 309 -21.28 -2.17 -26.84
N VAL C 310 -21.24 -2.40 -25.54
CA VAL C 310 -20.24 -1.81 -24.65
C VAL C 310 -19.33 -2.91 -24.15
N LEU C 311 -18.03 -2.72 -24.33
CA LEU C 311 -17.03 -3.68 -23.86
C LEU C 311 -16.39 -3.16 -22.59
N VAL C 312 -16.47 -3.95 -21.53
CA VAL C 312 -15.92 -3.58 -20.22
C VAL C 312 -14.84 -4.59 -19.87
N VAL C 313 -13.62 -4.11 -19.65
CA VAL C 313 -12.49 -4.94 -19.28
C VAL C 313 -11.96 -4.45 -17.94
N ASN C 314 -11.88 -5.36 -16.97
CA ASN C 314 -11.37 -5.05 -15.63
C ASN C 314 -12.14 -3.90 -14.98
N GLY C 315 -13.45 -3.86 -15.19
CA GLY C 315 -14.28 -2.85 -14.58
C GLY C 315 -14.21 -1.48 -15.22
N LYS C 316 -13.59 -1.36 -16.40
CA LYS C 316 -13.50 -0.09 -17.10
C LYS C 316 -14.06 -0.25 -18.51
N VAL C 317 -14.81 0.75 -18.96
CA VAL C 317 -15.37 0.74 -20.31
C VAL C 317 -14.23 0.99 -21.30
N VAL C 318 -13.99 0.04 -22.18
CA VAL C 318 -12.87 0.13 -23.11
C VAL C 318 -13.33 0.64 -24.47
N ALA C 319 -14.43 0.09 -25.00
CA ALA C 319 -14.92 0.48 -26.32
C ALA C 319 -16.43 0.44 -26.32
N VAL C 320 -17.03 1.40 -27.03
CA VAL C 320 -18.46 1.47 -27.25
C VAL C 320 -18.72 1.52 -28.74
N ALA C 321 -19.58 0.66 -29.23
CA ALA C 321 -19.90 0.57 -30.65
C ALA C 321 -21.41 0.52 -30.84
N GLU C 322 -21.92 1.32 -31.77
CA GLU C 322 -23.32 1.29 -32.12
C GLU C 322 -23.50 0.40 -33.34
N ARG C 323 -24.41 -0.59 -33.21
CA ARG C 323 -24.66 -1.57 -34.28
C ARG C 323 -25.84 -1.15 -35.17
N VAL C 324 -25.52 -0.69 -36.39
CA VAL C 324 -26.53 -0.30 -37.38
C VAL C 324 -26.80 -1.52 -38.26
N PRO C 325 -28.05 -1.91 -38.45
CA PRO C 325 -28.33 -3.06 -39.32
C PRO C 325 -28.03 -2.73 -40.78
N ALA C 326 -27.99 -3.78 -41.60
CA ALA C 326 -27.65 -3.62 -43.01
C ALA C 326 -28.59 -2.63 -43.68
N HIS C 327 -28.00 -1.63 -44.35
CA HIS C 327 -28.79 -0.57 -44.94
C HIS C 327 -28.07 -0.02 -46.16
N VAL C 328 -28.82 0.67 -47.01
CA VAL C 328 -28.29 1.36 -48.18
C VAL C 328 -28.91 2.75 -48.23
N VAL C 329 -28.14 3.73 -48.68
CA VAL C 329 -28.59 5.11 -48.79
C VAL C 329 -28.57 5.51 -50.26
N GLY C 330 -29.72 5.97 -50.75
CA GLY C 330 -29.86 6.34 -52.14
C GLY C 330 -29.62 7.81 -52.44
N ASN C 331 -28.52 8.36 -51.94
CA ASN C 331 -28.19 9.75 -52.20
C ASN C 331 -27.61 9.96 -53.60
N GLY C 332 -27.26 8.88 -54.30
CA GLY C 332 -26.75 8.97 -55.65
C GLY C 332 -27.83 8.77 -56.70
N LYS C 333 -29.09 8.94 -56.29
CA LYS C 333 -30.25 8.74 -57.16
C LYS C 333 -30.29 7.33 -57.74
N SER C 334 -29.96 6.36 -56.89
CA SER C 334 -29.98 4.95 -57.27
C SER C 334 -30.79 4.16 -56.24
N THR C 335 -31.43 3.10 -56.71
CA THR C 335 -32.34 2.33 -55.87
C THR C 335 -31.61 1.14 -55.24
N ILE C 336 -32.37 0.32 -54.53
CA ILE C 336 -31.80 -0.81 -53.80
C ILE C 336 -31.20 -1.83 -54.76
N ALA C 337 -31.84 -2.01 -55.92
CA ALA C 337 -31.45 -3.07 -56.85
C ALA C 337 -29.99 -2.94 -57.29
N GLU C 338 -29.48 -1.71 -57.40
CA GLU C 338 -28.08 -1.53 -57.75
C GLU C 338 -27.18 -1.57 -56.52
N LEU C 339 -27.63 -0.95 -55.42
CA LEU C 339 -26.77 -0.81 -54.26
C LEU C 339 -26.50 -2.13 -53.57
N ILE C 340 -27.41 -3.10 -53.68
CA ILE C 340 -27.20 -4.39 -53.02
C ILE C 340 -25.91 -5.04 -53.51
N GLU C 341 -25.65 -4.98 -54.81
CA GLU C 341 -24.40 -5.51 -55.34
C GLU C 341 -23.30 -4.46 -55.44
N GLU C 342 -23.65 -3.17 -55.41
CA GLU C 342 -22.63 -2.13 -55.35
C GLU C 342 -21.84 -2.23 -54.05
N THR C 343 -22.54 -2.46 -52.93
CA THR C 343 -21.85 -2.67 -51.66
C THR C 343 -21.09 -3.99 -51.66
N ASN C 344 -21.63 -5.02 -52.32
CA ASN C 344 -20.98 -6.32 -52.35
C ASN C 344 -19.63 -6.29 -53.07
N ARG C 345 -19.41 -5.30 -53.94
CA ARG C 345 -18.15 -5.18 -54.67
C ARG C 345 -17.09 -4.44 -53.88
N ASP C 346 -17.40 -3.98 -52.67
CA ASP C 346 -16.41 -3.34 -51.81
C ASP C 346 -15.37 -4.36 -51.38
N PRO C 347 -14.08 -4.06 -51.50
CA PRO C 347 -13.06 -4.99 -50.98
C PRO C 347 -13.18 -5.24 -49.48
N GLN C 348 -13.82 -4.33 -48.74
CA GLN C 348 -14.05 -4.57 -47.32
C GLN C 348 -14.96 -5.77 -47.08
N ARG C 349 -15.75 -6.17 -48.06
CA ARG C 349 -16.61 -7.33 -47.92
C ARG C 349 -15.77 -8.60 -47.79
N GLY C 350 -16.18 -9.47 -46.87
CA GLY C 350 -15.46 -10.71 -46.64
C GLY C 350 -16.21 -11.70 -45.78
N ASP C 351 -16.21 -12.97 -46.20
CA ASP C 351 -16.89 -14.02 -45.47
C ASP C 351 -15.89 -14.73 -44.55
N GLY C 352 -16.32 -15.85 -43.96
CA GLY C 352 -15.45 -16.62 -43.09
C GLY C 352 -15.42 -16.10 -41.67
N HIS C 353 -14.27 -16.25 -41.01
CA HIS C 353 -14.10 -15.81 -39.62
C HIS C 353 -12.94 -14.84 -39.47
N ASP C 354 -12.54 -14.17 -40.55
CA ASP C 354 -11.45 -13.20 -40.51
C ASP C 354 -11.93 -11.78 -40.84
N ASN C 355 -12.62 -11.59 -41.94
CA ASN C 355 -13.15 -10.28 -42.30
C ASN C 355 -14.47 -10.06 -41.57
N ILE C 356 -14.52 -9.05 -40.72
CA ILE C 356 -15.69 -8.82 -39.90
C ILE C 356 -16.85 -8.28 -40.73
N LEU C 357 -16.55 -7.48 -41.75
CA LEU C 357 -17.60 -6.82 -42.54
C LEU C 357 -18.10 -7.83 -43.58
N THR C 358 -19.15 -8.56 -43.22
CA THR C 358 -19.71 -9.60 -44.06
C THR C 358 -20.54 -8.98 -45.17
N ARG C 359 -20.56 -9.66 -46.32
CA ARG C 359 -21.35 -9.20 -47.46
C ARG C 359 -22.84 -9.25 -47.14
N ILE C 360 -23.60 -8.41 -47.83
CA ILE C 360 -25.04 -8.34 -47.65
C ILE C 360 -25.67 -9.59 -48.23
N THR C 361 -26.15 -10.47 -47.35
CA THR C 361 -26.80 -11.71 -47.79
C THR C 361 -28.30 -11.46 -47.95
N VAL C 362 -28.78 -11.58 -49.19
CA VAL C 362 -30.20 -11.35 -49.48
C VAL C 362 -30.90 -12.72 -49.45
N ASP C 363 -31.46 -13.05 -48.29
CA ASP C 363 -32.20 -14.28 -48.10
C ASP C 363 -33.70 -14.01 -48.23
N LYS C 364 -34.48 -15.10 -48.25
CA LYS C 364 -35.93 -14.95 -48.33
C LYS C 364 -36.48 -14.27 -47.07
N SER C 365 -35.87 -14.50 -45.91
CA SER C 365 -36.24 -13.76 -44.72
C SER C 365 -35.94 -12.27 -44.89
N ALA C 366 -34.79 -11.95 -45.50
CA ALA C 366 -34.49 -10.56 -45.83
C ALA C 366 -35.51 -10.00 -46.80
N LEU C 367 -35.95 -10.81 -47.77
CA LEU C 367 -36.99 -10.37 -48.69
C LEU C 367 -38.28 -10.04 -47.94
N ASP C 368 -38.66 -10.89 -46.98
CA ASP C 368 -39.85 -10.62 -46.18
C ASP C 368 -39.69 -9.34 -45.38
N ILE C 369 -38.50 -9.12 -44.80
CA ILE C 369 -38.28 -7.93 -43.99
C ILE C 369 -38.38 -6.67 -44.85
N LEU C 370 -37.75 -6.69 -46.03
CA LEU C 370 -37.85 -5.54 -46.92
C LEU C 370 -39.25 -5.38 -47.50
N GLY C 371 -40.03 -6.46 -47.55
CA GLY C 371 -41.45 -6.30 -47.86
C GLY C 371 -42.19 -5.58 -46.76
N LYS C 372 -41.90 -5.93 -45.50
CA LYS C 372 -42.45 -5.20 -44.36
C LYS C 372 -41.96 -3.76 -44.31
N GLN C 373 -40.83 -3.47 -44.95
CA GLN C 373 -40.25 -2.13 -44.92
C GLN C 373 -41.21 -1.08 -45.47
N GLY C 374 -42.04 -1.45 -46.45
CA GLY C 374 -42.91 -0.51 -47.11
C GLY C 374 -42.44 -0.03 -48.46
N TYR C 375 -41.29 -0.53 -48.94
CA TYR C 375 -40.77 -0.20 -50.25
C TYR C 375 -40.33 -1.49 -50.92
N SER C 376 -39.78 -1.37 -52.14
CA SER C 376 -39.48 -2.54 -52.94
C SER C 376 -38.09 -2.49 -53.54
N ILE C 377 -37.79 -3.40 -54.46
CA ILE C 377 -36.45 -3.52 -55.03
C ILE C 377 -36.11 -2.26 -55.81
N ASP C 378 -37.04 -1.76 -56.61
CA ASP C 378 -36.82 -0.60 -57.46
C ASP C 378 -37.34 0.69 -56.85
N SER C 379 -37.72 0.69 -55.57
CA SER C 379 -38.18 1.88 -54.90
C SER C 379 -36.97 2.73 -54.52
N ILE C 380 -36.77 3.83 -55.22
CA ILE C 380 -35.61 4.69 -54.94
C ILE C 380 -35.78 5.34 -53.58
N PRO C 381 -34.75 5.37 -52.74
CA PRO C 381 -34.87 6.01 -51.43
C PRO C 381 -35.18 7.50 -51.56
N LEU C 382 -35.97 8.00 -50.60
CA LEU C 382 -36.40 9.40 -50.63
C LEU C 382 -35.33 10.29 -50.03
N LYS C 383 -34.99 11.37 -50.76
CA LYS C 383 -34.05 12.39 -50.30
C LYS C 383 -32.66 11.81 -50.03
N GLY C 384 -32.41 10.57 -50.46
CA GLY C 384 -31.17 9.91 -50.13
C GLY C 384 -31.05 9.64 -48.63
N LYS C 385 -32.02 8.90 -48.09
CA LYS C 385 -32.07 8.60 -46.67
C LYS C 385 -31.85 7.11 -46.46
N LYS C 386 -31.35 6.76 -45.27
CA LYS C 386 -31.07 5.36 -44.96
C LYS C 386 -32.34 4.53 -45.01
N CYS C 387 -32.27 3.41 -45.72
CA CYS C 387 -33.35 2.44 -45.77
C CYS C 387 -32.79 1.08 -45.39
N PHE C 388 -33.40 0.46 -44.38
CA PHE C 388 -32.83 -0.73 -43.75
C PHE C 388 -33.17 -1.99 -44.54
N LEU C 389 -32.47 -3.07 -44.19
CA LEU C 389 -32.73 -4.39 -44.74
C LEU C 389 -33.21 -5.40 -43.70
N ARG C 390 -32.82 -5.22 -42.44
CA ARG C 390 -33.29 -6.08 -41.36
C ARG C 390 -33.23 -5.27 -40.07
N ALA C 391 -33.39 -5.95 -38.93
CA ALA C 391 -33.41 -5.29 -37.64
C ALA C 391 -32.54 -5.96 -36.58
N THR C 392 -31.86 -7.06 -36.91
CA THR C 392 -31.05 -7.74 -35.91
C THR C 392 -29.79 -6.96 -35.57
N ALA C 393 -29.31 -6.13 -36.49
CA ALA C 393 -28.11 -5.31 -36.30
C ALA C 393 -26.92 -6.16 -35.85
N ASN C 394 -26.53 -7.09 -36.71
CA ASN C 394 -25.44 -8.01 -36.43
C ASN C 394 -24.39 -7.94 -37.53
N LEU C 395 -23.13 -8.00 -37.13
CA LEU C 395 -22.03 -7.97 -38.10
C LEU C 395 -21.93 -9.26 -38.90
N SER C 396 -22.47 -10.37 -38.38
CA SER C 396 -22.40 -11.64 -39.08
C SER C 396 -23.29 -11.68 -40.32
N THR C 397 -24.15 -10.69 -40.51
CA THR C 397 -25.09 -10.68 -41.62
C THR C 397 -24.82 -9.57 -42.63
N GLY C 398 -24.12 -8.51 -42.23
CA GLY C 398 -23.85 -7.41 -43.14
C GLY C 398 -24.14 -6.05 -42.56
N GLY C 399 -24.23 -5.96 -41.24
CA GLY C 399 -24.36 -4.69 -40.57
C GLY C 399 -23.02 -3.99 -40.42
N ILE C 400 -23.08 -2.78 -39.85
CA ILE C 400 -21.88 -1.98 -39.61
C ILE C 400 -21.86 -1.54 -38.17
N ALA C 401 -20.66 -1.19 -37.70
CA ALA C 401 -20.45 -0.68 -36.35
C ALA C 401 -19.92 0.73 -36.41
N VAL C 402 -20.35 1.56 -35.46
CA VAL C 402 -19.91 2.95 -35.36
C VAL C 402 -19.29 3.14 -33.99
N ASP C 403 -18.05 3.63 -33.97
CA ASP C 403 -17.36 3.83 -32.70
C ASP C 403 -17.97 5.01 -31.96
N ARG C 404 -18.36 4.77 -30.70
CA ARG C 404 -18.94 5.81 -29.85
C ARG C 404 -18.25 5.88 -28.49
N THR C 405 -16.99 5.44 -28.41
CA THR C 405 -16.30 5.39 -27.13
C THR C 405 -16.08 6.80 -26.57
N ASP C 406 -15.78 7.77 -27.42
CA ASP C 406 -15.51 9.12 -26.97
C ASP C 406 -16.77 9.94 -26.71
N GLU C 407 -17.95 9.40 -27.02
CA GLU C 407 -19.20 10.13 -26.87
C GLU C 407 -20.05 9.63 -25.71
N ILE C 408 -19.60 8.63 -24.96
CA ILE C 408 -20.42 8.04 -23.91
C ILE C 408 -20.40 8.94 -22.68
N HIS C 409 -21.55 9.12 -22.06
CA HIS C 409 -21.65 9.96 -20.88
C HIS C 409 -20.93 9.31 -19.70
N PRO C 410 -20.26 10.11 -18.85
CA PRO C 410 -19.57 9.51 -17.69
C PRO C 410 -20.49 8.74 -16.76
N GLU C 411 -21.73 9.20 -16.61
CA GLU C 411 -22.69 8.45 -15.80
C GLU C 411 -22.97 7.09 -16.40
N ASN C 412 -23.07 7.02 -17.73
CA ASN C 412 -23.25 5.73 -18.40
C ASN C 412 -22.03 4.84 -18.19
N VAL C 413 -20.83 5.42 -18.22
CA VAL C 413 -19.62 4.65 -17.97
C VAL C 413 -19.65 4.05 -16.56
N TRP C 414 -20.02 4.86 -15.58
CA TRP C 414 -20.12 4.37 -14.21
C TRP C 414 -21.16 3.28 -14.09
N LEU C 415 -22.33 3.46 -14.72
CA LEU C 415 -23.39 2.46 -14.63
C LEU C 415 -22.97 1.15 -15.27
N LEU C 416 -22.30 1.21 -16.43
CA LEU C 416 -21.90 -0.02 -17.11
C LEU C 416 -20.78 -0.73 -16.37
N SER C 417 -19.84 0.01 -15.80
CA SER C 417 -18.84 -0.60 -14.95
C SER C 417 -19.47 -1.27 -13.74
N ARG C 418 -20.46 -0.62 -13.13
CA ARG C 418 -21.17 -1.22 -12.01
C ARG C 418 -21.89 -2.49 -12.42
N VAL C 419 -22.50 -2.49 -13.61
CA VAL C 419 -23.20 -3.68 -14.10
C VAL C 419 -22.21 -4.82 -14.28
N ALA C 420 -21.07 -4.54 -14.89
CA ALA C 420 -20.06 -5.58 -15.10
C ALA C 420 -19.56 -6.14 -13.77
N LYS C 421 -19.37 -5.27 -12.77
CA LYS C 421 -18.94 -5.75 -11.47
C LYS C 421 -20.04 -6.53 -10.76
N ILE C 422 -21.29 -6.14 -10.94
CA ILE C 422 -22.40 -6.82 -10.29
C ILE C 422 -22.58 -8.22 -10.83
N ILE C 423 -22.52 -8.37 -12.15
CA ILE C 423 -22.63 -9.70 -12.75
C ILE C 423 -21.46 -10.58 -12.32
N GLY C 424 -20.25 -10.02 -12.30
CA GLY C 424 -19.09 -10.76 -11.85
C GLY C 424 -18.21 -11.21 -12.99
N LEU C 425 -18.02 -10.35 -13.99
CA LEU C 425 -17.24 -10.65 -15.17
C LEU C 425 -16.08 -9.67 -15.30
N ASP C 426 -14.88 -10.20 -15.46
CA ASP C 426 -13.72 -9.33 -15.71
C ASP C 426 -13.75 -8.75 -17.11
N ILE C 427 -14.21 -9.53 -18.10
CA ILE C 427 -14.42 -9.06 -19.46
C ILE C 427 -15.87 -9.36 -19.82
N ALA C 428 -16.63 -8.31 -20.15
CA ALA C 428 -18.04 -8.47 -20.41
C ALA C 428 -18.45 -7.60 -21.59
N GLY C 429 -19.42 -8.08 -22.36
CA GLY C 429 -20.00 -7.30 -23.43
C GLY C 429 -21.45 -6.99 -23.14
N ILE C 430 -21.75 -5.73 -22.88
CA ILE C 430 -23.08 -5.30 -22.45
C ILE C 430 -23.81 -4.70 -23.65
N ASP C 431 -25.04 -5.14 -23.87
CA ASP C 431 -25.86 -4.64 -24.96
C ASP C 431 -26.83 -3.61 -24.42
N VAL C 432 -26.78 -2.40 -24.97
CA VAL C 432 -27.56 -1.28 -24.52
C VAL C 432 -28.43 -0.78 -25.66
N VAL C 433 -29.71 -0.56 -25.38
CA VAL C 433 -30.64 0.04 -26.33
C VAL C 433 -30.98 1.43 -25.79
N THR C 434 -30.55 2.46 -26.50
CA THR C 434 -30.76 3.82 -26.05
C THR C 434 -30.82 4.75 -27.26
N GLU C 435 -31.57 5.84 -27.11
CA GLU C 435 -31.68 6.82 -28.19
C GLU C 435 -30.44 7.68 -28.32
N ASP C 436 -29.68 7.86 -27.24
CA ASP C 436 -28.50 8.71 -27.28
C ASP C 436 -27.55 8.25 -26.18
N ILE C 437 -26.39 7.69 -26.59
CA ILE C 437 -25.39 7.25 -25.62
C ILE C 437 -24.67 8.41 -24.95
N SER C 438 -24.80 9.62 -25.47
CA SER C 438 -24.17 10.79 -24.87
C SER C 438 -24.97 11.35 -23.70
N GLN C 439 -26.16 10.83 -23.44
CA GLN C 439 -26.96 11.23 -22.30
C GLN C 439 -27.14 10.04 -21.36
N PRO C 440 -27.31 10.30 -20.06
CA PRO C 440 -27.49 9.19 -19.11
C PRO C 440 -28.75 8.39 -19.42
N LEU C 441 -28.70 7.10 -19.08
CA LEU C 441 -29.78 6.18 -19.41
C LEU C 441 -31.08 6.48 -18.68
N ARG C 442 -31.13 7.52 -17.85
CA ARG C 442 -32.35 7.83 -17.12
C ARG C 442 -33.21 8.88 -17.82
N GLU C 443 -32.60 9.93 -18.37
CA GLU C 443 -33.37 10.92 -19.11
C GLU C 443 -34.04 10.29 -20.32
N VAL C 444 -33.25 9.68 -21.20
CA VAL C 444 -33.80 8.83 -22.26
C VAL C 444 -34.20 7.53 -21.61
N GLU C 445 -35.00 6.73 -22.31
CA GLU C 445 -35.46 5.45 -21.76
C GLU C 445 -34.54 4.32 -22.21
N GLY C 446 -33.26 4.48 -21.89
CA GLY C 446 -32.29 3.45 -22.21
C GLY C 446 -32.39 2.26 -21.28
N VAL C 447 -32.08 1.08 -21.82
CA VAL C 447 -32.17 -0.16 -21.06
C VAL C 447 -30.93 -1.01 -21.32
N ILE C 448 -30.66 -1.92 -20.39
CA ILE C 448 -29.60 -2.91 -20.52
C ILE C 448 -30.27 -4.20 -20.96
N VAL C 449 -30.02 -4.62 -22.20
CA VAL C 449 -30.73 -5.77 -22.75
C VAL C 449 -30.15 -7.08 -22.21
N GLU C 450 -28.83 -7.24 -22.30
CA GLU C 450 -28.20 -8.48 -21.87
C GLU C 450 -26.73 -8.23 -21.60
N VAL C 451 -26.13 -9.16 -20.86
CA VAL C 451 -24.70 -9.16 -20.55
C VAL C 451 -24.11 -10.44 -21.11
N ASN C 452 -23.05 -10.31 -21.90
CA ASN C 452 -22.43 -11.46 -22.57
C ASN C 452 -21.04 -11.70 -21.99
N ALA C 453 -20.78 -12.95 -21.60
CA ALA C 453 -19.44 -13.36 -21.23
C ALA C 453 -18.69 -13.86 -22.45
N ALA C 454 -17.36 -13.76 -22.39
CA ALA C 454 -16.49 -14.09 -23.50
C ALA C 454 -16.93 -13.40 -24.81
N PRO C 455 -17.00 -12.07 -24.81
CA PRO C 455 -17.47 -11.37 -26.01
C PRO C 455 -16.39 -11.27 -27.07
N GLY C 456 -16.83 -11.11 -28.31
CA GLY C 456 -15.92 -10.88 -29.41
C GLY C 456 -15.74 -9.39 -29.65
N PHE C 457 -14.48 -8.97 -29.78
CA PHE C 457 -14.15 -7.57 -29.93
C PHE C 457 -13.62 -7.24 -31.32
N ARG C 458 -13.95 -8.09 -32.30
CA ARG C 458 -13.52 -7.86 -33.70
C ARG C 458 -14.19 -6.58 -34.23
N MET C 459 -15.34 -6.22 -33.66
CA MET C 459 -16.05 -5.02 -34.06
C MET C 459 -15.46 -3.75 -33.46
N HIS C 460 -14.64 -3.86 -32.43
CA HIS C 460 -14.05 -2.70 -31.79
C HIS C 460 -12.66 -2.39 -32.32
N VAL C 461 -11.93 -3.39 -32.80
CA VAL C 461 -10.62 -3.16 -33.40
C VAL C 461 -10.70 -2.77 -34.86
N ALA C 462 -11.89 -2.81 -35.46
CA ALA C 462 -12.09 -2.39 -36.84
C ALA C 462 -13.51 -1.86 -37.00
N PRO C 463 -13.82 -0.72 -36.39
CA PRO C 463 -15.20 -0.23 -36.41
C PRO C 463 -15.73 0.05 -37.81
N SER C 464 -14.87 0.53 -38.71
CA SER C 464 -15.13 0.94 -40.08
C SER C 464 -15.85 2.30 -40.16
N ARG C 465 -16.28 2.88 -39.05
CA ARG C 465 -16.80 4.24 -39.03
C ARG C 465 -16.32 4.96 -37.77
N GLY C 466 -15.04 4.80 -37.46
CA GLY C 466 -14.50 5.45 -36.30
C GLY C 466 -13.09 4.95 -36.00
N LEU C 467 -12.60 5.34 -34.82
CA LEU C 467 -11.27 4.96 -34.40
C LEU C 467 -11.27 3.55 -33.81
N ALA C 468 -10.26 2.77 -34.20
CA ALA C 468 -10.10 1.45 -33.63
C ALA C 468 -9.63 1.56 -32.17
N ARG C 469 -10.02 0.58 -31.37
CA ARG C 469 -9.69 0.54 -29.95
C ARG C 469 -8.77 -0.65 -29.68
N ASN C 470 -7.75 -0.42 -28.85
CA ASN C 470 -6.78 -1.46 -28.51
C ASN C 470 -7.36 -2.31 -27.38
N VAL C 471 -8.26 -3.21 -27.76
CA VAL C 471 -8.89 -4.10 -26.79
C VAL C 471 -7.88 -5.12 -26.29
N ALA C 472 -7.04 -5.65 -27.18
CA ALA C 472 -6.04 -6.62 -26.76
C ALA C 472 -5.06 -6.01 -25.77
N GLY C 473 -4.71 -4.75 -25.97
CA GLY C 473 -3.86 -4.06 -25.01
C GLY C 473 -4.50 -3.96 -23.65
N ALA C 474 -5.81 -3.65 -23.60
CA ALA C 474 -6.51 -3.59 -22.33
C ALA C 474 -6.58 -4.95 -21.66
N VAL C 475 -6.80 -6.01 -22.44
CA VAL C 475 -6.83 -7.36 -21.87
C VAL C 475 -5.46 -7.71 -21.29
N MET C 476 -4.39 -7.38 -22.02
CA MET C 476 -3.05 -7.70 -21.52
C MET C 476 -2.71 -6.88 -20.29
N ASP C 477 -3.18 -5.63 -20.24
CA ASP C 477 -3.02 -4.83 -19.03
C ASP C 477 -3.74 -5.45 -17.85
N MET C 478 -4.95 -5.97 -18.08
CA MET C 478 -5.67 -6.65 -17.01
C MET C 478 -4.92 -7.89 -16.54
N LEU C 479 -4.33 -8.64 -17.48
CA LEU C 479 -3.63 -9.86 -17.13
C LEU C 479 -2.31 -9.54 -16.43
N PHE C 480 -1.56 -8.56 -16.94
CA PHE C 480 -0.26 -8.17 -16.39
C PHE C 480 -0.29 -6.67 -16.12
N PRO C 481 -0.67 -6.26 -14.91
CA PRO C 481 -1.01 -4.85 -14.64
C PRO C 481 0.10 -3.86 -14.98
N GLY C 482 1.26 -3.99 -14.34
CA GLY C 482 2.33 -3.04 -14.53
C GLY C 482 3.12 -3.32 -15.80
N SER C 483 4.35 -2.83 -15.84
CA SER C 483 5.27 -3.18 -16.92
C SER C 483 5.98 -4.50 -16.60
N LYS C 484 5.18 -5.51 -16.27
CA LYS C 484 5.70 -6.80 -15.82
C LYS C 484 5.33 -7.88 -16.82
N ASN C 485 6.32 -8.65 -17.23
CA ASN C 485 6.08 -9.86 -17.99
C ASN C 485 5.79 -11.03 -17.05
N GLY C 486 5.44 -12.17 -17.62
CA GLY C 486 5.11 -13.32 -16.82
C GLY C 486 6.27 -14.25 -16.58
N ARG C 487 7.48 -13.75 -16.80
CA ARG C 487 8.67 -14.59 -16.74
C ARG C 487 9.08 -14.88 -15.31
N ILE C 488 9.75 -16.02 -15.14
CA ILE C 488 10.44 -16.35 -13.90
C ILE C 488 11.91 -16.51 -14.24
N PRO C 489 12.81 -16.37 -13.26
CA PRO C 489 14.23 -16.58 -13.54
C PRO C 489 14.49 -17.97 -14.09
N ILE C 490 15.18 -18.02 -15.23
CA ILE C 490 15.55 -19.27 -15.89
C ILE C 490 17.07 -19.34 -15.95
N LEU C 491 17.62 -20.42 -15.43
CA LEU C 491 19.06 -20.65 -15.46
C LEU C 491 19.34 -21.89 -16.29
N SER C 492 19.86 -21.68 -17.49
CA SER C 492 20.16 -22.78 -18.42
C SER C 492 21.63 -23.15 -18.28
N VAL C 493 21.90 -24.41 -17.99
CA VAL C 493 23.26 -24.91 -17.79
C VAL C 493 23.58 -25.83 -18.96
N THR C 494 24.67 -25.52 -19.67
CA THR C 494 25.15 -26.35 -20.76
C THR C 494 26.64 -26.55 -20.60
N GLY C 495 27.16 -27.55 -21.31
CA GLY C 495 28.56 -27.91 -21.21
C GLY C 495 28.76 -29.39 -21.44
N THR C 496 30.00 -29.80 -21.70
CA THR C 496 30.24 -31.19 -22.06
C THR C 496 30.21 -32.12 -20.86
N ASN C 497 30.72 -31.67 -19.71
CA ASN C 497 31.08 -32.62 -18.66
C ASN C 497 30.47 -32.37 -17.29
N GLY C 498 29.91 -31.21 -16.99
CA GLY C 498 29.46 -30.98 -15.64
C GLY C 498 28.05 -30.42 -15.48
N LYS C 499 27.16 -30.74 -16.42
CA LYS C 499 25.83 -30.13 -16.41
C LYS C 499 25.03 -30.53 -15.19
N THR C 500 24.97 -31.84 -14.90
CA THR C 500 24.09 -32.33 -13.85
C THR C 500 24.50 -31.83 -12.48
N THR C 501 25.79 -31.91 -12.16
CA THR C 501 26.26 -31.49 -10.85
C THR C 501 26.04 -30.00 -10.64
N THR C 502 26.35 -29.19 -11.66
CA THR C 502 26.14 -27.75 -11.55
C THR C 502 24.66 -27.42 -11.40
N THR C 503 23.80 -28.11 -12.14
CA THR C 503 22.36 -27.87 -12.02
C THR C 503 21.86 -28.20 -10.62
N ARG C 504 22.27 -29.34 -10.08
CA ARG C 504 21.83 -29.72 -8.75
C ARG C 504 22.36 -28.76 -7.70
N LEU C 505 23.61 -28.32 -7.84
CA LEU C 505 24.17 -27.36 -6.89
C LEU C 505 23.44 -26.02 -6.96
N LEU C 506 23.12 -25.57 -8.17
CA LEU C 506 22.36 -24.33 -8.32
C LEU C 506 21.00 -24.45 -7.65
N ALA C 507 20.31 -25.56 -7.88
CA ALA C 507 19.01 -25.76 -7.25
C ALA C 507 19.12 -25.77 -5.74
N HIS C 508 20.13 -26.45 -5.20
CA HIS C 508 20.30 -26.49 -3.75
C HIS C 508 20.61 -25.10 -3.18
N ILE C 509 21.44 -24.33 -3.87
CA ILE C 509 21.78 -23.00 -3.39
C ILE C 509 20.56 -22.10 -3.39
N ILE C 510 19.76 -22.14 -4.47
CA ILE C 510 18.56 -21.32 -4.53
C ILE C 510 17.52 -21.78 -3.52
N LYS C 511 17.50 -23.07 -3.17
CA LYS C 511 16.56 -23.55 -2.17
C LYS C 511 16.80 -22.90 -0.81
N GLN C 512 18.02 -22.41 -0.57
CA GLN C 512 18.29 -21.74 0.70
C GLN C 512 17.42 -20.50 0.86
N THR C 513 17.26 -19.72 -0.19
CA THR C 513 16.25 -18.69 -0.21
C THR C 513 14.87 -19.34 -0.28
N GLY C 514 13.88 -18.66 0.30
CA GLY C 514 12.55 -19.25 0.36
C GLY C 514 11.84 -19.25 -0.97
N LYS C 515 12.34 -20.02 -1.93
CA LYS C 515 11.78 -20.07 -3.27
C LYS C 515 11.64 -21.52 -3.71
N VAL C 516 10.57 -21.80 -4.44
CA VAL C 516 10.35 -23.13 -5.00
C VAL C 516 11.09 -23.23 -6.32
N VAL C 517 12.03 -24.17 -6.40
CA VAL C 517 12.90 -24.34 -7.55
C VAL C 517 12.49 -25.61 -8.30
N GLY C 518 12.17 -25.46 -9.56
CA GLY C 518 11.94 -26.59 -10.44
C GLY C 518 13.11 -26.76 -11.37
N TYR C 519 13.80 -27.87 -11.24
CA TYR C 519 14.99 -28.14 -12.02
C TYR C 519 14.93 -29.51 -12.66
N THR C 520 15.44 -29.62 -13.87
CA THR C 520 15.52 -30.88 -14.59
C THR C 520 16.98 -31.24 -14.84
N THR C 521 17.36 -32.46 -14.50
CA THR C 521 18.70 -32.96 -14.74
C THR C 521 18.64 -34.27 -15.51
N THR C 522 19.78 -34.93 -15.68
CA THR C 522 19.78 -36.24 -16.33
C THR C 522 19.05 -37.26 -15.47
N ASP C 523 19.16 -37.14 -14.15
CA ASP C 523 18.49 -38.09 -13.25
C ASP C 523 16.97 -37.99 -13.38
N GLY C 524 16.44 -36.78 -13.44
CA GLY C 524 15.01 -36.61 -13.56
C GLY C 524 14.62 -35.17 -13.31
N THR C 525 13.30 -34.95 -13.33
CA THR C 525 12.73 -33.62 -13.14
C THR C 525 12.21 -33.50 -11.70
N TYR C 526 12.66 -32.47 -11.00
CA TYR C 526 12.28 -32.23 -9.63
C TYR C 526 11.62 -30.86 -9.50
N ILE C 527 10.57 -30.78 -8.70
CA ILE C 527 9.94 -29.53 -8.33
C ILE C 527 9.99 -29.44 -6.81
N GLY C 528 10.72 -28.45 -6.31
CA GLY C 528 10.95 -28.37 -4.89
C GLY C 528 11.77 -29.54 -4.39
N GLU C 529 11.27 -30.26 -3.39
CA GLU C 529 11.95 -31.41 -2.82
C GLU C 529 11.43 -32.74 -3.33
N TYR C 530 10.50 -32.73 -4.28
CA TYR C 530 9.85 -33.95 -4.74
C TYR C 530 10.11 -34.14 -6.24
N LEU C 531 10.14 -35.40 -6.65
CA LEU C 531 10.46 -35.78 -8.02
C LEU C 531 9.19 -35.70 -8.86
N ALA C 532 9.16 -34.78 -9.83
CA ALA C 532 7.99 -34.63 -10.68
C ALA C 532 7.93 -35.70 -11.78
N GLU C 533 9.07 -36.11 -12.32
CA GLU C 533 9.09 -37.05 -13.43
C GLU C 533 10.41 -37.79 -13.46
N THR C 534 10.38 -39.04 -13.90
CA THR C 534 11.58 -39.84 -14.03
C THR C 534 12.11 -39.80 -15.46
N GLY C 535 13.24 -40.45 -15.67
CA GLY C 535 13.82 -40.56 -16.99
C GLY C 535 14.95 -39.59 -17.21
N ASP C 536 15.34 -39.46 -18.47
CA ASP C 536 16.42 -38.55 -18.84
C ASP C 536 16.05 -37.10 -18.56
N ASN C 537 14.99 -36.63 -19.21
CA ASN C 537 14.41 -35.31 -18.94
C ASN C 537 15.44 -34.19 -19.04
N THR C 538 15.97 -34.01 -20.25
CA THR C 538 16.92 -32.95 -20.52
C THR C 538 16.51 -32.03 -21.66
N GLY C 539 15.71 -32.51 -22.62
CA GLY C 539 15.27 -31.67 -23.71
C GLY C 539 14.15 -30.74 -23.31
N PRO C 540 13.67 -29.96 -24.29
CA PRO C 540 12.59 -29.00 -24.00
C PRO C 540 11.28 -29.64 -23.56
N GLN C 541 11.05 -30.91 -23.90
CA GLN C 541 9.82 -31.56 -23.48
C GLN C 541 9.73 -31.68 -21.97
N SER C 542 10.85 -31.67 -21.27
CA SER C 542 10.86 -31.63 -19.82
C SER C 542 11.00 -30.21 -19.28
N ALA C 543 11.51 -29.28 -20.08
CA ALA C 543 11.55 -27.88 -19.66
C ALA C 543 10.16 -27.28 -19.62
N HIS C 544 9.28 -27.71 -20.53
CA HIS C 544 7.90 -27.23 -20.50
C HIS C 544 7.18 -27.68 -19.24
N LEU C 545 7.53 -28.86 -18.71
CA LEU C 545 6.94 -29.32 -17.47
C LEU C 545 7.28 -28.36 -16.32
N ILE C 546 8.52 -27.89 -16.27
CA ILE C 546 8.91 -26.95 -15.22
C ILE C 546 8.26 -25.59 -15.46
N LEU C 547 8.27 -25.12 -16.70
CA LEU C 547 7.82 -23.75 -16.98
C LEU C 547 6.31 -23.61 -16.87
N SER C 548 5.55 -24.70 -16.96
CA SER C 548 4.10 -24.66 -16.86
C SER C 548 3.58 -24.93 -15.46
N ASP C 549 4.45 -25.28 -14.52
CA ASP C 549 3.99 -25.62 -13.18
C ASP C 549 3.61 -24.35 -12.44
N PRO C 550 2.41 -24.29 -11.85
CA PRO C 550 1.96 -23.05 -11.19
C PRO C 550 2.65 -22.76 -9.86
N THR C 551 3.55 -23.62 -9.39
CA THR C 551 4.23 -23.39 -8.12
C THR C 551 5.71 -23.09 -8.27
N VAL C 552 6.27 -23.19 -9.47
CA VAL C 552 7.69 -23.01 -9.67
C VAL C 552 8.00 -21.52 -9.76
N GLU C 553 8.99 -21.07 -8.98
CA GLU C 553 9.41 -19.67 -9.01
C GLU C 553 10.75 -19.47 -9.71
N VAL C 554 11.62 -20.47 -9.72
CA VAL C 554 12.91 -20.40 -10.39
C VAL C 554 13.11 -21.69 -11.17
N ALA C 555 13.57 -21.57 -12.41
CA ALA C 555 13.79 -22.72 -13.27
C ALA C 555 15.29 -22.87 -13.55
N VAL C 556 15.82 -24.05 -13.25
CA VAL C 556 17.21 -24.39 -13.54
C VAL C 556 17.20 -25.61 -14.46
N LEU C 557 17.52 -25.40 -15.73
CA LEU C 557 17.37 -26.42 -16.76
C LEU C 557 18.73 -26.85 -17.27
N GLU C 558 19.02 -28.14 -17.19
CA GLU C 558 20.18 -28.72 -17.83
C GLU C 558 19.89 -28.89 -19.31
N THR C 559 20.70 -28.26 -20.16
CA THR C 559 20.46 -28.21 -21.60
C THR C 559 21.60 -28.94 -22.31
N ALA C 560 21.36 -30.20 -22.66
CA ALA C 560 22.36 -30.97 -23.39
C ALA C 560 22.31 -30.66 -24.88
N ARG C 561 23.35 -31.11 -25.59
CA ARG C 561 23.42 -30.87 -27.03
C ARG C 561 22.34 -31.61 -27.79
N GLY C 562 21.92 -32.77 -27.29
CA GLY C 562 20.92 -33.55 -28.00
C GLY C 562 19.61 -32.81 -28.17
N GLY C 563 19.12 -32.19 -27.09
CA GLY C 563 17.88 -31.45 -27.18
C GLY C 563 17.97 -30.26 -28.11
N ILE C 564 19.08 -29.53 -28.06
CA ILE C 564 19.26 -28.37 -28.94
C ILE C 564 19.29 -28.82 -30.39
N LEU C 565 19.99 -29.91 -30.68
CA LEU C 565 20.04 -30.41 -32.06
C LEU C 565 18.68 -30.90 -32.52
N ARG C 566 17.94 -31.58 -31.64
CA ARG C 566 16.68 -32.19 -32.05
C ARG C 566 15.59 -31.14 -32.25
N SER C 567 15.36 -30.29 -31.25
CA SER C 567 14.26 -29.34 -31.35
C SER C 567 14.60 -27.96 -30.81
N GLY C 568 15.87 -27.64 -30.62
CA GLY C 568 16.25 -26.33 -30.14
C GLY C 568 15.96 -26.14 -28.66
N LEU C 569 16.01 -24.89 -28.25
CA LEU C 569 15.77 -24.54 -26.85
C LEU C 569 14.29 -24.54 -26.53
N GLY C 570 13.98 -24.80 -25.26
CA GLY C 570 12.63 -24.78 -24.76
C GLY C 570 12.13 -23.42 -24.33
N PHE C 571 12.91 -22.36 -24.55
CA PHE C 571 12.54 -21.02 -24.13
C PHE C 571 13.17 -20.02 -25.10
N SER C 572 12.57 -18.83 -25.16
CA SER C 572 13.09 -17.80 -26.04
C SER C 572 14.34 -17.16 -25.46
N SER C 573 14.39 -16.98 -24.14
CA SER C 573 15.52 -16.31 -23.50
C SER C 573 15.69 -16.86 -22.09
N CYS C 574 16.89 -16.70 -21.56
CA CYS C 574 17.21 -17.11 -20.20
C CYS C 574 17.90 -15.96 -19.48
N GLU C 575 17.60 -15.81 -18.19
CA GLU C 575 18.26 -14.77 -17.40
C GLU C 575 19.73 -15.10 -17.17
N VAL C 576 20.07 -16.37 -16.99
CA VAL C 576 21.45 -16.80 -16.80
C VAL C 576 21.74 -17.96 -17.74
N GLY C 577 22.79 -17.82 -18.54
CA GLY C 577 23.25 -18.90 -19.39
C GLY C 577 24.65 -19.34 -19.03
N ILE C 578 24.81 -20.60 -18.66
CA ILE C 578 26.08 -21.13 -18.17
C ILE C 578 26.63 -22.09 -19.20
N VAL C 579 27.86 -21.84 -19.65
CA VAL C 579 28.61 -22.76 -20.51
C VAL C 579 29.83 -23.20 -19.74
N LEU C 580 29.91 -24.49 -19.43
CA LEU C 580 30.99 -24.97 -18.57
C LEU C 580 32.26 -25.27 -19.36
N ASN C 581 32.14 -26.08 -20.40
CA ASN C 581 33.30 -26.44 -21.20
C ASN C 581 32.81 -27.04 -22.52
N VAL C 582 33.70 -27.07 -23.51
CA VAL C 582 33.43 -27.67 -24.80
C VAL C 582 34.62 -28.55 -25.15
N THR C 583 34.46 -29.86 -25.03
CA THR C 583 35.50 -30.82 -25.36
C THR C 583 34.95 -31.82 -26.37
N ALA C 584 35.75 -32.12 -27.38
CA ALA C 584 35.36 -33.05 -28.44
C ALA C 584 35.56 -34.47 -27.95
N ASP C 585 34.53 -35.03 -27.32
CA ASP C 585 34.56 -36.40 -26.84
C ASP C 585 33.58 -37.29 -27.60
N HIS C 586 32.31 -36.91 -27.65
CA HIS C 586 31.31 -37.63 -28.43
C HIS C 586 31.08 -36.84 -29.73
N LEU C 587 31.93 -37.13 -30.71
CA LEU C 587 31.95 -36.38 -31.96
C LEU C 587 31.49 -37.27 -33.10
N GLY C 588 30.80 -36.68 -34.07
CA GLY C 588 30.26 -37.40 -35.21
C GLY C 588 28.77 -37.65 -35.13
N ILE C 589 28.16 -37.51 -33.95
CA ILE C 589 26.72 -37.68 -33.83
C ILE C 589 26.02 -36.52 -34.51
N GLY C 590 24.99 -36.84 -35.30
CA GLY C 590 24.33 -35.80 -36.07
C GLY C 590 25.26 -35.21 -37.11
N ASP C 591 25.13 -33.90 -37.33
CA ASP C 591 25.99 -33.19 -38.25
C ASP C 591 27.21 -32.59 -37.56
N ILE C 592 27.36 -32.82 -36.27
CA ILE C 592 28.47 -32.27 -35.50
C ILE C 592 29.70 -33.13 -35.76
N ASP C 593 30.62 -32.64 -36.59
CA ASP C 593 31.81 -33.39 -36.94
C ASP C 593 33.11 -32.71 -36.54
N THR C 594 33.07 -31.43 -36.18
CA THR C 594 34.25 -30.71 -35.71
C THR C 594 33.94 -30.05 -34.37
N ILE C 595 34.99 -29.84 -33.57
CA ILE C 595 34.82 -29.18 -32.29
C ILE C 595 34.32 -27.75 -32.46
N GLU C 596 34.59 -27.12 -33.61
CA GLU C 596 34.01 -25.81 -33.88
C GLU C 596 32.50 -25.89 -33.99
N GLN C 597 31.99 -26.95 -34.63
CA GLN C 597 30.55 -27.14 -34.71
C GLN C 597 29.94 -27.38 -33.34
N LEU C 598 30.63 -28.16 -32.49
CA LEU C 598 30.15 -28.38 -31.13
C LEU C 598 30.14 -27.07 -30.33
N ALA C 599 31.17 -26.25 -30.50
CA ALA C 599 31.20 -24.96 -29.83
C ALA C 599 30.07 -24.06 -30.30
N LYS C 600 29.81 -24.04 -31.61
CA LYS C 600 28.70 -23.24 -32.12
C LYS C 600 27.37 -23.74 -31.60
N LEU C 601 27.23 -25.06 -31.47
CA LEU C 601 25.99 -25.63 -30.95
C LEU C 601 25.79 -25.28 -29.48
N LYS C 602 26.85 -25.37 -28.68
CA LYS C 602 26.75 -25.03 -27.26
C LYS C 602 26.62 -23.53 -27.04
N SER C 603 27.02 -22.71 -28.02
CA SER C 603 26.89 -21.27 -27.89
C SER C 603 25.46 -20.78 -28.01
N VAL C 604 24.51 -21.67 -28.36
CA VAL C 604 23.11 -21.27 -28.44
C VAL C 604 22.61 -20.81 -27.09
N VAL C 605 23.02 -21.49 -26.02
CA VAL C 605 22.62 -21.10 -24.67
C VAL C 605 23.16 -19.71 -24.35
N ALA C 606 24.43 -19.47 -24.67
CA ALA C 606 25.03 -18.17 -24.36
C ALA C 606 24.39 -17.05 -25.16
N GLU C 607 24.08 -17.31 -26.43
CA GLU C 607 23.49 -16.28 -27.28
C GLU C 607 22.02 -16.03 -26.99
N SER C 608 21.35 -16.93 -26.27
CA SER C 608 19.95 -16.75 -25.92
C SER C 608 19.76 -15.98 -24.63
N VAL C 609 20.84 -15.52 -24.01
CA VAL C 609 20.73 -14.74 -22.79
C VAL C 609 20.16 -13.37 -23.10
N MET C 610 19.21 -12.93 -22.29
CA MET C 610 18.56 -11.65 -22.50
C MET C 610 19.53 -10.50 -22.26
N PRO C 611 19.25 -9.32 -22.82
CA PRO C 611 20.16 -8.18 -22.61
C PRO C 611 20.35 -7.80 -21.15
N LYS C 612 19.38 -8.06 -20.29
CA LYS C 612 19.52 -7.80 -18.87
C LYS C 612 20.10 -8.98 -18.11
N GLY C 613 20.38 -10.10 -18.80
CA GLY C 613 20.87 -11.30 -18.16
C GLY C 613 22.39 -11.36 -18.12
N TYR C 614 22.89 -12.53 -17.74
CA TYR C 614 24.31 -12.79 -17.62
C TYR C 614 24.66 -14.09 -18.33
N ALA C 615 25.85 -14.12 -18.93
CA ALA C 615 26.39 -15.33 -19.53
C ALA C 615 27.62 -15.74 -18.72
N VAL C 616 27.53 -16.87 -18.03
CA VAL C 616 28.63 -17.38 -17.21
C VAL C 616 29.48 -18.29 -18.08
N LEU C 617 30.68 -17.84 -18.43
CA LEU C 617 31.56 -18.54 -19.34
C LEU C 617 32.84 -18.94 -18.64
N ASN C 618 33.43 -20.05 -19.08
CA ASN C 618 34.71 -20.53 -18.57
C ASN C 618 35.82 -19.77 -19.27
N ALA C 619 36.58 -18.98 -18.50
CA ALA C 619 37.69 -18.23 -19.07
C ALA C 619 38.84 -19.13 -19.48
N GLU C 620 38.98 -20.30 -18.85
CA GLU C 620 40.08 -21.20 -19.16
C GLU C 620 39.89 -21.97 -20.46
N ASP C 621 38.67 -22.06 -20.97
CA ASP C 621 38.40 -22.77 -22.20
C ASP C 621 38.42 -21.79 -23.36
N PRO C 622 39.36 -21.89 -24.30
CA PRO C 622 39.41 -20.92 -25.40
C PRO C 622 38.14 -20.88 -26.23
N LEU C 623 37.53 -22.04 -26.51
CA LEU C 623 36.31 -22.05 -27.31
C LEU C 623 35.15 -21.42 -26.55
N VAL C 624 35.03 -21.71 -25.25
CA VAL C 624 33.98 -21.09 -24.45
C VAL C 624 34.23 -19.60 -24.28
N ALA C 625 35.49 -19.22 -24.03
CA ALA C 625 35.81 -17.81 -23.88
C ALA C 625 35.59 -17.03 -25.17
N ALA C 626 35.73 -17.68 -26.32
CA ALA C 626 35.48 -17.03 -27.60
C ALA C 626 34.03 -16.62 -27.78
N MET C 627 33.12 -17.20 -27.01
CA MET C 627 31.72 -16.82 -27.05
C MET C 627 31.45 -15.49 -26.36
N ALA C 628 32.48 -14.77 -25.95
CA ALA C 628 32.27 -13.50 -25.25
C ALA C 628 31.54 -12.51 -26.15
N ASP C 629 31.93 -12.42 -27.42
CA ASP C 629 31.20 -11.59 -28.37
C ASP C 629 29.87 -12.26 -28.74
N ARG C 630 29.13 -11.61 -29.63
CA ARG C 630 27.83 -12.05 -30.12
C ARG C 630 26.92 -12.55 -28.99
N VAL C 631 27.05 -11.95 -27.81
CA VAL C 631 26.21 -12.25 -26.67
C VAL C 631 25.60 -10.95 -26.17
N LYS C 632 24.27 -10.90 -26.12
CA LYS C 632 23.57 -9.77 -25.56
C LYS C 632 23.47 -9.95 -24.05
N GLY C 633 23.80 -8.89 -23.32
CA GLY C 633 23.86 -8.95 -21.87
C GLY C 633 25.28 -9.12 -21.36
N GLN C 634 25.41 -9.00 -20.05
CA GLN C 634 26.72 -9.02 -19.41
C GLN C 634 27.33 -10.40 -19.48
N VAL C 635 28.66 -10.45 -19.36
CA VAL C 635 29.43 -11.68 -19.39
C VAL C 635 30.16 -11.81 -18.06
N ALA C 636 30.09 -13.00 -17.47
CA ALA C 636 30.78 -13.30 -16.22
C ALA C 636 31.70 -14.48 -16.45
N TYR C 637 32.96 -14.36 -16.01
CA TYR C 637 33.96 -15.39 -16.21
C TYR C 637 34.25 -16.12 -14.91
N PHE C 638 34.43 -17.42 -15.00
CA PHE C 638 34.93 -18.22 -13.90
C PHE C 638 36.15 -19.00 -14.36
N SER C 639 37.14 -19.10 -13.49
CA SER C 639 38.41 -19.73 -13.85
C SER C 639 39.02 -20.38 -12.63
N MET C 640 39.51 -21.61 -12.82
CA MET C 640 40.26 -22.29 -11.77
C MET C 640 41.67 -21.75 -11.61
N ASP C 641 42.17 -20.99 -12.59
CA ASP C 641 43.47 -20.34 -12.48
C ASP C 641 43.26 -18.88 -12.16
N PRO C 642 43.65 -18.41 -10.97
CA PRO C 642 43.38 -17.01 -10.62
C PRO C 642 44.14 -16.00 -11.44
N ASN C 643 45.17 -16.41 -12.17
CA ASN C 643 46.00 -15.50 -12.95
C ASN C 643 45.60 -15.45 -14.42
N ASN C 644 44.36 -15.81 -14.74
CA ASN C 644 43.90 -15.73 -16.11
C ASN C 644 43.89 -14.29 -16.59
N GLU C 645 44.61 -14.02 -17.69
CA GLU C 645 44.75 -12.66 -18.17
C GLU C 645 43.41 -12.09 -18.62
N LEU C 646 42.61 -12.88 -19.34
CA LEU C 646 41.32 -12.40 -19.80
C LEU C 646 40.39 -12.08 -18.62
N LEU C 647 40.37 -12.95 -17.61
CA LEU C 647 39.53 -12.71 -16.45
C LEU C 647 39.98 -11.46 -15.70
N LEU C 648 41.29 -11.28 -15.53
CA LEU C 648 41.78 -10.10 -14.83
C LEU C 648 41.46 -8.82 -15.60
N ARG C 649 41.63 -8.85 -16.92
CA ARG C 649 41.27 -7.69 -17.73
C ARG C 649 39.79 -7.39 -17.64
N HIS C 650 38.96 -8.44 -17.62
CA HIS C 650 37.52 -8.25 -17.48
C HIS C 650 37.16 -7.65 -16.13
N THR C 651 37.84 -8.08 -15.06
CA THR C 651 37.54 -7.56 -13.73
C THR C 651 38.04 -6.12 -13.57
N GLU C 652 39.13 -5.77 -14.24
CA GLU C 652 39.65 -4.41 -14.14
C GLU C 652 38.65 -3.38 -14.62
N ALA C 653 37.98 -3.68 -15.74
CA ALA C 653 36.94 -2.80 -16.29
C ALA C 653 35.61 -3.53 -16.16
N GLY C 654 34.96 -3.33 -15.01
CA GLY C 654 33.72 -4.02 -14.73
C GLY C 654 33.82 -4.96 -13.55
N GLY C 655 33.76 -6.25 -13.78
CA GLY C 655 33.93 -7.22 -12.73
C GLY C 655 33.05 -8.44 -12.97
N LEU C 656 32.48 -8.95 -11.87
CA LEU C 656 31.60 -10.13 -11.88
C LEU C 656 32.33 -11.34 -12.44
N ALA C 657 33.33 -11.77 -11.70
CA ALA C 657 34.08 -12.99 -12.00
C ALA C 657 34.24 -13.83 -10.74
N ALA C 658 34.61 -15.10 -10.94
CA ALA C 658 34.84 -16.02 -9.83
C ALA C 658 36.12 -16.78 -10.08
N ILE C 659 36.94 -16.92 -9.03
CA ILE C 659 38.23 -17.59 -9.14
C ILE C 659 38.44 -18.48 -7.91
N TYR C 660 39.50 -19.27 -7.96
CA TYR C 660 39.95 -20.13 -6.88
C TYR C 660 41.36 -19.69 -6.54
N GLU C 661 41.48 -18.75 -5.60
CA GLU C 661 42.71 -17.98 -5.45
C GLU C 661 43.71 -18.61 -4.47
N ASN C 662 43.36 -18.73 -3.19
CA ASN C 662 44.23 -19.37 -2.20
C ASN C 662 43.34 -20.31 -1.38
N GLY C 663 43.11 -21.50 -1.92
CA GLY C 663 42.18 -22.41 -1.26
C GLY C 663 40.87 -21.76 -0.91
N TYR C 664 40.36 -20.91 -1.80
CA TYR C 664 39.15 -20.14 -1.54
C TYR C 664 38.31 -20.02 -2.80
N ILE C 665 37.02 -20.20 -2.66
CA ILE C 665 36.07 -19.90 -3.73
C ILE C 665 35.68 -18.44 -3.57
N SER C 666 36.10 -17.61 -4.52
CA SER C 666 35.97 -16.17 -4.38
C SER C 666 35.16 -15.59 -5.53
N ILE C 667 34.53 -14.46 -5.26
CA ILE C 667 33.80 -13.68 -6.28
C ILE C 667 34.52 -12.36 -6.45
N LEU C 668 34.88 -12.04 -7.69
CA LEU C 668 35.52 -10.77 -8.01
C LEU C 668 34.48 -9.82 -8.58
N LYS C 669 34.20 -8.76 -7.83
CA LYS C 669 33.24 -7.74 -8.24
C LYS C 669 33.94 -6.48 -8.74
N GLY C 670 35.05 -6.65 -9.44
CA GLY C 670 35.87 -5.53 -9.87
C GLY C 670 37.19 -5.51 -9.12
N ASP C 671 37.35 -4.55 -8.22
CA ASP C 671 38.51 -4.47 -7.36
C ASP C 671 38.26 -5.04 -5.97
N TRP C 672 37.11 -5.68 -5.77
CA TRP C 672 36.75 -6.26 -4.48
C TRP C 672 36.72 -7.78 -4.60
N THR C 673 37.23 -8.45 -3.56
CA THR C 673 37.24 -9.90 -3.48
C THR C 673 36.31 -10.34 -2.37
N LEU C 674 35.36 -11.21 -2.71
CA LEU C 674 34.40 -11.74 -1.75
C LEU C 674 34.59 -13.25 -1.66
N ARG C 675 35.20 -13.71 -0.57
CA ARG C 675 35.47 -15.13 -0.41
C ARG C 675 34.23 -15.85 0.09
N ILE C 676 33.87 -16.94 -0.57
CA ILE C 676 32.67 -17.69 -0.21
C ILE C 676 33.03 -18.73 0.84
N GLU C 677 33.96 -19.63 0.52
CA GLU C 677 34.27 -20.71 1.43
C GLU C 677 35.68 -21.21 1.14
N LYS C 678 36.26 -21.91 2.12
CA LYS C 678 37.63 -22.42 2.05
C LYS C 678 37.78 -23.57 1.05
N ALA C 679 36.69 -24.04 0.45
CA ALA C 679 36.74 -25.04 -0.61
C ALA C 679 37.20 -26.40 -0.10
N VAL C 680 37.59 -26.47 1.17
CA VAL C 680 37.82 -27.76 1.83
C VAL C 680 36.68 -28.11 2.76
N ASN C 681 35.84 -27.14 3.11
CA ASN C 681 34.61 -27.39 3.85
C ASN C 681 33.42 -27.63 2.93
N VAL C 682 33.65 -27.63 1.62
CA VAL C 682 32.62 -27.94 0.64
C VAL C 682 32.65 -29.45 0.39
N PRO C 683 31.62 -30.20 0.77
CA PRO C 683 31.71 -31.68 0.68
C PRO C 683 31.96 -32.21 -0.72
N ILE C 684 31.40 -31.57 -1.75
CA ILE C 684 31.53 -32.12 -3.10
C ILE C 684 32.96 -32.02 -3.60
N THR C 685 33.72 -31.03 -3.14
CA THR C 685 35.10 -30.89 -3.57
C THR C 685 36.01 -31.99 -3.03
N MET C 686 35.53 -32.80 -2.10
CA MET C 686 36.31 -33.88 -1.49
C MET C 686 37.59 -33.31 -0.85
N ALA C 687 37.39 -32.34 0.04
CA ALA C 687 38.49 -31.63 0.71
C ALA C 687 39.44 -31.01 -0.30
N GLY C 688 38.88 -30.47 -1.38
CA GLY C 688 39.68 -29.79 -2.38
C GLY C 688 40.47 -30.69 -3.29
N LYS C 689 40.15 -31.98 -3.32
CA LYS C 689 40.88 -32.94 -4.14
C LYS C 689 40.26 -33.15 -5.51
N ALA C 690 39.11 -32.53 -5.80
CA ALA C 690 38.43 -32.69 -7.08
C ALA C 690 38.33 -31.34 -7.78
N PRO C 691 39.27 -31.00 -8.68
CA PRO C 691 39.20 -29.70 -9.36
C PRO C 691 37.94 -29.52 -10.19
N PHE C 692 37.39 -30.59 -10.75
CA PHE C 692 36.17 -30.47 -11.54
C PHE C 692 35.01 -29.99 -10.68
N MET C 693 34.88 -30.55 -9.47
CA MET C 693 33.84 -30.12 -8.55
C MET C 693 34.05 -28.66 -8.15
N ILE C 694 35.30 -28.24 -7.99
CA ILE C 694 35.58 -26.85 -7.66
C ILE C 694 35.15 -25.93 -8.80
N ALA C 695 35.41 -26.34 -10.04
CA ALA C 695 34.98 -25.52 -11.18
C ALA C 695 33.46 -25.44 -11.26
N ASN C 696 32.77 -26.56 -11.01
CA ASN C 696 31.31 -26.55 -11.00
C ASN C 696 30.78 -25.63 -9.91
N ALA C 697 31.40 -25.68 -8.73
CA ALA C 697 30.98 -24.81 -7.63
C ALA C 697 31.23 -23.35 -7.98
N LEU C 698 32.35 -23.05 -8.64
CA LEU C 698 32.63 -21.69 -9.08
C LEU C 698 31.54 -21.20 -10.02
N ALA C 699 31.18 -22.02 -11.00
CA ALA C 699 30.16 -21.61 -11.96
C ALA C 699 28.82 -21.39 -11.26
N ALA C 700 28.42 -22.30 -10.38
CA ALA C 700 27.14 -22.17 -9.70
C ALA C 700 27.11 -20.94 -8.80
N CYS C 701 28.20 -20.70 -8.06
CA CYS C 701 28.25 -19.55 -7.17
C CYS C 701 28.20 -18.25 -7.96
N LEU C 702 28.93 -18.18 -9.08
CA LEU C 702 28.88 -16.99 -9.91
C LEU C 702 27.49 -16.77 -10.47
N ALA C 703 26.82 -17.85 -10.89
CA ALA C 703 25.48 -17.72 -11.45
C ALA C 703 24.50 -17.18 -10.42
N VAL C 704 24.53 -17.71 -9.20
CA VAL C 704 23.59 -17.22 -8.19
C VAL C 704 23.97 -15.81 -7.75
N PHE C 705 25.26 -15.49 -7.72
CA PHE C 705 25.68 -14.14 -7.33
C PHE C 705 25.19 -13.10 -8.34
N THR C 706 25.23 -13.43 -9.64
CA THR C 706 24.79 -12.48 -10.65
C THR C 706 23.32 -12.13 -10.51
N GLN C 707 22.53 -12.95 -9.81
CA GLN C 707 21.11 -12.73 -9.65
C GLN C 707 20.75 -12.09 -8.32
N GLY C 708 21.75 -11.62 -7.56
CA GLY C 708 21.50 -10.94 -6.32
C GLY C 708 21.31 -11.81 -5.09
N VAL C 709 21.61 -13.10 -5.18
CA VAL C 709 21.52 -13.97 -4.02
C VAL C 709 22.59 -13.56 -3.00
N LYS C 710 22.19 -13.49 -1.74
CA LYS C 710 23.10 -13.03 -0.69
C LYS C 710 24.23 -14.04 -0.48
N ILE C 711 25.35 -13.52 0.01
CA ILE C 711 26.55 -14.35 0.17
C ILE C 711 26.31 -15.44 1.21
N GLU C 712 25.57 -15.12 2.27
CA GLU C 712 25.34 -16.12 3.32
C GLU C 712 24.53 -17.30 2.80
N HIS C 713 23.53 -17.04 1.95
CA HIS C 713 22.76 -18.13 1.37
C HIS C 713 23.63 -19.00 0.46
N ILE C 714 24.50 -18.38 -0.33
CA ILE C 714 25.42 -19.14 -1.17
C ILE C 714 26.32 -20.01 -0.32
N ARG C 715 26.86 -19.44 0.76
CA ARG C 715 27.74 -20.17 1.65
C ARG C 715 27.03 -21.36 2.27
N LYS C 716 25.81 -21.15 2.76
CA LYS C 716 25.06 -22.24 3.39
C LYS C 716 24.74 -23.34 2.38
N GLY C 717 24.28 -22.96 1.19
CA GLY C 717 23.98 -23.96 0.17
C GLY C 717 25.22 -24.73 -0.27
N LEU C 718 26.35 -24.04 -0.39
CA LEU C 718 27.58 -24.70 -0.82
C LEU C 718 28.10 -25.64 0.27
N SER C 719 27.94 -25.27 1.53
CA SER C 719 28.42 -26.13 2.62
C SER C 719 27.51 -27.32 2.86
N THR C 720 26.20 -27.16 2.67
CA THR C 720 25.25 -28.23 2.98
C THR C 720 24.93 -29.13 1.80
N PHE C 721 25.51 -28.87 0.63
CA PHE C 721 25.22 -29.69 -0.54
C PHE C 721 26.14 -30.91 -0.55
N VAL C 722 25.54 -32.10 -0.64
CA VAL C 722 26.28 -33.35 -0.62
C VAL C 722 26.24 -33.98 -2.01
N ALA C 723 27.34 -34.63 -2.38
CA ALA C 723 27.46 -35.25 -3.69
C ALA C 723 26.59 -36.50 -3.74
N SER C 724 25.56 -36.47 -4.58
CA SER C 724 24.66 -37.61 -4.73
C SER C 724 23.96 -37.58 -6.08
N MET D 1 11.51 -4.46 68.08
CA MET D 1 11.47 -3.85 66.74
C MET D 1 12.73 -4.18 65.95
N LYS D 2 12.65 -5.20 65.10
CA LYS D 2 13.74 -5.54 64.21
C LYS D 2 13.17 -5.91 62.85
N ILE D 3 13.66 -5.25 61.80
CA ILE D 3 13.21 -5.52 60.45
C ILE D 3 14.07 -6.66 59.89
N LEU D 4 13.47 -7.82 59.70
CA LEU D 4 14.21 -8.98 59.22
C LEU D 4 14.53 -8.85 57.74
N LYS D 5 13.49 -8.74 56.91
CA LYS D 5 13.64 -8.65 55.47
C LYS D 5 12.75 -7.54 54.94
N LEU D 6 13.24 -6.85 53.91
CA LEU D 6 12.51 -5.74 53.29
C LEU D 6 12.52 -5.96 51.78
N GLN D 7 11.39 -6.40 51.24
CA GLN D 7 11.25 -6.68 49.83
C GLN D 7 10.35 -5.65 49.16
N THR D 8 10.65 -5.33 47.91
CA THR D 8 9.84 -4.43 47.10
C THR D 8 9.31 -5.17 45.88
N LEU D 9 8.04 -4.96 45.58
CA LEU D 9 7.38 -5.62 44.46
C LEU D 9 7.07 -4.58 43.38
N ARG D 10 7.28 -4.95 42.13
CA ARG D 10 7.10 -4.03 41.02
C ARG D 10 6.05 -4.46 40.00
N GLY D 11 5.58 -5.71 40.05
CA GLY D 11 4.53 -6.15 39.17
C GLY D 11 3.42 -6.83 39.92
N PRO D 12 2.55 -7.55 39.20
CA PRO D 12 1.53 -8.36 39.88
C PRO D 12 2.18 -9.35 40.81
N ASN D 13 1.59 -9.52 41.99
CA ASN D 13 2.24 -10.24 43.07
C ASN D 13 1.22 -11.06 43.84
N TYR D 14 1.71 -11.82 44.82
CA TYR D 14 0.85 -12.67 45.63
C TYR D 14 -0.13 -11.85 46.46
N TRP D 15 0.29 -10.66 46.89
CA TRP D 15 -0.55 -9.85 47.77
C TRP D 15 -1.70 -9.21 47.01
N SER D 16 -1.44 -8.71 45.80
CA SER D 16 -2.49 -8.03 45.06
C SER D 16 -2.17 -8.07 43.57
N ILE D 17 -3.21 -7.88 42.77
CA ILE D 17 -3.11 -7.72 41.33
C ILE D 17 -3.74 -6.40 40.97
N HIS D 18 -3.09 -5.66 40.07
CA HIS D 18 -3.34 -4.27 39.69
C HIS D 18 -2.74 -3.31 40.71
N ARG D 19 -2.15 -3.82 41.79
CA ARG D 19 -1.34 -3.02 42.71
C ARG D 19 0.10 -3.52 42.57
N HIS D 20 0.79 -2.99 41.58
CA HIS D 20 2.12 -3.48 41.25
C HIS D 20 3.18 -3.01 42.24
N LYS D 21 3.07 -1.76 42.68
CA LYS D 21 4.08 -1.15 43.54
C LYS D 21 3.72 -1.40 45.00
N LEU D 22 4.37 -2.38 45.61
CA LEU D 22 4.15 -2.71 47.01
C LEU D 22 5.50 -2.98 47.66
N VAL D 23 5.55 -2.75 48.97
CA VAL D 23 6.73 -3.06 49.78
C VAL D 23 6.28 -3.98 50.91
N VAL D 24 7.04 -5.05 51.13
CA VAL D 24 6.72 -6.06 52.15
C VAL D 24 7.90 -6.16 53.09
N MET D 25 7.64 -6.05 54.38
CA MET D 25 8.68 -6.14 55.41
C MET D 25 8.30 -7.23 56.41
N ARG D 26 9.29 -8.01 56.82
CA ARG D 26 9.12 -9.00 57.88
C ARG D 26 9.52 -8.35 59.20
N LEU D 27 8.53 -8.00 60.01
CA LEU D 27 8.73 -7.21 61.21
C LEU D 27 8.63 -8.10 62.44
N ASP D 28 9.65 -8.02 63.30
CA ASP D 28 9.68 -8.78 64.54
C ASP D 28 9.09 -7.96 65.68
N LEU D 29 8.26 -8.61 66.50
CA LEU D 29 7.61 -7.96 67.62
C LEU D 29 7.97 -8.64 68.94
N GLU D 30 9.28 -8.87 69.14
CA GLU D 30 9.77 -9.70 70.24
C GLU D 30 9.06 -9.45 71.56
N ASP D 31 9.15 -8.21 72.07
CA ASP D 31 8.52 -7.88 73.34
C ASP D 31 7.16 -7.23 73.19
N LEU D 32 6.81 -6.76 71.99
CA LEU D 32 5.52 -6.12 71.73
C LEU D 32 4.61 -7.01 70.90
N TYR D 33 4.63 -8.32 71.16
CA TYR D 33 3.96 -9.26 70.28
C TYR D 33 2.45 -9.23 70.45
N GLU D 34 1.96 -9.50 71.66
CA GLU D 34 0.54 -9.75 71.88
C GLU D 34 -0.03 -8.81 72.93
N LYS D 35 0.27 -7.51 72.79
CA LYS D 35 -0.38 -6.48 73.57
C LYS D 35 -1.05 -5.49 72.63
N TYR D 36 -2.28 -5.12 72.95
CA TYR D 36 -3.06 -4.20 72.12
C TYR D 36 -2.67 -2.77 72.42
N THR D 37 -3.23 -1.83 71.65
CA THR D 37 -2.97 -0.42 71.88
C THR D 37 -3.51 0.04 73.22
N SER D 38 -4.68 -0.46 73.61
CA SER D 38 -5.25 -0.12 74.91
C SER D 38 -4.39 -0.61 76.06
N ASP D 39 -3.60 -1.66 75.84
CA ASP D 39 -2.68 -2.18 76.85
C ASP D 39 -1.45 -1.30 77.01
N ILE D 40 -1.15 -0.45 76.04
CA ILE D 40 0.00 0.45 76.07
C ILE D 40 -0.47 1.78 76.67
N PRO D 41 0.14 2.25 77.76
CA PRO D 41 -0.35 3.48 78.40
C PRO D 41 -0.04 4.71 77.56
N GLY D 42 -1.07 5.49 77.28
CA GLY D 42 -0.91 6.74 76.55
C GLY D 42 -0.51 6.60 75.10
N PHE D 43 -0.62 5.40 74.52
CA PHE D 43 -0.24 5.23 73.12
C PHE D 43 -1.16 6.03 72.20
N TYR D 44 -2.47 5.98 72.44
CA TYR D 44 -3.41 6.63 71.54
C TYR D 44 -3.20 8.14 71.50
N LYS D 45 -3.00 8.75 72.66
CA LYS D 45 -2.84 10.20 72.71
C LYS D 45 -1.60 10.64 71.96
N GLY D 46 -0.47 9.97 72.20
CA GLY D 46 0.75 10.32 71.50
C GLY D 46 0.64 10.07 70.00
N LEU D 47 0.02 8.96 69.62
CA LEU D 47 -0.13 8.65 68.20
C LEU D 47 -1.00 9.68 67.50
N THR D 48 -2.10 10.09 68.14
CA THR D 48 -3.01 11.04 67.52
C THR D 48 -2.52 12.48 67.60
N GLU D 49 -1.57 12.79 68.47
CA GLU D 49 -1.00 14.13 68.46
C GLU D 49 0.21 14.23 67.53
N VAL D 50 0.95 13.13 67.34
CA VAL D 50 2.04 13.15 66.38
C VAL D 50 1.50 13.19 64.95
N LEU D 51 0.47 12.39 64.68
CA LEU D 51 -0.12 12.28 63.35
C LEU D 51 -1.62 12.48 63.43
N PRO D 52 -2.07 13.74 63.54
CA PRO D 52 -3.52 13.99 63.53
C PRO D 52 -4.18 13.61 62.21
N SER D 53 -3.40 13.47 61.14
CA SER D 53 -3.97 13.12 59.84
C SER D 53 -4.40 11.65 59.76
N LEU D 54 -4.30 10.91 60.86
CA LEU D 54 -4.82 9.55 60.87
C LEU D 54 -6.33 9.51 60.89
N VAL D 55 -6.98 10.64 61.16
CA VAL D 55 -8.44 10.68 61.30
C VAL D 55 -9.15 10.35 59.99
N GLU D 56 -8.52 10.61 58.84
CA GLU D 56 -9.17 10.34 57.56
C GLU D 56 -9.11 8.87 57.17
N HIS D 57 -8.34 8.05 57.89
CA HIS D 57 -8.21 6.64 57.55
C HIS D 57 -9.54 5.90 57.72
N LEU D 58 -10.10 5.40 56.61
CA LEU D 58 -11.32 4.61 56.64
C LEU D 58 -10.93 3.15 56.69
N CYS D 59 -10.93 2.59 57.89
CA CYS D 59 -10.59 1.18 58.09
C CYS D 59 -11.80 0.32 57.75
N SER D 60 -11.74 -0.96 58.14
CA SER D 60 -12.87 -1.86 57.90
C SER D 60 -14.20 -1.35 58.47
N PRO D 61 -14.27 -0.53 59.52
CA PRO D 61 -15.54 0.13 59.83
C PRO D 61 -16.09 0.95 58.68
N GLY D 62 -15.23 1.54 57.86
CA GLY D 62 -15.67 2.29 56.70
C GLY D 62 -16.19 3.68 56.97
N VAL D 63 -16.05 4.17 58.21
CA VAL D 63 -16.56 5.48 58.59
C VAL D 63 -15.37 6.34 59.00
N LYS D 64 -15.56 7.66 58.94
CA LYS D 64 -14.52 8.60 59.32
C LYS D 64 -14.00 8.31 60.72
N GLY D 65 -12.68 8.12 60.82
CA GLY D 65 -12.07 7.78 62.09
C GLY D 65 -12.16 6.33 62.48
N GLY D 66 -12.52 5.45 61.56
CA GLY D 66 -12.67 4.04 61.91
C GLY D 66 -11.39 3.41 62.41
N PHE D 67 -10.25 3.75 61.79
CA PHE D 67 -8.97 3.26 62.28
C PHE D 67 -8.73 3.73 63.70
N LEU D 68 -9.06 5.00 64.00
CA LEU D 68 -8.93 5.48 65.36
C LEU D 68 -9.77 4.64 66.32
N THR D 69 -11.02 4.36 65.95
CA THR D 69 -11.90 3.56 66.80
C THR D 69 -11.30 2.19 67.06
N ARG D 70 -10.74 1.57 66.01
CA ARG D 70 -10.03 0.32 66.20
C ARG D 70 -8.88 0.49 67.20
N VAL D 71 -8.25 1.67 67.20
CA VAL D 71 -7.13 1.89 68.12
C VAL D 71 -7.63 1.99 69.57
N GLU D 72 -8.73 2.70 69.82
CA GLU D 72 -9.25 2.70 71.20
C GLU D 72 -9.64 1.28 71.61
N LYS D 73 -10.31 0.54 70.72
CA LYS D 73 -10.67 -0.84 71.06
C LYS D 73 -9.44 -1.68 71.34
N GLY D 74 -8.32 -1.39 70.69
CA GLY D 74 -7.09 -2.12 70.94
C GLY D 74 -6.85 -3.24 69.95
N THR D 75 -5.83 -3.08 69.11
CA THR D 75 -5.46 -4.09 68.12
C THR D 75 -3.95 -4.26 68.14
N LEU D 76 -3.47 -5.17 67.31
CA LEU D 76 -2.04 -5.41 67.23
C LEU D 76 -1.32 -4.21 66.63
N ILE D 77 -0.06 -4.03 67.02
CA ILE D 77 0.70 -2.86 66.60
C ILE D 77 1.10 -2.92 65.12
N GLY D 78 1.06 -4.10 64.50
CA GLY D 78 1.37 -4.18 63.09
C GLY D 78 0.41 -3.35 62.25
N HIS D 79 -0.87 -3.38 62.61
CA HIS D 79 -1.87 -2.60 61.88
C HIS D 79 -1.60 -1.11 61.97
N VAL D 80 -1.27 -0.63 63.18
CA VAL D 80 -1.02 0.80 63.31
C VAL D 80 0.30 1.19 62.65
N ILE D 81 1.29 0.31 62.65
CA ILE D 81 2.52 0.60 61.91
C ILE D 81 2.24 0.71 60.42
N GLU D 82 1.43 -0.19 59.88
CA GLU D 82 1.01 -0.10 58.49
C GLU D 82 0.33 1.24 58.22
N HIS D 83 -0.62 1.61 59.08
CA HIS D 83 -1.38 2.84 58.86
C HIS D 83 -0.50 4.08 58.95
N VAL D 84 0.43 4.10 59.91
CA VAL D 84 1.28 5.28 60.05
C VAL D 84 2.28 5.36 58.90
N ALA D 85 2.74 4.21 58.38
CA ALA D 85 3.58 4.26 57.17
C ALA D 85 2.80 4.83 55.99
N ILE D 86 1.56 4.37 55.81
CA ILE D 86 0.73 4.87 54.71
C ILE D 86 0.55 6.37 54.84
N GLU D 87 0.18 6.84 56.04
CA GLU D 87 -0.06 8.26 56.24
C GLU D 87 1.22 9.07 56.16
N LEU D 88 2.33 8.51 56.61
CA LEU D 88 3.61 9.22 56.57
C LEU D 88 4.05 9.46 55.13
N GLN D 89 3.92 8.45 54.27
CA GLN D 89 4.27 8.69 52.87
C GLN D 89 3.17 9.39 52.09
N GLU D 90 1.95 9.45 52.63
CA GLU D 90 0.90 10.24 52.01
C GLU D 90 1.05 11.73 52.31
N LEU D 91 1.55 12.06 53.50
CA LEU D 91 1.75 13.46 53.86
C LEU D 91 2.82 14.13 53.01
N ALA D 92 3.73 13.35 52.43
CA ALA D 92 4.78 13.89 51.56
C ALA D 92 4.30 14.09 50.13
N GLY D 93 2.99 14.09 49.90
CA GLY D 93 2.45 14.33 48.58
C GLY D 93 2.29 13.11 47.70
N MET D 94 2.42 11.90 48.27
CA MET D 94 2.29 10.67 47.49
C MET D 94 1.06 9.90 47.94
N PRO D 95 -0.06 10.01 47.24
CA PRO D 95 -1.30 9.33 47.67
C PRO D 95 -1.19 7.83 47.48
N VAL D 96 -1.36 7.09 48.58
CA VAL D 96 -1.34 5.64 48.58
C VAL D 96 -2.52 5.14 49.41
N GLY D 97 -3.18 4.10 48.93
CA GLY D 97 -4.39 3.63 49.60
C GLY D 97 -4.54 2.12 49.72
N PHE D 98 -3.43 1.39 49.81
CA PHE D 98 -3.47 -0.05 49.97
C PHE D 98 -2.53 -0.48 51.08
N GLY D 99 -2.96 -1.44 51.89
CA GLY D 99 -2.13 -1.96 52.95
C GLY D 99 -2.69 -3.25 53.49
N ARG D 100 -1.79 -4.10 53.98
CA ARG D 100 -2.17 -5.38 54.54
C ARG D 100 -1.21 -5.73 55.67
N THR D 101 -1.68 -6.59 56.57
CA THR D 101 -0.85 -7.15 57.63
C THR D 101 -1.30 -8.58 57.89
N ARG D 102 -0.33 -9.49 58.03
CA ARG D 102 -0.61 -10.90 58.20
C ARG D 102 0.39 -11.51 59.17
N GLU D 103 -0.10 -12.42 60.00
CA GLU D 103 0.76 -13.14 60.94
C GLU D 103 1.38 -14.34 60.24
N THR D 104 2.71 -14.46 60.34
CA THR D 104 3.43 -15.52 59.67
C THR D 104 3.40 -16.79 60.51
N SER D 105 3.93 -17.88 59.94
CA SER D 105 3.95 -19.16 60.63
C SER D 105 4.85 -19.12 61.85
N THR D 106 5.98 -18.42 61.77
CA THR D 106 6.90 -18.35 62.89
C THR D 106 6.27 -17.60 64.06
N THR D 107 6.90 -17.75 65.23
CA THR D 107 6.26 -17.36 66.47
C THR D 107 6.06 -15.85 66.57
N GLY D 108 7.01 -15.06 66.09
CA GLY D 108 6.98 -13.64 66.36
C GLY D 108 6.84 -12.70 65.16
N VAL D 109 7.36 -13.10 64.01
CA VAL D 109 7.48 -12.19 62.87
C VAL D 109 6.12 -11.99 62.21
N PHE D 110 5.82 -10.74 61.87
CA PHE D 110 4.66 -10.37 61.08
C PHE D 110 5.10 -9.97 59.68
N GLN D 111 4.11 -9.77 58.80
CA GLN D 111 4.34 -9.29 57.45
C GLN D 111 3.46 -8.07 57.22
N VAL D 112 4.09 -6.96 56.84
CA VAL D 112 3.39 -5.69 56.60
C VAL D 112 3.57 -5.32 55.14
N VAL D 113 2.47 -5.07 54.44
CA VAL D 113 2.47 -4.73 53.03
C VAL D 113 1.95 -3.31 52.89
N ILE D 114 2.75 -2.45 52.26
CA ILE D 114 2.43 -1.03 52.14
C ILE D 114 2.53 -0.64 50.67
N GLU D 115 1.50 0.04 50.17
CA GLU D 115 1.56 0.58 48.82
C GLU D 115 2.48 1.79 48.78
N TYR D 116 3.22 1.93 47.67
CA TYR D 116 4.15 3.04 47.52
C TYR D 116 3.99 3.64 46.13
N GLU D 117 4.36 4.92 46.03
CA GLU D 117 4.48 5.61 44.75
C GLU D 117 5.92 5.67 44.26
N ASN D 118 6.86 5.83 45.17
CA ASN D 118 8.28 5.81 44.87
C ASN D 118 8.94 4.71 45.67
N GLU D 119 9.84 3.96 45.03
CA GLU D 119 10.45 2.80 45.68
C GLU D 119 11.26 3.22 46.90
N GLN D 120 12.18 4.17 46.72
CA GLN D 120 13.00 4.63 47.84
C GLN D 120 12.14 5.31 48.89
N ALA D 121 11.18 6.13 48.47
CA ALA D 121 10.29 6.78 49.42
C ALA D 121 9.47 5.77 50.20
N GLY D 122 8.97 4.74 49.51
CA GLY D 122 8.20 3.71 50.21
C GLY D 122 9.03 2.94 51.22
N ARG D 123 10.25 2.57 50.84
CA ARG D 123 11.12 1.88 51.77
C ARG D 123 11.48 2.76 52.96
N TYR D 124 11.73 4.05 52.71
CA TYR D 124 12.06 4.96 53.79
C TYR D 124 10.87 5.14 54.74
N ALA D 125 9.66 5.23 54.19
CA ALA D 125 8.48 5.34 55.03
C ALA D 125 8.27 4.08 55.87
N ALA D 126 8.49 2.91 55.27
CA ALA D 126 8.38 1.67 56.02
C ALA D 126 9.41 1.62 57.15
N ARG D 127 10.64 2.05 56.89
CA ARG D 127 11.66 2.05 57.93
C ARG D 127 11.35 3.08 59.02
N ALA D 128 10.77 4.23 58.65
CA ALA D 128 10.49 5.27 59.62
C ALA D 128 9.28 4.96 60.48
N ALA D 129 8.31 4.21 59.95
CA ALA D 129 7.10 3.93 60.72
C ALA D 129 7.41 3.12 61.97
N VAL D 130 8.28 2.13 61.86
CA VAL D 130 8.61 1.31 63.01
C VAL D 130 9.36 2.13 64.07
N ARG D 131 10.25 3.02 63.63
CA ARG D 131 10.93 3.90 64.59
C ARG D 131 9.95 4.83 65.28
N LEU D 132 9.01 5.39 64.53
CA LEU D 132 8.02 6.28 65.12
C LEU D 132 7.16 5.54 66.16
N CYS D 133 6.70 4.34 65.81
CA CYS D 133 5.87 3.58 66.75
C CYS D 133 6.66 3.13 67.96
N GLN D 134 7.92 2.73 67.78
CA GLN D 134 8.76 2.36 68.91
C GLN D 134 8.98 3.56 69.84
N SER D 135 9.23 4.74 69.26
CA SER D 135 9.41 5.93 70.08
C SER D 135 8.13 6.27 70.85
N ILE D 136 6.97 6.11 70.20
CA ILE D 136 5.71 6.39 70.92
C ILE D 136 5.50 5.40 72.05
N VAL D 137 5.74 4.10 71.80
CA VAL D 137 5.52 3.13 72.87
C VAL D 137 6.56 3.26 73.97
N ASP D 138 7.72 3.85 73.68
CA ASP D 138 8.76 3.98 74.69
C ASP D 138 8.61 5.25 75.52
N THR D 139 8.40 6.39 74.88
CA THR D 139 8.36 7.67 75.57
C THR D 139 7.00 8.35 75.55
N GLY D 140 6.02 7.79 74.83
CA GLY D 140 4.69 8.37 74.78
C GLY D 140 4.48 9.38 73.68
N THR D 141 5.54 9.80 73.00
CA THR D 141 5.41 10.79 71.93
C THR D 141 6.64 10.71 71.03
N TYR D 142 6.50 11.32 69.85
CA TYR D 142 7.58 11.44 68.88
C TYR D 142 7.96 12.91 68.70
N PRO D 143 9.25 13.24 68.73
CA PRO D 143 9.65 14.64 68.57
C PRO D 143 9.18 15.21 67.24
N ALA D 144 8.74 16.47 67.28
CA ALA D 144 8.26 17.12 66.06
C ALA D 144 9.41 17.42 65.10
N THR D 145 10.60 17.70 65.62
CA THR D 145 11.74 17.94 64.74
C THR D 145 12.09 16.71 63.92
N GLU D 146 12.04 15.53 64.54
CA GLU D 146 12.30 14.30 63.80
C GLU D 146 11.22 14.03 62.77
N LEU D 147 9.97 14.32 63.10
CA LEU D 147 8.89 14.16 62.14
C LEU D 147 9.09 15.08 60.94
N GLN D 148 9.45 16.34 61.19
CA GLN D 148 9.70 17.26 60.08
C GLN D 148 10.90 16.81 59.25
N GLN D 149 11.95 16.32 59.91
CA GLN D 149 13.10 15.81 59.17
C GLN D 149 12.72 14.65 58.28
N ASP D 150 11.93 13.71 58.80
CA ASP D 150 11.48 12.58 57.99
C ASP D 150 10.59 13.01 56.85
N LEU D 151 9.68 13.96 57.08
CA LEU D 151 8.83 14.44 56.00
C LEU D 151 9.65 15.13 54.91
N GLU D 152 10.64 15.92 55.31
CA GLU D 152 11.50 16.57 54.33
C GLU D 152 12.32 15.55 53.55
N ASP D 153 12.81 14.51 54.24
CA ASP D 153 13.54 13.44 53.54
C ASP D 153 12.64 12.73 52.54
N LEU D 154 11.39 12.46 52.92
CA LEU D 154 10.45 11.83 52.00
C LEU D 154 10.17 12.72 50.79
N LYS D 155 10.00 14.02 51.01
CA LYS D 155 9.77 14.93 49.89
C LYS D 155 10.98 15.01 48.97
N GLU D 156 12.18 15.01 49.56
CA GLU D 156 13.39 15.01 48.75
C GLU D 156 13.52 13.73 47.94
N LEU D 157 13.16 12.59 48.53
CA LEU D 157 13.20 11.33 47.80
C LEU D 157 12.19 11.33 46.65
N LYS D 158 11.01 11.90 46.90
CA LYS D 158 10.00 11.99 45.84
C LYS D 158 10.48 12.88 44.70
N ASN D 159 11.07 14.03 45.03
CA ASN D 159 11.54 14.96 44.00
C ASN D 159 12.70 14.36 43.22
N GLN D 160 13.63 13.69 43.90
CA GLN D 160 14.80 13.15 43.23
C GLN D 160 14.43 12.10 42.20
N ALA D 161 13.54 11.19 42.56
CA ALA D 161 13.10 10.13 41.66
C ALA D 161 11.80 10.52 40.97
N SER D 162 11.88 11.59 40.19
CA SER D 162 10.74 12.10 39.43
C SER D 162 11.19 12.43 38.02
N LEU D 163 10.29 12.20 37.07
CA LEU D 163 10.55 12.57 35.69
C LEU D 163 10.25 14.05 35.47
N GLY D 164 10.43 14.50 34.24
CA GLY D 164 10.07 15.85 33.89
C GLY D 164 8.63 15.96 33.47
N PRO D 165 8.14 17.20 33.39
CA PRO D 165 6.74 17.40 32.98
C PRO D 165 6.43 16.83 31.60
N SER D 166 7.35 16.99 30.65
CA SER D 166 7.13 16.40 29.32
C SER D 166 7.16 14.88 29.39
N THR D 167 8.16 14.33 30.08
CA THR D 167 8.23 12.88 30.24
C THR D 167 7.03 12.36 31.01
N GLU D 168 6.59 13.10 32.04
CA GLU D 168 5.41 12.68 32.79
C GLU D 168 4.18 12.64 31.89
N ALA D 169 3.99 13.68 31.07
CA ALA D 169 2.83 13.71 30.20
C ALA D 169 2.86 12.57 29.19
N ILE D 170 4.02 12.33 28.58
CA ILE D 170 4.13 11.26 27.60
C ILE D 170 3.88 9.90 28.25
N VAL D 171 4.44 9.69 29.44
CA VAL D 171 4.25 8.42 30.14
C VAL D 171 2.78 8.22 30.50
N LYS D 172 2.11 9.29 30.96
CA LYS D 172 0.70 9.17 31.30
C LYS D 172 -0.14 8.85 30.06
N GLU D 173 0.20 9.45 28.92
CA GLU D 173 -0.50 9.08 27.69
C GLU D 173 -0.26 7.62 27.33
N ALA D 174 0.97 7.14 27.52
CA ALA D 174 1.25 5.73 27.26
C ALA D 174 0.41 4.82 28.15
N GLU D 175 0.32 5.15 29.44
CA GLU D 175 -0.49 4.37 30.36
C GLU D 175 -1.97 4.41 29.96
N ALA D 176 -2.44 5.57 29.51
CA ALA D 176 -3.82 5.67 29.06
C ALA D 176 -4.07 4.81 27.83
N ARG D 177 -3.08 4.67 26.95
CA ARG D 177 -3.22 3.84 25.76
C ARG D 177 -2.81 2.40 25.99
N GLY D 178 -2.44 2.03 27.21
CA GLY D 178 -2.08 0.65 27.49
C GLY D 178 -0.75 0.22 26.91
N ILE D 179 0.14 1.16 26.63
CA ILE D 179 1.45 0.85 26.06
C ILE D 179 2.43 0.66 27.22
N PRO D 180 3.08 -0.49 27.34
CA PRO D 180 4.02 -0.69 28.44
C PRO D 180 5.20 0.27 28.36
N TRP D 181 5.67 0.71 29.52
CA TRP D 181 6.79 1.63 29.60
C TRP D 181 7.69 1.24 30.75
N THR D 182 9.00 1.39 30.54
CA THR D 182 9.99 1.11 31.56
C THR D 182 11.07 2.18 31.50
N GLN D 183 11.76 2.36 32.61
CA GLN D 183 12.80 3.38 32.73
C GLN D 183 14.17 2.73 32.54
N LEU D 184 14.90 3.18 31.54
CA LEU D 184 16.26 2.71 31.32
C LEU D 184 17.21 3.39 32.29
N GLY D 185 18.32 2.71 32.59
CA GLY D 185 19.26 3.16 33.58
C GLY D 185 20.44 3.95 33.08
N ALA D 186 20.44 4.40 31.83
CA ALA D 186 21.60 5.10 31.27
C ALA D 186 21.48 6.62 31.36
N ARG D 187 20.49 7.20 30.68
CA ARG D 187 20.42 8.65 30.53
C ARG D 187 18.98 9.13 30.69
N PHE D 188 18.28 8.61 31.70
CA PHE D 188 16.89 8.98 31.94
C PHE D 188 16.02 8.71 30.71
N MET D 189 16.32 7.63 30.01
CA MET D 189 15.56 7.24 28.84
C MET D 189 14.41 6.32 29.23
N ILE D 190 13.29 6.45 28.53
CA ILE D 190 12.10 5.64 28.76
C ILE D 190 11.88 4.77 27.54
N GLN D 191 11.68 3.48 27.76
CA GLN D 191 11.42 2.55 26.68
C GLN D 191 9.93 2.21 26.66
N PHE D 192 9.29 2.45 25.52
CA PHE D 192 7.89 2.11 25.31
C PHE D 192 7.78 0.86 24.47
N GLY D 193 6.95 -0.08 24.91
CA GLY D 193 6.76 -1.30 24.17
C GLY D 193 7.80 -2.36 24.51
N TYR D 194 7.73 -3.46 23.75
CA TYR D 194 8.57 -4.62 23.98
C TYR D 194 9.22 -5.07 22.68
N GLY D 195 10.42 -5.62 22.79
CA GLY D 195 11.04 -6.33 21.69
C GLY D 195 11.25 -5.47 20.47
N VAL D 196 10.87 -6.01 19.31
CA VAL D 196 11.04 -5.31 18.04
C VAL D 196 10.10 -4.14 17.88
N ASN D 197 9.06 -4.04 18.72
CA ASN D 197 8.07 -2.98 18.63
C ASN D 197 8.38 -1.82 19.58
N GLN D 198 9.56 -1.79 20.16
CA GLN D 198 9.86 -0.82 21.20
C GLN D 198 10.27 0.52 20.61
N LYS D 199 10.08 1.57 21.41
CA LYS D 199 10.54 2.91 21.10
C LYS D 199 11.21 3.49 22.34
N LYS D 200 11.96 4.57 22.13
CA LYS D 200 12.67 5.23 23.22
C LYS D 200 12.50 6.74 23.12
N ILE D 201 12.30 7.38 24.26
CA ILE D 201 12.29 8.84 24.36
C ILE D 201 13.19 9.25 25.52
N GLN D 202 13.81 10.42 25.39
CA GLN D 202 14.59 10.92 26.51
C GLN D 202 13.84 12.01 27.26
N ALA D 203 13.60 13.14 26.61
CA ALA D 203 12.71 14.17 27.13
C ALA D 203 11.59 14.47 26.14
N THR D 204 11.95 14.86 24.92
CA THR D 204 11.05 14.93 23.78
C THR D 204 11.67 14.32 22.55
N LEU D 205 12.98 14.16 22.50
CA LEU D 205 13.65 13.44 21.43
C LEU D 205 13.29 11.97 21.48
N SER D 206 12.94 11.40 20.34
CA SER D 206 12.72 9.98 20.24
C SER D 206 13.95 9.28 19.71
N ASN D 207 13.90 7.95 19.64
CA ASN D 207 15.00 7.20 19.06
C ASN D 207 15.11 7.41 17.56
N GLN D 208 14.10 8.02 16.93
CA GLN D 208 14.12 8.31 15.51
C GLN D 208 14.50 9.74 15.19
N THR D 209 14.78 10.57 16.19
CA THR D 209 15.24 11.93 15.95
C THR D 209 16.69 11.90 15.48
N GLY D 210 16.98 12.65 14.42
CA GLY D 210 18.29 12.56 13.79
C GLY D 210 19.33 13.42 14.48
N ILE D 211 20.57 12.91 14.48
CA ILE D 211 21.70 13.69 14.96
C ILE D 211 21.91 14.93 14.10
N LEU D 212 21.81 14.77 12.78
CA LEU D 212 22.08 15.89 11.88
C LEU D 212 21.07 17.01 12.07
N GLY D 213 19.78 16.67 12.20
CA GLY D 213 18.77 17.70 12.41
C GLY D 213 18.93 18.42 13.72
N VAL D 214 19.24 17.69 14.79
CA VAL D 214 19.42 18.31 16.10
C VAL D 214 20.63 19.23 16.08
N GLU D 215 21.72 18.79 15.47
CA GLU D 215 22.92 19.61 15.42
C GLU D 215 22.74 20.82 14.51
N LEU D 216 21.94 20.69 13.46
CA LEU D 216 21.67 21.83 12.59
C LEU D 216 20.76 22.84 13.28
N ALA D 217 19.80 22.37 14.06
CA ALA D 217 18.92 23.28 14.79
C ALA D 217 19.72 24.11 15.80
N CYS D 218 20.68 23.49 16.47
CA CYS D 218 21.50 24.19 17.46
C CYS D 218 22.45 25.19 16.81
N ASP D 219 22.70 25.08 15.51
CA ASP D 219 23.55 26.03 14.78
C ASP D 219 22.64 27.10 14.19
N LYS D 220 22.69 28.30 14.78
CA LYS D 220 21.84 29.44 14.36
C LYS D 220 22.14 29.86 12.92
N GLU D 221 23.42 30.02 12.58
CA GLU D 221 23.80 30.47 11.24
C GLU D 221 23.55 29.39 10.20
N GLY D 222 23.86 28.14 10.52
CA GLY D 222 23.60 27.06 9.58
C GLY D 222 22.12 26.89 9.30
N THR D 223 21.29 26.98 10.36
CA THR D 223 19.85 26.90 10.18
C THR D 223 19.34 28.05 9.32
N LYS D 224 19.83 29.26 9.57
CA LYS D 224 19.40 30.41 8.77
C LYS D 224 19.80 30.23 7.30
N ARG D 225 21.02 29.74 7.06
CA ARG D 225 21.49 29.53 5.69
C ARG D 225 20.63 28.49 4.98
N ILE D 226 20.35 27.38 5.65
CA ILE D 226 19.55 26.32 5.04
C ILE D 226 18.15 26.83 4.74
N LEU D 227 17.54 27.53 5.69
CA LEU D 227 16.17 28.01 5.50
C LEU D 227 16.11 29.06 4.40
N LYS D 228 17.11 29.94 4.31
CA LYS D 228 17.14 30.93 3.24
C LYS D 228 17.34 30.27 1.89
N ASP D 229 18.14 29.20 1.83
CA ASP D 229 18.29 28.46 0.58
C ASP D 229 16.97 27.81 0.14
N ALA D 230 16.05 27.60 1.07
CA ALA D 230 14.76 26.99 0.78
C ALA D 230 13.66 28.01 0.55
N GLY D 231 13.98 29.30 0.56
CA GLY D 231 13.00 30.33 0.36
C GLY D 231 12.22 30.73 1.60
N VAL D 232 12.57 30.19 2.76
CA VAL D 232 11.89 30.51 4.01
C VAL D 232 12.27 31.94 4.41
N PRO D 233 11.32 32.77 4.86
CA PRO D 233 11.66 34.14 5.26
C PRO D 233 12.37 34.23 6.59
N VAL D 234 13.69 34.07 6.59
CA VAL D 234 14.49 34.22 7.81
C VAL D 234 14.92 35.67 7.96
N PRO D 235 15.24 36.13 9.17
CA PRO D 235 15.69 37.51 9.33
C PRO D 235 17.02 37.75 8.64
N ARG D 236 17.18 38.98 8.14
CA ARG D 236 18.40 39.38 7.44
C ARG D 236 19.43 39.84 8.45
N GLY D 237 20.62 39.25 8.41
CA GLY D 237 21.65 39.60 9.37
C GLY D 237 22.97 38.97 9.03
N THR D 238 23.93 39.17 9.93
CA THR D 238 25.28 38.65 9.76
C THR D 238 25.95 38.53 11.12
N VAL D 239 27.10 37.86 11.14
CA VAL D 239 27.85 37.64 12.36
C VAL D 239 28.93 38.70 12.49
N ALA D 240 29.27 39.04 13.74
CA ALA D 240 30.30 40.04 14.02
C ALA D 240 31.09 39.57 15.24
N ARG D 241 32.33 39.15 15.00
CA ARG D 241 33.15 38.62 16.10
C ARG D 241 33.81 39.73 16.91
N TYR D 242 34.24 40.80 16.25
CA TYR D 242 35.09 41.81 16.87
C TYR D 242 34.36 43.15 16.99
N PHE D 243 35.03 44.09 17.66
CA PHE D 243 34.48 45.43 17.85
C PHE D 243 34.41 46.19 16.52
N ASP D 244 35.45 46.07 15.69
CA ASP D 244 35.57 46.90 14.50
C ASP D 244 34.52 46.59 13.44
N GLU D 245 33.90 45.41 13.50
CA GLU D 245 32.94 44.99 12.49
C GLU D 245 31.52 45.44 12.80
N LEU D 246 31.31 46.20 13.87
CA LEU D 246 29.96 46.59 14.25
C LEU D 246 29.31 47.48 13.18
N GLN D 247 30.01 48.54 12.77
CA GLN D 247 29.44 49.45 11.77
C GLN D 247 29.15 48.73 10.46
N ASP D 248 30.15 48.01 9.94
CA ASP D 248 30.01 47.37 8.64
C ASP D 248 28.88 46.35 8.64
N ALA D 249 28.78 45.57 9.71
CA ALA D 249 27.65 44.65 9.84
C ALA D 249 26.33 45.39 9.96
N ILE D 250 26.35 46.59 10.56
CA ILE D 250 25.12 47.35 10.68
C ILE D 250 24.61 47.80 9.32
N GLU D 251 25.49 48.31 8.45
CA GLU D 251 24.96 48.75 7.16
C GLU D 251 24.50 47.57 6.30
N TYR D 252 24.95 46.36 6.59
CA TYR D 252 24.57 45.22 5.78
C TYR D 252 23.08 44.91 5.91
N VAL D 253 22.55 44.95 7.14
CA VAL D 253 21.17 44.53 7.36
C VAL D 253 20.17 45.51 6.79
N GLY D 254 20.57 46.77 6.57
CA GLY D 254 19.68 47.71 5.91
C GLY D 254 19.19 48.85 6.79
N GLY D 255 20.01 49.27 7.76
CA GLY D 255 19.71 50.44 8.56
C GLY D 255 19.36 50.07 9.99
N TYR D 256 18.33 50.73 10.51
CA TYR D 256 17.88 50.60 11.89
C TYR D 256 16.39 50.34 11.92
N PRO D 257 15.88 49.70 12.98
CA PRO D 257 16.60 49.15 14.14
C PRO D 257 17.18 47.76 13.89
N ILE D 258 18.08 47.31 14.76
CA ILE D 258 18.72 46.02 14.63
C ILE D 258 18.65 45.28 15.96
N VAL D 259 19.11 44.03 15.95
CA VAL D 259 19.09 43.16 17.13
C VAL D 259 20.49 42.63 17.36
N ILE D 260 20.89 42.57 18.64
CA ILE D 260 22.19 42.06 19.05
C ILE D 260 21.96 40.84 19.94
N LYS D 261 22.53 39.69 19.56
CA LYS D 261 22.35 38.51 20.38
C LYS D 261 23.48 37.52 20.11
N PRO D 262 24.01 36.85 21.13
CA PRO D 262 25.05 35.85 20.90
C PRO D 262 24.49 34.59 20.25
N LEU D 263 25.33 33.89 19.51
CA LEU D 263 24.94 32.63 18.89
C LEU D 263 25.14 31.43 19.80
N ASP D 264 25.90 31.58 20.88
CA ASP D 264 26.11 30.51 21.84
C ASP D 264 25.23 30.67 23.07
N GLY D 265 24.12 31.40 22.97
CA GLY D 265 23.22 31.62 24.06
C GLY D 265 21.87 30.94 23.85
N ASN D 266 21.17 30.76 24.96
CA ASN D 266 19.84 30.17 24.93
C ASN D 266 19.03 30.74 26.08
N HIS D 267 17.71 30.64 25.96
CA HIS D 267 16.78 31.17 26.96
C HIS D 267 16.98 32.67 27.18
N GLY D 268 17.36 33.38 26.12
CA GLY D 268 17.57 34.82 26.20
C GLY D 268 18.75 35.24 27.05
N ARG D 269 19.87 34.53 26.94
CA ARG D 269 21.07 34.88 27.70
C ARG D 269 21.77 36.04 27.00
N GLY D 270 21.60 37.23 27.55
CA GLY D 270 22.28 38.41 27.04
C GLY D 270 21.87 38.87 25.66
N ILE D 271 20.56 38.91 25.38
CA ILE D 271 20.05 39.35 24.09
C ILE D 271 19.43 40.72 24.25
N THR D 272 19.79 41.65 23.36
CA THR D 272 19.21 42.99 23.33
C THR D 272 18.34 43.08 22.09
N ILE D 273 17.05 43.42 22.29
CA ILE D 273 16.08 43.31 21.22
C ILE D 273 16.12 44.54 20.32
N ASP D 274 15.81 45.71 20.86
CA ASP D 274 15.64 46.92 20.07
C ASP D 274 16.73 47.93 20.42
N VAL D 275 17.49 48.35 19.41
CA VAL D 275 18.48 49.41 19.54
C VAL D 275 18.34 50.34 18.35
N LYS D 276 18.46 51.64 18.61
CA LYS D 276 18.23 52.64 17.57
C LYS D 276 19.35 53.67 17.47
N ASN D 277 20.47 53.46 18.14
CA ASN D 277 21.58 54.41 18.10
C ASN D 277 22.88 53.67 18.40
N TRP D 278 23.99 54.36 18.19
CA TRP D 278 25.30 53.74 18.30
C TRP D 278 25.68 53.40 19.74
N GLN D 279 25.30 54.25 20.70
CA GLN D 279 25.61 53.95 22.10
C GLN D 279 24.90 52.69 22.56
N GLU D 280 23.61 52.56 22.22
CA GLU D 280 22.87 51.34 22.52
C GLU D 280 23.49 50.16 21.81
N ALA D 281 23.93 50.34 20.57
CA ALA D 281 24.55 49.26 19.80
C ALA D 281 25.80 48.74 20.50
N GLU D 282 26.68 49.65 20.93
CA GLU D 282 27.92 49.22 21.56
C GLU D 282 27.66 48.61 22.93
N GLU D 283 26.71 49.16 23.69
CA GLU D 283 26.36 48.56 24.97
C GLU D 283 25.80 47.16 24.78
N ALA D 284 24.93 46.97 23.80
CA ALA D 284 24.38 45.66 23.51
C ALA D 284 25.46 44.69 23.08
N TYR D 285 26.39 45.13 22.24
CA TYR D 285 27.49 44.26 21.83
C TYR D 285 28.31 43.83 23.02
N ASP D 286 28.65 44.77 23.91
CA ASP D 286 29.43 44.42 25.09
C ASP D 286 28.68 43.43 25.97
N LEU D 287 27.39 43.67 26.19
CA LEU D 287 26.61 42.79 27.05
C LEU D 287 26.50 41.39 26.46
N ALA D 288 26.24 41.30 25.15
CA ALA D 288 26.13 39.99 24.51
C ALA D 288 27.47 39.27 24.50
N ARG D 289 28.56 39.99 24.26
CA ARG D 289 29.88 39.38 24.30
C ARG D 289 30.20 38.85 25.69
N LYS D 290 29.80 39.57 26.73
CA LYS D 290 29.91 39.05 28.09
C LYS D 290 29.08 37.77 28.25
N ALA D 291 27.86 37.78 27.71
CA ALA D 291 27.01 36.59 27.79
C ALA D 291 27.44 35.51 26.81
N SER D 292 28.23 35.85 25.80
CA SER D 292 28.69 34.87 24.82
C SER D 292 29.77 33.98 25.42
N LYS D 293 29.64 32.68 25.20
CA LYS D 293 30.64 31.73 25.68
C LYS D 293 31.87 31.67 24.77
N THR D 294 31.78 32.19 23.55
CA THR D 294 32.89 32.16 22.60
C THR D 294 33.20 33.55 22.06
N LYS D 295 32.73 34.61 22.72
CA LYS D 295 32.97 35.99 22.34
C LYS D 295 32.49 36.31 20.93
N THR D 296 31.43 35.64 20.48
CA THR D 296 30.91 35.81 19.13
C THR D 296 29.44 36.21 19.19
N VAL D 297 29.08 37.23 18.42
CA VAL D 297 27.71 37.76 18.42
C VAL D 297 27.28 37.93 16.98
N ILE D 298 25.97 37.97 16.77
CA ILE D 298 25.38 38.14 15.44
C ILE D 298 24.46 39.35 15.46
N VAL D 299 24.45 40.10 14.37
CA VAL D 299 23.58 41.25 14.21
C VAL D 299 22.55 40.92 13.14
N GLU D 300 21.36 41.50 13.27
CA GLU D 300 20.32 41.26 12.28
C GLU D 300 19.28 42.37 12.36
N ARG D 301 18.50 42.48 11.29
CA ARG D 301 17.41 43.44 11.24
C ARG D 301 16.37 43.13 12.31
N TYR D 302 15.76 44.17 12.87
CA TYR D 302 14.72 44.00 13.86
C TYR D 302 13.37 43.94 13.17
N TYR D 303 12.59 42.91 13.47
CA TYR D 303 11.29 42.69 12.88
C TYR D 303 10.21 42.90 13.93
N THR D 304 9.28 43.79 13.63
CA THR D 304 8.18 44.07 14.53
C THR D 304 7.11 42.98 14.43
N GLY D 305 6.47 42.69 15.56
CA GLY D 305 5.43 41.69 15.61
C GLY D 305 5.52 40.87 16.89
N LYS D 306 4.46 40.13 17.16
CA LYS D 306 4.41 39.29 18.34
C LYS D 306 5.24 38.03 18.16
N ASP D 307 5.68 37.48 19.28
CA ASP D 307 6.51 36.28 19.29
C ASP D 307 5.63 35.05 19.46
N HIS D 308 5.73 34.12 18.52
CA HIS D 308 4.93 32.90 18.54
C HIS D 308 5.83 31.68 18.62
N ARG D 309 5.36 30.66 19.33
CA ARG D 309 6.02 29.36 19.38
C ARG D 309 5.10 28.34 18.72
N VAL D 310 5.59 27.70 17.66
CA VAL D 310 4.82 26.71 16.91
C VAL D 310 5.44 25.35 17.15
N LEU D 311 4.62 24.39 17.56
CA LEU D 311 5.06 23.04 17.82
C LEU D 311 4.66 22.13 16.68
N VAL D 312 5.63 21.48 16.07
CA VAL D 312 5.42 20.59 14.94
C VAL D 312 5.82 19.19 15.35
N VAL D 313 4.88 18.25 15.27
CA VAL D 313 5.12 16.85 15.61
C VAL D 313 4.78 16.01 14.39
N ASN D 314 5.74 15.20 13.95
CA ASN D 314 5.56 14.31 12.80
C ASN D 314 5.19 15.09 11.55
N GLY D 315 5.73 16.30 11.38
CA GLY D 315 5.47 17.09 10.21
C GLY D 315 4.13 17.80 10.18
N LYS D 316 3.40 17.80 11.28
CA LYS D 316 2.11 18.48 11.37
C LYS D 316 2.14 19.48 12.52
N VAL D 317 1.54 20.66 12.28
CA VAL D 317 1.47 21.68 13.31
C VAL D 317 0.48 21.22 14.37
N VAL D 318 0.95 21.11 15.61
CA VAL D 318 0.12 20.61 16.70
C VAL D 318 -0.42 21.75 17.55
N ALA D 319 0.43 22.69 17.93
CA ALA D 319 0.02 23.79 18.78
C ALA D 319 0.76 25.05 18.38
N VAL D 320 0.05 26.18 18.44
CA VAL D 320 0.62 27.49 18.21
C VAL D 320 0.28 28.36 19.41
N ALA D 321 1.31 28.94 20.03
CA ALA D 321 1.11 29.78 21.21
C ALA D 321 1.90 31.07 21.06
N GLU D 322 1.23 32.20 21.33
CA GLU D 322 1.87 33.49 21.32
C GLU D 322 2.36 33.81 22.73
N ARG D 323 3.66 34.13 22.82
CA ARG D 323 4.31 34.43 24.12
C ARG D 323 4.29 35.93 24.40
N VAL D 324 3.45 36.35 25.36
CA VAL D 324 3.34 37.75 25.76
C VAL D 324 4.25 37.95 26.98
N PRO D 325 5.12 38.96 26.97
CA PRO D 325 6.00 39.18 28.12
C PRO D 325 5.20 39.63 29.33
N ALA D 326 5.86 39.59 30.49
CA ALA D 326 5.22 39.98 31.74
C ALA D 326 4.67 41.40 31.64
N HIS D 327 3.39 41.56 31.95
CA HIS D 327 2.72 42.83 31.81
C HIS D 327 1.61 42.94 32.82
N VAL D 328 1.17 44.18 33.07
CA VAL D 328 0.04 44.47 33.94
C VAL D 328 -0.84 45.49 33.26
N VAL D 329 -2.15 45.35 33.41
CA VAL D 329 -3.12 46.24 32.79
C VAL D 329 -3.89 46.95 33.91
N GLY D 330 -3.88 48.28 33.87
CA GLY D 330 -4.49 49.07 34.92
C GLY D 330 -5.90 49.53 34.62
N ASN D 331 -6.76 48.59 34.19
CA ASN D 331 -8.15 48.95 33.94
C ASN D 331 -8.97 49.12 35.22
N GLY D 332 -8.42 48.72 36.37
CA GLY D 332 -9.10 48.90 37.63
C GLY D 332 -8.67 50.16 38.34
N LYS D 333 -8.10 51.11 37.59
CA LYS D 333 -7.62 52.38 38.14
C LYS D 333 -6.56 52.14 39.22
N SER D 334 -5.67 51.18 38.98
CA SER D 334 -4.59 50.86 39.89
C SER D 334 -3.27 50.85 39.12
N THR D 335 -2.21 51.23 39.81
CA THR D 335 -0.89 51.36 39.18
C THR D 335 -0.11 50.07 39.31
N ILE D 336 1.14 50.11 38.84
CA ILE D 336 1.99 48.92 38.83
C ILE D 336 2.31 48.47 40.24
N ALA D 337 2.47 49.43 41.16
CA ALA D 337 2.92 49.12 42.52
C ALA D 337 2.01 48.12 43.22
N GLU D 338 0.71 48.18 42.95
CA GLU D 338 -0.22 47.21 43.54
C GLU D 338 -0.31 45.94 42.71
N LEU D 339 -0.32 46.07 41.39
CA LEU D 339 -0.55 44.91 40.53
C LEU D 339 0.62 43.93 40.56
N ILE D 340 1.84 44.40 40.82
CA ILE D 340 2.98 43.49 40.83
C ILE D 340 2.77 42.39 41.86
N GLU D 341 2.27 42.74 43.04
CA GLU D 341 1.98 41.74 44.06
C GLU D 341 0.54 41.22 44.00
N GLU D 342 -0.36 41.95 43.34
CA GLU D 342 -1.70 41.42 43.12
C GLU D 342 -1.65 40.18 42.23
N THR D 343 -0.85 40.22 41.17
CA THR D 343 -0.66 39.05 40.33
C THR D 343 0.08 37.96 41.09
N ASN D 344 1.03 38.34 41.95
CA ASN D 344 1.79 37.36 42.72
C ASN D 344 0.92 36.58 43.70
N ARG D 345 -0.25 37.10 44.05
CA ARG D 345 -1.16 36.41 44.96
C ARG D 345 -2.09 35.45 44.24
N ASP D 346 -2.01 35.37 42.92
CA ASP D 346 -2.80 34.42 42.15
C ASP D 346 -2.33 33.00 42.44
N PRO D 347 -3.23 32.07 42.77
CA PRO D 347 -2.80 30.68 42.97
C PRO D 347 -2.16 30.06 41.75
N GLN D 348 -2.41 30.60 40.55
CA GLN D 348 -1.72 30.12 39.35
C GLN D 348 -0.23 30.35 39.42
N ARG D 349 0.24 31.28 40.26
CA ARG D 349 1.66 31.53 40.40
C ARG D 349 2.35 30.31 41.01
N GLY D 350 3.51 29.96 40.48
CA GLY D 350 4.26 28.82 40.98
C GLY D 350 5.67 28.75 40.45
N ASP D 351 6.62 28.46 41.34
CA ASP D 351 8.02 28.36 40.98
C ASP D 351 8.38 26.89 40.73
N GLY D 352 9.67 26.61 40.58
CA GLY D 352 10.14 25.25 40.38
C GLY D 352 10.05 24.78 38.94
N HIS D 353 9.78 23.49 38.74
CA HIS D 353 9.68 22.92 37.40
C HIS D 353 8.34 22.23 37.17
N ASP D 354 7.31 22.60 37.93
CA ASP D 354 5.99 22.03 37.78
C ASP D 354 4.95 23.06 37.33
N ASN D 355 4.86 24.18 38.03
CA ASN D 355 3.92 25.24 37.65
C ASN D 355 4.58 26.13 36.61
N ILE D 356 4.01 26.17 35.40
CA ILE D 356 4.62 26.88 34.31
C ILE D 356 4.50 28.40 34.50
N LEU D 357 3.40 28.84 35.09
CA LEU D 357 3.14 30.28 35.23
C LEU D 357 3.95 30.79 36.42
N THR D 358 5.15 31.29 36.13
CA THR D 358 6.08 31.75 37.14
C THR D 358 5.67 33.12 37.65
N ARG D 359 5.97 33.38 38.92
CA ARG D 359 5.66 34.68 39.51
C ARG D 359 6.52 35.78 38.89
N ILE D 360 6.02 37.01 38.98
CA ILE D 360 6.70 38.16 38.41
C ILE D 360 7.91 38.51 39.26
N THR D 361 9.10 38.12 38.79
CA THR D 361 10.33 38.41 39.51
C THR D 361 10.80 39.82 39.14
N VAL D 362 10.82 40.72 40.12
CA VAL D 362 11.22 42.11 39.91
C VAL D 362 12.70 42.20 40.25
N ASP D 363 13.54 42.04 39.24
CA ASP D 363 14.99 42.15 39.38
C ASP D 363 15.44 43.57 39.05
N LYS D 364 16.72 43.84 39.33
CA LYS D 364 17.29 45.14 38.95
C LYS D 364 17.32 45.31 37.44
N SER D 365 17.53 44.23 36.70
CA SER D 365 17.40 44.28 35.25
C SER D 365 15.97 44.62 34.84
N ALA D 366 14.99 44.04 35.53
CA ALA D 366 13.60 44.42 35.31
C ALA D 366 13.36 45.88 35.66
N LEU D 367 14.01 46.37 36.73
CA LEU D 367 13.90 47.78 37.07
C LEU D 367 14.44 48.66 35.94
N ASP D 368 15.58 48.27 35.36
CA ASP D 368 16.12 49.02 34.23
C ASP D 368 15.18 48.99 33.03
N ILE D 369 14.59 47.83 32.76
CA ILE D 369 13.69 47.71 31.61
C ILE D 369 12.46 48.59 31.80
N LEU D 370 11.87 48.56 33.01
CA LEU D 370 10.72 49.42 33.26
C LEU D 370 11.11 50.89 33.33
N GLY D 371 12.36 51.21 33.64
CA GLY D 371 12.84 52.57 33.47
C GLY D 371 12.88 52.98 32.01
N LYS D 372 13.36 52.09 31.14
CA LYS D 372 13.31 52.34 29.70
C LYS D 372 11.88 52.42 29.19
N GLN D 373 10.92 51.82 29.91
CA GLN D 373 9.54 51.80 29.46
C GLN D 373 8.97 53.21 29.26
N GLY D 374 9.41 54.17 30.06
CA GLY D 374 8.87 55.51 30.00
C GLY D 374 7.88 55.84 31.09
N TYR D 375 7.63 54.92 32.03
CA TYR D 375 6.76 55.15 33.16
C TYR D 375 7.44 54.64 34.42
N SER D 376 6.78 54.81 35.55
CA SER D 376 7.39 54.47 36.84
C SER D 376 6.51 53.56 37.67
N ILE D 377 6.90 53.35 38.93
CA ILE D 377 6.19 52.41 39.80
C ILE D 377 4.75 52.89 40.04
N ASP D 378 4.58 54.18 40.29
CA ASP D 378 3.27 54.74 40.61
C ASP D 378 2.59 55.39 39.40
N SER D 379 3.13 55.19 38.20
CA SER D 379 2.51 55.73 37.00
C SER D 379 1.33 54.85 36.61
N ILE D 380 0.12 55.36 36.79
CA ILE D 380 -1.08 54.59 36.48
C ILE D 380 -1.17 54.35 34.97
N PRO D 381 -1.47 53.13 34.53
CA PRO D 381 -1.61 52.89 33.08
C PRO D 381 -2.73 53.73 32.49
N LEU D 382 -2.51 54.19 31.26
CA LEU D 382 -3.47 55.06 30.59
C LEU D 382 -4.59 54.23 29.98
N LYS D 383 -5.84 54.63 30.27
CA LYS D 383 -7.04 54.01 29.71
C LYS D 383 -7.17 52.54 30.08
N GLY D 384 -6.33 52.06 31.00
CA GLY D 384 -6.30 50.64 31.31
C GLY D 384 -5.74 49.83 30.16
N LYS D 385 -4.51 50.13 29.75
CA LYS D 385 -3.87 49.48 28.62
C LYS D 385 -2.66 48.69 29.12
N LYS D 386 -2.30 47.65 28.35
CA LYS D 386 -1.18 46.81 28.73
C LYS D 386 0.11 47.61 28.80
N CYS D 387 0.84 47.45 29.91
CA CYS D 387 2.16 48.04 30.06
C CYS D 387 3.12 46.94 30.47
N PHE D 388 4.21 46.81 29.71
CA PHE D 388 5.08 45.65 29.83
C PHE D 388 6.12 45.84 30.93
N LEU D 389 6.76 44.72 31.29
CA LEU D 389 7.85 44.72 32.25
C LEU D 389 9.18 44.32 31.65
N ARG D 390 9.18 43.52 30.57
CA ARG D 390 10.40 43.13 29.89
C ARG D 390 10.06 42.84 28.43
N ALA D 391 11.00 42.24 27.71
CA ALA D 391 10.81 41.96 26.30
C ALA D 391 11.23 40.55 25.88
N THR D 392 11.71 39.72 26.81
CA THR D 392 12.15 38.38 26.43
C THR D 392 10.96 37.46 26.16
N ALA D 393 9.81 37.73 26.77
CA ALA D 393 8.59 36.95 26.58
C ALA D 393 8.84 35.46 26.81
N ASN D 394 9.26 35.14 28.04
CA ASN D 394 9.56 33.73 28.41
C ASN D 394 8.73 33.33 29.62
N LEU D 395 8.14 32.13 29.58
CA LEU D 395 7.32 31.62 30.67
C LEU D 395 8.11 31.45 31.96
N SER D 396 9.43 31.26 31.86
CA SER D 396 10.27 31.06 33.03
C SER D 396 10.41 32.31 33.88
N THR D 397 9.98 33.48 33.38
CA THR D 397 10.16 34.73 34.09
C THR D 397 8.86 35.35 34.57
N GLY D 398 7.73 34.98 33.98
CA GLY D 398 6.46 35.55 34.39
C GLY D 398 5.59 36.03 33.24
N GLY D 399 5.91 35.57 32.03
CA GLY D 399 5.07 35.85 30.88
C GLY D 399 3.90 34.90 30.80
N ILE D 400 3.04 35.14 29.82
CA ILE D 400 1.87 34.31 29.58
C ILE D 400 1.87 33.85 28.13
N ALA D 401 1.17 32.75 27.89
CA ALA D 401 1.02 32.17 26.56
C ALA D 401 -0.45 32.22 26.16
N VAL D 402 -0.70 32.49 24.88
CA VAL D 402 -2.05 32.54 24.33
C VAL D 402 -2.15 31.53 23.21
N ASP D 403 -3.12 30.63 23.31
CA ASP D 403 -3.30 29.61 22.28
C ASP D 403 -3.79 30.25 20.99
N ARG D 404 -3.09 29.96 19.89
CA ARG D 404 -3.46 30.47 18.57
C ARG D 404 -3.52 29.34 17.54
N THR D 405 -3.74 28.11 17.99
CA THR D 405 -3.72 26.97 17.08
C THR D 405 -4.85 27.05 16.06
N ASP D 406 -6.02 27.52 16.47
CA ASP D 406 -7.18 27.59 15.60
C ASP D 406 -7.18 28.82 14.70
N GLU D 407 -6.20 29.71 14.84
CA GLU D 407 -6.18 30.95 14.09
C GLU D 407 -5.05 31.01 13.06
N ILE D 408 -4.21 29.99 12.98
CA ILE D 408 -3.06 30.03 12.09
C ILE D 408 -3.51 29.82 10.65
N HIS D 409 -2.94 30.58 9.73
CA HIS D 409 -3.28 30.47 8.32
C HIS D 409 -2.80 29.14 7.76
N PRO D 410 -3.56 28.52 6.85
CA PRO D 410 -3.10 27.24 6.27
C PRO D 410 -1.77 27.34 5.55
N GLU D 411 -1.49 28.48 4.91
CA GLU D 411 -0.19 28.68 4.28
C GLU D 411 0.92 28.67 5.31
N ASN D 412 0.67 29.29 6.47
CA ASN D 412 1.66 29.24 7.55
C ASN D 412 1.87 27.82 8.05
N VAL D 413 0.79 27.04 8.14
CA VAL D 413 0.91 25.65 8.56
C VAL D 413 1.80 24.88 7.58
N TRP D 414 1.55 25.06 6.28
CA TRP D 414 2.36 24.40 5.26
C TRP D 414 3.82 24.82 5.36
N LEU D 415 4.06 26.13 5.52
CA LEU D 415 5.43 26.62 5.59
C LEU D 415 6.16 26.08 6.81
N LEU D 416 5.49 26.03 7.96
CA LEU D 416 6.15 25.56 9.18
C LEU D 416 6.40 24.05 9.13
N SER D 417 5.45 23.30 8.57
CA SER D 417 5.70 21.87 8.36
C SER D 417 6.89 21.66 7.43
N ARG D 418 6.97 22.45 6.36
CA ARG D 418 8.11 22.34 5.45
C ARG D 418 9.40 22.68 6.15
N VAL D 419 9.39 23.71 7.02
CA VAL D 419 10.60 24.07 7.75
C VAL D 419 11.04 22.94 8.66
N ALA D 420 10.10 22.33 9.37
CA ALA D 420 10.43 21.22 10.25
C ALA D 420 10.99 20.04 9.47
N LYS D 421 10.43 19.75 8.29
CA LYS D 421 10.97 18.68 7.47
C LYS D 421 12.34 19.02 6.91
N ILE D 422 12.56 20.28 6.54
CA ILE D 422 13.84 20.69 5.97
C ILE D 422 14.94 20.57 7.01
N ILE D 423 14.69 21.03 8.24
CA ILE D 423 15.69 20.90 9.28
C ILE D 423 15.94 19.44 9.61
N GLY D 424 14.90 18.63 9.59
CA GLY D 424 15.04 17.20 9.82
C GLY D 424 14.72 16.79 11.23
N LEU D 425 13.65 17.36 11.80
CA LEU D 425 13.25 17.09 13.17
C LEU D 425 11.84 16.52 13.19
N ASP D 426 11.66 15.39 13.87
CA ASP D 426 10.32 14.82 14.01
C ASP D 426 9.48 15.62 15.00
N ILE D 427 10.09 16.16 16.06
CA ILE D 427 9.45 17.08 16.97
C ILE D 427 10.29 18.36 17.01
N ALA D 428 9.70 19.47 16.61
CA ALA D 428 10.43 20.73 16.53
C ALA D 428 9.60 21.85 17.13
N GLY D 429 10.30 22.81 17.73
CA GLY D 429 9.66 24.02 18.21
C GLY D 429 10.19 25.22 17.45
N ILE D 430 9.34 25.84 16.65
CA ILE D 430 9.73 26.93 15.77
C ILE D 430 9.29 28.25 16.37
N ASP D 431 10.22 29.20 16.46
CA ASP D 431 9.95 30.52 17.00
C ASP D 431 9.69 31.48 15.83
N VAL D 432 8.51 32.08 15.83
CA VAL D 432 8.06 32.95 14.74
C VAL D 432 7.76 34.32 15.30
N VAL D 433 8.26 35.36 14.64
CA VAL D 433 7.95 36.74 14.97
C VAL D 433 7.10 37.28 13.82
N THR D 434 5.84 37.59 14.11
CA THR D 434 4.94 38.07 13.07
C THR D 434 3.88 38.97 13.71
N GLU D 435 3.36 39.89 12.89
CA GLU D 435 2.31 40.79 13.36
C GLU D 435 0.96 40.09 13.47
N ASP D 436 0.68 39.12 12.61
CA ASP D 436 -0.60 38.42 12.64
C ASP D 436 -0.39 37.00 12.14
N ILE D 437 -0.59 36.01 13.01
CA ILE D 437 -0.43 34.62 12.64
C ILE D 437 -1.55 34.13 11.74
N SER D 438 -2.66 34.86 11.64
CA SER D 438 -3.77 34.47 10.78
C SER D 438 -3.54 34.85 9.32
N GLN D 439 -2.49 35.59 9.02
CA GLN D 439 -2.13 35.95 7.66
C GLN D 439 -0.83 35.28 7.26
N PRO D 440 -0.63 35.01 5.97
CA PRO D 440 0.61 34.36 5.55
C PRO D 440 1.83 35.23 5.85
N LEU D 441 2.95 34.56 6.10
CA LEU D 441 4.18 35.25 6.50
C LEU D 441 4.76 36.12 5.41
N ARG D 442 4.19 36.12 4.21
CA ARG D 442 4.71 36.95 3.13
C ARG D 442 4.04 38.32 3.09
N GLU D 443 2.73 38.39 3.32
CA GLU D 443 2.04 39.68 3.36
C GLU D 443 2.59 40.55 4.46
N VAL D 444 2.47 40.12 5.71
CA VAL D 444 3.16 40.75 6.82
C VAL D 444 4.62 40.34 6.72
N GLU D 445 5.49 41.06 7.43
CA GLU D 445 6.93 40.78 7.37
C GLU D 445 7.33 39.82 8.49
N GLY D 446 6.67 38.66 8.51
CA GLY D 446 6.98 37.65 9.49
C GLY D 446 8.27 36.92 9.14
N VAL D 447 8.95 36.42 10.17
CA VAL D 447 10.21 35.71 10.01
C VAL D 447 10.24 34.48 10.91
N ILE D 448 11.13 33.55 10.57
CA ILE D 448 11.42 32.38 11.38
C ILE D 448 12.70 32.68 12.14
N VAL D 449 12.58 32.91 13.45
CA VAL D 449 13.74 33.32 14.22
C VAL D 449 14.69 32.14 14.47
N GLU D 450 14.16 31.02 14.95
CA GLU D 450 15.01 29.88 15.26
C GLU D 450 14.16 28.61 15.28
N VAL D 451 14.85 27.48 15.21
CA VAL D 451 14.24 26.16 15.31
C VAL D 451 14.89 25.44 16.48
N ASN D 452 14.08 24.90 17.39
CA ASN D 452 14.57 24.27 18.61
C ASN D 452 14.25 22.78 18.58
N ALA D 453 15.28 21.97 18.81
CA ALA D 453 15.10 20.54 19.00
C ALA D 453 14.83 20.24 20.46
N ALA D 454 14.10 19.16 20.70
CA ALA D 454 13.65 18.77 22.04
C ALA D 454 12.95 19.93 22.76
N PRO D 455 11.87 20.45 22.19
CA PRO D 455 11.19 21.58 22.83
C PRO D 455 10.33 21.12 24.00
N GLY D 456 10.10 22.07 24.92
CA GLY D 456 9.19 21.84 26.02
C GLY D 456 7.80 22.34 25.65
N PHE D 457 6.80 21.48 25.90
CA PHE D 457 5.43 21.78 25.51
C PHE D 457 4.51 22.04 26.70
N ARG D 458 5.12 22.40 27.85
CA ARG D 458 4.33 22.70 29.07
C ARG D 458 3.47 23.94 28.82
N MET D 459 3.89 24.80 27.88
CA MET D 459 3.16 26.02 27.57
C MET D 459 1.99 25.77 26.63
N HIS D 460 1.93 24.60 26.01
CA HIS D 460 0.83 24.25 25.12
C HIS D 460 -0.26 23.45 25.82
N VAL D 461 0.12 22.64 26.82
CA VAL D 461 -0.87 21.85 27.56
C VAL D 461 -1.55 22.65 28.65
N ALA D 462 -1.11 23.88 28.90
CA ALA D 462 -1.76 24.76 29.88
C ALA D 462 -1.54 26.21 29.45
N PRO D 463 -2.19 26.62 28.35
CA PRO D 463 -1.93 27.96 27.82
C PRO D 463 -2.26 29.09 28.79
N SER D 464 -3.31 28.93 29.59
CA SER D 464 -3.86 29.88 30.54
C SER D 464 -4.64 31.00 29.86
N ARG D 465 -4.64 31.10 28.53
CA ARG D 465 -5.50 32.03 27.82
C ARG D 465 -6.03 31.38 26.55
N GLY D 466 -6.43 30.11 26.66
CA GLY D 466 -6.94 29.41 25.50
C GLY D 466 -7.13 27.93 25.80
N LEU D 467 -7.36 27.17 24.73
CA LEU D 467 -7.58 25.74 24.86
C LEU D 467 -6.26 24.99 24.94
N ALA D 468 -6.21 24.02 25.85
CA ALA D 468 -5.05 23.15 25.94
C ALA D 468 -5.01 22.18 24.76
N ARG D 469 -3.81 21.81 24.36
CA ARG D 469 -3.59 20.91 23.25
C ARG D 469 -2.96 19.61 23.73
N ASN D 470 -3.46 18.48 23.22
CA ASN D 470 -2.98 17.17 23.59
C ASN D 470 -1.69 16.88 22.84
N VAL D 471 -0.60 17.49 23.32
CA VAL D 471 0.69 17.31 22.68
C VAL D 471 1.21 15.89 22.91
N ALA D 472 1.06 15.37 24.13
CA ALA D 472 1.50 14.02 24.41
C ALA D 472 0.75 13.00 23.56
N GLY D 473 -0.53 13.26 23.30
CA GLY D 473 -1.27 12.40 22.39
C GLY D 473 -0.70 12.40 20.99
N ALA D 474 -0.31 13.58 20.48
CA ALA D 474 0.30 13.65 19.17
C ALA D 474 1.65 12.94 19.13
N VAL D 475 2.45 13.09 20.20
CA VAL D 475 3.73 12.41 20.26
C VAL D 475 3.54 10.90 20.24
N MET D 476 2.57 10.41 21.01
CA MET D 476 2.34 8.97 21.05
C MET D 476 1.74 8.45 19.75
N ASP D 477 0.94 9.29 19.07
CA ASP D 477 0.47 8.94 17.74
C ASP D 477 1.64 8.81 16.77
N MET D 478 2.62 9.71 16.88
CA MET D 478 3.82 9.58 16.06
C MET D 478 4.57 8.29 16.38
N LEU D 479 4.72 7.98 17.67
CA LEU D 479 5.49 6.80 18.06
C LEU D 479 4.78 5.52 17.68
N PHE D 480 3.47 5.44 17.89
CA PHE D 480 2.67 4.26 17.58
C PHE D 480 1.51 4.72 16.71
N PRO D 481 1.65 4.64 15.39
CA PRO D 481 0.70 5.31 14.49
C PRO D 481 -0.75 4.89 14.65
N GLY D 482 -1.03 3.61 14.46
CA GLY D 482 -2.40 3.12 14.52
C GLY D 482 -2.85 2.88 15.94
N SER D 483 -3.83 2.00 16.09
CA SER D 483 -4.25 1.54 17.42
C SER D 483 -3.38 0.38 17.87
N LYS D 484 -2.06 0.56 17.78
CA LYS D 484 -1.09 -0.49 18.06
C LYS D 484 -0.29 -0.13 19.31
N ASN D 485 -0.26 -1.04 20.26
CA ASN D 485 0.65 -0.93 21.38
C ASN D 485 2.02 -1.50 20.99
N GLY D 486 2.99 -1.36 21.90
CA GLY D 486 4.32 -1.83 21.60
C GLY D 486 4.56 -3.25 22.09
N ARG D 487 3.49 -3.96 22.40
CA ARG D 487 3.60 -5.28 22.99
C ARG D 487 4.01 -6.33 21.96
N ILE D 488 4.70 -7.35 22.43
CA ILE D 488 4.96 -8.57 21.68
C ILE D 488 4.29 -9.71 22.43
N PRO D 489 3.99 -10.82 21.75
CA PRO D 489 3.39 -11.95 22.46
C PRO D 489 4.28 -12.42 23.60
N ILE D 490 3.68 -12.61 24.77
CA ILE D 490 4.37 -13.07 25.97
C ILE D 490 3.69 -14.35 26.44
N LEU D 491 4.48 -15.40 26.62
CA LEU D 491 3.99 -16.68 27.10
C LEU D 491 4.69 -17.01 28.40
N SER D 492 3.97 -16.90 29.51
CA SER D 492 4.51 -17.15 30.83
C SER D 492 4.12 -18.56 31.28
N VAL D 493 5.12 -19.37 31.59
CA VAL D 493 4.91 -20.75 31.99
C VAL D 493 5.22 -20.87 33.47
N THR D 494 4.25 -21.36 34.25
CA THR D 494 4.44 -21.58 35.67
C THR D 494 3.94 -22.98 36.02
N GLY D 495 4.31 -23.42 37.22
CA GLY D 495 3.98 -24.77 37.65
C GLY D 495 5.08 -25.34 38.52
N THR D 496 4.76 -26.43 39.23
CA THR D 496 5.72 -26.96 40.19
C THR D 496 6.83 -27.76 39.53
N ASN D 497 6.53 -28.50 38.47
CA ASN D 497 7.41 -29.58 38.04
C ASN D 497 7.84 -29.57 36.57
N GLY D 498 7.20 -28.80 35.70
CA GLY D 498 7.56 -28.91 34.30
C GLY D 498 7.82 -27.61 33.57
N LYS D 499 8.32 -26.60 34.28
CA LYS D 499 8.44 -25.27 33.68
C LYS D 499 9.49 -25.24 32.57
N THR D 500 10.68 -25.79 32.84
CA THR D 500 11.80 -25.64 31.92
C THR D 500 11.55 -26.40 30.61
N THR D 501 11.08 -27.64 30.72
CA THR D 501 10.83 -28.44 29.52
C THR D 501 9.74 -27.81 28.66
N THR D 502 8.65 -27.36 29.30
CA THR D 502 7.58 -26.72 28.56
C THR D 502 8.06 -25.45 27.88
N THR D 503 8.87 -24.65 28.58
CA THR D 503 9.40 -23.43 28.01
C THR D 503 10.26 -23.72 26.78
N ARG D 504 11.16 -24.69 26.90
CA ARG D 504 12.04 -25.03 25.78
C ARG D 504 11.25 -25.57 24.61
N LEU D 505 10.24 -26.41 24.88
CA LEU D 505 9.42 -26.94 23.81
C LEU D 505 8.62 -25.84 23.11
N LEU D 506 8.08 -24.90 23.89
CA LEU D 506 7.37 -23.78 23.30
C LEU D 506 8.29 -22.96 22.41
N ALA D 507 9.50 -22.68 22.89
CA ALA D 507 10.45 -21.92 22.09
C ALA D 507 10.79 -22.65 20.80
N HIS D 508 11.02 -23.96 20.89
CA HIS D 508 11.34 -24.74 19.70
C HIS D 508 10.19 -24.74 18.70
N ILE D 509 8.96 -24.87 19.19
CA ILE D 509 7.80 -24.87 18.30
C ILE D 509 7.67 -23.53 17.61
N ILE D 510 7.80 -22.43 18.36
CA ILE D 510 7.67 -21.11 17.76
C ILE D 510 8.83 -20.82 16.80
N LYS D 511 10.00 -21.41 17.03
CA LYS D 511 11.12 -21.22 16.10
C LYS D 511 10.81 -21.77 14.72
N GLN D 512 9.89 -22.73 14.62
CA GLN D 512 9.52 -23.26 13.31
C GLN D 512 8.94 -22.18 12.42
N THR D 513 8.08 -21.33 12.99
CA THR D 513 7.71 -20.10 12.30
C THR D 513 8.90 -19.16 12.27
N GLY D 514 8.97 -18.34 11.23
CA GLY D 514 10.12 -17.47 11.07
C GLY D 514 10.12 -16.30 12.03
N LYS D 515 10.27 -16.59 13.32
CA LYS D 515 10.23 -15.58 14.36
C LYS D 515 11.41 -15.77 15.30
N VAL D 516 11.97 -14.65 15.77
CA VAL D 516 13.03 -14.69 16.77
C VAL D 516 12.40 -14.80 18.14
N VAL D 517 12.76 -15.86 18.87
CA VAL D 517 12.16 -16.16 20.17
C VAL D 517 13.23 -15.95 21.24
N GLY D 518 12.92 -15.10 22.21
CA GLY D 518 13.75 -14.92 23.38
C GLY D 518 13.07 -15.57 24.56
N TYR D 519 13.70 -16.62 25.09
CA TYR D 519 13.12 -17.36 26.19
C TYR D 519 14.15 -17.56 27.30
N THR D 520 13.70 -17.46 28.54
CA THR D 520 14.54 -17.65 29.71
C THR D 520 14.06 -18.88 30.47
N THR D 521 15.00 -19.77 30.78
CA THR D 521 14.69 -20.97 31.55
C THR D 521 15.64 -21.07 32.74
N THR D 522 15.60 -22.17 33.47
CA THR D 522 16.52 -22.37 34.57
C THR D 522 17.96 -22.47 34.08
N ASP D 523 18.17 -23.09 32.92
CA ASP D 523 19.52 -23.23 32.38
C ASP D 523 20.12 -21.88 32.03
N GLY D 524 19.34 -21.00 31.41
CA GLY D 524 19.85 -19.69 31.05
C GLY D 524 18.89 -18.97 30.14
N THR D 525 19.32 -17.78 29.73
CA THR D 525 18.53 -16.90 28.88
C THR D 525 19.02 -17.04 27.44
N TYR D 526 18.10 -17.35 26.54
CA TYR D 526 18.43 -17.56 25.13
C TYR D 526 17.67 -16.56 24.27
N ILE D 527 18.34 -16.03 23.26
CA ILE D 527 17.73 -15.19 22.24
C ILE D 527 18.01 -15.85 20.90
N GLY D 528 16.97 -16.40 20.28
CA GLY D 528 17.17 -17.19 19.08
C GLY D 528 17.92 -18.46 19.36
N GLU D 529 18.99 -18.70 18.61
CA GLU D 529 19.80 -19.91 18.75
C GLU D 529 21.01 -19.72 19.66
N TYR D 530 21.19 -18.54 20.23
CA TYR D 530 22.40 -18.22 20.98
C TYR D 530 22.04 -17.88 22.42
N LEU D 531 22.98 -18.17 23.32
CA LEU D 531 22.78 -18.00 24.75
C LEU D 531 23.11 -16.55 25.13
N ALA D 532 22.09 -15.80 25.57
CA ALA D 532 22.31 -14.42 25.97
C ALA D 532 22.94 -14.29 27.35
N GLU D 533 22.57 -15.16 28.29
CA GLU D 533 23.07 -15.06 29.65
C GLU D 533 23.01 -16.41 30.33
N THR D 534 23.98 -16.68 31.20
CA THR D 534 24.01 -17.91 31.96
C THR D 534 23.33 -17.71 33.32
N GLY D 535 23.34 -18.77 34.12
CA GLY D 535 22.81 -18.71 35.46
C GLY D 535 21.37 -19.20 35.54
N ASP D 536 20.75 -18.91 36.69
CA ASP D 536 19.37 -19.33 36.91
C ASP D 536 18.44 -18.62 35.94
N ASN D 537 18.37 -17.29 36.02
CA ASN D 537 17.64 -16.46 35.06
C ASN D 537 16.18 -16.88 34.94
N THR D 538 15.46 -16.73 36.06
CA THR D 538 14.04 -17.06 36.09
C THR D 538 13.15 -15.91 36.57
N GLY D 539 13.65 -15.01 37.40
CA GLY D 539 12.86 -13.90 37.88
C GLY D 539 12.74 -12.81 36.84
N PRO D 540 12.07 -11.72 37.23
CA PRO D 540 11.88 -10.59 36.30
C PRO D 540 13.17 -9.92 35.86
N GLN D 541 14.25 -10.04 36.63
CA GLN D 541 15.51 -9.43 36.24
C GLN D 541 16.05 -10.02 34.94
N SER D 542 15.65 -11.24 34.60
CA SER D 542 15.98 -11.82 33.31
C SER D 542 14.86 -11.65 32.30
N ALA D 543 13.63 -11.44 32.75
CA ALA D 543 12.54 -11.13 31.83
C ALA D 543 12.75 -9.77 31.17
N HIS D 544 13.32 -8.82 31.91
CA HIS D 544 13.62 -7.52 31.33
C HIS D 544 14.63 -7.62 30.19
N LEU D 545 15.60 -8.52 30.31
CA LEU D 545 16.57 -8.71 29.24
C LEU D 545 15.90 -9.15 27.96
N ILE D 546 14.94 -10.07 28.06
CA ILE D 546 14.21 -10.53 26.88
C ILE D 546 13.32 -9.42 26.34
N LEU D 547 12.60 -8.73 27.22
CA LEU D 547 11.62 -7.76 26.78
C LEU D 547 12.25 -6.49 26.23
N SER D 548 13.50 -6.20 26.59
CA SER D 548 14.19 -5.01 26.11
C SER D 548 15.06 -5.26 24.90
N ASP D 549 15.17 -6.50 24.45
CA ASP D 549 16.02 -6.79 23.30
C ASP D 549 15.35 -6.33 22.01
N PRO D 550 16.04 -5.56 21.17
CA PRO D 550 15.40 -5.02 19.96
C PRO D 550 15.16 -6.05 18.87
N THR D 551 15.56 -7.30 19.06
CA THR D 551 15.37 -8.33 18.04
C THR D 551 14.37 -9.41 18.42
N VAL D 552 13.89 -9.42 19.65
CA VAL D 552 12.99 -10.47 20.13
C VAL D 552 11.58 -10.17 19.66
N GLU D 553 10.95 -11.15 19.02
CA GLU D 553 9.57 -11.02 18.56
C GLU D 553 8.56 -11.74 19.45
N VAL D 554 8.97 -12.83 20.09
CA VAL D 554 8.11 -13.58 20.99
C VAL D 554 8.90 -13.88 22.27
N ALA D 555 8.25 -13.72 23.41
CA ALA D 555 8.88 -13.96 24.70
C ALA D 555 8.21 -15.12 25.39
N VAL D 556 9.00 -16.13 25.76
CA VAL D 556 8.54 -17.28 26.53
C VAL D 556 9.31 -17.31 27.83
N LEU D 557 8.65 -16.93 28.92
CA LEU D 557 9.32 -16.74 30.20
C LEU D 557 8.85 -17.80 31.18
N GLU D 558 9.81 -18.54 31.74
CA GLU D 558 9.54 -19.45 32.84
C GLU D 558 9.47 -18.64 34.12
N THR D 559 8.34 -18.74 34.82
CA THR D 559 8.05 -17.91 35.99
C THR D 559 7.93 -18.79 37.22
N ALA D 560 9.02 -18.92 37.97
CA ALA D 560 9.01 -19.73 39.18
C ALA D 560 8.37 -18.95 40.33
N ARG D 561 8.03 -19.69 41.39
CA ARG D 561 7.41 -19.08 42.56
C ARG D 561 8.36 -18.11 43.27
N GLY D 562 9.66 -18.38 43.21
CA GLY D 562 10.61 -17.52 43.91
C GLY D 562 10.61 -16.10 43.39
N GLY D 563 10.60 -15.95 42.06
CA GLY D 563 10.58 -14.61 41.49
C GLY D 563 9.31 -13.85 41.82
N ILE D 564 8.16 -14.53 41.75
CA ILE D 564 6.89 -13.88 42.08
C ILE D 564 6.88 -13.45 43.53
N LEU D 565 7.35 -14.31 44.42
CA LEU D 565 7.41 -13.96 45.84
C LEU D 565 8.36 -12.79 46.09
N ARG D 566 9.52 -12.80 45.43
CA ARG D 566 10.53 -11.79 45.71
C ARG D 566 10.14 -10.42 45.17
N SER D 567 9.78 -10.35 43.88
CA SER D 567 9.50 -9.04 43.29
C SER D 567 8.33 -9.05 42.32
N GLY D 568 7.47 -10.05 42.37
CA GLY D 568 6.31 -10.07 41.50
C GLY D 568 6.66 -10.37 40.06
N LEU D 569 5.67 -10.17 39.19
CA LEU D 569 5.84 -10.44 37.77
C LEU D 569 6.65 -9.33 37.11
N GLY D 570 7.34 -9.69 36.03
CA GLY D 570 8.10 -8.75 35.24
C GLY D 570 7.32 -8.06 34.15
N PHE D 571 6.00 -8.26 34.11
CA PHE D 571 5.16 -7.67 33.08
C PHE D 571 3.77 -7.45 33.65
N SER D 572 3.05 -6.49 33.07
CA SER D 572 1.69 -6.23 33.53
C SER D 572 0.71 -7.27 33.05
N SER D 573 0.90 -7.80 31.85
CA SER D 573 -0.01 -8.79 31.29
C SER D 573 0.77 -9.73 30.38
N CYS D 574 0.19 -10.91 30.15
CA CYS D 574 0.77 -11.91 29.28
C CYS D 574 -0.28 -12.37 28.29
N GLU D 575 0.16 -12.67 27.06
CA GLU D 575 -0.76 -13.18 26.06
C GLU D 575 -1.24 -14.58 26.41
N VAL D 576 -0.35 -15.43 26.89
CA VAL D 576 -0.69 -16.80 27.28
C VAL D 576 -0.13 -17.05 28.67
N GLY D 577 -0.97 -17.58 29.56
CA GLY D 577 -0.52 -17.97 30.88
C GLY D 577 -0.76 -19.44 31.13
N ILE D 578 0.32 -20.19 31.34
CA ILE D 578 0.25 -21.64 31.48
C ILE D 578 0.51 -22.01 32.93
N VAL D 579 -0.41 -22.75 33.53
CA VAL D 579 -0.24 -23.34 34.85
C VAL D 579 -0.26 -24.85 34.68
N LEU D 580 0.86 -25.50 34.96
CA LEU D 580 1.00 -26.92 34.68
C LEU D 580 0.46 -27.76 35.83
N ASN D 581 0.92 -27.52 37.04
CA ASN D 581 0.47 -28.27 38.21
C ASN D 581 0.88 -27.51 39.46
N VAL D 582 0.22 -27.83 40.56
CA VAL D 582 0.51 -27.27 41.87
C VAL D 582 0.58 -28.41 42.86
N THR D 583 1.79 -28.77 43.29
CA THR D 583 2.00 -29.83 44.26
C THR D 583 2.84 -29.30 45.41
N ALA D 584 2.47 -29.69 46.63
CA ALA D 584 3.17 -29.23 47.83
C ALA D 584 4.40 -30.09 48.05
N ASP D 585 5.53 -29.67 47.48
CA ASP D 585 6.80 -30.37 47.63
C ASP D 585 7.80 -29.53 48.41
N HIS D 586 8.09 -28.31 47.97
CA HIS D 586 8.97 -27.39 48.69
C HIS D 586 8.06 -26.40 49.43
N LEU D 587 7.62 -26.82 50.61
CA LEU D 587 6.66 -26.07 51.40
C LEU D 587 7.32 -25.50 52.64
N GLY D 588 6.91 -24.31 53.04
CA GLY D 588 7.46 -23.62 54.17
C GLY D 588 8.42 -22.48 53.82
N ILE D 589 8.90 -22.44 52.58
CA ILE D 589 9.76 -21.35 52.15
C ILE D 589 8.94 -20.07 52.06
N GLY D 590 9.47 -18.98 52.61
CA GLY D 590 8.72 -17.75 52.66
C GLY D 590 7.52 -17.90 53.57
N ASP D 591 6.42 -17.24 53.21
CA ASP D 591 5.17 -17.34 53.96
C ASP D 591 4.25 -18.43 53.42
N ILE D 592 4.71 -19.20 52.43
CA ILE D 592 3.89 -20.24 51.82
C ILE D 592 3.99 -21.48 52.71
N ASP D 593 2.94 -21.71 53.52
CA ASP D 593 2.91 -22.84 54.43
C ASP D 593 1.81 -23.84 54.13
N THR D 594 0.86 -23.50 53.26
CA THR D 594 -0.20 -24.41 52.85
C THR D 594 -0.22 -24.48 51.33
N ILE D 595 -0.73 -25.60 50.81
CA ILE D 595 -0.83 -25.75 49.37
C ILE D 595 -1.85 -24.78 48.78
N GLU D 596 -2.81 -24.31 49.58
CA GLU D 596 -3.72 -23.26 49.11
C GLU D 596 -2.96 -21.97 48.86
N GLN D 597 -2.01 -21.64 49.74
CA GLN D 597 -1.18 -20.46 49.51
C GLN D 597 -0.33 -20.63 48.25
N LEU D 598 0.20 -21.84 48.02
CA LEU D 598 0.98 -22.09 46.82
C LEU D 598 0.11 -21.94 45.56
N ALA D 599 -1.13 -22.44 45.61
CA ALA D 599 -2.03 -22.27 44.48
C ALA D 599 -2.36 -20.80 44.25
N LYS D 600 -2.58 -20.04 45.32
CA LYS D 600 -2.83 -18.62 45.18
C LYS D 600 -1.64 -17.90 44.58
N LEU D 601 -0.43 -18.27 44.99
CA LEU D 601 0.77 -17.65 44.45
C LEU D 601 0.96 -17.97 42.98
N LYS D 602 0.74 -19.24 42.60
CA LYS D 602 0.88 -19.62 41.20
C LYS D 602 -0.26 -19.08 40.34
N SER D 603 -1.39 -18.72 40.94
CA SER D 603 -2.50 -18.16 40.19
C SER D 603 -2.25 -16.75 39.71
N VAL D 604 -1.15 -16.11 40.13
CA VAL D 604 -0.85 -14.76 39.68
C VAL D 604 -0.64 -14.75 38.16
N VAL D 605 0.02 -15.77 37.63
CA VAL D 605 0.24 -15.86 36.19
C VAL D 605 -1.09 -15.98 35.47
N ALA D 606 -1.98 -16.85 35.97
CA ALA D 606 -3.27 -17.04 35.32
C ALA D 606 -4.12 -15.78 35.38
N GLU D 607 -4.10 -15.06 36.50
CA GLU D 607 -4.91 -13.88 36.66
C GLU D 607 -4.33 -12.65 35.95
N SER D 608 -3.08 -12.71 35.51
CA SER D 608 -2.47 -11.61 34.79
C SER D 608 -2.66 -11.73 33.28
N VAL D 609 -3.38 -12.73 32.81
CA VAL D 609 -3.66 -12.88 31.40
C VAL D 609 -4.59 -11.76 30.95
N MET D 610 -4.25 -11.13 29.82
CA MET D 610 -5.06 -10.05 29.30
C MET D 610 -6.42 -10.58 28.82
N PRO D 611 -7.43 -9.71 28.73
CA PRO D 611 -8.77 -10.18 28.34
C PRO D 611 -8.81 -10.86 26.98
N LYS D 612 -7.91 -10.52 26.07
CA LYS D 612 -7.84 -11.18 24.77
C LYS D 612 -6.91 -12.39 24.77
N GLY D 613 -6.29 -12.70 25.91
CA GLY D 613 -5.37 -13.80 26.00
C GLY D 613 -6.04 -15.11 26.37
N TYR D 614 -5.21 -16.10 26.69
CA TYR D 614 -5.67 -17.43 27.07
C TYR D 614 -4.94 -17.88 28.33
N ALA D 615 -5.63 -18.67 29.15
CA ALA D 615 -5.03 -19.30 30.31
C ALA D 615 -5.08 -20.80 30.10
N VAL D 616 -3.91 -21.42 29.94
CA VAL D 616 -3.81 -22.84 29.70
C VAL D 616 -3.69 -23.53 31.06
N LEU D 617 -4.74 -24.22 31.48
CA LEU D 617 -4.82 -24.82 32.81
C LEU D 617 -4.93 -26.34 32.69
N ASN D 618 -4.41 -27.02 33.71
CA ASN D 618 -4.50 -28.47 33.79
C ASN D 618 -5.85 -28.84 34.40
N ALA D 619 -6.70 -29.51 33.61
CA ALA D 619 -7.99 -29.94 34.12
C ALA D 619 -7.87 -31.08 35.12
N GLU D 620 -6.76 -31.82 35.09
CA GLU D 620 -6.58 -32.95 36.01
C GLU D 620 -6.19 -32.50 37.41
N ASP D 621 -5.70 -31.28 37.57
CA ASP D 621 -5.31 -30.77 38.88
C ASP D 621 -6.46 -29.96 39.46
N PRO D 622 -7.07 -30.39 40.57
CA PRO D 622 -8.19 -29.61 41.11
C PRO D 622 -7.80 -28.19 41.49
N LEU D 623 -6.60 -27.98 42.03
CA LEU D 623 -6.19 -26.64 42.41
C LEU D 623 -5.98 -25.75 41.19
N VAL D 624 -5.37 -26.30 40.13
CA VAL D 624 -5.17 -25.53 38.91
C VAL D 624 -6.49 -25.28 38.20
N ALA D 625 -7.35 -26.30 38.15
CA ALA D 625 -8.65 -26.13 37.52
C ALA D 625 -9.52 -25.14 38.28
N ALA D 626 -9.30 -25.02 39.59
CA ALA D 626 -10.05 -24.07 40.39
C ALA D 626 -9.74 -22.62 40.03
N MET D 627 -8.63 -22.35 39.36
CA MET D 627 -8.31 -21.02 38.88
C MET D 627 -9.11 -20.63 37.65
N ALA D 628 -10.11 -21.43 37.26
CA ALA D 628 -10.89 -21.10 36.07
C ALA D 628 -11.59 -19.76 36.21
N ASP D 629 -12.18 -19.50 37.39
CA ASP D 629 -12.77 -18.20 37.65
C ASP D 629 -11.66 -17.18 37.90
N ARG D 630 -12.08 -15.94 38.20
CA ARG D 630 -11.21 -14.81 38.45
C ARG D 630 -10.07 -14.70 37.44
N VAL D 631 -10.33 -15.12 36.21
CA VAL D 631 -9.39 -14.99 35.10
C VAL D 631 -10.05 -14.23 33.97
N LYS D 632 -9.44 -13.13 33.57
CA LYS D 632 -9.89 -12.37 32.41
C LYS D 632 -9.32 -12.99 31.14
N GLY D 633 -10.19 -13.25 30.18
CA GLY D 633 -9.80 -13.94 28.97
C GLY D 633 -10.22 -15.40 28.97
N GLN D 634 -10.08 -16.01 27.80
CA GLN D 634 -10.54 -17.38 27.62
C GLN D 634 -9.67 -18.35 28.42
N VAL D 635 -10.22 -19.54 28.66
CA VAL D 635 -9.56 -20.59 29.41
C VAL D 635 -9.45 -21.81 28.49
N ALA D 636 -8.25 -22.40 28.44
CA ALA D 636 -8.01 -23.60 27.66
C ALA D 636 -7.53 -24.68 28.61
N TYR D 637 -8.12 -25.87 28.52
CA TYR D 637 -7.79 -26.99 29.40
C TYR D 637 -6.99 -28.04 28.64
N PHE D 638 -6.00 -28.60 29.32
CA PHE D 638 -5.31 -29.78 28.81
C PHE D 638 -5.38 -30.88 29.86
N SER D 639 -5.59 -32.11 29.40
CA SER D 639 -5.79 -33.23 30.30
C SER D 639 -5.21 -34.49 29.68
N MET D 640 -4.44 -35.23 30.49
CA MET D 640 -3.93 -36.53 30.06
C MET D 640 -5.00 -37.62 30.06
N ASP D 641 -6.12 -37.38 30.71
CA ASP D 641 -7.25 -38.30 30.68
C ASP D 641 -8.32 -37.74 29.76
N PRO D 642 -8.59 -38.36 28.61
CA PRO D 642 -9.55 -37.78 27.67
C PRO D 642 -10.98 -37.71 28.19
N ASN D 643 -11.32 -38.44 29.25
CA ASN D 643 -12.67 -38.48 29.78
C ASN D 643 -12.87 -37.50 30.93
N ASN D 644 -12.06 -36.44 31.01
CA ASN D 644 -12.25 -35.44 32.05
C ASN D 644 -13.56 -34.72 31.84
N GLU D 645 -14.44 -34.78 32.85
CA GLU D 645 -15.78 -34.22 32.71
C GLU D 645 -15.74 -32.70 32.54
N LEU D 646 -14.85 -32.03 33.27
CA LEU D 646 -14.76 -30.58 33.14
C LEU D 646 -14.28 -30.19 31.75
N LEU D 647 -13.28 -30.89 31.23
CA LEU D 647 -12.79 -30.60 29.88
C LEU D 647 -13.85 -30.86 28.82
N LEU D 648 -14.59 -31.97 28.95
CA LEU D 648 -15.63 -32.27 27.98
C LEU D 648 -16.75 -31.23 28.03
N ARG D 649 -17.15 -30.83 29.24
CA ARG D 649 -18.18 -29.79 29.37
C ARG D 649 -17.70 -28.47 28.78
N HIS D 650 -16.41 -28.15 28.97
CA HIS D 650 -15.85 -26.93 28.40
C HIS D 650 -15.82 -26.98 26.89
N THR D 651 -15.49 -28.14 26.31
CA THR D 651 -15.45 -28.27 24.86
C THR D 651 -16.84 -28.26 24.25
N GLU D 652 -17.83 -28.77 24.97
CA GLU D 652 -19.20 -28.77 24.44
C GLU D 652 -19.69 -27.35 24.18
N ALA D 653 -19.39 -26.43 25.08
CA ALA D 653 -19.75 -25.02 24.93
C ALA D 653 -18.46 -24.23 24.75
N GLY D 654 -18.04 -24.08 23.51
CA GLY D 654 -16.79 -23.41 23.21
C GLY D 654 -15.75 -24.35 22.63
N GLY D 655 -14.70 -24.63 23.39
CA GLY D 655 -13.70 -25.58 22.96
C GLY D 655 -12.32 -25.16 23.43
N LEU D 656 -11.34 -25.33 22.55
CA LEU D 656 -9.94 -25.01 22.82
C LEU D 656 -9.41 -25.83 24.00
N ALA D 657 -9.34 -27.14 23.79
CA ALA D 657 -8.77 -28.06 24.74
C ALA D 657 -7.81 -29.02 24.04
N ALA D 658 -6.95 -29.66 24.82
CA ALA D 658 -5.99 -30.63 24.32
C ALA D 658 -6.03 -31.88 25.19
N ILE D 659 -6.05 -33.05 24.56
CA ILE D 659 -6.15 -34.32 25.26
C ILE D 659 -5.18 -35.32 24.64
N TYR D 660 -5.05 -36.46 25.31
CA TYR D 660 -4.27 -37.61 24.85
C TYR D 660 -5.26 -38.76 24.75
N GLU D 661 -5.86 -38.94 23.58
CA GLU D 661 -7.07 -39.76 23.46
C GLU D 661 -6.75 -41.23 23.15
N ASN D 662 -6.18 -41.50 21.98
CA ASN D 662 -5.78 -42.87 21.60
C ASN D 662 -4.36 -42.80 21.05
N GLY D 663 -3.38 -42.80 21.95
CA GLY D 663 -2.01 -42.63 21.52
C GLY D 663 -1.81 -41.45 20.60
N TYR D 664 -2.46 -40.34 20.89
CA TYR D 664 -2.44 -39.17 20.02
C TYR D 664 -2.49 -37.91 20.85
N ILE D 665 -1.70 -36.92 20.45
CA ILE D 665 -1.78 -35.58 21.00
C ILE D 665 -2.77 -34.81 20.14
N SER D 666 -3.94 -34.52 20.69
CA SER D 666 -5.04 -33.97 19.93
C SER D 666 -5.47 -32.62 20.50
N ILE D 667 -5.93 -31.75 19.61
CA ILE D 667 -6.49 -30.45 19.98
C ILE D 667 -8.00 -30.52 19.74
N LEU D 668 -8.78 -30.19 20.76
CA LEU D 668 -10.23 -30.14 20.65
C LEU D 668 -10.66 -28.69 20.49
N LYS D 669 -11.26 -28.38 19.35
CA LYS D 669 -11.76 -27.03 19.04
C LYS D 669 -13.27 -26.98 19.17
N GLY D 670 -13.82 -27.69 20.15
CA GLY D 670 -15.25 -27.80 20.29
C GLY D 670 -15.73 -29.19 19.91
N ASP D 671 -16.39 -29.30 18.77
CA ASP D 671 -16.84 -30.59 18.26
C ASP D 671 -15.86 -31.20 17.28
N TRP D 672 -14.70 -30.58 17.08
CA TRP D 672 -13.71 -31.03 16.12
C TRP D 672 -12.45 -31.51 16.84
N THR D 673 -11.88 -32.59 16.35
CA THR D 673 -10.66 -33.16 16.89
C THR D 673 -9.54 -33.00 15.86
N LEU D 674 -8.45 -32.35 16.26
CA LEU D 674 -7.30 -32.15 15.39
C LEU D 674 -6.11 -32.86 16.00
N ARG D 675 -5.72 -33.98 15.40
CA ARG D 675 -4.61 -34.78 15.91
C ARG D 675 -3.29 -34.19 15.44
N ILE D 676 -2.31 -34.13 16.36
CA ILE D 676 -1.01 -33.56 16.04
C ILE D 676 -0.02 -34.66 15.71
N GLU D 677 0.16 -35.61 16.62
CA GLU D 677 1.18 -36.64 16.43
C GLU D 677 0.81 -37.86 17.25
N LYS D 678 1.41 -38.99 16.88
CA LYS D 678 1.15 -40.28 17.51
C LYS D 678 1.75 -40.40 18.91
N ALA D 679 2.53 -39.40 19.34
CA ALA D 679 3.09 -39.36 20.69
C ALA D 679 4.14 -40.45 20.91
N VAL D 680 4.32 -41.31 19.93
CA VAL D 680 5.46 -42.23 19.91
C VAL D 680 6.52 -41.76 18.93
N ASN D 681 6.18 -40.86 18.01
CA ASN D 681 7.14 -40.19 17.16
C ASN D 681 7.68 -38.92 17.79
N VAL D 682 7.20 -38.56 18.97
CA VAL D 682 7.70 -37.39 19.70
C VAL D 682 8.88 -37.86 20.56
N PRO D 683 10.10 -37.39 20.29
CA PRO D 683 11.27 -37.93 21.01
C PRO D 683 11.22 -37.74 22.52
N ILE D 684 10.69 -36.62 23.00
CA ILE D 684 10.75 -36.35 24.43
C ILE D 684 9.85 -37.30 25.21
N THR D 685 8.78 -37.80 24.59
CA THR D 685 7.89 -38.73 25.29
C THR D 685 8.54 -40.09 25.51
N MET D 686 9.69 -40.36 24.91
CA MET D 686 10.38 -41.63 25.04
C MET D 686 9.49 -42.78 24.59
N ALA D 687 8.99 -42.65 23.35
CA ALA D 687 8.06 -43.61 22.76
C ALA D 687 6.81 -43.76 23.62
N GLY D 688 6.34 -42.66 24.19
CA GLY D 688 5.13 -42.68 24.98
C GLY D 688 5.27 -43.28 26.36
N LYS D 689 6.50 -43.46 26.85
CA LYS D 689 6.73 -44.05 28.15
C LYS D 689 6.87 -43.03 29.28
N ALA D 690 6.79 -41.74 28.96
CA ALA D 690 6.92 -40.68 29.97
C ALA D 690 5.66 -39.83 29.98
N PRO D 691 4.69 -40.12 30.85
CA PRO D 691 3.46 -39.33 30.86
C PRO D 691 3.67 -37.86 31.18
N PHE D 692 4.67 -37.52 32.00
CA PHE D 692 4.94 -36.12 32.30
C PHE D 692 5.33 -35.35 31.05
N MET D 693 6.17 -35.96 30.21
CA MET D 693 6.56 -35.33 28.95
C MET D 693 5.35 -35.16 28.04
N ILE D 694 4.44 -36.13 28.05
CA ILE D 694 3.24 -36.02 27.23
C ILE D 694 2.36 -34.87 27.72
N ALA D 695 2.25 -34.69 29.03
CA ALA D 695 1.47 -33.57 29.57
C ALA D 695 2.12 -32.24 29.20
N ASN D 696 3.45 -32.17 29.28
CA ASN D 696 4.14 -30.93 28.90
C ASN D 696 3.93 -30.63 27.42
N ALA D 697 3.99 -31.66 26.57
CA ALA D 697 3.74 -31.47 25.15
C ALA D 697 2.31 -31.01 24.89
N LEU D 698 1.35 -31.58 25.63
CA LEU D 698 -0.04 -31.15 25.52
C LEU D 698 -0.16 -29.66 25.83
N ALA D 699 0.44 -29.23 26.94
CA ALA D 699 0.35 -27.83 27.34
C ALA D 699 0.99 -26.92 26.30
N ALA D 700 2.17 -27.29 25.80
CA ALA D 700 2.86 -26.45 24.83
C ALA D 700 2.08 -26.37 23.51
N CYS D 701 1.57 -27.51 23.05
CA CYS D 701 0.80 -27.52 21.80
C CYS D 701 -0.47 -26.69 21.93
N LEU D 702 -1.18 -26.81 23.06
CA LEU D 702 -2.37 -25.99 23.26
C LEU D 702 -2.01 -24.51 23.30
N ALA D 703 -0.91 -24.17 23.97
CA ALA D 703 -0.52 -22.77 24.07
C ALA D 703 -0.21 -22.18 22.71
N VAL D 704 0.54 -22.89 21.87
CA VAL D 704 0.85 -22.35 20.56
C VAL D 704 -0.39 -22.33 19.67
N PHE D 705 -1.28 -23.32 19.81
CA PHE D 705 -2.49 -23.34 19.00
C PHE D 705 -3.40 -22.16 19.33
N THR D 706 -3.49 -21.79 20.60
CA THR D 706 -4.35 -20.65 20.97
C THR D 706 -3.90 -19.35 20.32
N GLN D 707 -2.64 -19.27 19.91
CA GLN D 707 -2.08 -18.06 19.31
C GLN D 707 -2.13 -18.09 17.78
N GLY D 708 -2.81 -19.08 17.20
CA GLY D 708 -2.94 -19.17 15.77
C GLY D 708 -1.78 -19.84 15.06
N VAL D 709 -0.89 -20.50 15.78
CA VAL D 709 0.23 -21.19 15.12
C VAL D 709 -0.31 -22.35 14.30
N LYS D 710 0.15 -22.44 13.06
CA LYS D 710 -0.36 -23.39 12.10
C LYS D 710 0.05 -24.82 12.49
N ILE D 711 -0.83 -25.78 12.16
CA ILE D 711 -0.75 -27.12 12.74
C ILE D 711 0.54 -27.81 12.35
N GLU D 712 0.94 -27.74 11.08
CA GLU D 712 2.14 -28.46 10.65
C GLU D 712 3.39 -27.87 11.27
N HIS D 713 3.39 -26.57 11.59
CA HIS D 713 4.50 -26.01 12.35
C HIS D 713 4.58 -26.65 13.74
N ILE D 714 3.43 -26.83 14.40
CA ILE D 714 3.41 -27.50 15.69
C ILE D 714 3.92 -28.93 15.56
N ARG D 715 3.49 -29.63 14.50
CA ARG D 715 3.92 -31.00 14.29
C ARG D 715 5.43 -31.09 14.10
N LYS D 716 5.98 -30.20 13.27
CA LYS D 716 7.41 -30.21 13.01
C LYS D 716 8.20 -29.87 14.27
N GLY D 717 7.76 -28.87 15.03
CA GLY D 717 8.45 -28.52 16.26
C GLY D 717 8.39 -29.62 17.28
N LEU D 718 7.25 -30.32 17.37
CA LEU D 718 7.13 -31.42 18.32
C LEU D 718 7.97 -32.61 17.91
N SER D 719 8.07 -32.89 16.61
CA SER D 719 8.84 -34.04 16.15
C SER D 719 10.34 -33.79 16.20
N THR D 720 10.79 -32.57 15.93
CA THR D 720 12.22 -32.28 15.84
C THR D 720 12.84 -31.84 17.16
N PHE D 721 12.05 -31.75 18.24
CA PHE D 721 12.58 -31.31 19.53
C PHE D 721 13.17 -32.50 20.26
N VAL D 722 14.43 -32.37 20.69
CA VAL D 722 15.13 -33.44 21.37
C VAL D 722 15.29 -33.08 22.84
N ALA D 723 15.19 -34.10 23.69
CA ALA D 723 15.30 -33.92 25.13
C ALA D 723 16.75 -33.64 25.50
N SER D 724 17.01 -32.46 26.06
CA SER D 724 18.35 -32.09 26.47
C SER D 724 18.33 -30.97 27.50
N ASP E 1 37.18 13.84 17.42
CA ASP E 1 35.96 14.43 16.87
C ASP E 1 35.86 14.10 15.38
N ASP E 2 34.72 13.50 15.02
CA ASP E 2 34.47 13.10 13.62
C ASP E 2 35.45 12.01 13.22
N ASP E 3 34.96 11.05 12.43
CA ASP E 3 35.79 9.93 11.97
C ASP E 3 36.53 9.33 13.16
N ASP E 4 35.84 8.40 13.84
CA ASP E 4 36.40 7.72 15.03
C ASP E 4 36.78 6.29 14.67
N ASP F 1 20.82 22.84 28.20
CA ASP F 1 19.68 22.73 27.28
C ASP F 1 18.58 21.90 27.95
N ASP F 2 17.85 21.15 27.10
CA ASP F 2 16.76 20.29 27.57
C ASP F 2 15.52 21.13 27.86
N ASP F 3 14.39 20.72 27.27
CA ASP F 3 13.11 21.41 27.44
C ASP F 3 13.21 22.85 26.92
N ASP F 4 13.58 22.95 25.63
CA ASP F 4 13.72 24.25 24.96
C ASP F 4 12.35 24.79 24.60
N ASP G 1 -24.50 -34.30 -10.82
CA ASP G 1 -24.56 -32.84 -10.89
C ASP G 1 -24.93 -32.27 -9.52
N ASP G 2 -24.68 -30.96 -9.36
CA ASP G 2 -24.95 -30.26 -8.11
C ASP G 2 -24.37 -31.06 -6.94
N ASP G 3 -23.10 -30.77 -6.63
CA ASP G 3 -22.37 -31.44 -5.54
C ASP G 3 -21.88 -32.81 -6.03
N ASP G 4 -20.92 -32.75 -6.97
CA ASP G 4 -20.32 -33.96 -7.56
C ASP G 4 -19.34 -34.61 -6.58
N ASP H 1 -22.91 -18.81 -28.73
CA ASP H 1 -21.83 -19.55 -28.06
C ASP H 1 -20.52 -19.32 -28.80
N ASP H 2 -19.46 -19.06 -28.02
CA ASP H 2 -18.12 -18.81 -28.57
C ASP H 2 -18.06 -17.43 -29.21
N ASP H 3 -17.42 -16.50 -28.48
CA ASP H 3 -17.25 -15.11 -28.94
C ASP H 3 -18.62 -14.48 -29.19
N ASP H 4 -19.30 -14.14 -28.09
CA ASP H 4 -20.63 -13.52 -28.14
C ASP H 4 -20.48 -12.02 -28.34
MG MG I . -16.99 -37.60 -12.08
MG MG J . -36.20 12.45 4.88
PG AGS K . -19.01 -40.98 -11.72
S1G AGS K . -19.00 -41.76 -9.94
O2G AGS K . -17.89 -39.91 -11.81
O3G AGS K . -20.40 -40.31 -11.98
PB AGS K . -17.84 -41.81 -14.04
O1B AGS K . -18.61 -41.97 -15.30
O2B AGS K . -17.30 -40.39 -13.86
O3B AGS K . -18.77 -42.09 -12.78
PA AGS K . -15.41 -42.47 -13.00
O1A AGS K . -15.85 -41.57 -11.91
O2A AGS K . -14.24 -41.94 -13.84
O3A AGS K . -16.59 -42.78 -14.00
O5' AGS K . -15.07 -43.87 -12.35
C5' AGS K . -15.89 -44.41 -11.30
C4' AGS K . -15.00 -45.20 -10.37
O4' AGS K . -14.48 -46.36 -11.06
C3' AGS K . -13.77 -44.46 -9.87
O3' AGS K . -14.07 -43.70 -8.70
C2' AGS K . -12.80 -45.61 -9.57
O2' AGS K . -13.04 -46.18 -8.29
C1' AGS K . -13.15 -46.60 -10.68
N9 AGS K . -12.31 -46.48 -11.86
C8 AGS K . -12.52 -45.69 -12.96
N7 AGS K . -11.59 -45.78 -13.88
C5 AGS K . -10.69 -46.69 -13.34
C6 AGS K . -9.48 -47.22 -13.84
N6 AGS K . -8.95 -46.89 -15.01
N1 AGS K . -8.83 -48.11 -13.05
C2 AGS K . -9.36 -48.44 -11.87
N3 AGS K . -10.49 -48.00 -11.31
C4 AGS K . -11.12 -47.13 -12.10
PG AGS L . -38.81 12.46 6.90
S1G AGS L . -40.63 12.85 6.37
O2G AGS L . -38.81 11.39 8.03
O3G AGS L . -38.01 11.90 5.68
PB AGS L . -36.53 13.86 7.43
O1B AGS L . -36.04 14.13 8.79
O2B AGS L . -36.02 12.53 6.87
O3B AGS L . -38.11 13.76 7.41
PA AGS L . -35.57 16.39 6.90
O1A AGS L . -34.29 16.28 7.62
O2A AGS L . -35.51 17.28 5.65
O3A AGS L . -36.07 14.98 6.40
O5' AGS L . -36.66 16.93 7.90
C5' AGS L . -37.70 17.83 7.47
C4' AGS L . -37.46 19.20 8.06
O4' AGS L . -37.21 19.10 9.47
C3' AGS L . -36.26 19.95 7.51
O3' AGS L . -36.56 20.59 6.29
C2' AGS L . -35.98 20.97 8.63
O2' AGS L . -36.74 22.16 8.46
C1' AGS L . -36.45 20.22 9.90
N9 AGS L . -35.36 19.75 10.74
C8 AGS L . -34.12 19.33 10.34
N7 AGS L . -33.34 18.94 11.32
C5 AGS L . -34.13 19.13 12.45
C6 AGS L . -33.88 18.90 13.81
N6 AGS L . -32.72 18.43 14.30
N1 AGS L . -34.88 19.18 14.68
C2 AGS L . -36.04 19.65 14.21
N3 AGS L . -36.38 19.90 12.94
C4 AGS L . -35.37 19.61 12.10
MG MG M . 36.41 6.00 21.82
MG MG N . 38.56 2.96 20.77
MG MG O . 8.38 32.66 -18.88
PG AGS P . 40.44 6.38 22.43
S1G AGS P . 41.54 5.31 21.23
O2G AGS P . 38.97 5.89 22.35
O3G AGS P . 40.51 7.88 22.00
PB AGS P . 39.95 6.09 25.10
O1B AGS P . 40.15 7.19 26.07
O2B AGS P . 38.55 6.09 24.48
O3B AGS P . 40.97 6.23 23.89
PA AGS P . 39.54 3.39 25.07
O1A AGS P . 39.29 3.65 23.63
O2A AGS P . 38.29 2.99 25.86
O3A AGS P . 40.13 4.68 25.77
O5' AGS P . 40.67 2.31 25.18
C5' AGS P . 41.80 2.31 24.28
C4' AGS P . 42.30 0.90 24.14
O4' AGS P . 42.74 0.41 25.42
C3' AGS P . 41.24 -0.11 23.68
O3' AGS P . 41.13 -0.13 22.27
C2' AGS P . 41.79 -1.43 24.23
O2' AGS P . 42.76 -2.00 23.36
C1' AGS P . 42.44 -0.97 25.54
N9 AGS P . 41.60 -1.15 26.72
C8 AGS P . 40.77 -0.23 27.29
N7 AGS P . 40.13 -0.67 28.34
C5 AGS P . 40.57 -1.97 28.48
C6 AGS P . 40.26 -2.99 29.40
N6 AGS P . 39.41 -2.83 30.41
N1 AGS P . 40.88 -4.18 29.26
C2 AGS P . 41.73 -4.34 28.24
N3 AGS P . 42.09 -3.47 27.30
C4 AGS P . 41.48 -2.29 27.48
PG AGS Q . 10.13 33.97 -21.38
S1G AGS Q . 10.51 35.87 -21.50
O2G AGS Q . 11.32 33.18 -21.99
O3G AGS Q . 9.94 33.57 -19.89
PB AGS Q . 7.97 32.35 -21.79
O1B AGS Q . 7.84 31.44 -22.93
O2B AGS Q . 8.71 31.70 -20.61
O3B AGS Q . 8.83 33.63 -22.16
PA AGS Q . 5.25 32.66 -22.10
O1A AGS Q . 4.87 31.25 -22.29
O2A AGS Q . 4.20 33.51 -21.40
O3A AGS Q . 6.57 32.79 -21.23
O5' AGS Q . 5.61 33.26 -23.52
C5' AGS Q . 5.31 34.64 -23.83
C4' AGS Q . 4.20 34.71 -24.85
O4' AGS Q . 4.51 33.87 -25.98
C3' AGS Q . 2.84 34.19 -24.38
O3' AGS Q . 2.14 35.20 -23.67
C2' AGS Q . 2.15 33.86 -25.71
O2' AGS Q . 1.46 34.99 -26.23
C1' AGS Q . 3.32 33.46 -26.62
N9 AGS Q . 3.40 32.03 -26.89
C8 AGS Q . 3.02 31.01 -26.07
N7 AGS Q . 3.21 29.81 -26.57
C5 AGS Q . 3.76 30.07 -27.82
C6 AGS Q . 4.18 29.22 -28.85
N6 AGS Q . 4.13 27.89 -28.80
N1 AGS Q . 4.68 29.80 -29.97
C2 AGS Q . 4.73 31.14 -30.04
N3 AGS Q . 4.37 32.03 -29.13
C4 AGS Q . 3.88 31.44 -28.03
MG MG R . -26.41 -13.23 -26.57
MG MG S . -26.56 -9.32 -28.09
MG MG T . 23.91 -35.63 -16.78
PG AGS U . -27.72 -11.81 -29.58
S1G AGS U . -27.06 -10.67 -31.02
O2G AGS U . -26.73 -12.98 -29.36
O3G AGS U . -27.82 -10.98 -28.27
PB AGS U . -30.13 -12.76 -28.79
O1B AGS U . -30.66 -14.12 -28.98
O2B AGS U . -29.34 -12.60 -27.48
O3B AGS U . -29.13 -12.36 -29.94
PA AGS U . -31.17 -10.45 -27.76
O1A AGS U . -29.75 -10.15 -27.48
O2A AGS U . -32.03 -10.72 -26.52
O3A AGS U . -31.32 -11.71 -28.71
O5' AGS U . -31.74 -9.25 -28.61
C5' AGS U . -31.18 -8.94 -29.90
C4' AGS U . -31.38 -7.47 -30.16
O4' AGS U . -32.79 -7.16 -30.12
C3' AGS U . -30.74 -6.53 -29.14
O3' AGS U . -29.38 -6.28 -29.46
C2' AGS U . -31.60 -5.29 -29.26
O2' AGS U . -31.17 -4.45 -30.33
C1' AGS U . -32.99 -5.87 -29.56
N9 AGS U . -33.85 -6.00 -28.39
C8 AGS U . -33.94 -7.08 -27.55
N7 AGS U . -34.81 -6.92 -26.58
C5 AGS U . -35.30 -5.64 -26.78
C6 AGS U . -36.25 -4.87 -26.08
N6 AGS U . -36.90 -5.29 -25.00
N1 AGS U . -36.51 -3.63 -26.56
C2 AGS U . -35.87 -3.21 -27.65
N3 AGS U . -34.96 -3.85 -28.38
C4 AGS U . -34.72 -5.06 -27.89
PG AGS V . 25.61 -35.95 -19.30
S1G AGS V . 25.32 -37.84 -19.00
O2G AGS V . 25.83 -35.69 -20.82
O3G AGS V . 24.36 -35.14 -18.83
PB AGS V . 26.75 -34.61 -17.21
O1B AGS V . 27.67 -33.46 -17.26
O2B AGS V . 25.29 -34.17 -17.11
O3B AGS V . 26.88 -35.47 -18.52
PA AGS V . 27.86 -35.03 -14.69
O1A AGS V . 27.75 -33.58 -14.50
O2A AGS V . 27.38 -35.85 -13.50
O3A AGS V . 27.01 -35.53 -15.94
O5' AGS V . 29.36 -35.36 -15.06
C5' AGS V . 29.78 -36.70 -15.38
C4' AGS V . 31.22 -36.87 -14.99
O4' AGS V . 32.03 -35.87 -15.64
C3' AGS V . 31.52 -36.70 -13.51
O3' AGS V . 31.32 -37.91 -12.80
C2' AGS V . 33.00 -36.30 -13.52
O2' AGS V . 33.86 -37.43 -13.56
C1' AGS V . 33.11 -35.49 -14.82
N9 AGS V . 33.07 -34.05 -14.64
C8 AGS V . 32.22 -33.34 -13.83
N7 AGS V . 32.41 -32.04 -13.86
C5 AGS V . 33.45 -31.88 -14.75
C6 AGS V . 34.13 -30.74 -15.22
N6 AGS V . 33.84 -29.50 -14.85
N1 AGS V . 35.13 -30.93 -16.11
C2 AGS V . 35.43 -32.18 -16.49
N3 AGS V . 34.86 -33.33 -16.11
C4 AGS V . 33.87 -33.11 -15.24
MG MG W . 16.75 28.51 21.78
MG MG X . 13.26 30.80 21.42
MG MG Y . 13.82 -25.43 35.79
PG AGS Z . 15.49 31.46 23.43
S1G AGS Z . 13.81 31.92 24.32
O2G AGS Z . 16.04 30.12 24.01
O3G AGS Z . 15.23 31.27 21.91
PB AGS Z . 17.67 32.81 22.57
O1B AGS Z . 19.00 32.84 23.21
O2B AGS Z . 17.52 31.65 21.57
O3B AGS Z . 16.53 32.60 23.64
PA AGS Z . 16.53 34.08 20.44
O1A AGS Z . 15.67 32.88 20.43
O2A AGS Z . 17.49 34.18 19.24
O3A AGS Z . 17.41 34.13 21.75
O5' AGS Z . 15.60 35.34 20.55
C5' AGS Z . 14.71 35.49 21.67
C4' AGS Z . 13.53 36.30 21.24
O4' AGS Z . 13.98 37.58 20.74
C3' AGS Z . 12.72 35.71 20.10
O3' AGS Z . 11.75 34.79 20.59
C2' AGS Z . 12.07 36.94 19.48
O2' AGS Z . 10.89 37.33 20.18
C1' AGS Z . 13.17 38.00 19.66
N9 AGS Z . 14.01 38.17 18.48
C8 AGS Z . 15.18 37.52 18.21
N7 AGS Z . 15.73 37.88 17.08
C5 AGS Z . 14.86 38.83 16.57
C6 AGS Z . 14.87 39.58 15.38
N6 AGS Z . 15.84 39.51 14.46
N1 AGS Z . 13.84 40.44 15.17
C2 AGS Z . 12.87 40.51 16.10
N3 AGS Z . 12.76 39.85 17.24
C4 AGS Z . 13.79 39.01 17.43
PG AGS AA . 12.65 -25.89 38.54
S1G AGS AA . 14.44 -26.45 39.05
O2G AGS AA . 11.91 -25.30 39.77
O3G AGS AA . 12.75 -24.80 37.43
PB AGS AA . 11.54 -27.27 36.46
O1B AGS AA . 10.12 -27.62 36.26
O2B AGS AA . 11.90 -25.94 35.80
O3B AGS AA . 11.85 -27.12 38.00
PA AGS AA . 12.00 -29.45 34.79
O1A AGS AA . 10.91 -28.94 33.95
O2A AGS AA . 13.23 -29.88 33.99
O3A AGS AA . 12.51 -28.36 35.82
O5' AGS AA . 11.45 -30.64 35.66
C5' AGS AA . 12.30 -31.34 36.59
C4' AGS AA . 11.83 -32.77 36.71
O4' AGS AA . 10.42 -32.78 37.05
C3' AGS AA . 11.93 -33.60 35.43
O3' AGS AA . 13.23 -34.16 35.29
C2' AGS AA . 10.87 -34.67 35.67
O2' AGS AA . 11.38 -35.76 36.42
C1' AGS AA . 9.81 -33.92 36.47
N9 AGS AA . 8.67 -33.46 35.67
C8 AGS AA . 8.72 -32.85 34.44
N7 AGS AA . 7.54 -32.55 33.96
C5 AGS AA . 6.65 -32.97 34.95
C6 AGS AA . 5.25 -32.92 35.04
N6 AGS AA . 4.45 -32.41 34.10
N1 AGS AA . 4.68 -33.44 36.15
C2 AGS AA . 5.47 -33.96 37.10
N3 AGS AA . 6.81 -34.05 37.12
C4 AGS AA . 7.35 -33.53 36.00
N ASP BA . 9.48 25.08 28.69
CA ASP BA . 9.73 26.47 29.18
C ASP BA . 9.08 26.64 30.56
O ASP BA . 9.18 25.74 31.38
CB ASP BA . 9.22 27.51 28.18
CG ASP BA . 10.32 28.12 27.32
OD1 ASP BA . 11.20 27.37 26.87
OD2 ASP BA . 10.28 29.35 27.13
OXT ASP BA . 8.47 27.70 30.77
N ARG CA . 36.05 12.35 9.63
CA ARG CA . 35.38 13.06 8.54
C ARG CA . 35.82 12.50 7.18
O ARG CA . 36.78 11.68 7.18
CB ARG CA . 35.71 14.55 8.62
CG ARG CA . 36.84 14.88 7.63
CD ARG CA . 36.64 16.30 7.08
NE ARG CA . 35.94 17.13 8.07
CZ ARG CA . 35.24 18.22 7.78
NH1 ARG CA . 35.14 18.63 6.50
NH2 ARG CA . 34.64 18.92 8.75
OXT ARG CA . 35.19 12.89 6.18
N ARG DA . 33.69 9.34 16.77
CA ARG DA . 33.17 10.67 17.15
C ARG DA . 34.11 11.33 18.16
O ARG DA . 34.82 10.57 18.84
CB ARG DA . 31.77 10.52 17.77
CG ARG DA . 31.13 11.90 17.90
CD ARG DA . 29.76 11.89 17.22
NE ARG DA . 29.71 12.94 16.20
CZ ARG DA . 29.08 14.11 16.38
NH1 ARG DA . 29.08 15.03 15.39
NH2 ARG DA . 28.46 14.38 17.53
OXT ARG DA . 34.09 12.58 18.21
N ARG EA . 13.30 19.43 30.20
CA ARG EA . 13.16 18.07 30.72
C ARG EA . 11.70 17.80 31.10
O ARG EA . 11.26 16.65 30.87
CB ARG EA . 14.04 17.87 31.95
CG ARG EA . 13.71 16.54 32.61
CD ARG EA . 14.94 15.64 32.60
NE ARG EA . 16.03 16.29 33.34
CZ ARG EA . 16.42 15.93 34.58
NH1 ARG EA . 17.42 16.59 35.18
NH2 ARG EA . 15.80 14.92 35.20
OXT ARG EA . 11.06 18.75 31.59
N ARG FA . 16.66 23.03 23.12
CA ARG FA . 18.06 22.62 23.30
C ARG FA . 18.98 23.81 23.07
O ARG FA . 20.14 23.75 23.56
CB ARG FA . 18.40 21.52 22.30
CG ARG FA . 19.51 20.62 22.88
CD ARG FA . 19.34 19.20 22.34
NE ARG FA . 19.30 18.25 23.46
CZ ARG FA . 20.23 17.30 23.66
NH1 ARG FA . 21.25 17.17 22.81
NH2 ARG FA . 20.12 16.47 24.72
OXT ARG FA . 18.52 24.78 22.42
N ARG GA . -25.01 -29.92 -4.14
CA ARG GA . -25.60 -28.63 -3.77
C ARG GA . -25.76 -28.56 -2.24
O ARG GA . -25.70 -29.64 -1.61
CB ARG GA . -26.97 -28.49 -4.42
CG ARG GA . -27.80 -27.42 -3.70
CD ARG GA . -27.87 -26.16 -4.55
NE ARG GA . -28.87 -26.33 -5.61
CZ ARG GA . -30.19 -26.15 -5.44
NH1 ARG GA . -31.03 -26.33 -6.47
NH2 ARG GA . -30.66 -25.79 -4.24
OXT ARG GA . -25.93 -27.42 -1.74
N ARG HA . -19.86 -31.88 -10.56
CA ARG HA . -20.59 -30.99 -11.47
C ARG HA . -21.09 -31.78 -12.68
O ARG HA . -20.24 -32.45 -13.31
CB ARG HA . -19.66 -29.87 -11.95
CG ARG HA . -20.48 -28.80 -12.67
CD ARG HA . -20.09 -27.42 -12.15
NE ARG HA . -21.30 -26.71 -11.72
CZ ARG HA . -22.01 -25.89 -12.50
NH1 ARG HA . -23.10 -25.27 -12.03
NH2 ARG HA . -21.64 -25.69 -13.77
OXT ARG HA . -22.31 -31.71 -12.95
N ARG IA . -14.80 -16.90 -30.39
CA ARG IA . -13.52 -17.60 -30.18
C ARG IA . -12.42 -16.93 -31.01
O ARG IA . -11.24 -17.24 -30.74
CB ARG IA . -13.67 -19.07 -30.56
CG ARG IA . -12.84 -19.41 -31.80
CD ARG IA . -11.67 -20.32 -31.41
NE ARG IA . -12.16 -21.69 -31.23
CZ ARG IA . -11.52 -22.78 -31.70
NH1 ARG IA . -10.36 -22.65 -32.36
NH2 ARG IA . -12.04 -24.00 -31.49
OXT ARG IA . -12.79 -16.12 -31.90
N ARG JA . -20.88 -15.77 -25.52
CA ARG JA . -20.92 -17.19 -25.17
C ARG JA . -22.38 -17.68 -25.19
O ARG JA . -22.57 -18.91 -25.26
CB ARG JA . -20.32 -17.39 -23.77
CG ARG JA . -21.08 -18.49 -23.03
CD ARG JA . -20.13 -19.20 -22.06
NE ARG JA . -18.89 -19.54 -22.77
CZ ARG JA . -18.16 -20.63 -22.50
NH1 ARG JA . -17.04 -20.87 -23.19
NH2 ARG JA . -18.55 -21.48 -21.54
OXT ARG JA . -23.27 -16.80 -25.12
#